data_8RPJ
#
_entry.id   8RPJ
#
_cell.length_a   185.196
_cell.length_b   105.169
_cell.length_c   193.605
_cell.angle_alpha   90.000
_cell.angle_beta   96.510
_cell.angle_gamma   90.000
#
_symmetry.space_group_name_H-M   'C 1 2 1'
#
loop_
_entity.id
_entity.type
_entity.pdbx_description
1 polymer 'Thiamine pyrophosphate-binding protein'
2 non-polymer 'THIAMINE DIPHOSPHATE'
3 non-polymer 'FLAVIN-ADENINE DINUCLEOTIDE'
4 non-polymer 'MAGNESIUM ION'
5 non-polymer 'PENTAETHYLENE GLYCOL'
6 non-polymer 'ACETATE ION'
7 non-polymer GLYCEROL
8 non-polymer 'NONAETHYLENE GLYCOL'
9 non-polymer 'TRIETHYLENE GLYCOL'
10 water water
#
_entity_poly.entity_id   1
_entity_poly.type   'polypeptide(L)'
_entity_poly.pdbx_seq_one_letter_code
;MMQDNKVKVAELVAEALENLGIQHAFGIIGAGNVHLFEAIARRGYTEIVCVHHEQAACMAVQTYYRTNGRIAAALLTTGA
GSTNGVTGVVSAWADSIPCIVIAGNENSKFTFPENPLRMWGVQGYDSCQMVERVSKYQMRVTKMERAVYELEKGVHLALE
GRPGPTWIEIPMDIQSGRIDPATLEHYVAPPAPDYLTPAVAAQVDSVLAALAKAERPVLWLGNGIRLAGGERLLKPLLEK
LGSPALVSWAGIDMLDSSHPLVFGRAGVYGQRAANFILQNSDYVLAIGTRLAIPQIGYDLNELARLARIDVVDIDGDEAI
KHAKRTQENIVCDARVFIEALLARLNAADAPAIASKADWVAKCRAYEEQFPWVGAEHADPEGFINSYRFMERLNGFFKDD
QVVVTDMGTALLSGHQVLRFKEGQRFMTSTGLGEMGYGLPAALGVSFANDRGEVMCLNCDGGMMMNLQELQTMVHHNLPI
KLFIFNNDGYLMIKHTQKSLFKSDYVGTDRKSGVSCPDFSRLAAAFDIPAYQIRGWDECDATLAKVQAHTGPVICEVFMH
PQQLFSPKLGVVSRADGTLVSPPLEDLSPLIPRDVLEQAMIGGMHEKSKTLLEHHHHHH
;
_entity_poly.pdbx_strand_id   A,B,C,D,E,F
#
# COMPACT_ATOMS: atom_id res chain seq x y z
N ASP A 4 15.00 -1.78 -1.03
CA ASP A 4 13.70 -2.13 -1.60
C ASP A 4 12.59 -1.86 -0.59
N ASN A 5 11.84 -0.78 -0.80
CA ASN A 5 10.78 -0.37 0.11
C ASN A 5 9.41 -0.94 -0.27
N LYS A 6 9.36 -2.00 -1.06
CA LYS A 6 8.12 -2.52 -1.59
C LYS A 6 7.51 -3.56 -0.67
N VAL A 7 6.18 -3.66 -0.71
CA VAL A 7 5.41 -4.56 0.14
C VAL A 7 4.39 -5.30 -0.71
N LYS A 8 4.16 -6.55 -0.37
CA LYS A 8 3.16 -7.35 -1.06
C LYS A 8 1.79 -6.70 -0.92
N VAL A 9 1.05 -6.63 -2.03
CA VAL A 9 -0.30 -6.07 -2.01
C VAL A 9 -1.16 -6.81 -0.98
N ALA A 10 -1.03 -8.14 -0.91
CA ALA A 10 -1.81 -8.90 0.05
C ALA A 10 -1.54 -8.46 1.49
N GLU A 11 -0.32 -8.04 1.79
CA GLU A 11 -0.01 -7.55 3.13
C GLU A 11 -0.61 -6.17 3.36
N LEU A 12 -0.68 -5.35 2.32
CA LEU A 12 -1.38 -4.07 2.44
C LEU A 12 -2.88 -4.25 2.59
N VAL A 13 -3.44 -5.30 1.97
CA VAL A 13 -4.84 -5.61 2.20
C VAL A 13 -5.07 -6.01 3.65
N ALA A 14 -4.20 -6.86 4.20
CA ALA A 14 -4.36 -7.26 5.59
C ALA A 14 -4.28 -6.05 6.53
N GLU A 15 -3.39 -5.10 6.23
CA GLU A 15 -3.32 -3.87 7.03
C GLU A 15 -4.61 -3.08 6.90
N ALA A 16 -5.15 -2.98 5.68
CA ALA A 16 -6.39 -2.25 5.46
C ALA A 16 -7.54 -2.86 6.24
N LEU A 17 -7.66 -4.20 6.22
CA LEU A 17 -8.70 -4.84 7.01
C LEU A 17 -8.61 -4.42 8.47
N GLU A 18 -7.39 -4.41 9.04
CA GLU A 18 -7.26 -3.97 10.42
C GLU A 18 -7.70 -2.52 10.58
N ASN A 19 -7.28 -1.64 9.68
CA ASN A 19 -7.66 -0.23 9.80
C ASN A 19 -9.15 -0.02 9.62
N LEU A 20 -9.84 -0.92 8.92
CA LEU A 20 -11.28 -0.86 8.76
C LEU A 20 -12.03 -1.51 9.92
N GLY A 21 -11.32 -2.09 10.88
CA GLY A 21 -11.97 -2.71 12.02
C GLY A 21 -12.54 -4.07 11.75
N ILE A 22 -12.07 -4.77 10.72
CA ILE A 22 -12.58 -6.08 10.36
C ILE A 22 -11.76 -7.12 11.12
N GLN A 23 -12.37 -7.72 12.13
CA GLN A 23 -11.67 -8.65 13.03
C GLN A 23 -11.96 -10.10 12.70
N HIS A 24 -12.90 -10.38 11.80
CA HIS A 24 -13.16 -11.75 11.38
C HIS A 24 -13.42 -11.79 9.88
N ALA A 25 -12.88 -12.84 9.25
CA ALA A 25 -13.18 -13.22 7.88
C ALA A 25 -13.58 -14.68 7.87
N PHE A 26 -14.63 -15.00 7.12
CA PHE A 26 -15.10 -16.37 6.94
C PHE A 26 -14.84 -16.78 5.51
N GLY A 27 -14.33 -17.98 5.28
CA GLY A 27 -14.08 -18.37 3.92
C GLY A 27 -13.45 -19.74 3.79
N ILE A 28 -13.02 -20.03 2.58
CA ILE A 28 -12.36 -21.27 2.20
C ILE A 28 -11.18 -20.88 1.32
N ILE A 29 -10.03 -21.52 1.57
CA ILE A 29 -8.83 -21.18 0.84
C ILE A 29 -8.84 -21.80 -0.55
N GLY A 30 -8.05 -21.20 -1.44
CA GLY A 30 -7.75 -21.78 -2.74
C GLY A 30 -6.57 -21.03 -3.34
N ALA A 31 -6.14 -21.49 -4.51
CA ALA A 31 -5.06 -20.78 -5.19
C ALA A 31 -5.41 -19.31 -5.39
N GLY A 32 -6.69 -19.04 -5.68
CA GLY A 32 -7.13 -17.68 -5.95
C GLY A 32 -7.04 -16.74 -4.77
N ASN A 33 -6.97 -17.25 -3.54
CA ASN A 33 -6.87 -16.35 -2.40
C ASN A 33 -5.82 -16.80 -1.38
N VAL A 34 -4.92 -17.71 -1.77
CA VAL A 34 -3.91 -18.21 -0.85
C VAL A 34 -3.01 -17.09 -0.35
N HIS A 35 -2.71 -16.10 -1.19
CA HIS A 35 -1.85 -15.01 -0.75
C HIS A 35 -2.55 -14.15 0.30
N LEU A 36 -3.86 -13.96 0.16
CA LEU A 36 -4.61 -13.20 1.16
C LEU A 36 -4.75 -13.98 2.47
N PHE A 37 -5.03 -15.28 2.40
CA PHE A 37 -5.05 -16.09 3.62
C PHE A 37 -3.72 -15.97 4.35
N GLU A 38 -2.61 -16.08 3.61
CA GLU A 38 -1.30 -16.04 4.23
C GLU A 38 -1.07 -14.69 4.91
N ALA A 39 -1.32 -13.60 4.19
CA ALA A 39 -1.05 -12.27 4.73
C ALA A 39 -1.91 -11.99 5.96
N ILE A 40 -3.20 -12.30 5.87
CA ILE A 40 -4.10 -12.03 6.99
C ILE A 40 -3.67 -12.82 8.21
N ALA A 41 -3.35 -14.10 8.03
CA ALA A 41 -2.98 -14.95 9.15
C ALA A 41 -1.69 -14.48 9.79
N ARG A 42 -0.70 -14.09 8.99
CA ARG A 42 0.57 -13.66 9.55
C ARG A 42 0.45 -12.34 10.30
N ARG A 43 -0.50 -11.48 9.92
CA ARG A 43 -0.61 -10.21 10.61
C ARG A 43 -1.24 -10.38 12.00
N GLY A 44 -2.18 -11.31 12.14
CA GLY A 44 -2.69 -11.67 13.43
C GLY A 44 -3.79 -10.79 13.99
N TYR A 45 -4.34 -9.87 13.20
CA TYR A 45 -5.43 -9.03 13.67
C TYR A 45 -6.80 -9.61 13.35
N THR A 46 -6.98 -10.07 12.11
CA THR A 46 -8.23 -10.62 11.63
C THR A 46 -8.17 -12.14 11.76
N GLU A 47 -9.11 -12.71 12.51
CA GLU A 47 -9.23 -14.15 12.59
C GLU A 47 -9.95 -14.70 11.38
N ILE A 48 -9.37 -15.71 10.73
CA ILE A 48 -9.99 -16.37 9.60
C ILE A 48 -10.71 -17.60 10.12
N VAL A 49 -12.01 -17.65 9.89
CA VAL A 49 -12.84 -18.81 10.22
C VAL A 49 -13.04 -19.61 8.94
N CYS A 50 -12.50 -20.84 8.92
CA CYS A 50 -12.66 -21.70 7.76
C CYS A 50 -13.98 -22.45 7.86
N VAL A 51 -14.83 -22.27 6.85
CA VAL A 51 -16.11 -22.97 6.79
C VAL A 51 -15.99 -24.10 5.79
N HIS A 52 -17.03 -24.92 5.67
CA HIS A 52 -16.98 -26.06 4.78
C HIS A 52 -17.84 -25.90 3.55
N HIS A 53 -18.48 -24.74 3.39
CA HIS A 53 -19.16 -24.38 2.15
C HIS A 53 -19.19 -22.86 2.13
N GLU A 54 -18.76 -22.25 1.03
CA GLU A 54 -18.66 -20.79 0.97
C GLU A 54 -20.00 -20.11 1.23
N GLN A 55 -21.10 -20.80 0.97
CA GLN A 55 -22.41 -20.22 1.28
C GLN A 55 -22.50 -19.86 2.75
N ALA A 56 -21.96 -20.72 3.63
CA ALA A 56 -22.00 -20.45 5.07
C ALA A 56 -21.22 -19.19 5.42
N ALA A 57 -20.09 -18.96 4.75
CA ALA A 57 -19.33 -17.75 4.98
C ALA A 57 -20.15 -16.50 4.66
N CYS A 58 -20.81 -16.49 3.51
CA CYS A 58 -21.55 -15.30 3.12
C CYS A 58 -22.83 -15.10 3.92
N MET A 59 -23.28 -16.13 4.64
CA MET A 59 -24.39 -15.95 5.57
C MET A 59 -23.92 -15.52 6.95
N ALA A 60 -22.85 -16.14 7.45
CA ALA A 60 -22.35 -15.83 8.78
C ALA A 60 -21.96 -14.36 8.93
N VAL A 61 -21.42 -13.74 7.87
CA VAL A 61 -21.04 -12.33 7.98
C VAL A 61 -22.26 -11.46 8.27
N GLN A 62 -23.45 -11.92 7.87
CA GLN A 62 -24.65 -11.11 8.07
C GLN A 62 -25.02 -11.01 9.55
N THR A 63 -25.20 -12.16 10.20
CA THR A 63 -25.57 -12.14 11.61
C THR A 63 -24.42 -11.63 12.47
N TYR A 64 -23.18 -11.87 12.02
CA TYR A 64 -22.04 -11.25 12.67
C TYR A 64 -22.23 -9.74 12.77
N TYR A 65 -22.50 -9.08 11.65
CA TYR A 65 -22.71 -7.64 11.70
C TYR A 65 -23.88 -7.29 12.61
N ARG A 66 -25.00 -8.01 12.48
CA ARG A 66 -26.20 -7.66 13.23
C ARG A 66 -26.01 -7.76 14.74
N THR A 67 -25.04 -8.53 15.21
CA THR A 67 -24.88 -8.73 16.65
C THR A 67 -24.39 -7.46 17.33
N ASN A 68 -23.22 -6.97 16.93
CA ASN A 68 -22.58 -5.82 17.57
C ASN A 68 -22.27 -4.68 16.61
N GLY A 69 -22.67 -4.78 15.34
CA GLY A 69 -22.47 -3.70 14.41
C GLY A 69 -21.08 -3.59 13.83
N ARG A 70 -20.28 -4.64 13.92
CA ARG A 70 -18.97 -4.68 13.27
C ARG A 70 -19.09 -5.50 11.98
N ILE A 71 -18.69 -4.91 10.86
CA ILE A 71 -18.72 -5.61 9.59
C ILE A 71 -17.69 -6.73 9.58
N ALA A 72 -17.99 -7.79 8.83
CA ALA A 72 -17.07 -8.91 8.62
C ALA A 72 -16.90 -9.11 7.13
N ALA A 73 -15.84 -9.84 6.75
CA ALA A 73 -15.56 -10.14 5.36
C ALA A 73 -15.76 -11.62 5.06
N ALA A 74 -16.21 -11.90 3.84
CA ALA A 74 -16.17 -13.23 3.28
C ALA A 74 -15.00 -13.30 2.31
N LEU A 75 -14.16 -14.32 2.46
CA LEU A 75 -12.93 -14.47 1.71
C LEU A 75 -13.08 -15.71 0.82
N LEU A 76 -13.25 -15.48 -0.49
CA LEU A 76 -13.63 -16.53 -1.43
C LEU A 76 -12.56 -16.70 -2.48
N THR A 77 -12.46 -17.91 -3.03
CA THR A 77 -11.47 -18.17 -4.07
C THR A 77 -12.15 -18.24 -5.44
N THR A 78 -11.32 -18.51 -6.44
CA THR A 78 -11.71 -18.57 -7.83
C THR A 78 -12.79 -19.61 -8.07
N GLY A 79 -13.61 -19.36 -9.09
CA GLY A 79 -14.47 -20.43 -9.59
C GLY A 79 -15.58 -20.73 -8.62
N ALA A 80 -15.71 -22.01 -8.26
CA ALA A 80 -16.79 -22.45 -7.37
C ALA A 80 -16.65 -21.82 -5.98
N GLY A 81 -15.45 -21.39 -5.61
CA GLY A 81 -15.31 -20.62 -4.39
C GLY A 81 -16.21 -19.41 -4.38
N SER A 82 -16.42 -18.78 -5.54
CA SER A 82 -17.23 -17.58 -5.67
C SER A 82 -18.69 -17.91 -5.96
N THR A 83 -18.95 -18.84 -6.89
CA THR A 83 -20.34 -19.16 -7.17
C THR A 83 -21.04 -19.73 -5.95
N ASN A 84 -20.31 -20.46 -5.11
CA ASN A 84 -20.91 -21.02 -3.90
C ASN A 84 -21.34 -19.94 -2.90
N GLY A 85 -20.86 -18.71 -3.05
CA GLY A 85 -21.25 -17.66 -2.13
C GLY A 85 -22.52 -16.90 -2.48
N VAL A 86 -23.07 -17.09 -3.67
CA VAL A 86 -24.06 -16.14 -4.18
C VAL A 86 -25.32 -16.13 -3.33
N THR A 87 -25.75 -17.29 -2.83
CA THR A 87 -26.99 -17.32 -2.05
C THR A 87 -26.89 -16.40 -0.84
N GLY A 88 -25.74 -16.43 -0.16
CA GLY A 88 -25.53 -15.54 0.97
C GLY A 88 -25.54 -14.07 0.57
N VAL A 89 -25.01 -13.75 -0.61
CA VAL A 89 -25.02 -12.35 -1.06
C VAL A 89 -26.45 -11.88 -1.26
N VAL A 90 -27.29 -12.71 -1.88
CA VAL A 90 -28.67 -12.30 -2.14
C VAL A 90 -29.43 -12.11 -0.83
N SER A 91 -29.19 -12.98 0.16
CA SER A 91 -29.90 -12.82 1.43
C SER A 91 -29.51 -11.51 2.11
N ALA A 92 -28.22 -11.15 2.07
CA ALA A 92 -27.80 -9.88 2.65
C ALA A 92 -28.42 -8.71 1.91
N TRP A 93 -28.48 -8.81 0.58
CA TRP A 93 -29.09 -7.78 -0.24
C TRP A 93 -30.57 -7.62 0.09
N ALA A 94 -31.29 -8.73 0.20
CA ALA A 94 -32.73 -8.67 0.45
C ALA A 94 -33.04 -8.14 1.84
N ASP A 95 -32.16 -8.37 2.82
CA ASP A 95 -32.40 -7.94 4.20
C ASP A 95 -31.60 -6.70 4.60
N SER A 96 -30.91 -6.06 3.65
CA SER A 96 -30.25 -4.76 3.88
C SER A 96 -29.12 -4.86 4.90
N ILE A 97 -28.39 -5.96 4.89
CA ILE A 97 -27.32 -6.21 5.86
C ILE A 97 -25.97 -5.91 5.22
N PRO A 98 -25.14 -5.07 5.83
CA PRO A 98 -23.83 -4.78 5.25
C PRO A 98 -22.82 -5.90 5.48
N CYS A 99 -22.05 -6.19 4.44
CA CYS A 99 -20.94 -7.13 4.49
C CYS A 99 -20.13 -6.93 3.21
N ILE A 100 -18.91 -7.43 3.20
CA ILE A 100 -18.04 -7.31 2.04
C ILE A 100 -17.51 -8.69 1.69
N VAL A 101 -17.61 -9.03 0.41
CA VAL A 101 -16.99 -10.22 -0.14
C VAL A 101 -15.68 -9.81 -0.80
N ILE A 102 -14.61 -10.50 -0.44
CA ILE A 102 -13.33 -10.37 -1.12
C ILE A 102 -13.10 -11.69 -1.88
N ALA A 103 -13.12 -11.62 -3.20
CA ALA A 103 -13.05 -12.81 -4.04
C ALA A 103 -11.76 -12.80 -4.84
N GLY A 104 -11.05 -13.92 -4.82
CA GLY A 104 -9.91 -14.05 -5.70
C GLY A 104 -10.32 -14.41 -7.11
N ASN A 105 -9.38 -14.28 -8.03
CA ASN A 105 -9.63 -14.78 -9.37
C ASN A 105 -8.30 -15.15 -10.02
N GLU A 106 -8.40 -15.64 -11.25
CA GLU A 106 -7.25 -15.96 -12.07
C GLU A 106 -6.40 -14.70 -12.32
N ASN A 107 -5.25 -14.93 -12.97
N ASN A 107 -5.25 -14.92 -12.95
CA ASN A 107 -4.36 -13.84 -13.37
CA ASN A 107 -4.39 -13.81 -13.31
C ASN A 107 -5.14 -12.78 -14.15
C ASN A 107 -5.14 -12.79 -14.14
N SER A 108 -4.87 -11.51 -13.85
CA SER A 108 -5.63 -10.41 -14.45
C SER A 108 -5.54 -10.38 -15.95
N LYS A 109 -4.54 -11.05 -16.56
CA LYS A 109 -4.50 -11.06 -18.02
C LYS A 109 -5.69 -11.80 -18.63
N PHE A 110 -6.38 -12.62 -17.83
CA PHE A 110 -7.56 -13.33 -18.31
C PHE A 110 -8.88 -12.68 -17.93
N THR A 111 -8.89 -11.81 -16.91
CA THR A 111 -10.13 -11.43 -16.24
C THR A 111 -10.69 -10.13 -16.82
N PHE A 112 -11.39 -10.28 -17.95
CA PHE A 112 -12.09 -9.14 -18.53
C PHE A 112 -13.27 -9.65 -19.38
N PRO A 113 -14.38 -8.93 -19.39
CA PRO A 113 -15.61 -9.47 -20.01
C PRO A 113 -15.50 -9.72 -21.51
N GLU A 114 -14.58 -9.06 -22.19
CA GLU A 114 -14.40 -9.23 -23.62
C GLU A 114 -13.60 -10.49 -23.96
N ASN A 115 -13.03 -11.18 -22.97
CA ASN A 115 -12.45 -12.50 -23.19
C ASN A 115 -13.46 -13.38 -23.91
N PRO A 116 -13.14 -13.89 -25.11
CA PRO A 116 -14.15 -14.62 -25.89
C PRO A 116 -14.46 -16.02 -25.38
N LEU A 117 -13.69 -16.56 -24.45
CA LEU A 117 -13.85 -17.95 -24.04
C LEU A 117 -14.90 -18.09 -22.95
N ARG A 118 -15.40 -19.32 -22.80
CA ARG A 118 -16.45 -19.58 -21.81
C ARG A 118 -15.96 -19.33 -20.40
N MET A 119 -14.67 -19.55 -20.14
CA MET A 119 -14.11 -19.41 -18.81
C MET A 119 -12.79 -18.67 -18.90
N TRP A 120 -12.37 -18.14 -17.75
CA TRP A 120 -11.19 -17.30 -17.65
C TRP A 120 -10.05 -18.10 -17.04
N GLY A 121 -8.90 -18.08 -17.72
CA GLY A 121 -7.75 -18.81 -17.20
C GLY A 121 -8.07 -20.28 -17.04
N VAL A 122 -7.76 -20.82 -15.87
CA VAL A 122 -8.00 -22.23 -15.61
C VAL A 122 -9.46 -22.48 -15.27
N GLN A 123 -10.03 -21.69 -14.35
CA GLN A 123 -11.38 -21.97 -13.90
C GLN A 123 -12.08 -20.75 -13.31
N GLY A 124 -11.78 -19.58 -13.86
CA GLY A 124 -12.39 -18.34 -13.42
C GLY A 124 -13.54 -17.90 -14.33
N TYR A 125 -14.31 -16.94 -13.82
CA TYR A 125 -15.43 -16.34 -14.53
C TYR A 125 -15.63 -14.92 -13.98
N ASP A 126 -16.58 -14.18 -14.56
CA ASP A 126 -16.83 -12.80 -14.14
C ASP A 126 -17.71 -12.83 -12.90
N SER A 127 -17.06 -12.92 -11.74
CA SER A 127 -17.77 -13.00 -10.47
C SER A 127 -18.49 -11.71 -10.12
N CYS A 128 -18.04 -10.57 -10.67
CA CYS A 128 -18.73 -9.30 -10.43
C CYS A 128 -20.06 -9.25 -11.18
N GLN A 129 -20.07 -9.66 -12.46
CA GLN A 129 -21.30 -9.62 -13.24
C GLN A 129 -22.38 -10.50 -12.60
N MET A 130 -21.98 -11.63 -12.04
CA MET A 130 -22.97 -12.57 -11.52
C MET A 130 -23.77 -11.98 -10.36
N VAL A 131 -23.18 -11.07 -9.58
CA VAL A 131 -23.86 -10.46 -8.44
C VAL A 131 -24.25 -9.00 -8.70
N GLU A 132 -24.16 -8.56 -9.96
CA GLU A 132 -24.39 -7.17 -10.32
C GLU A 132 -25.77 -6.66 -9.93
N ARG A 133 -26.78 -7.51 -9.94
CA ARG A 133 -28.14 -7.07 -9.66
C ARG A 133 -28.55 -7.33 -8.22
N VAL A 134 -27.68 -7.93 -7.42
CA VAL A 134 -28.00 -8.33 -6.06
C VAL A 134 -26.91 -7.89 -5.09
N SER A 135 -26.23 -6.78 -5.41
CA SER A 135 -25.23 -6.21 -4.52
C SER A 135 -25.15 -4.72 -4.80
N LYS A 136 -24.64 -3.96 -3.83
CA LYS A 136 -24.63 -2.51 -3.96
C LYS A 136 -23.47 -2.01 -4.81
N TYR A 137 -22.38 -2.77 -4.91
CA TYR A 137 -21.18 -2.33 -5.58
C TYR A 137 -20.35 -3.57 -5.89
N GLN A 138 -19.77 -3.61 -7.07
CA GLN A 138 -18.85 -4.66 -7.49
C GLN A 138 -17.68 -3.97 -8.15
N MET A 139 -16.45 -4.42 -7.86
CA MET A 139 -15.30 -3.90 -8.59
C MET A 139 -14.23 -4.98 -8.66
N ARG A 140 -13.62 -5.09 -9.84
CA ARG A 140 -12.44 -5.91 -10.05
C ARG A 140 -11.22 -5.01 -9.99
N VAL A 141 -10.30 -5.30 -9.07
CA VAL A 141 -9.07 -4.52 -8.93
C VAL A 141 -8.10 -4.99 -10.01
N THR A 142 -7.77 -4.09 -10.94
CA THR A 142 -6.81 -4.38 -11.99
C THR A 142 -5.50 -3.62 -11.82
N LYS A 143 -5.41 -2.74 -10.82
CA LYS A 143 -4.21 -1.95 -10.55
C LYS A 143 -3.85 -2.15 -9.09
N MET A 144 -2.62 -2.62 -8.84
CA MET A 144 -2.18 -2.90 -7.48
C MET A 144 -2.42 -1.70 -6.56
N GLU A 145 -2.20 -0.49 -7.09
CA GLU A 145 -2.27 0.72 -6.28
C GLU A 145 -3.67 1.08 -5.86
N ARG A 146 -4.69 0.38 -6.36
CA ARG A 146 -6.07 0.64 -6.03
C ARG A 146 -6.70 -0.44 -5.16
N ALA A 147 -5.93 -1.46 -4.75
CA ALA A 147 -6.53 -2.57 -4.03
C ALA A 147 -7.11 -2.13 -2.69
N VAL A 148 -6.41 -1.28 -1.96
CA VAL A 148 -6.91 -0.82 -0.67
C VAL A 148 -8.04 0.19 -0.87
N TYR A 149 -7.91 1.04 -1.89
CA TYR A 149 -8.96 1.99 -2.23
C TYR A 149 -10.30 1.29 -2.42
N GLU A 150 -10.30 0.18 -3.14
CA GLU A 150 -11.57 -0.48 -3.45
C GLU A 150 -12.15 -1.20 -2.23
N LEU A 151 -11.29 -1.66 -1.31
CA LEU A 151 -11.80 -2.25 -0.09
C LEU A 151 -12.42 -1.20 0.82
N GLU A 152 -11.74 -0.05 0.96
CA GLU A 152 -12.30 1.05 1.74
C GLU A 152 -13.61 1.54 1.13
N LYS A 153 -13.64 1.70 -0.20
CA LYS A 153 -14.87 2.08 -0.87
C LYS A 153 -15.96 1.04 -0.69
N GLY A 154 -15.60 -0.24 -0.81
CA GLY A 154 -16.58 -1.30 -0.66
C GLY A 154 -17.19 -1.38 0.72
N VAL A 155 -16.39 -1.14 1.76
CA VAL A 155 -16.93 -1.12 3.12
C VAL A 155 -17.86 0.07 3.30
N HIS A 156 -17.48 1.23 2.77
CA HIS A 156 -18.32 2.41 2.92
C HIS A 156 -19.67 2.22 2.24
N LEU A 157 -19.65 1.77 0.98
CA LEU A 157 -20.89 1.61 0.24
C LEU A 157 -21.76 0.49 0.82
N ALA A 158 -21.14 -0.51 1.46
CA ALA A 158 -21.93 -1.52 2.15
C ALA A 158 -22.72 -0.90 3.31
N LEU A 159 -22.11 0.02 4.06
CA LEU A 159 -22.74 0.58 5.25
C LEU A 159 -23.61 1.80 4.96
N GLU A 160 -23.33 2.51 3.86
CA GLU A 160 -24.01 3.74 3.49
C GLU A 160 -25.48 3.50 3.19
N GLY A 161 -26.29 4.54 3.41
CA GLY A 161 -27.69 4.51 2.98
C GLY A 161 -28.43 3.29 3.45
N ARG A 162 -29.11 2.63 2.51
CA ARG A 162 -29.69 1.31 2.75
C ARG A 162 -28.55 0.30 2.66
N PRO A 163 -28.16 -0.35 3.75
CA PRO A 163 -26.97 -1.20 3.71
C PRO A 163 -27.20 -2.43 2.83
N GLY A 164 -26.07 -3.08 2.50
CA GLY A 164 -26.10 -4.24 1.65
C GLY A 164 -24.70 -4.75 1.37
N PRO A 165 -24.61 -5.88 0.68
CA PRO A 165 -23.30 -6.45 0.38
C PRO A 165 -22.59 -5.76 -0.78
N THR A 166 -21.27 -5.77 -0.71
CA THR A 166 -20.42 -5.33 -1.80
C THR A 166 -19.45 -6.46 -2.15
N TRP A 167 -18.93 -6.41 -3.37
CA TRP A 167 -18.18 -7.52 -3.96
C TRP A 167 -16.92 -6.96 -4.60
N ILE A 168 -15.76 -7.25 -4.01
CA ILE A 168 -14.48 -6.80 -4.52
C ILE A 168 -13.70 -8.02 -4.97
N GLU A 169 -13.36 -8.06 -6.25
CA GLU A 169 -12.61 -9.16 -6.84
C GLU A 169 -11.16 -8.71 -7.00
N ILE A 170 -10.23 -9.52 -6.52
CA ILE A 170 -8.81 -9.22 -6.61
C ILE A 170 -8.11 -10.38 -7.29
N PRO A 171 -7.72 -10.25 -8.54
CA PRO A 171 -6.97 -11.30 -9.22
C PRO A 171 -5.70 -11.68 -8.48
N MET A 172 -5.38 -12.97 -8.59
CA MET A 172 -4.20 -13.59 -7.98
C MET A 172 -2.92 -12.79 -8.11
N ASP A 173 -2.59 -12.39 -9.34
CA ASP A 173 -1.33 -11.69 -9.57
C ASP A 173 -1.32 -10.30 -8.93
N ILE A 174 -2.49 -9.70 -8.75
CA ILE A 174 -2.57 -8.43 -8.05
C ILE A 174 -2.24 -8.62 -6.57
N GLN A 175 -2.73 -9.71 -5.98
CA GLN A 175 -2.47 -10.00 -4.58
C GLN A 175 -0.97 -10.20 -4.31
N SER A 176 -0.28 -10.85 -5.24
CA SER A 176 1.11 -11.23 -5.01
C SER A 176 2.10 -10.21 -5.53
N GLY A 177 1.62 -9.11 -6.12
CA GLY A 177 2.51 -8.07 -6.57
C GLY A 177 3.02 -7.24 -5.42
N ARG A 178 4.10 -6.51 -5.67
CA ARG A 178 4.77 -5.72 -4.65
C ARG A 178 4.82 -4.26 -5.09
N ILE A 179 4.44 -3.36 -4.19
CA ILE A 179 4.42 -1.94 -4.49
C ILE A 179 4.89 -1.17 -3.25
N ASP A 180 5.40 0.03 -3.50
CA ASP A 180 5.75 0.93 -2.39
C ASP A 180 4.48 1.39 -1.69
N PRO A 181 4.36 1.24 -0.37
CA PRO A 181 3.09 1.57 0.29
C PRO A 181 2.63 3.00 0.06
N ALA A 182 3.55 3.94 -0.14
CA ALA A 182 3.16 5.32 -0.37
C ALA A 182 2.51 5.56 -1.73
N THR A 183 2.50 4.55 -2.62
CA THR A 183 1.75 4.70 -3.87
C THR A 183 0.31 4.24 -3.75
N LEU A 184 -0.11 3.70 -2.59
CA LEU A 184 -1.50 3.32 -2.41
C LEU A 184 -2.42 4.54 -2.46
N GLU A 185 -3.49 4.43 -3.22
CA GLU A 185 -4.57 5.40 -3.16
C GLU A 185 -5.51 5.00 -2.03
N HIS A 186 -6.17 5.99 -1.44
CA HIS A 186 -7.10 5.77 -0.35
C HIS A 186 -8.42 6.46 -0.67
N TYR A 187 -9.50 5.85 -0.23
CA TYR A 187 -10.85 6.33 -0.48
C TYR A 187 -11.31 7.19 0.68
N VAL A 188 -11.80 8.38 0.38
CA VAL A 188 -12.36 9.30 1.38
C VAL A 188 -13.85 9.36 1.15
N ALA A 189 -14.62 9.03 2.16
CA ALA A 189 -16.07 8.99 2.00
C ALA A 189 -16.65 10.40 1.98
N PRO A 190 -17.58 10.69 1.07
CA PRO A 190 -18.19 12.02 1.05
C PRO A 190 -18.89 12.31 2.36
N PRO A 191 -19.29 13.56 2.60
CA PRO A 191 -20.11 13.84 3.79
C PRO A 191 -21.46 13.15 3.64
N ALA A 192 -21.98 12.68 4.78
CA ALA A 192 -23.30 12.06 4.78
C ALA A 192 -24.35 13.07 4.31
N PRO A 193 -25.43 12.61 3.70
CA PRO A 193 -26.46 13.55 3.24
C PRO A 193 -27.20 14.14 4.42
N ASP A 194 -27.72 15.35 4.23
CA ASP A 194 -28.62 15.95 5.21
C ASP A 194 -30.03 15.70 4.70
N TYR A 195 -30.76 14.84 5.40
CA TYR A 195 -32.10 14.48 4.98
C TYR A 195 -33.12 15.56 5.32
N LEU A 196 -32.84 16.40 6.32
CA LEU A 196 -33.84 17.33 6.82
C LEU A 196 -33.81 18.64 6.03
N THR A 197 -34.14 18.52 4.75
CA THR A 197 -34.46 19.69 3.95
C THR A 197 -35.74 20.30 4.47
N PRO A 198 -36.08 21.51 4.01
CA PRO A 198 -37.40 22.06 4.37
C PRO A 198 -38.55 21.14 4.01
N ALA A 199 -38.53 20.55 2.82
CA ALA A 199 -39.61 19.66 2.41
C ALA A 199 -39.76 18.50 3.38
N VAL A 200 -38.64 17.87 3.78
CA VAL A 200 -38.72 16.75 4.71
C VAL A 200 -39.14 17.23 6.10
N ALA A 201 -38.63 18.39 6.55
CA ALA A 201 -39.05 18.92 7.84
C ALA A 201 -40.55 19.18 7.85
N ALA A 202 -41.10 19.70 6.76
CA ALA A 202 -42.55 19.87 6.67
C ALA A 202 -43.27 18.54 6.76
N GLN A 203 -42.68 17.48 6.20
CA GLN A 203 -43.28 16.17 6.31
C GLN A 203 -43.29 15.70 7.76
N VAL A 204 -42.20 15.93 8.49
CA VAL A 204 -42.17 15.58 9.91
C VAL A 204 -43.27 16.32 10.67
N ASP A 205 -43.46 17.61 10.37
CA ASP A 205 -44.52 18.34 11.06
C ASP A 205 -45.89 17.77 10.73
N SER A 206 -46.09 17.29 9.49
CA SER A 206 -47.35 16.67 9.12
C SER A 206 -47.58 15.37 9.91
N VAL A 207 -46.54 14.56 10.05
CA VAL A 207 -46.66 13.33 10.84
C VAL A 207 -47.03 13.66 12.28
N LEU A 208 -46.32 14.62 12.89
CA LEU A 208 -46.59 14.96 14.28
C LEU A 208 -48.01 15.47 14.46
N ALA A 209 -48.51 16.27 13.51
CA ALA A 209 -49.88 16.74 13.60
C ALA A 209 -50.88 15.59 13.54
N ALA A 210 -50.62 14.60 12.68
CA ALA A 210 -51.51 13.45 12.60
C ALA A 210 -51.46 12.63 13.88
N LEU A 211 -50.27 12.48 14.45
CA LEU A 211 -50.13 11.74 15.70
C LEU A 211 -50.83 12.46 16.85
N ALA A 212 -50.77 13.78 16.86
CA ALA A 212 -51.36 14.53 17.96
C ALA A 212 -52.87 14.38 17.98
N LYS A 213 -53.48 14.34 16.80
CA LYS A 213 -54.93 14.26 16.66
C LYS A 213 -55.45 12.83 16.64
N ALA A 214 -54.63 11.85 16.24
CA ALA A 214 -55.15 10.51 16.03
C ALA A 214 -55.67 9.90 17.33
N GLU A 215 -56.82 9.26 17.24
CA GLU A 215 -57.39 8.56 18.39
C GLU A 215 -56.91 7.12 18.50
N ARG A 216 -56.53 6.49 17.39
CA ARG A 216 -56.17 5.08 17.36
C ARG A 216 -54.91 4.87 16.53
N PRO A 217 -53.79 5.49 16.92
CA PRO A 217 -52.57 5.37 16.13
C PRO A 217 -51.86 4.05 16.36
N VAL A 218 -51.09 3.65 15.35
CA VAL A 218 -50.23 2.49 15.46
C VAL A 218 -48.92 2.83 14.76
N LEU A 219 -47.82 2.76 15.49
CA LEU A 219 -46.49 2.82 14.88
C LEU A 219 -46.08 1.40 14.52
N TRP A 220 -45.55 1.23 13.32
CA TRP A 220 -45.09 -0.06 12.81
C TRP A 220 -43.59 0.07 12.63
N LEU A 221 -42.84 -0.62 13.47
CA LEU A 221 -41.40 -0.40 13.62
C LEU A 221 -40.61 -1.57 13.05
N GLY A 222 -39.63 -1.25 12.19
CA GLY A 222 -38.85 -2.26 11.51
C GLY A 222 -37.36 -2.11 11.73
N ASN A 223 -36.63 -3.09 11.18
CA ASN A 223 -35.18 -3.22 11.40
C ASN A 223 -34.37 -2.07 10.82
N GLY A 224 -34.96 -1.27 9.93
CA GLY A 224 -34.26 -0.07 9.48
C GLY A 224 -33.88 0.83 10.63
N ILE A 225 -34.65 0.79 11.72
CA ILE A 225 -34.32 1.59 12.89
C ILE A 225 -33.05 1.09 13.56
N ARG A 226 -32.93 -0.23 13.73
CA ARG A 226 -31.71 -0.78 14.29
C ARG A 226 -30.53 -0.51 13.35
N LEU A 227 -30.72 -0.70 12.05
CA LEU A 227 -29.64 -0.41 11.10
C LEU A 227 -29.19 1.04 11.18
N ALA A 228 -30.13 1.96 11.45
CA ALA A 228 -29.77 3.36 11.56
C ALA A 228 -29.18 3.72 12.92
N GLY A 229 -29.19 2.78 13.87
CA GLY A 229 -28.72 3.08 15.21
C GLY A 229 -29.68 3.87 16.04
N GLY A 230 -30.99 3.76 15.77
CA GLY A 230 -31.98 4.54 16.48
C GLY A 230 -32.84 3.78 17.47
N GLU A 231 -32.53 2.53 17.77
CA GLU A 231 -33.45 1.71 18.56
C GLU A 231 -33.57 2.22 20.00
N ARG A 232 -32.55 2.90 20.53
CA ARG A 232 -32.67 3.41 21.89
C ARG A 232 -33.59 4.62 21.98
N LEU A 233 -33.99 5.21 20.86
CA LEU A 233 -34.92 6.33 20.88
C LEU A 233 -36.37 5.88 20.95
N LEU A 234 -36.65 4.58 20.92
CA LEU A 234 -38.02 4.11 20.71
C LEU A 234 -38.86 4.18 21.98
N LYS A 235 -38.31 3.79 23.13
CA LYS A 235 -39.05 3.90 24.37
C LYS A 235 -39.45 5.34 24.66
N PRO A 236 -38.52 6.29 24.72
CA PRO A 236 -38.91 7.70 24.85
C PRO A 236 -39.94 8.15 23.81
N LEU A 237 -39.82 7.71 22.56
CA LEU A 237 -40.82 8.10 21.57
C LEU A 237 -42.19 7.53 21.91
N LEU A 238 -42.26 6.24 22.24
CA LEU A 238 -43.57 5.63 22.44
C LEU A 238 -44.27 6.22 23.66
N GLU A 239 -43.53 6.42 24.74
CA GLU A 239 -44.12 6.94 25.96
C GLU A 239 -44.47 8.42 25.81
N LYS A 240 -43.72 9.16 25.01
CA LYS A 240 -44.06 10.55 24.77
C LYS A 240 -45.32 10.66 23.92
N LEU A 241 -45.57 9.68 23.03
CA LEU A 241 -46.79 9.72 22.23
C LEU A 241 -47.96 8.99 22.88
N GLY A 242 -47.71 8.02 23.75
CA GLY A 242 -48.79 7.19 24.25
C GLY A 242 -49.43 6.33 23.18
N SER A 243 -48.69 5.97 22.13
CA SER A 243 -49.29 5.23 21.04
C SER A 243 -48.86 3.76 21.04
N PRO A 244 -49.80 2.84 20.82
CA PRO A 244 -49.41 1.45 20.60
C PRO A 244 -48.43 1.32 19.44
N ALA A 245 -47.63 0.25 19.49
CA ALA A 245 -46.70 -0.05 18.41
C ALA A 245 -46.76 -1.54 18.07
N LEU A 246 -46.56 -1.84 16.80
CA LEU A 246 -46.29 -3.18 16.32
C LEU A 246 -44.83 -3.22 15.85
N VAL A 247 -44.23 -4.40 15.89
CA VAL A 247 -42.87 -4.58 15.40
C VAL A 247 -42.90 -5.58 14.26
N SER A 248 -42.09 -5.31 13.24
CA SER A 248 -41.90 -6.25 12.15
C SER A 248 -41.18 -7.48 12.68
N TRP A 249 -41.23 -8.56 11.91
CA TRP A 249 -40.52 -9.76 12.34
C TRP A 249 -39.04 -9.48 12.51
N ALA A 250 -38.43 -8.75 11.57
CA ALA A 250 -37.02 -8.44 11.69
C ALA A 250 -36.75 -7.50 12.86
N GLY A 251 -37.71 -6.67 13.22
CA GLY A 251 -37.57 -5.72 14.30
C GLY A 251 -38.01 -6.20 15.66
N ILE A 252 -38.32 -7.48 15.84
CA ILE A 252 -38.92 -7.93 17.09
C ILE A 252 -38.08 -7.54 18.29
N ASP A 253 -36.76 -7.69 18.18
CA ASP A 253 -35.93 -7.52 19.37
C ASP A 253 -35.57 -6.07 19.67
N MET A 254 -36.20 -5.10 19.00
CA MET A 254 -35.85 -3.70 19.23
C MET A 254 -36.49 -3.11 20.47
N LEU A 255 -37.56 -3.75 20.97
CA LEU A 255 -38.32 -3.30 22.12
C LEU A 255 -38.76 -4.51 22.91
N ASP A 256 -38.75 -4.39 24.24
CA ASP A 256 -39.27 -5.46 25.09
C ASP A 256 -40.66 -5.86 24.62
N SER A 257 -40.86 -7.15 24.37
CA SER A 257 -42.16 -7.60 23.89
C SER A 257 -43.26 -7.34 24.91
N SER A 258 -42.91 -7.19 26.18
CA SER A 258 -43.89 -6.94 27.23
C SER A 258 -43.99 -5.46 27.60
N HIS A 259 -43.35 -4.58 26.84
CA HIS A 259 -43.54 -3.16 27.07
C HIS A 259 -45.02 -2.81 26.96
N PRO A 260 -45.55 -1.94 27.83
CA PRO A 260 -47.00 -1.72 27.87
C PRO A 260 -47.60 -1.20 26.58
N LEU A 261 -46.79 -0.72 25.64
CA LEU A 261 -47.30 -0.15 24.40
C LEU A 261 -46.93 -0.95 23.17
N VAL A 262 -46.31 -2.13 23.33
CA VAL A 262 -45.93 -2.99 22.22
C VAL A 262 -46.91 -4.16 22.17
N PHE A 263 -47.56 -4.35 21.00
CA PHE A 263 -48.66 -5.28 20.84
C PHE A 263 -48.42 -6.32 19.75
N GLY A 264 -47.15 -6.67 19.50
CA GLY A 264 -46.88 -7.81 18.65
C GLY A 264 -46.57 -7.53 17.20
N ARG A 265 -46.86 -8.51 16.35
CA ARG A 265 -46.44 -8.50 14.94
C ARG A 265 -47.63 -8.88 14.07
N ALA A 266 -47.95 -8.02 13.10
CA ALA A 266 -49.05 -8.23 12.18
C ALA A 266 -48.54 -8.78 10.86
N GLY A 267 -49.43 -9.43 10.13
CA GLY A 267 -49.15 -9.79 8.76
C GLY A 267 -49.90 -11.05 8.36
N VAL A 268 -49.40 -11.67 7.30
CA VAL A 268 -50.03 -12.89 6.78
C VAL A 268 -49.85 -14.04 7.76
N TYR A 269 -48.76 -14.05 8.52
CA TYR A 269 -48.60 -14.94 9.67
C TYR A 269 -48.66 -14.11 10.94
N GLY A 270 -49.57 -13.15 10.96
CA GLY A 270 -49.69 -12.25 12.07
C GLY A 270 -50.24 -12.95 13.29
N GLN A 271 -50.13 -12.25 14.41
CA GLN A 271 -50.88 -12.60 15.60
C GLN A 271 -52.27 -12.00 15.47
N ARG A 272 -53.28 -12.77 15.87
CA ARG A 272 -54.66 -12.32 15.69
C ARG A 272 -54.85 -10.93 16.28
N ALA A 273 -54.38 -10.74 17.51
CA ALA A 273 -54.54 -9.45 18.18
C ALA A 273 -53.82 -8.34 17.44
N ALA A 274 -52.58 -8.59 16.99
CA ALA A 274 -51.85 -7.56 16.27
C ALA A 274 -52.56 -7.18 14.98
N ASN A 275 -53.14 -8.16 14.27
CA ASN A 275 -53.83 -7.85 13.02
C ASN A 275 -55.09 -7.02 13.25
N PHE A 276 -55.83 -7.29 14.35
CA PHE A 276 -56.98 -6.46 14.67
C PHE A 276 -56.56 -5.03 15.03
N ILE A 277 -55.47 -4.90 15.79
CA ILE A 277 -54.96 -3.57 16.15
C ILE A 277 -54.59 -2.80 14.90
N LEU A 278 -53.81 -3.42 14.01
CA LEU A 278 -53.49 -2.78 12.73
C LEU A 278 -54.75 -2.43 11.97
N GLN A 279 -55.67 -3.38 11.83
CA GLN A 279 -56.78 -3.18 10.91
C GLN A 279 -57.83 -2.24 11.44
N ASN A 280 -57.79 -1.87 12.72
CA ASN A 280 -58.76 -0.95 13.30
C ASN A 280 -58.17 0.40 13.70
N SER A 281 -56.93 0.68 13.30
CA SER A 281 -56.33 1.98 13.58
C SER A 281 -56.93 3.06 12.68
N ASP A 282 -56.68 4.32 13.05
CA ASP A 282 -57.01 5.46 12.21
C ASP A 282 -55.76 6.18 11.70
N TYR A 283 -54.57 5.74 12.11
CA TYR A 283 -53.33 6.34 11.63
C TYR A 283 -52.22 5.34 11.84
N VAL A 284 -51.52 4.96 10.76
CA VAL A 284 -50.37 4.06 10.84
C VAL A 284 -49.14 4.85 10.44
N LEU A 285 -48.11 4.84 11.29
CA LEU A 285 -46.81 5.41 10.97
C LEU A 285 -45.78 4.29 10.93
N ALA A 286 -45.32 3.95 9.74
CA ALA A 286 -44.31 2.91 9.56
C ALA A 286 -42.93 3.55 9.51
N ILE A 287 -42.01 3.05 10.34
CA ILE A 287 -40.66 3.58 10.43
C ILE A 287 -39.68 2.43 10.25
N GLY A 288 -38.86 2.52 9.21
CA GLY A 288 -37.83 1.51 9.00
C GLY A 288 -38.36 0.13 8.72
N THR A 289 -39.59 0.00 8.25
CA THR A 289 -40.12 -1.30 7.87
C THR A 289 -40.50 -1.28 6.39
N ARG A 290 -40.19 -2.39 5.71
CA ARG A 290 -40.40 -2.45 4.27
C ARG A 290 -41.86 -2.52 3.87
N LEU A 291 -42.76 -2.94 4.76
CA LEU A 291 -44.15 -3.19 4.39
C LEU A 291 -44.21 -4.18 3.22
N ALA A 292 -43.47 -5.28 3.39
CA ALA A 292 -43.40 -6.34 2.40
C ALA A 292 -44.76 -7.05 2.31
N ILE A 293 -44.88 -7.88 1.27
CA ILE A 293 -46.14 -8.59 1.05
C ILE A 293 -46.55 -9.42 2.25
N PRO A 294 -45.65 -10.14 2.94
CA PRO A 294 -46.10 -10.92 4.12
C PRO A 294 -46.51 -10.06 5.30
N GLN A 295 -46.24 -8.75 5.26
CA GLN A 295 -46.68 -7.83 6.30
C GLN A 295 -48.05 -7.23 6.02
N ILE A 296 -48.32 -6.85 4.77
CA ILE A 296 -49.53 -6.10 4.46
C ILE A 296 -50.54 -6.91 3.67
N GLY A 297 -50.22 -8.15 3.31
CA GLY A 297 -51.16 -8.92 2.52
C GLY A 297 -51.13 -8.56 1.05
N TYR A 298 -52.24 -8.83 0.38
CA TYR A 298 -52.27 -8.85 -1.08
C TYR A 298 -53.06 -7.72 -1.70
N ASP A 299 -53.61 -6.79 -0.91
CA ASP A 299 -54.43 -5.72 -1.46
C ASP A 299 -54.31 -4.48 -0.58
N LEU A 300 -53.67 -3.44 -1.11
CA LEU A 300 -53.51 -2.20 -0.34
C LEU A 300 -54.85 -1.60 0.05
N ASN A 301 -55.88 -1.76 -0.78
CA ASN A 301 -57.20 -1.20 -0.46
C ASN A 301 -57.85 -1.89 0.73
N GLU A 302 -57.35 -3.05 1.16
CA GLU A 302 -57.87 -3.73 2.33
C GLU A 302 -57.03 -3.47 3.57
N LEU A 303 -55.92 -2.77 3.44
CA LEU A 303 -55.03 -2.51 4.57
C LEU A 303 -55.53 -1.34 5.40
N ALA A 304 -55.66 -1.56 6.72
CA ALA A 304 -56.06 -0.54 7.69
C ALA A 304 -57.04 0.46 7.10
N ARG A 305 -58.25 0.01 6.79
CA ARG A 305 -59.13 0.75 5.89
C ARG A 305 -59.64 2.06 6.47
N LEU A 306 -59.49 2.27 7.78
CA LEU A 306 -59.92 3.50 8.42
C LEU A 306 -58.77 4.48 8.63
N ALA A 307 -57.59 4.18 8.12
CA ALA A 307 -56.39 4.88 8.56
C ALA A 307 -55.68 5.58 7.41
N ARG A 308 -55.15 6.75 7.71
CA ARG A 308 -54.04 7.31 6.95
C ARG A 308 -52.78 6.52 7.27
N ILE A 309 -51.94 6.30 6.25
CA ILE A 309 -50.68 5.57 6.42
C ILE A 309 -49.56 6.44 5.91
N ASP A 310 -48.58 6.71 6.78
CA ASP A 310 -47.34 7.39 6.44
C ASP A 310 -46.18 6.40 6.55
N VAL A 311 -45.15 6.58 5.72
CA VAL A 311 -44.03 5.66 5.67
C VAL A 311 -42.71 6.43 5.68
N VAL A 312 -41.76 5.95 6.48
CA VAL A 312 -40.40 6.47 6.52
C VAL A 312 -39.43 5.36 6.14
N ASP A 313 -38.64 5.58 5.08
CA ASP A 313 -37.65 4.63 4.61
C ASP A 313 -36.50 5.40 3.97
N ILE A 314 -35.27 4.89 4.16
CA ILE A 314 -34.11 5.55 3.58
C ILE A 314 -34.01 5.31 2.08
N ASP A 315 -34.63 4.25 1.57
CA ASP A 315 -34.61 3.88 0.15
C ASP A 315 -35.86 4.47 -0.50
N GLY A 316 -35.65 5.38 -1.45
CA GLY A 316 -36.75 6.13 -2.02
C GLY A 316 -37.74 5.27 -2.79
N ASP A 317 -37.25 4.22 -3.44
CA ASP A 317 -38.14 3.29 -4.13
C ASP A 317 -39.00 2.51 -3.15
N GLU A 318 -38.43 2.10 -2.01
CA GLU A 318 -39.25 1.43 -1.01
C GLU A 318 -40.26 2.40 -0.40
N ALA A 319 -39.87 3.66 -0.22
CA ALA A 319 -40.74 4.62 0.44
C ALA A 319 -42.00 4.92 -0.36
N ILE A 320 -41.93 4.86 -1.69
CA ILE A 320 -43.06 5.25 -2.54
C ILE A 320 -43.77 4.07 -3.17
N LYS A 321 -43.33 2.83 -2.91
CA LYS A 321 -43.93 1.72 -3.63
C LYS A 321 -45.41 1.58 -3.33
N HIS A 322 -45.86 2.04 -2.16
CA HIS A 322 -47.28 2.00 -1.80
C HIS A 322 -47.95 3.37 -1.92
N ALA A 323 -47.40 4.26 -2.76
CA ALA A 323 -47.85 5.65 -2.80
C ALA A 323 -49.31 5.79 -3.23
N LYS A 324 -49.88 4.80 -3.93
CA LYS A 324 -51.30 4.86 -4.25
C LYS A 324 -52.16 4.82 -2.98
N ARG A 325 -51.61 4.35 -1.86
CA ARG A 325 -52.36 4.18 -0.61
C ARG A 325 -51.93 5.10 0.51
N THR A 326 -50.64 5.45 0.58
CA THR A 326 -50.07 6.21 1.68
C THR A 326 -50.23 7.71 1.43
N GLN A 327 -50.04 8.50 2.50
CA GLN A 327 -50.11 9.95 2.40
C GLN A 327 -48.69 10.52 2.35
N GLU A 328 -47.99 10.53 3.48
CA GLU A 328 -46.63 11.03 3.54
C GLU A 328 -45.65 9.89 3.28
N ASN A 329 -44.84 10.02 2.24
CA ASN A 329 -43.77 9.09 1.94
C ASN A 329 -42.47 9.85 2.18
N ILE A 330 -41.75 9.46 3.22
CA ILE A 330 -40.64 10.25 3.77
C ILE A 330 -39.35 9.48 3.55
N VAL A 331 -38.48 10.05 2.72
CA VAL A 331 -37.20 9.45 2.40
C VAL A 331 -36.20 10.03 3.39
N CYS A 332 -35.83 9.24 4.39
CA CYS A 332 -35.05 9.76 5.50
C CYS A 332 -34.50 8.60 6.32
N ASP A 333 -33.31 8.83 6.87
CA ASP A 333 -32.74 7.88 7.81
C ASP A 333 -33.62 7.78 9.04
N ALA A 334 -33.80 6.56 9.54
CA ALA A 334 -34.78 6.32 10.60
C ALA A 334 -34.39 7.03 11.89
N ARG A 335 -33.09 7.07 12.20
CA ARG A 335 -32.66 7.75 13.42
C ARG A 335 -32.84 9.26 13.27
N VAL A 336 -32.41 9.81 12.14
CA VAL A 336 -32.60 11.24 11.88
C VAL A 336 -34.08 11.59 12.02
N PHE A 337 -34.96 10.76 11.45
CA PHE A 337 -36.38 11.05 11.51
C PHE A 337 -36.90 11.02 12.94
N ILE A 338 -36.51 10.00 13.70
CA ILE A 338 -36.99 9.88 15.07
C ILE A 338 -36.46 11.02 15.92
N GLU A 339 -35.18 11.38 15.73
CA GLU A 339 -34.63 12.54 16.45
C GLU A 339 -35.38 13.81 16.10
N ALA A 340 -35.73 14.00 14.82
CA ALA A 340 -36.45 15.20 14.42
C ALA A 340 -37.84 15.23 15.03
N LEU A 341 -38.47 14.06 15.19
CA LEU A 341 -39.81 13.98 15.75
C LEU A 341 -39.77 14.24 17.26
N LEU A 342 -38.75 13.72 17.94
CA LEU A 342 -38.58 13.99 19.36
C LEU A 342 -38.26 15.45 19.62
N ALA A 343 -37.37 16.04 18.82
CA ALA A 343 -37.07 17.47 18.98
C ALA A 343 -38.34 18.30 18.95
N ARG A 344 -39.25 18.00 18.00
CA ARG A 344 -40.51 18.71 17.93
C ARG A 344 -41.43 18.37 19.10
N LEU A 345 -41.35 17.13 19.60
CA LEU A 345 -42.18 16.76 20.74
C LEU A 345 -41.73 17.47 22.01
N ASN A 346 -40.42 17.66 22.17
CA ASN A 346 -39.85 18.30 23.35
C ASN A 346 -39.79 19.82 23.23
N ALA A 347 -40.27 20.38 22.13
CA ALA A 347 -40.21 21.82 21.94
C ALA A 347 -41.18 22.53 22.89
N ALA A 348 -40.78 23.73 23.32
CA ALA A 348 -41.67 24.54 24.14
C ALA A 348 -43.00 24.77 23.44
N ASP A 349 -42.99 24.90 22.12
CA ASP A 349 -44.20 25.07 21.32
C ASP A 349 -44.72 23.76 20.76
N ALA A 350 -44.49 22.65 21.45
CA ALA A 350 -44.96 21.36 20.97
C ALA A 350 -46.49 21.30 21.02
N PRO A 351 -47.13 20.78 19.97
CA PRO A 351 -48.60 20.69 20.00
C PRO A 351 -49.08 19.74 21.10
N ALA A 352 -50.36 19.87 21.42
CA ALA A 352 -50.99 19.02 22.42
C ALA A 352 -51.33 17.67 21.81
N ILE A 353 -50.97 16.61 22.53
CA ILE A 353 -51.24 15.25 22.07
C ILE A 353 -52.55 14.80 22.72
N ALA A 354 -53.58 14.58 21.90
CA ALA A 354 -54.82 14.00 22.41
C ALA A 354 -54.54 12.64 23.03
N SER A 355 -55.40 12.27 23.97
CA SER A 355 -55.19 11.01 24.69
C SER A 355 -55.51 9.82 23.79
N LYS A 356 -54.68 8.79 23.87
CA LYS A 356 -54.96 7.51 23.23
C LYS A 356 -55.35 6.44 24.24
N ALA A 357 -55.74 6.85 25.46
CA ALA A 357 -55.91 5.89 26.54
C ALA A 357 -56.97 4.85 26.23
N ASP A 358 -58.08 5.27 25.62
CA ASP A 358 -59.13 4.32 25.24
C ASP A 358 -58.60 3.29 24.25
N TRP A 359 -57.92 3.75 23.20
CA TRP A 359 -57.35 2.85 22.21
C TRP A 359 -56.39 1.86 22.84
N VAL A 360 -55.51 2.34 23.72
CA VAL A 360 -54.58 1.44 24.38
C VAL A 360 -55.34 0.35 25.12
N ALA A 361 -56.45 0.72 25.77
CA ALA A 361 -57.28 -0.25 26.47
C ALA A 361 -57.93 -1.22 25.50
N LYS A 362 -58.31 -0.75 24.31
CA LYS A 362 -58.87 -1.66 23.33
C LYS A 362 -57.82 -2.62 22.78
N CYS A 363 -56.56 -2.17 22.69
CA CYS A 363 -55.47 -3.06 22.28
C CYS A 363 -55.23 -4.14 23.33
N ARG A 364 -55.28 -3.78 24.62
CA ARG A 364 -55.11 -4.79 25.66
C ARG A 364 -56.25 -5.79 25.66
N ALA A 365 -57.46 -5.33 25.35
CA ALA A 365 -58.60 -6.24 25.27
C ALA A 365 -58.46 -7.22 24.11
N TYR A 366 -57.96 -6.74 22.97
CA TYR A 366 -57.68 -7.64 21.85
C TYR A 366 -56.71 -8.73 22.27
N GLU A 367 -55.66 -8.37 23.01
CA GLU A 367 -54.71 -9.37 23.46
C GLU A 367 -55.33 -10.33 24.46
N GLU A 368 -56.25 -9.84 25.29
CA GLU A 368 -56.93 -10.71 26.26
C GLU A 368 -57.82 -11.72 25.55
N GLN A 369 -58.56 -11.27 24.54
CA GLN A 369 -59.47 -12.16 23.83
C GLN A 369 -58.72 -13.10 22.89
N PHE A 370 -57.56 -12.71 22.38
CA PHE A 370 -56.84 -13.49 21.38
C PHE A 370 -55.39 -13.65 21.82
N PRO A 371 -55.12 -14.59 22.71
CA PRO A 371 -53.74 -14.83 23.14
C PRO A 371 -52.92 -15.43 22.01
N TRP A 372 -51.59 -15.22 22.10
CA TRP A 372 -50.69 -15.66 21.05
C TRP A 372 -50.70 -17.17 20.90
N VAL A 373 -50.69 -17.89 22.02
CA VAL A 373 -50.84 -19.34 22.02
C VAL A 373 -52.23 -19.62 22.53
N GLY A 374 -53.10 -20.11 21.65
CA GLY A 374 -54.49 -20.26 22.01
C GLY A 374 -55.04 -21.65 21.80
N ALA A 375 -56.37 -21.76 21.80
CA ALA A 375 -57.00 -23.07 21.67
C ALA A 375 -56.65 -23.73 20.35
N GLU A 376 -56.38 -22.94 19.31
CA GLU A 376 -55.99 -23.51 18.03
C GLU A 376 -54.66 -24.23 18.11
N HIS A 377 -53.91 -24.06 19.20
CA HIS A 377 -52.56 -24.61 19.31
C HIS A 377 -52.51 -25.82 20.25
N ALA A 378 -53.64 -26.46 20.50
CA ALA A 378 -53.66 -27.68 21.30
C ALA A 378 -52.70 -28.71 20.74
N ASP A 379 -52.15 -29.53 21.63
CA ASP A 379 -51.34 -30.67 21.22
C ASP A 379 -52.18 -31.62 20.38
N PRO A 380 -51.79 -31.89 19.12
CA PRO A 380 -52.61 -32.77 18.27
C PRO A 380 -52.19 -34.23 18.31
N GLU A 381 -53.16 -35.12 18.56
CA GLU A 381 -52.96 -36.56 18.48
C GLU A 381 -51.72 -37.01 19.25
N GLY A 382 -51.54 -36.45 20.45
CA GLY A 382 -50.49 -36.91 21.32
C GLY A 382 -49.12 -36.31 21.08
N PHE A 383 -48.98 -35.42 20.10
CA PHE A 383 -47.74 -34.72 19.84
C PHE A 383 -47.73 -33.36 20.52
N ILE A 384 -46.55 -32.94 21.00
CA ILE A 384 -46.36 -31.55 21.41
C ILE A 384 -46.62 -30.63 20.23
N ASN A 385 -47.42 -29.58 20.46
CA ASN A 385 -47.62 -28.53 19.46
C ASN A 385 -46.43 -27.57 19.48
N SER A 386 -45.88 -27.27 18.30
CA SER A 386 -44.66 -26.47 18.22
C SER A 386 -44.86 -25.08 18.83
N TYR A 387 -46.06 -24.51 18.73
CA TYR A 387 -46.30 -23.20 19.31
C TYR A 387 -46.26 -23.26 20.84
N ARG A 388 -46.85 -24.29 21.43
CA ARG A 388 -46.74 -24.46 22.88
C ARG A 388 -45.30 -24.75 23.29
N PHE A 389 -44.57 -25.51 22.46
CA PHE A 389 -43.18 -25.76 22.77
C PHE A 389 -42.38 -24.46 22.81
N MET A 390 -42.60 -23.59 21.83
CA MET A 390 -41.90 -22.31 21.82
C MET A 390 -42.20 -21.52 23.09
N GLU A 391 -43.46 -21.52 23.52
CA GLU A 391 -43.80 -20.81 24.75
C GLU A 391 -43.01 -21.37 25.92
N ARG A 392 -42.89 -22.69 26.00
CA ARG A 392 -42.15 -23.29 27.09
C ARG A 392 -40.66 -22.96 26.97
N LEU A 393 -40.11 -23.07 25.76
CA LEU A 393 -38.70 -22.78 25.54
C LEU A 393 -38.37 -21.34 25.90
N ASN A 394 -39.30 -20.42 25.61
CA ASN A 394 -39.12 -19.01 25.94
C ASN A 394 -38.76 -18.80 27.40
N GLY A 395 -39.29 -19.63 28.29
CA GLY A 395 -39.05 -19.48 29.71
C GLY A 395 -37.65 -19.85 30.15
N PHE A 396 -36.88 -20.48 29.28
CA PHE A 396 -35.50 -20.87 29.56
C PHE A 396 -34.48 -19.96 28.90
N PHE A 397 -34.91 -18.86 28.28
CA PHE A 397 -33.97 -17.90 27.72
C PHE A 397 -33.02 -17.36 28.80
N LYS A 398 -31.75 -17.20 28.44
CA LYS A 398 -30.80 -16.52 29.32
C LYS A 398 -30.95 -15.01 29.17
N ASP A 399 -30.36 -14.27 30.11
CA ASP A 399 -30.62 -12.84 30.16
C ASP A 399 -30.09 -12.13 28.91
N ASP A 400 -29.03 -12.64 28.29
CA ASP A 400 -28.48 -12.08 27.07
C ASP A 400 -28.69 -13.01 25.87
N GLN A 401 -29.77 -13.76 25.89
CA GLN A 401 -30.02 -14.77 24.87
C GLN A 401 -30.04 -14.19 23.48
N VAL A 402 -29.36 -14.87 22.56
CA VAL A 402 -29.51 -14.64 21.13
C VAL A 402 -30.12 -15.89 20.52
N VAL A 403 -31.13 -15.68 19.66
CA VAL A 403 -31.83 -16.75 18.97
C VAL A 403 -31.75 -16.48 17.48
N VAL A 404 -31.34 -17.50 16.70
CA VAL A 404 -31.41 -17.44 15.25
C VAL A 404 -32.31 -18.58 14.78
N THR A 405 -32.95 -18.42 13.64
CA THR A 405 -33.85 -19.45 13.14
C THR A 405 -33.53 -19.78 11.69
N ASP A 406 -33.82 -21.03 11.32
CA ASP A 406 -33.96 -21.42 9.92
C ASP A 406 -35.38 -21.04 9.49
N MET A 407 -35.90 -21.70 8.46
CA MET A 407 -37.23 -21.42 7.96
C MET A 407 -38.23 -22.35 8.65
N GLY A 408 -39.34 -22.67 7.98
CA GLY A 408 -40.25 -23.68 8.45
C GLY A 408 -40.81 -23.43 9.85
N THR A 409 -41.01 -24.53 10.58
CA THR A 409 -41.58 -24.43 11.92
C THR A 409 -40.81 -23.45 12.79
N ALA A 410 -39.48 -23.51 12.74
CA ALA A 410 -38.68 -22.62 13.57
C ALA A 410 -39.00 -21.17 13.27
N LEU A 411 -39.07 -20.82 11.99
CA LEU A 411 -39.39 -19.45 11.62
C LEU A 411 -40.79 -19.06 12.10
N LEU A 412 -41.79 -19.87 11.77
CA LEU A 412 -43.17 -19.45 11.96
C LEU A 412 -43.58 -19.52 13.42
N SER A 413 -43.43 -20.67 14.06
CA SER A 413 -43.77 -20.75 15.47
C SER A 413 -42.93 -19.77 16.28
N GLY A 414 -41.67 -19.57 15.89
CA GLY A 414 -40.81 -18.69 16.65
C GLY A 414 -41.25 -17.24 16.61
N HIS A 415 -41.53 -16.72 15.41
CA HIS A 415 -41.88 -15.31 15.29
C HIS A 415 -43.31 -15.02 15.71
N GLN A 416 -44.19 -16.02 15.72
CA GLN A 416 -45.55 -15.81 16.17
C GLN A 416 -45.70 -15.95 17.69
N VAL A 417 -44.67 -16.43 18.40
CA VAL A 417 -44.82 -16.72 19.83
C VAL A 417 -43.79 -16.07 20.74
N LEU A 418 -42.53 -16.02 20.30
CA LEU A 418 -41.44 -15.75 21.22
C LEU A 418 -41.40 -14.29 21.66
N ARG A 419 -41.12 -14.08 22.95
CA ARG A 419 -41.02 -12.76 23.57
C ARG A 419 -39.57 -12.49 23.96
N PHE A 420 -39.15 -11.24 23.80
CA PHE A 420 -37.76 -10.84 24.05
C PHE A 420 -37.73 -9.63 24.96
N LYS A 421 -36.74 -9.61 25.84
CA LYS A 421 -36.47 -8.45 26.68
C LYS A 421 -35.25 -7.72 26.15
N GLU A 422 -35.09 -6.47 26.59
CA GLU A 422 -33.88 -5.70 26.26
C GLU A 422 -32.65 -6.54 26.60
N GLY A 423 -31.70 -6.57 25.68
CA GLY A 423 -30.52 -7.36 25.81
C GLY A 423 -30.53 -8.67 25.04
N GLN A 424 -31.72 -9.15 24.68
CA GLN A 424 -31.88 -10.37 23.90
C GLN A 424 -32.04 -10.03 22.42
N ARG A 425 -31.68 -11.00 21.56
CA ARG A 425 -31.70 -10.74 20.13
C ARG A 425 -32.30 -11.92 19.38
N PHE A 426 -32.88 -11.60 18.21
CA PHE A 426 -33.64 -12.53 17.38
C PHE A 426 -33.30 -12.19 15.94
N MET A 427 -32.76 -13.18 15.19
CA MET A 427 -32.35 -12.93 13.82
C MET A 427 -32.67 -14.10 12.90
N THR A 428 -33.13 -13.80 11.69
CA THR A 428 -33.20 -14.80 10.64
C THR A 428 -33.09 -14.09 9.30
N SER A 429 -33.27 -14.85 8.21
CA SER A 429 -33.26 -14.31 6.85
C SER A 429 -34.69 -14.31 6.36
N THR A 430 -35.34 -13.14 6.34
CA THR A 430 -36.72 -13.06 5.91
C THR A 430 -36.87 -12.55 4.49
N GLY A 431 -35.93 -11.74 4.01
CA GLY A 431 -36.03 -11.22 2.66
C GLY A 431 -35.92 -12.29 1.59
N LEU A 432 -34.90 -13.15 1.68
CA LEU A 432 -34.76 -14.25 0.73
C LEU A 432 -35.45 -15.51 1.24
N GLY A 433 -35.42 -15.74 2.55
CA GLY A 433 -36.10 -16.87 3.14
C GLY A 433 -35.49 -18.21 2.79
N GLU A 434 -34.17 -18.29 2.72
CA GLU A 434 -33.52 -19.51 2.28
C GLU A 434 -33.44 -20.52 3.42
N MET A 435 -33.79 -21.77 3.12
CA MET A 435 -33.45 -22.88 3.99
C MET A 435 -31.94 -22.96 4.16
N GLY A 436 -31.51 -23.39 5.34
CA GLY A 436 -30.10 -23.55 5.63
C GLY A 436 -29.43 -22.34 6.22
N TYR A 437 -30.18 -21.28 6.51
CA TYR A 437 -29.59 -20.08 7.09
C TYR A 437 -29.22 -20.27 8.55
N GLY A 438 -29.96 -21.09 9.28
CA GLY A 438 -29.80 -21.25 10.72
C GLY A 438 -28.41 -21.54 11.23
N LEU A 439 -27.79 -22.63 10.77
CA LEU A 439 -26.47 -22.98 11.30
C LEU A 439 -25.43 -21.90 10.98
N PRO A 440 -25.29 -21.43 9.74
CA PRO A 440 -24.35 -20.32 9.48
C PRO A 440 -24.68 -19.07 10.27
N ALA A 441 -25.97 -18.76 10.42
CA ALA A 441 -26.36 -17.60 11.24
C ALA A 441 -25.80 -17.73 12.64
N ALA A 442 -25.84 -18.94 13.19
CA ALA A 442 -25.33 -19.18 14.54
C ALA A 442 -23.82 -19.03 14.58
N LEU A 443 -23.12 -19.50 13.55
CA LEU A 443 -21.67 -19.28 13.49
C LEU A 443 -21.35 -17.80 13.59
N GLY A 444 -22.08 -16.97 12.84
CA GLY A 444 -21.77 -15.55 12.81
C GLY A 444 -21.95 -14.88 14.16
N VAL A 445 -23.08 -15.15 14.83
CA VAL A 445 -23.30 -14.59 16.15
C VAL A 445 -22.21 -15.02 17.11
N SER A 446 -21.88 -16.32 17.11
CA SER A 446 -20.95 -16.84 18.10
C SER A 446 -19.58 -16.18 17.96
N PHE A 447 -19.09 -16.05 16.73
CA PHE A 447 -17.80 -15.39 16.54
C PHE A 447 -17.87 -13.89 16.83
N ALA A 448 -19.02 -13.26 16.57
CA ALA A 448 -19.13 -11.84 16.90
C ALA A 448 -19.02 -11.60 18.41
N ASN A 449 -19.46 -12.58 19.21
CA ASN A 449 -19.44 -12.48 20.66
C ASN A 449 -18.32 -13.32 21.28
N ASP A 450 -17.17 -13.40 20.61
CA ASP A 450 -16.00 -14.12 21.10
C ASP A 450 -16.35 -15.55 21.51
N ARG A 451 -16.90 -16.28 20.53
CA ARG A 451 -17.37 -17.65 20.72
C ARG A 451 -18.47 -17.70 21.78
N GLY A 452 -19.42 -16.80 21.61
CA GLY A 452 -20.54 -16.72 22.53
C GLY A 452 -21.65 -17.69 22.20
N GLU A 453 -22.56 -17.78 23.16
CA GLU A 453 -23.65 -18.74 23.09
C GLU A 453 -24.74 -18.26 22.15
N VAL A 454 -25.34 -19.21 21.44
CA VAL A 454 -26.43 -18.92 20.51
C VAL A 454 -27.41 -20.07 20.57
N MET A 455 -28.69 -19.76 20.52
CA MET A 455 -29.74 -20.76 20.33
C MET A 455 -30.12 -20.76 18.86
N CYS A 456 -30.09 -21.93 18.23
CA CYS A 456 -30.40 -22.08 16.82
C CYS A 456 -31.66 -22.94 16.69
N LEU A 457 -32.75 -22.32 16.26
CA LEU A 457 -34.01 -23.03 16.04
C LEU A 457 -34.05 -23.48 14.59
N ASN A 458 -34.04 -24.79 14.36
CA ASN A 458 -33.82 -25.34 13.04
C ASN A 458 -34.80 -26.47 12.78
N CYS A 459 -34.65 -27.08 11.61
CA CYS A 459 -35.67 -27.95 11.04
C CYS A 459 -35.01 -29.13 10.37
N ASP A 460 -35.76 -30.22 10.25
CA ASP A 460 -35.18 -31.42 9.66
C ASP A 460 -34.81 -31.19 8.21
N GLY A 461 -35.60 -30.42 7.47
CA GLY A 461 -35.25 -30.08 6.11
C GLY A 461 -34.14 -29.05 5.98
N GLY A 462 -34.30 -27.94 6.69
CA GLY A 462 -33.32 -26.87 6.62
C GLY A 462 -31.95 -27.28 7.13
N MET A 463 -31.90 -28.22 8.09
CA MET A 463 -30.62 -28.69 8.60
C MET A 463 -29.73 -29.23 7.49
N MET A 464 -30.34 -29.78 6.43
CA MET A 464 -29.58 -30.49 5.41
C MET A 464 -28.79 -29.55 4.52
N MET A 465 -29.30 -28.34 4.26
CA MET A 465 -28.67 -27.48 3.25
C MET A 465 -27.24 -27.10 3.64
N ASN A 466 -27.00 -26.89 4.93
CA ASN A 466 -25.65 -26.55 5.41
C ASN A 466 -25.24 -27.47 6.55
N LEU A 467 -25.62 -28.74 6.41
CA LEU A 467 -25.26 -29.75 7.39
C LEU A 467 -23.78 -29.78 7.71
N GLN A 468 -22.92 -29.47 6.74
CA GLN A 468 -21.49 -29.58 6.94
C GLN A 468 -20.95 -28.63 8.01
N GLU A 469 -21.66 -27.53 8.30
CA GLU A 469 -21.16 -26.60 9.29
C GLU A 469 -21.22 -27.16 10.71
N LEU A 470 -21.84 -28.33 10.91
CA LEU A 470 -21.69 -29.02 12.19
C LEU A 470 -20.23 -29.28 12.51
N GLN A 471 -19.40 -29.55 11.49
CA GLN A 471 -17.98 -29.75 11.76
C GLN A 471 -17.32 -28.46 12.23
N THR A 472 -17.70 -27.32 11.64
CA THR A 472 -17.14 -26.05 12.07
C THR A 472 -17.50 -25.77 13.51
N MET A 473 -18.71 -26.11 13.92
N MET A 473 -18.71 -26.12 13.91
CA MET A 473 -19.12 -25.87 15.29
CA MET A 473 -19.18 -25.91 15.26
C MET A 473 -18.30 -26.71 16.26
C MET A 473 -18.38 -26.73 16.26
N VAL A 474 -18.10 -28.00 15.94
CA VAL A 474 -17.39 -28.84 16.88
C VAL A 474 -15.90 -28.47 16.87
N HIS A 475 -15.35 -28.14 15.70
CA HIS A 475 -13.95 -27.78 15.62
C HIS A 475 -13.61 -26.64 16.58
N HIS A 476 -14.44 -25.61 16.58
CA HIS A 476 -14.21 -24.43 17.41
C HIS A 476 -14.94 -24.52 18.74
N ASN A 477 -15.58 -25.67 19.02
CA ASN A 477 -16.27 -25.90 20.28
C ASN A 477 -17.26 -24.78 20.60
N LEU A 478 -18.05 -24.39 19.60
CA LEU A 478 -18.95 -23.25 19.77
C LEU A 478 -20.15 -23.63 20.61
N PRO A 479 -20.53 -22.82 21.62
CA PRO A 479 -21.71 -23.16 22.44
C PRO A 479 -23.01 -22.81 21.72
N ILE A 480 -23.26 -23.53 20.62
CA ILE A 480 -24.46 -23.35 19.83
C ILE A 480 -25.46 -24.41 20.28
N LYS A 481 -26.64 -23.97 20.68
CA LYS A 481 -27.70 -24.85 21.17
C LYS A 481 -28.70 -25.04 20.03
N LEU A 482 -28.66 -26.22 19.41
CA LEU A 482 -29.31 -26.47 18.13
C LEU A 482 -30.55 -27.33 18.32
N PHE A 483 -31.72 -26.69 18.26
CA PHE A 483 -32.98 -27.40 18.29
C PHE A 483 -33.42 -27.72 16.88
N ILE A 484 -33.89 -28.95 16.67
CA ILE A 484 -34.28 -29.42 15.35
C ILE A 484 -35.71 -29.95 15.42
N PHE A 485 -36.62 -29.29 14.70
CA PHE A 485 -38.01 -29.73 14.65
C PHE A 485 -38.17 -30.83 13.61
N ASN A 486 -38.44 -32.04 14.07
CA ASN A 486 -38.64 -33.21 13.21
C ASN A 486 -40.12 -33.37 12.93
N ASN A 487 -40.50 -33.31 11.63
CA ASN A 487 -41.89 -33.46 11.22
C ASN A 487 -42.02 -34.22 9.88
N ASP A 488 -41.14 -35.18 9.64
CA ASP A 488 -41.20 -36.02 8.44
C ASP A 488 -41.20 -35.16 7.17
N GLY A 489 -40.20 -34.28 7.07
CA GLY A 489 -39.97 -33.57 5.83
C GLY A 489 -40.38 -32.12 5.82
N TYR A 490 -41.05 -31.69 4.74
CA TYR A 490 -41.26 -30.29 4.45
C TYR A 490 -42.69 -29.87 4.82
N LEU A 491 -42.90 -29.58 6.10
CA LEU A 491 -44.26 -29.34 6.56
C LEU A 491 -44.88 -28.13 5.87
N MET A 492 -44.12 -27.04 5.73
CA MET A 492 -44.70 -25.86 5.11
C MET A 492 -45.23 -26.18 3.71
N ILE A 493 -44.48 -26.98 2.94
CA ILE A 493 -44.93 -27.28 1.59
C ILE A 493 -46.06 -28.33 1.60
N LYS A 494 -46.07 -29.23 2.59
CA LYS A 494 -47.22 -30.11 2.75
C LYS A 494 -48.52 -29.30 2.78
N HIS A 495 -48.52 -28.21 3.54
CA HIS A 495 -49.72 -27.37 3.62
C HIS A 495 -50.00 -26.70 2.29
N THR A 496 -48.97 -26.16 1.64
CA THR A 496 -49.18 -25.56 0.33
C THR A 496 -49.83 -26.55 -0.63
N GLN A 497 -49.25 -27.73 -0.78
CA GLN A 497 -49.76 -28.62 -1.82
C GLN A 497 -51.10 -29.22 -1.43
N LYS A 498 -51.35 -29.42 -0.12
CA LYS A 498 -52.66 -29.90 0.31
C LYS A 498 -53.74 -28.85 0.04
N SER A 499 -53.43 -27.56 0.24
CA SER A 499 -54.40 -26.51 -0.02
C SER A 499 -54.76 -26.44 -1.50
N LEU A 500 -53.77 -26.64 -2.37
CA LEU A 500 -53.98 -26.53 -3.81
C LEU A 500 -54.62 -27.77 -4.41
N PHE A 501 -54.22 -28.97 -3.96
CA PHE A 501 -54.56 -30.19 -4.67
C PHE A 501 -55.33 -31.20 -3.87
N LYS A 502 -55.30 -31.13 -2.54
CA LYS A 502 -56.06 -32.04 -1.69
C LYS A 502 -55.84 -33.49 -2.08
N SER A 503 -54.60 -33.84 -2.39
CA SER A 503 -54.25 -35.20 -2.76
C SER A 503 -52.99 -35.63 -2.00
N ASP A 504 -52.32 -36.65 -2.50
CA ASP A 504 -51.17 -37.19 -1.78
C ASP A 504 -49.98 -36.25 -1.88
N TYR A 505 -49.15 -36.27 -0.84
CA TYR A 505 -47.96 -35.43 -0.84
C TYR A 505 -47.02 -35.85 -1.96
N VAL A 506 -46.27 -34.86 -2.46
CA VAL A 506 -45.32 -35.04 -3.55
C VAL A 506 -44.05 -34.29 -3.19
N GLY A 507 -42.95 -35.02 -3.03
CA GLY A 507 -41.67 -34.37 -2.80
C GLY A 507 -41.54 -33.66 -1.48
N THR A 508 -42.30 -34.08 -0.47
CA THR A 508 -42.31 -33.39 0.80
C THR A 508 -42.25 -34.29 2.02
N ASP A 509 -42.25 -35.61 1.88
CA ASP A 509 -42.12 -36.49 3.04
C ASP A 509 -41.48 -37.80 2.59
N ARG A 510 -41.21 -38.68 3.57
CA ARG A 510 -40.42 -39.87 3.27
C ARG A 510 -41.05 -40.69 2.16
N LYS A 511 -42.37 -40.89 2.22
CA LYS A 511 -43.03 -41.71 1.21
C LYS A 511 -43.07 -41.02 -0.14
N SER A 512 -42.95 -39.70 -0.20
CA SER A 512 -43.03 -38.97 -1.46
C SER A 512 -41.67 -38.41 -1.90
N GLY A 513 -40.57 -38.90 -1.33
CA GLY A 513 -39.27 -38.70 -1.93
C GLY A 513 -38.24 -37.98 -1.08
N VAL A 514 -38.60 -37.48 0.10
CA VAL A 514 -37.75 -36.62 0.91
C VAL A 514 -37.65 -37.22 2.31
N SER A 515 -36.44 -37.57 2.73
CA SER A 515 -36.25 -38.07 4.09
C SER A 515 -35.05 -37.38 4.73
N CYS A 516 -35.00 -37.43 6.06
CA CYS A 516 -33.93 -36.79 6.81
C CYS A 516 -33.34 -37.78 7.79
N PRO A 517 -32.05 -37.63 8.11
CA PRO A 517 -31.40 -38.59 9.00
C PRO A 517 -31.85 -38.40 10.44
N ASP A 518 -31.45 -39.37 11.27
CA ASP A 518 -31.58 -39.29 12.73
C ASP A 518 -30.50 -38.33 13.23
N PHE A 519 -30.90 -37.13 13.61
CA PHE A 519 -29.91 -36.12 13.95
C PHE A 519 -29.25 -36.40 15.28
N SER A 520 -29.84 -37.23 16.14
CA SER A 520 -29.16 -37.63 17.36
C SER A 520 -28.03 -38.60 17.07
N ARG A 521 -28.24 -39.54 16.13
CA ARG A 521 -27.15 -40.40 15.73
C ARG A 521 -26.06 -39.61 15.01
N LEU A 522 -26.47 -38.65 14.17
CA LEU A 522 -25.51 -37.79 13.50
C LEU A 522 -24.72 -36.95 14.50
N ALA A 523 -25.42 -36.38 15.49
CA ALA A 523 -24.74 -35.66 16.56
C ALA A 523 -23.64 -36.50 17.19
N ALA A 524 -23.96 -37.74 17.56
CA ALA A 524 -22.94 -38.59 18.17
C ALA A 524 -21.75 -38.79 17.25
N ALA A 525 -21.99 -38.96 15.94
CA ALA A 525 -20.90 -39.16 15.01
C ALA A 525 -19.96 -37.96 14.98
N PHE A 526 -20.50 -36.76 15.20
CA PHE A 526 -19.74 -35.52 15.27
C PHE A 526 -19.22 -35.22 16.67
N ASP A 527 -19.44 -36.10 17.65
CA ASP A 527 -19.05 -35.88 19.04
C ASP A 527 -19.82 -34.71 19.68
N ILE A 528 -21.09 -34.55 19.30
CA ILE A 528 -21.97 -33.53 19.86
C ILE A 528 -22.98 -34.22 20.76
N PRO A 529 -23.13 -33.80 22.02
CA PRO A 529 -24.19 -34.38 22.86
C PRO A 529 -25.57 -34.10 22.28
N ALA A 530 -26.47 -35.07 22.42
CA ALA A 530 -27.79 -35.01 21.80
C ALA A 530 -28.89 -35.40 22.76
N TYR A 531 -30.02 -34.67 22.69
CA TYR A 531 -31.21 -34.97 23.46
C TYR A 531 -32.41 -35.05 22.53
N GLN A 532 -33.49 -35.61 23.05
CA GLN A 532 -34.75 -35.71 22.32
C GLN A 532 -35.87 -35.26 23.26
N ILE A 533 -36.80 -34.49 22.72
CA ILE A 533 -38.03 -34.13 23.41
C ILE A 533 -39.19 -34.67 22.59
N ARG A 534 -39.91 -35.63 23.17
CA ARG A 534 -41.09 -36.22 22.55
C ARG A 534 -42.37 -35.91 23.30
N GLY A 535 -42.31 -35.73 24.61
CA GLY A 535 -43.48 -35.39 25.40
C GLY A 535 -43.14 -34.33 26.42
N TRP A 536 -44.16 -33.90 27.15
CA TRP A 536 -43.94 -32.82 28.11
C TRP A 536 -43.15 -33.29 29.32
N ASP A 537 -43.23 -34.58 29.66
CA ASP A 537 -42.67 -35.07 30.90
C ASP A 537 -41.18 -34.75 31.02
N GLU A 538 -40.42 -35.00 29.95
CA GLU A 538 -38.98 -34.76 29.97
C GLU A 538 -38.60 -33.35 29.52
N CYS A 539 -39.58 -32.51 29.20
CA CYS A 539 -39.27 -31.27 28.49
C CYS A 539 -38.40 -30.34 29.33
N ASP A 540 -38.89 -29.96 30.52
CA ASP A 540 -38.18 -28.93 31.30
C ASP A 540 -36.78 -29.38 31.70
N ALA A 541 -36.63 -30.65 32.11
CA ALA A 541 -35.31 -31.15 32.47
C ALA A 541 -34.36 -31.07 31.29
N THR A 542 -34.84 -31.44 30.11
CA THR A 542 -33.98 -31.44 28.93
C THR A 542 -33.62 -30.04 28.50
N LEU A 543 -34.60 -29.11 28.52
CA LEU A 543 -34.29 -27.72 28.20
C LEU A 543 -33.26 -27.13 29.16
N ALA A 544 -33.37 -27.44 30.45
CA ALA A 544 -32.35 -26.98 31.38
C ALA A 544 -30.97 -27.52 31.00
N LYS A 545 -30.90 -28.82 30.69
CA LYS A 545 -29.61 -29.42 30.37
C LYS A 545 -29.02 -28.79 29.11
N VAL A 546 -29.83 -28.61 28.07
CA VAL A 546 -29.34 -28.01 26.84
C VAL A 546 -28.75 -26.63 27.14
N GLN A 547 -29.47 -25.83 27.95
CA GLN A 547 -29.02 -24.47 28.23
C GLN A 547 -27.76 -24.45 29.07
N ALA A 548 -27.54 -25.48 29.90
CA ALA A 548 -26.39 -25.53 30.79
C ALA A 548 -25.11 -26.00 30.09
N HIS A 549 -25.22 -26.65 28.94
CA HIS A 549 -24.03 -27.13 28.27
C HIS A 549 -23.08 -25.98 27.92
N THR A 550 -21.78 -26.25 27.98
CA THR A 550 -20.75 -25.28 27.69
C THR A 550 -20.29 -25.32 26.23
N GLY A 551 -20.59 -26.42 25.53
CA GLY A 551 -20.24 -26.54 24.13
C GLY A 551 -21.48 -26.75 23.29
N PRO A 552 -21.29 -27.24 22.07
CA PRO A 552 -22.45 -27.45 21.18
C PRO A 552 -23.34 -28.59 21.66
N VAL A 553 -24.63 -28.43 21.39
CA VAL A 553 -25.64 -29.40 21.77
C VAL A 553 -26.69 -29.47 20.68
N ILE A 554 -27.24 -30.66 20.47
CA ILE A 554 -28.37 -30.87 19.58
C ILE A 554 -29.54 -31.38 20.39
N CYS A 555 -30.73 -30.86 20.10
CA CYS A 555 -31.94 -31.31 20.77
C CYS A 555 -33.02 -31.48 19.71
N GLU A 556 -33.36 -32.73 19.40
CA GLU A 556 -34.42 -33.02 18.46
C GLU A 556 -35.77 -32.86 19.16
N VAL A 557 -36.68 -32.11 18.53
CA VAL A 557 -38.04 -31.93 19.01
C VAL A 557 -38.97 -32.58 17.98
N PHE A 558 -39.79 -33.52 18.43
CA PHE A 558 -40.68 -34.29 17.56
C PHE A 558 -42.08 -33.70 17.59
N MET A 559 -42.61 -33.36 16.43
CA MET A 559 -43.94 -32.77 16.32
C MET A 559 -44.80 -33.59 15.37
N HIS A 560 -46.09 -33.28 15.32
CA HIS A 560 -46.98 -33.98 14.43
C HIS A 560 -46.57 -33.74 12.98
N PRO A 561 -46.49 -34.78 12.15
CA PRO A 561 -45.99 -34.57 10.77
C PRO A 561 -46.94 -33.79 9.87
N GLN A 562 -48.17 -33.50 10.34
CA GLN A 562 -49.10 -32.66 9.58
C GLN A 562 -49.62 -31.50 10.41
N GLN A 563 -48.87 -31.07 11.44
CA GLN A 563 -49.36 -30.00 12.30
C GLN A 563 -49.63 -28.74 11.50
N LEU A 564 -50.75 -28.10 11.82
CA LEU A 564 -51.08 -26.82 11.21
C LEU A 564 -50.14 -25.71 11.69
N PHE A 565 -49.86 -24.78 10.79
CA PHE A 565 -49.31 -23.49 11.14
C PHE A 565 -50.47 -22.51 11.15
N SER A 566 -50.66 -21.82 12.28
CA SER A 566 -51.75 -20.88 12.41
C SER A 566 -51.44 -19.95 13.57
N PRO A 567 -52.05 -18.78 13.61
CA PRO A 567 -52.98 -18.23 12.63
C PRO A 567 -52.26 -17.85 11.33
N LYS A 568 -52.99 -17.83 10.22
CA LYS A 568 -52.41 -17.64 8.90
C LYS A 568 -53.52 -17.13 7.99
N LEU A 569 -53.19 -16.15 7.15
CA LEU A 569 -54.13 -15.69 6.13
C LEU A 569 -54.12 -16.76 5.03
N GLY A 570 -55.17 -17.58 5.00
CA GLY A 570 -55.30 -18.63 4.02
C GLY A 570 -56.43 -18.32 3.05
N VAL A 571 -56.41 -19.05 1.95
CA VAL A 571 -57.52 -19.04 1.01
C VAL A 571 -58.63 -19.91 1.59
N VAL A 572 -59.87 -19.47 1.43
CA VAL A 572 -61.03 -20.16 1.97
C VAL A 572 -62.02 -20.38 0.83
N SER A 573 -62.61 -21.57 0.78
CA SER A 573 -63.59 -21.91 -0.24
C SER A 573 -64.97 -21.47 0.25
N ARG A 574 -65.56 -20.51 -0.45
CA ARG A 574 -66.81 -19.90 -0.03
C ARG A 574 -67.93 -20.92 0.15
N THR A 578 -66.79 -20.93 -4.59
CA THR A 578 -65.69 -20.15 -5.15
C THR A 578 -64.64 -19.89 -4.08
N LEU A 579 -63.42 -19.55 -4.49
CA LEU A 579 -62.33 -19.29 -3.56
C LEU A 579 -62.24 -17.80 -3.26
N VAL A 580 -61.81 -17.48 -2.03
CA VAL A 580 -61.69 -16.10 -1.58
C VAL A 580 -60.41 -15.96 -0.76
N SER A 581 -59.65 -14.90 -1.03
CA SER A 581 -58.54 -14.52 -0.17
C SER A 581 -59.06 -13.46 0.80
N PRO A 582 -59.25 -13.78 2.08
CA PRO A 582 -59.93 -12.84 2.96
C PRO A 582 -59.04 -11.67 3.33
N PRO A 583 -59.62 -10.62 3.90
CA PRO A 583 -58.82 -9.49 4.37
C PRO A 583 -57.93 -9.87 5.56
N LEU A 584 -56.87 -9.08 5.72
CA LEU A 584 -55.80 -9.38 6.66
C LEU A 584 -56.30 -9.72 8.06
N GLU A 585 -57.41 -9.11 8.50
CA GLU A 585 -57.88 -9.39 9.85
C GLU A 585 -58.48 -10.77 10.00
N ASP A 586 -58.85 -11.43 8.91
CA ASP A 586 -59.68 -12.64 8.94
C ASP A 586 -58.80 -13.89 8.84
N LEU A 587 -57.96 -14.09 9.85
CA LEU A 587 -56.99 -15.17 9.81
C LEU A 587 -57.64 -16.52 10.00
N SER A 588 -57.00 -17.59 9.41
CA SER A 588 -57.47 -18.97 9.53
C SER A 588 -56.69 -19.72 10.60
N PRO A 589 -57.34 -20.67 11.30
CA PRO A 589 -58.75 -21.06 11.18
C PRO A 589 -59.70 -19.91 11.55
N LEU A 590 -60.81 -19.77 10.82
CA LEU A 590 -61.64 -18.60 10.93
C LEU A 590 -62.41 -18.58 12.25
N ILE A 591 -62.57 -17.39 12.83
CA ILE A 591 -63.39 -17.23 14.01
C ILE A 591 -64.84 -17.09 13.56
N PRO A 592 -65.82 -17.29 14.44
CA PRO A 592 -67.21 -17.09 14.03
C PRO A 592 -67.45 -15.68 13.53
N ARG A 593 -68.34 -15.55 12.55
CA ARG A 593 -68.60 -14.25 11.96
C ARG A 593 -69.08 -13.24 12.97
N ASP A 594 -69.87 -13.66 13.98
CA ASP A 594 -70.32 -12.68 14.95
C ASP A 594 -69.18 -12.20 15.85
N VAL A 595 -68.20 -13.06 16.13
CA VAL A 595 -67.04 -12.62 16.91
C VAL A 595 -66.22 -11.62 16.11
N LEU A 596 -66.03 -11.90 14.81
CA LEU A 596 -65.31 -10.96 13.96
C LEU A 596 -66.02 -9.61 13.87
N GLU A 597 -67.34 -9.65 13.63
CA GLU A 597 -68.13 -8.43 13.60
C GLU A 597 -67.85 -7.55 14.82
N GLN A 598 -67.83 -8.15 16.01
CA GLN A 598 -67.65 -7.37 17.23
C GLN A 598 -66.21 -6.89 17.39
N ALA A 599 -65.25 -7.59 16.80
CA ALA A 599 -63.86 -7.20 16.92
C ALA A 599 -63.50 -6.05 15.99
N MET A 600 -64.30 -5.82 14.95
CA MET A 600 -64.00 -4.82 13.94
C MET A 600 -64.78 -3.56 14.24
N ILE A 601 -64.07 -2.47 14.48
CA ILE A 601 -64.75 -1.21 14.78
C ILE A 601 -65.72 -0.87 13.66
N GLY A 602 -65.34 -1.12 12.42
CA GLY A 602 -66.31 -0.91 11.36
C GLY A 602 -67.35 -2.00 11.19
N GLY A 603 -67.17 -3.14 11.84
CA GLY A 603 -67.78 -4.37 11.37
C GLY A 603 -66.97 -4.95 10.22
N MET A 604 -67.33 -6.16 9.83
CA MET A 604 -66.44 -6.90 8.96
C MET A 604 -66.54 -6.43 7.50
N HIS A 605 -65.51 -6.80 6.73
CA HIS A 605 -65.45 -6.55 5.29
C HIS A 605 -66.44 -7.44 4.56
N GLU A 606 -66.87 -6.97 3.38
CA GLU A 606 -67.81 -7.73 2.55
C GLU A 606 -67.33 -9.16 2.31
N LYS A 607 -66.05 -9.32 1.97
CA LYS A 607 -65.51 -10.65 1.74
C LYS A 607 -65.76 -11.58 2.92
N SER A 608 -65.61 -11.07 4.14
CA SER A 608 -65.69 -11.93 5.31
C SER A 608 -67.10 -12.43 5.62
N LYS A 609 -68.14 -11.72 5.18
CA LYS A 609 -69.48 -12.08 5.64
C LYS A 609 -69.92 -13.45 5.16
N THR A 610 -69.33 -13.98 4.09
CA THR A 610 -69.80 -15.21 3.45
C THR A 610 -69.00 -16.44 3.84
N LEU A 611 -67.98 -16.31 4.68
CA LEU A 611 -67.07 -17.43 4.92
C LEU A 611 -67.57 -18.33 6.06
N ASP B 4 -65.39 -26.48 -21.12
CA ASP B 4 -64.08 -25.99 -20.70
C ASP B 4 -62.98 -26.90 -21.25
N ASN B 5 -62.41 -26.51 -22.40
CA ASN B 5 -61.40 -27.32 -23.09
C ASN B 5 -59.99 -26.83 -22.79
N LYS B 6 -59.71 -26.40 -21.56
CA LYS B 6 -58.43 -25.84 -21.19
C LYS B 6 -57.67 -26.79 -20.25
N VAL B 7 -56.35 -26.68 -20.30
CA VAL B 7 -55.43 -27.53 -19.55
C VAL B 7 -54.42 -26.63 -18.86
N LYS B 8 -54.05 -27.01 -17.64
CA LYS B 8 -53.02 -26.29 -16.90
C LYS B 8 -51.70 -26.32 -17.65
N VAL B 9 -51.04 -25.16 -17.74
CA VAL B 9 -49.73 -25.08 -18.38
C VAL B 9 -48.76 -26.09 -17.77
N ALA B 10 -48.84 -26.30 -16.45
CA ALA B 10 -47.96 -27.27 -15.81
C ALA B 10 -48.15 -28.66 -16.40
N GLU B 11 -49.39 -29.05 -16.67
CA GLU B 11 -49.64 -30.36 -17.26
C GLU B 11 -49.05 -30.45 -18.66
N LEU B 12 -49.12 -29.36 -19.42
CA LEU B 12 -48.54 -29.35 -20.76
C LEU B 12 -47.01 -29.41 -20.70
N VAL B 13 -46.41 -28.79 -19.68
CA VAL B 13 -44.97 -28.92 -19.51
C VAL B 13 -44.59 -30.34 -19.15
N ALA B 14 -45.38 -31.00 -18.30
CA ALA B 14 -45.06 -32.38 -17.96
C ALA B 14 -45.17 -33.28 -19.17
N GLU B 15 -46.17 -33.03 -20.02
CA GLU B 15 -46.30 -33.78 -21.27
C GLU B 15 -45.10 -33.55 -22.17
N ALA B 16 -44.66 -32.29 -22.30
CA ALA B 16 -43.53 -31.98 -23.15
C ALA B 16 -42.26 -32.67 -22.68
N LEU B 17 -42.06 -32.74 -21.36
CA LEU B 17 -40.88 -33.44 -20.86
C LEU B 17 -40.89 -34.90 -21.30
N GLU B 18 -42.07 -35.54 -21.24
CA GLU B 18 -42.17 -36.91 -21.75
C GLU B 18 -41.91 -36.96 -23.25
N ASN B 19 -42.52 -36.04 -24.01
CA ASN B 19 -42.29 -36.03 -25.46
C ASN B 19 -40.83 -35.79 -25.80
N LEU B 20 -40.11 -35.06 -24.95
CA LEU B 20 -38.68 -34.80 -25.14
C LEU B 20 -37.79 -35.95 -24.66
N GLY B 21 -38.38 -36.98 -24.05
CA GLY B 21 -37.57 -38.07 -23.55
C GLY B 21 -36.88 -37.83 -22.24
N ILE B 22 -37.32 -36.84 -21.48
CA ILE B 22 -36.70 -36.52 -20.20
C ILE B 22 -37.35 -37.39 -19.12
N GLN B 23 -36.58 -38.36 -18.63
CA GLN B 23 -37.05 -39.38 -17.71
C GLN B 23 -36.65 -39.10 -16.27
N HIS B 24 -35.77 -38.13 -16.04
CA HIS B 24 -35.40 -37.77 -14.68
C HIS B 24 -35.28 -36.25 -14.56
N ALA B 25 -35.78 -35.74 -13.44
CA ALA B 25 -35.58 -34.36 -13.03
C ALA B 25 -35.03 -34.40 -11.60
N PHE B 26 -34.03 -33.58 -11.32
CA PHE B 26 -33.48 -33.44 -9.98
C PHE B 26 -33.83 -32.06 -9.45
N GLY B 27 -34.19 -31.96 -8.17
CA GLY B 27 -34.50 -30.64 -7.66
C GLY B 27 -35.08 -30.68 -6.26
N ILE B 28 -35.59 -29.52 -5.85
CA ILE B 28 -36.21 -29.32 -4.55
C ILE B 28 -37.48 -28.50 -4.77
N ILE B 29 -38.54 -28.90 -4.09
CA ILE B 29 -39.83 -28.27 -4.24
C ILE B 29 -39.86 -26.94 -3.50
N GLY B 30 -40.80 -26.10 -3.90
CA GLY B 30 -41.14 -24.85 -3.23
C GLY B 30 -42.39 -24.31 -3.89
N ALA B 31 -42.93 -23.24 -3.31
CA ALA B 31 -44.11 -22.62 -3.91
C ALA B 31 -43.89 -22.28 -5.37
N GLY B 32 -42.65 -21.91 -5.73
CA GLY B 32 -42.35 -21.49 -7.09
C GLY B 32 -42.36 -22.60 -8.12
N ASN B 33 -42.38 -23.87 -7.69
CA ASN B 33 -42.50 -24.96 -8.67
C ASN B 33 -43.43 -26.07 -8.20
N VAL B 34 -44.24 -25.83 -7.17
CA VAL B 34 -45.14 -26.87 -6.66
C VAL B 34 -46.10 -27.35 -7.75
N HIS B 35 -46.53 -26.45 -8.64
CA HIS B 35 -47.45 -26.88 -9.70
C HIS B 35 -46.75 -27.81 -10.70
N LEU B 36 -45.45 -27.61 -10.95
CA LEU B 36 -44.71 -28.50 -11.84
C LEU B 36 -44.44 -29.84 -11.17
N PHE B 37 -44.02 -29.82 -9.90
CA PHE B 37 -43.87 -31.08 -9.17
C PHE B 37 -45.15 -31.88 -9.25
N GLU B 38 -46.29 -31.22 -9.04
CA GLU B 38 -47.56 -31.94 -9.02
C GLU B 38 -47.84 -32.56 -10.38
N ALA B 39 -47.72 -31.77 -11.45
CA ALA B 39 -48.05 -32.25 -12.78
C ALA B 39 -47.14 -33.39 -13.20
N ILE B 40 -45.85 -33.26 -12.93
CA ILE B 40 -44.90 -34.30 -13.32
C ILE B 40 -45.18 -35.57 -12.55
N ALA B 41 -45.43 -35.44 -11.24
CA ALA B 41 -45.69 -36.62 -10.42
C ALA B 41 -46.94 -37.35 -10.88
N ARG B 42 -47.98 -36.60 -11.25
CA ARG B 42 -49.24 -37.24 -11.60
C ARG B 42 -49.14 -37.93 -12.97
N ARG B 43 -48.35 -37.38 -13.88
CA ARG B 43 -48.19 -38.02 -15.18
C ARG B 43 -47.43 -39.34 -15.05
N GLY B 44 -46.40 -39.36 -14.20
CA GLY B 44 -45.70 -40.59 -13.91
C GLY B 44 -44.65 -41.03 -14.92
N TYR B 45 -44.25 -40.18 -15.84
CA TYR B 45 -43.20 -40.56 -16.78
C TYR B 45 -41.81 -40.17 -16.30
N THR B 46 -41.68 -38.91 -15.87
CA THR B 46 -40.42 -38.37 -15.37
C THR B 46 -40.34 -38.62 -13.88
N GLU B 47 -39.29 -39.31 -13.44
CA GLU B 47 -39.05 -39.48 -12.01
C GLU B 47 -38.36 -38.24 -11.45
N ILE B 48 -38.94 -37.67 -10.40
CA ILE B 48 -38.32 -36.54 -9.71
C ILE B 48 -37.46 -37.09 -8.58
N VAL B 49 -36.17 -36.76 -8.61
CA VAL B 49 -35.24 -37.10 -7.55
C VAL B 49 -35.08 -35.86 -6.68
N CYS B 50 -35.55 -35.95 -5.45
CA CYS B 50 -35.43 -34.85 -4.50
C CYS B 50 -34.04 -34.89 -3.86
N VAL B 51 -33.27 -33.82 -4.05
CA VAL B 51 -31.93 -33.71 -3.48
C VAL B 51 -32.04 -32.82 -2.25
N HIS B 52 -30.95 -32.65 -1.50
CA HIS B 52 -30.98 -31.84 -0.29
C HIS B 52 -30.24 -30.52 -0.43
N HIS B 53 -29.72 -30.22 -1.61
CA HIS B 53 -29.19 -28.92 -1.95
C HIS B 53 -29.27 -28.80 -3.46
N GLU B 54 -29.83 -27.69 -3.95
CA GLU B 54 -30.06 -27.56 -5.39
C GLU B 54 -28.79 -27.67 -6.20
N GLN B 55 -27.63 -27.34 -5.60
CA GLN B 55 -26.36 -27.51 -6.28
C GLN B 55 -26.17 -28.94 -6.75
N ALA B 56 -26.57 -29.90 -5.90
CA ALA B 56 -26.43 -31.31 -6.25
C ALA B 56 -27.31 -31.68 -7.44
N ALA B 57 -28.47 -31.01 -7.59
CA ALA B 57 -29.32 -31.29 -8.74
C ALA B 57 -28.67 -30.84 -10.04
N CYS B 58 -28.06 -29.66 -10.03
CA CYS B 58 -27.45 -29.10 -11.23
C CYS B 58 -26.11 -29.75 -11.57
N MET B 59 -25.50 -30.48 -10.64
CA MET B 59 -24.36 -31.33 -10.94
C MET B 59 -24.78 -32.71 -11.42
N ALA B 60 -25.79 -33.30 -10.77
CA ALA B 60 -26.21 -34.65 -11.10
C ALA B 60 -26.68 -34.75 -12.56
N VAL B 61 -27.34 -33.72 -13.07
CA VAL B 61 -27.83 -33.79 -14.46
C VAL B 61 -26.67 -33.96 -15.43
N GLN B 62 -25.47 -33.52 -15.05
CA GLN B 62 -24.34 -33.55 -15.97
C GLN B 62 -23.85 -34.96 -16.19
N THR B 63 -23.50 -35.67 -15.11
CA THR B 63 -23.04 -37.04 -15.28
C THR B 63 -24.18 -37.93 -15.72
N TYR B 64 -25.42 -37.58 -15.38
CA TYR B 64 -26.57 -38.28 -15.95
C TYR B 64 -26.50 -38.28 -17.47
N TYR B 65 -26.35 -37.10 -18.07
CA TYR B 65 -26.26 -37.04 -19.53
C TYR B 65 -25.05 -37.83 -20.04
N ARG B 66 -23.90 -37.69 -19.37
CA ARG B 66 -22.68 -38.30 -19.89
C ARG B 66 -22.75 -39.82 -19.87
N THR B 67 -23.65 -40.40 -19.08
CA THR B 67 -23.69 -41.86 -18.96
C THR B 67 -24.25 -42.49 -20.24
N ASN B 68 -25.46 -42.13 -20.64
CA ASN B 68 -26.10 -42.74 -21.81
C ASN B 68 -26.57 -41.73 -22.85
N GLY B 69 -26.27 -40.45 -22.68
CA GLY B 69 -26.66 -39.46 -23.66
C GLY B 69 -28.10 -39.01 -23.60
N ARG B 70 -28.78 -39.21 -22.48
CA ARG B 70 -30.12 -38.68 -22.28
C ARG B 70 -30.04 -37.44 -21.39
N ILE B 71 -30.64 -36.35 -21.84
CA ILE B 71 -30.61 -35.12 -21.06
C ILE B 71 -31.55 -35.26 -19.87
N ALA B 72 -31.22 -34.54 -18.80
CA ALA B 72 -32.03 -34.48 -17.59
C ALA B 72 -32.29 -33.01 -17.26
N ALA B 73 -33.27 -32.79 -16.41
CA ALA B 73 -33.67 -31.45 -16.01
C ALA B 73 -33.38 -31.25 -14.53
N ALA B 74 -33.01 -30.01 -14.19
CA ALA B 74 -32.96 -29.55 -12.81
C ALA B 74 -34.20 -28.68 -12.56
N LEU B 75 -34.93 -28.99 -11.49
CA LEU B 75 -36.20 -28.35 -11.18
C LEU B 75 -36.05 -27.52 -9.91
N LEU B 76 -35.93 -26.21 -10.08
CA LEU B 76 -35.57 -25.30 -9.01
C LEU B 76 -36.72 -24.36 -8.69
N THR B 77 -36.74 -23.87 -7.46
CA THR B 77 -37.78 -22.94 -7.06
C THR B 77 -37.24 -21.52 -6.96
N THR B 78 -38.15 -20.61 -6.62
CA THR B 78 -37.87 -19.18 -6.48
C THR B 78 -36.73 -18.92 -5.51
N GLY B 79 -36.06 -17.80 -5.70
CA GLY B 79 -35.13 -17.33 -4.68
C GLY B 79 -33.93 -18.23 -4.54
N ALA B 80 -33.69 -18.68 -3.29
CA ALA B 80 -32.51 -19.49 -3.01
C ALA B 80 -32.55 -20.84 -3.70
N GLY B 81 -33.73 -21.33 -4.08
CA GLY B 81 -33.77 -22.51 -4.93
C GLY B 81 -33.01 -22.34 -6.22
N SER B 82 -33.01 -21.12 -6.77
CA SER B 82 -32.29 -20.84 -8.01
C SER B 82 -30.84 -20.44 -7.77
N THR B 83 -30.57 -19.57 -6.79
CA THR B 83 -29.20 -19.17 -6.53
C THR B 83 -28.36 -20.38 -6.08
N ASN B 84 -28.98 -21.36 -5.43
CA ASN B 84 -28.24 -22.54 -4.99
C ASN B 84 -27.80 -23.41 -6.15
N GLY B 85 -28.42 -23.28 -7.32
CA GLY B 85 -28.00 -24.10 -8.44
C GLY B 85 -26.84 -23.57 -9.26
N VAL B 86 -26.38 -22.34 -8.99
CA VAL B 86 -25.53 -21.67 -9.97
C VAL B 86 -24.19 -22.40 -10.15
N THR B 87 -23.63 -22.95 -9.08
CA THR B 87 -22.34 -23.62 -9.21
C THR B 87 -22.43 -24.77 -10.20
N GLY B 88 -23.50 -25.55 -10.14
CA GLY B 88 -23.68 -26.64 -11.08
C GLY B 88 -23.86 -26.17 -12.51
N VAL B 89 -24.53 -25.04 -12.70
CA VAL B 89 -24.64 -24.48 -14.04
C VAL B 89 -23.26 -24.14 -14.59
N VAL B 90 -22.42 -23.52 -13.77
CA VAL B 90 -21.10 -23.11 -14.24
C VAL B 90 -20.25 -24.33 -14.60
N SER B 91 -20.34 -25.41 -13.82
CA SER B 91 -19.51 -26.57 -14.17
C SER B 91 -19.97 -27.21 -15.48
N ALA B 92 -21.29 -27.23 -15.73
CA ALA B 92 -21.76 -27.79 -17.00
C ALA B 92 -21.32 -26.91 -18.17
N TRP B 93 -21.38 -25.59 -17.98
CA TRP B 93 -20.88 -24.64 -18.97
C TRP B 93 -19.42 -24.88 -19.26
N ALA B 94 -18.61 -25.00 -18.21
CA ALA B 94 -17.18 -25.16 -18.38
C ALA B 94 -16.82 -26.47 -19.06
N ASP B 95 -17.61 -27.53 -18.84
CA ASP B 95 -17.29 -28.86 -19.38
C ASP B 95 -18.13 -29.24 -20.61
N SER B 96 -18.91 -28.31 -21.16
CA SER B 96 -19.64 -28.54 -22.41
C SER B 96 -20.68 -29.65 -22.28
N ILE B 97 -21.35 -29.72 -21.14
CA ILE B 97 -22.30 -30.78 -20.86
C ILE B 97 -23.72 -30.22 -21.00
N PRO B 98 -24.58 -30.84 -21.79
CA PRO B 98 -25.94 -30.32 -21.94
C PRO B 98 -26.82 -30.68 -20.77
N CYS B 99 -27.65 -29.73 -20.36
CA CYS B 99 -28.67 -29.94 -19.35
C CYS B 99 -29.58 -28.73 -19.41
N ILE B 100 -30.76 -28.87 -18.83
CA ILE B 100 -31.71 -27.77 -18.80
C ILE B 100 -32.18 -27.56 -17.36
N VAL B 101 -32.19 -26.30 -16.93
CA VAL B 101 -32.74 -25.88 -15.65
C VAL B 101 -34.11 -25.30 -15.92
N ILE B 102 -35.12 -25.78 -15.19
CA ILE B 102 -36.45 -25.18 -15.19
C ILE B 102 -36.63 -24.59 -13.81
N ALA B 103 -36.65 -23.26 -13.75
CA ALA B 103 -36.65 -22.52 -12.50
C ALA B 103 -37.99 -21.82 -12.35
N GLY B 104 -38.58 -21.91 -11.18
CA GLY B 104 -39.77 -21.16 -10.90
C GLY B 104 -39.46 -19.74 -10.52
N ASN B 105 -40.50 -18.93 -10.41
CA ASN B 105 -40.34 -17.58 -9.88
C ASN B 105 -41.68 -17.07 -9.37
N GLU B 106 -41.64 -15.87 -8.80
CA GLU B 106 -42.80 -15.14 -8.35
C GLU B 106 -43.76 -14.86 -9.51
N ASN B 107 -44.96 -14.37 -9.15
N ASN B 107 -44.96 -14.39 -9.17
CA ASN B 107 -45.94 -13.94 -10.15
CA ASN B 107 -45.94 -14.03 -10.18
C ASN B 107 -45.29 -13.05 -11.21
C ASN B 107 -45.33 -13.07 -11.20
N SER B 108 -45.69 -13.26 -12.47
CA SER B 108 -45.06 -12.53 -13.56
C SER B 108 -45.29 -11.02 -13.50
N LYS B 109 -46.28 -10.53 -12.74
CA LYS B 109 -46.43 -9.09 -12.62
C LYS B 109 -45.23 -8.45 -11.92
N PHE B 110 -44.42 -9.24 -11.20
CA PHE B 110 -43.23 -8.72 -10.54
C PHE B 110 -41.97 -8.90 -11.35
N THR B 111 -41.97 -9.81 -12.33
CA THR B 111 -40.73 -10.36 -12.89
C THR B 111 -40.36 -9.60 -14.16
N PHE B 112 -39.80 -8.41 -13.97
CA PHE B 112 -39.30 -7.64 -15.09
C PHE B 112 -38.11 -6.83 -14.61
N PRO B 113 -37.05 -6.70 -15.42
CA PRO B 113 -35.81 -6.08 -14.93
C PRO B 113 -35.95 -4.62 -14.59
N GLU B 114 -36.98 -3.93 -15.09
CA GLU B 114 -37.20 -2.52 -14.76
C GLU B 114 -37.86 -2.34 -13.39
N ASN B 115 -38.20 -3.42 -12.71
CA ASN B 115 -38.71 -3.34 -11.35
C ASN B 115 -37.69 -2.61 -10.48
N PRO B 116 -38.07 -1.50 -9.84
CA PRO B 116 -37.06 -0.69 -9.12
C PRO B 116 -36.66 -1.25 -7.77
N LEU B 117 -37.34 -2.27 -7.26
CA LEU B 117 -37.07 -2.80 -5.93
C LEU B 117 -35.93 -3.81 -5.97
N ARG B 118 -35.30 -4.02 -4.81
CA ARG B 118 -34.17 -4.93 -4.75
C ARG B 118 -34.56 -6.36 -5.10
N MET B 119 -35.77 -6.77 -4.73
CA MET B 119 -36.24 -8.12 -4.97
C MET B 119 -37.62 -8.06 -5.63
N TRP B 120 -37.99 -9.18 -6.22
CA TRP B 120 -39.24 -9.31 -6.96
C TRP B 120 -40.26 -10.06 -6.12
N GLY B 121 -41.46 -9.50 -5.99
CA GLY B 121 -42.50 -10.18 -5.24
C GLY B 121 -42.04 -10.41 -3.82
N VAL B 122 -42.22 -11.62 -3.32
CA VAL B 122 -41.85 -11.92 -1.94
C VAL B 122 -40.35 -12.18 -1.82
N GLN B 123 -39.80 -13.03 -2.72
CA GLN B 123 -38.40 -13.41 -2.59
C GLN B 123 -37.74 -13.80 -3.90
N GLY B 124 -38.18 -13.21 -5.01
CA GLY B 124 -37.63 -13.53 -6.31
C GLY B 124 -36.58 -12.54 -6.80
N TYR B 125 -35.90 -12.93 -7.88
CA TYR B 125 -34.89 -12.07 -8.51
C TYR B 125 -34.78 -12.51 -9.97
N ASP B 126 -33.95 -11.80 -10.73
CA ASP B 126 -33.76 -12.11 -12.15
C ASP B 126 -32.80 -13.29 -12.26
N SER B 127 -33.35 -14.51 -12.20
CA SER B 127 -32.51 -15.69 -12.26
C SER B 127 -31.87 -15.87 -13.63
N CYS B 128 -32.43 -15.27 -14.69
CA CYS B 128 -31.82 -15.37 -16.01
C CYS B 128 -30.56 -14.51 -16.11
N GLN B 129 -30.62 -13.28 -15.60
CA GLN B 129 -29.45 -12.41 -15.66
C GLN B 129 -28.28 -13.00 -14.92
N MET B 130 -28.55 -13.68 -13.81
CA MET B 130 -27.47 -14.19 -12.97
C MET B 130 -26.64 -15.25 -13.69
N VAL B 131 -27.23 -16.00 -14.63
CA VAL B 131 -26.50 -17.03 -15.36
C VAL B 131 -26.28 -16.64 -16.82
N GLU B 132 -26.50 -15.36 -17.15
CA GLU B 132 -26.42 -14.90 -18.53
C GLU B 132 -25.07 -15.18 -19.18
N ARG B 133 -23.99 -15.19 -18.40
CA ARG B 133 -22.66 -15.36 -18.97
C ARG B 133 -22.10 -16.77 -18.80
N VAL B 134 -22.86 -17.68 -18.20
CA VAL B 134 -22.40 -19.03 -17.91
C VAL B 134 -23.45 -20.04 -18.34
N SER B 135 -24.22 -19.70 -19.37
CA SER B 135 -25.19 -20.63 -19.94
C SER B 135 -25.43 -20.24 -21.39
N LYS B 136 -25.90 -21.21 -22.18
CA LYS B 136 -26.04 -21.00 -23.62
C LYS B 136 -27.28 -20.18 -23.96
N TYR B 137 -28.29 -20.21 -23.10
CA TYR B 137 -29.58 -19.60 -23.40
C TYR B 137 -30.33 -19.43 -22.09
N GLN B 138 -31.01 -18.31 -21.96
CA GLN B 138 -31.88 -18.07 -20.82
C GLN B 138 -33.16 -17.46 -21.35
N MET B 139 -34.29 -17.85 -20.78
CA MET B 139 -35.52 -17.18 -21.17
C MET B 139 -36.55 -17.30 -20.06
N ARG B 140 -37.22 -16.17 -19.80
CA ARG B 140 -38.35 -16.12 -18.90
C ARG B 140 -39.63 -16.21 -19.72
N VAL B 141 -40.46 -17.21 -19.41
CA VAL B 141 -41.75 -17.37 -20.07
C VAL B 141 -42.75 -16.40 -19.44
N THR B 142 -43.24 -15.45 -20.24
CA THR B 142 -44.27 -14.52 -19.78
C THR B 142 -45.61 -14.72 -20.47
N LYS B 143 -45.66 -15.60 -21.48
CA LYS B 143 -46.89 -15.94 -22.18
C LYS B 143 -47.11 -17.44 -22.03
N MET B 144 -48.27 -17.82 -21.49
CA MET B 144 -48.56 -19.24 -21.26
C MET B 144 -48.36 -20.06 -22.53
N GLU B 145 -48.77 -19.51 -23.68
CA GLU B 145 -48.73 -20.25 -24.93
C GLU B 145 -47.30 -20.54 -25.40
N ARG B 146 -46.29 -19.93 -24.79
CA ARG B 146 -44.91 -20.16 -25.20
C ARG B 146 -44.14 -21.01 -24.20
N ALA B 147 -44.80 -21.59 -23.19
CA ALA B 147 -44.05 -22.32 -22.17
C ALA B 147 -43.38 -23.57 -22.74
N VAL B 148 -44.09 -24.33 -23.57
CA VAL B 148 -43.48 -25.54 -24.13
C VAL B 148 -42.52 -25.18 -25.24
N TYR B 149 -42.81 -24.12 -26.01
CA TYR B 149 -41.87 -23.63 -27.01
C TYR B 149 -40.49 -23.37 -26.41
N GLU B 150 -40.45 -22.70 -25.26
CA GLU B 150 -39.16 -22.36 -24.68
C GLU B 150 -38.45 -23.58 -24.10
N LEU B 151 -39.18 -24.55 -23.57
CA LEU B 151 -38.55 -25.79 -23.13
C LEU B 151 -37.92 -26.53 -24.30
N GLU B 152 -38.69 -26.68 -25.40
CA GLU B 152 -38.14 -27.36 -26.57
C GLU B 152 -36.90 -26.63 -27.09
N LYS B 153 -36.95 -25.31 -27.12
CA LYS B 153 -35.80 -24.53 -27.58
C LYS B 153 -34.62 -24.67 -26.63
N GLY B 154 -34.89 -24.63 -25.33
CA GLY B 154 -33.83 -24.80 -24.36
C GLY B 154 -33.12 -26.13 -24.46
N VAL B 155 -33.88 -27.19 -24.71
CA VAL B 155 -33.28 -28.52 -24.87
C VAL B 155 -32.44 -28.55 -26.14
N HIS B 156 -33.00 -28.05 -27.24
CA HIS B 156 -32.25 -28.04 -28.48
C HIS B 156 -30.96 -27.24 -28.34
N LEU B 157 -31.03 -26.04 -27.76
CA LEU B 157 -29.84 -25.21 -27.67
C LEU B 157 -28.83 -25.77 -26.67
N ALA B 158 -29.31 -26.52 -25.67
CA ALA B 158 -28.37 -27.20 -24.78
C ALA B 158 -27.54 -28.22 -25.55
N LEU B 159 -28.17 -28.94 -26.48
CA LEU B 159 -27.55 -30.07 -27.14
C LEU B 159 -26.75 -29.70 -28.38
N GLU B 160 -27.08 -28.58 -29.04
CA GLU B 160 -26.49 -28.26 -30.33
C GLU B 160 -25.06 -27.75 -30.19
N GLY B 161 -24.29 -27.87 -31.26
CA GLY B 161 -22.96 -27.27 -31.30
C GLY B 161 -22.08 -27.74 -30.16
N ARG B 162 -21.41 -26.81 -29.51
CA ARG B 162 -20.75 -27.12 -28.25
C ARG B 162 -21.81 -27.14 -27.16
N PRO B 163 -22.07 -28.28 -26.53
CA PRO B 163 -23.22 -28.36 -25.62
C PRO B 163 -23.00 -27.54 -24.35
N GLY B 164 -24.09 -27.34 -23.64
CA GLY B 164 -24.04 -26.57 -22.41
C GLY B 164 -25.39 -26.44 -21.77
N PRO B 165 -25.43 -25.80 -20.61
CA PRO B 165 -26.69 -25.64 -19.88
C PRO B 165 -27.53 -24.51 -20.45
N THR B 166 -28.84 -24.69 -20.38
CA THR B 166 -29.80 -23.64 -20.66
C THR B 166 -30.68 -23.47 -19.43
N TRP B 167 -31.31 -22.29 -19.33
CA TRP B 167 -32.04 -21.86 -18.15
C TRP B 167 -33.38 -21.28 -18.57
N ILE B 168 -34.47 -21.99 -18.26
CA ILE B 168 -35.82 -21.53 -18.58
C ILE B 168 -36.54 -21.22 -17.27
N GLU B 169 -36.97 -19.98 -17.12
CA GLU B 169 -37.69 -19.54 -15.92
C GLU B 169 -39.18 -19.44 -16.23
N ILE B 170 -40.00 -20.05 -15.39
CA ILE B 170 -41.45 -20.03 -15.55
C ILE B 170 -42.07 -19.50 -14.28
N PRO B 171 -42.55 -18.26 -14.28
CA PRO B 171 -43.26 -17.74 -13.11
C PRO B 171 -44.44 -18.62 -12.70
N MET B 172 -44.71 -18.61 -11.39
CA MET B 172 -45.76 -19.41 -10.80
C MET B 172 -47.09 -19.29 -11.53
N ASP B 173 -47.51 -18.05 -11.81
CA ASP B 173 -48.83 -17.84 -12.38
C ASP B 173 -48.92 -18.38 -13.79
N ILE B 174 -47.78 -18.44 -14.50
CA ILE B 174 -47.77 -19.08 -15.82
C ILE B 174 -48.00 -20.57 -15.67
N GLN B 175 -47.38 -21.19 -14.66
CA GLN B 175 -47.52 -22.63 -14.45
C GLN B 175 -48.96 -23.02 -14.13
N SER B 176 -49.64 -22.21 -13.31
CA SER B 176 -50.99 -22.56 -12.87
C SER B 176 -52.08 -22.06 -13.81
N GLY B 177 -51.73 -21.32 -14.85
CA GLY B 177 -52.72 -20.86 -15.81
C GLY B 177 -53.22 -22.01 -16.66
N ARG B 178 -54.35 -21.77 -17.33
CA ARG B 178 -55.01 -22.79 -18.14
C ARG B 178 -55.23 -22.27 -19.54
N ILE B 179 -54.91 -23.09 -20.55
CA ILE B 179 -55.03 -22.69 -21.94
C ILE B 179 -55.60 -23.86 -22.73
N ASP B 180 -56.16 -23.53 -23.89
CA ASP B 180 -56.54 -24.54 -24.88
C ASP B 180 -55.25 -25.14 -25.43
N PRO B 181 -55.02 -26.45 -25.28
CA PRO B 181 -53.76 -27.03 -25.76
C PRO B 181 -53.52 -26.76 -27.24
N ALA B 182 -54.56 -26.50 -28.02
CA ALA B 182 -54.37 -26.21 -29.43
C ALA B 182 -53.64 -24.90 -29.65
N THR B 183 -53.64 -23.99 -28.68
CA THR B 183 -52.95 -22.71 -28.81
C THR B 183 -51.49 -22.79 -28.43
N LEU B 184 -51.03 -23.94 -27.95
CA LEU B 184 -49.62 -24.12 -27.63
C LEU B 184 -48.74 -23.96 -28.86
N GLU B 185 -47.72 -23.14 -28.75
CA GLU B 185 -46.73 -22.99 -29.83
C GLU B 185 -45.60 -23.99 -29.63
N HIS B 186 -44.95 -24.36 -30.74
CA HIS B 186 -43.86 -25.33 -30.72
C HIS B 186 -42.67 -24.81 -31.49
N TYR B 187 -41.48 -25.19 -31.02
CA TYR B 187 -40.22 -24.73 -31.59
C TYR B 187 -39.75 -25.69 -32.67
N VAL B 188 -39.33 -25.14 -33.80
CA VAL B 188 -38.79 -25.93 -34.91
C VAL B 188 -37.31 -25.60 -35.03
N ALA B 189 -36.47 -26.60 -34.82
CA ALA B 189 -35.03 -26.38 -34.83
C ALA B 189 -34.58 -25.99 -36.23
N PRO B 190 -33.76 -24.95 -36.38
CA PRO B 190 -33.21 -24.63 -37.70
C PRO B 190 -32.41 -25.80 -38.24
N PRO B 191 -32.09 -25.80 -39.53
CA PRO B 191 -31.32 -26.92 -40.09
C PRO B 191 -29.94 -27.01 -39.46
N ALA B 192 -29.51 -28.24 -39.19
CA ALA B 192 -28.19 -28.46 -38.59
C ALA B 192 -27.10 -28.02 -39.55
N PRO B 193 -26.01 -27.45 -39.05
CA PRO B 193 -24.98 -26.91 -39.96
C PRO B 193 -24.24 -28.01 -40.71
N ASP B 194 -23.75 -27.65 -41.89
CA ASP B 194 -22.84 -28.51 -42.65
C ASP B 194 -21.43 -28.01 -42.36
N TYR B 195 -20.68 -28.78 -41.55
CA TYR B 195 -19.34 -28.38 -41.16
C TYR B 195 -18.33 -28.59 -42.28
N LEU B 196 -18.52 -29.61 -43.11
CA LEU B 196 -17.53 -29.97 -44.13
C LEU B 196 -17.72 -29.09 -45.36
N THR B 197 -17.39 -27.81 -45.17
CA THR B 197 -17.31 -26.87 -46.27
C THR B 197 -16.07 -27.15 -47.10
N PRO B 198 -15.98 -26.55 -48.30
CA PRO B 198 -14.73 -26.70 -49.07
C PRO B 198 -13.50 -26.32 -48.28
N ALA B 199 -13.55 -25.23 -47.52
CA ALA B 199 -12.40 -24.82 -46.73
C ALA B 199 -12.00 -25.89 -45.73
N VAL B 200 -12.96 -26.44 -44.99
CA VAL B 200 -12.66 -27.43 -43.97
C VAL B 200 -12.23 -28.75 -44.61
N ALA B 201 -12.90 -29.16 -45.69
CA ALA B 201 -12.45 -30.32 -46.45
C ALA B 201 -10.98 -30.18 -46.83
N ALA B 202 -10.56 -28.99 -47.27
CA ALA B 202 -9.16 -28.82 -47.63
C ALA B 202 -8.25 -28.91 -46.42
N GLN B 203 -8.74 -28.53 -45.24
CA GLN B 203 -7.95 -28.71 -44.03
C GLN B 203 -7.79 -30.19 -43.69
N VAL B 204 -8.83 -30.99 -43.93
CA VAL B 204 -8.72 -32.42 -43.69
C VAL B 204 -7.67 -33.03 -44.62
N ASP B 205 -7.64 -32.58 -45.89
CA ASP B 205 -6.60 -33.04 -46.80
C ASP B 205 -5.22 -32.68 -46.27
N SER B 206 -5.07 -31.48 -45.73
CA SER B 206 -3.79 -31.04 -45.19
C SER B 206 -3.38 -31.88 -43.99
N VAL B 207 -4.34 -32.20 -43.11
CA VAL B 207 -4.05 -33.06 -41.97
C VAL B 207 -3.58 -34.44 -42.45
N LEU B 208 -4.25 -35.01 -43.44
CA LEU B 208 -3.85 -36.34 -43.90
C LEU B 208 -2.44 -36.31 -44.50
N ALA B 209 -2.12 -35.26 -45.25
CA ALA B 209 -0.79 -35.17 -45.84
C ALA B 209 0.29 -35.10 -44.75
N ALA B 210 0.00 -34.37 -43.67
CA ALA B 210 0.95 -34.28 -42.56
C ALA B 210 1.07 -35.61 -41.83
N LEU B 211 -0.06 -36.29 -41.60
CA LEU B 211 0.01 -37.60 -40.96
C LEU B 211 0.78 -38.60 -41.81
N ALA B 212 0.65 -38.50 -43.14
CA ALA B 212 1.29 -39.47 -44.00
C ALA B 212 2.81 -39.34 -43.95
N LYS B 213 3.30 -38.09 -43.89
CA LYS B 213 4.72 -37.76 -43.90
C LYS B 213 5.34 -37.80 -42.52
N ALA B 214 4.56 -37.50 -41.48
CA ALA B 214 5.13 -37.36 -40.15
C ALA B 214 5.86 -38.63 -39.73
N GLU B 215 7.02 -38.46 -39.12
CA GLU B 215 7.73 -39.58 -38.53
C GLU B 215 7.37 -39.81 -37.07
N ARG B 216 6.94 -38.77 -36.37
CA ARG B 216 6.67 -38.85 -34.94
C ARG B 216 5.35 -38.17 -34.60
N PRO B 217 4.25 -38.63 -35.17
CA PRO B 217 2.95 -38.01 -34.90
C PRO B 217 2.38 -38.40 -33.56
N VAL B 218 1.56 -37.51 -33.00
CA VAL B 218 0.82 -37.78 -31.78
C VAL B 218 -0.59 -37.23 -31.94
N LEU B 219 -1.59 -38.09 -31.85
CA LEU B 219 -2.97 -37.62 -31.76
C LEU B 219 -3.30 -37.34 -30.31
N TRP B 220 -4.03 -36.26 -30.05
CA TRP B 220 -4.42 -35.88 -28.70
C TRP B 220 -5.94 -35.82 -28.70
N LEU B 221 -6.57 -36.78 -28.03
CA LEU B 221 -7.98 -37.07 -28.21
C LEU B 221 -8.75 -36.67 -26.95
N GLY B 222 -9.84 -35.91 -27.13
CA GLY B 222 -10.58 -35.36 -26.02
C GLY B 222 -12.07 -35.67 -26.06
N ASN B 223 -12.76 -35.23 -25.01
CA ASN B 223 -14.16 -35.57 -24.77
C ASN B 223 -15.11 -34.96 -25.80
N GLY B 224 -14.65 -33.98 -26.57
CA GLY B 224 -15.46 -33.52 -27.68
C GLY B 224 -15.81 -34.65 -28.64
N ILE B 225 -14.92 -35.64 -28.75
CA ILE B 225 -15.20 -36.80 -29.59
C ILE B 225 -16.39 -37.58 -29.05
N ARG B 226 -16.41 -37.83 -27.74
CA ARG B 226 -17.55 -38.55 -27.17
C ARG B 226 -18.83 -37.72 -27.26
N LEU B 227 -18.73 -36.43 -26.99
CA LEU B 227 -19.90 -35.56 -27.09
C LEU B 227 -20.47 -35.58 -28.50
N ALA B 228 -19.59 -35.75 -29.51
CA ALA B 228 -20.00 -35.83 -30.90
C ALA B 228 -20.52 -37.21 -31.30
N GLY B 229 -20.35 -38.22 -30.45
CA GLY B 229 -20.76 -39.56 -30.82
C GLY B 229 -19.76 -40.30 -31.68
N GLY B 230 -18.48 -39.94 -31.60
CA GLY B 230 -17.46 -40.50 -32.46
C GLY B 230 -16.45 -41.43 -31.82
N GLU B 231 -16.66 -41.86 -30.58
CA GLU B 231 -15.60 -42.61 -29.91
C GLU B 231 -15.37 -43.98 -30.55
N ARG B 232 -16.38 -44.57 -31.19
CA ARG B 232 -16.17 -45.89 -31.79
C ARG B 232 -15.32 -45.85 -33.05
N LEU B 233 -15.04 -44.66 -33.57
CA LEU B 233 -14.18 -44.51 -34.73
C LEU B 233 -12.70 -44.46 -34.38
N LEU B 234 -12.35 -44.38 -33.10
CA LEU B 234 -10.96 -44.06 -32.76
C LEU B 234 -10.05 -45.26 -32.98
N LYS B 235 -10.48 -46.44 -32.56
CA LYS B 235 -9.66 -47.64 -32.76
C LYS B 235 -9.30 -47.83 -34.23
N PRO B 236 -10.25 -47.80 -35.17
CA PRO B 236 -9.84 -47.96 -36.58
C PRO B 236 -9.01 -46.80 -37.10
N LEU B 237 -9.30 -45.56 -36.69
CA LEU B 237 -8.46 -44.44 -37.08
C LEU B 237 -7.01 -44.67 -36.64
N LEU B 238 -6.80 -45.00 -35.37
CA LEU B 238 -5.41 -45.11 -34.89
C LEU B 238 -4.69 -46.28 -35.56
N GLU B 239 -5.37 -47.39 -35.76
CA GLU B 239 -4.72 -48.56 -36.35
C GLU B 239 -4.46 -48.34 -37.83
N LYS B 240 -5.33 -47.59 -38.51
CA LYS B 240 -5.08 -47.29 -39.92
C LYS B 240 -3.92 -46.32 -40.08
N LEU B 241 -3.74 -45.40 -39.14
CA LEU B 241 -2.64 -44.45 -39.23
C LEU B 241 -1.33 -44.98 -38.66
N GLY B 242 -1.39 -45.95 -37.77
CA GLY B 242 -0.19 -46.35 -37.06
C GLY B 242 0.37 -45.27 -36.16
N SER B 243 -0.48 -44.35 -35.70
CA SER B 243 0.03 -43.22 -34.93
C SER B 243 -0.24 -43.39 -33.44
N PRO B 244 0.75 -43.07 -32.59
CA PRO B 244 0.47 -42.98 -31.16
C PRO B 244 -0.58 -41.93 -30.85
N ALA B 245 -1.25 -42.12 -29.72
CA ALA B 245 -2.25 -41.19 -29.24
C ALA B 245 -2.14 -41.00 -27.74
N LEU B 246 -2.41 -39.77 -27.30
CA LEU B 246 -2.67 -39.41 -25.92
C LEU B 246 -4.15 -39.08 -25.77
N VAL B 247 -4.66 -39.23 -24.56
CA VAL B 247 -6.04 -38.86 -24.25
C VAL B 247 -6.02 -37.77 -23.18
N SER B 248 -6.88 -36.77 -23.36
CA SER B 248 -7.13 -35.81 -22.31
C SER B 248 -7.67 -36.49 -21.07
N TRP B 249 -7.65 -35.78 -19.94
CA TRP B 249 -8.21 -36.37 -18.73
C TRP B 249 -9.70 -36.68 -18.91
N ALA B 250 -10.46 -35.75 -19.50
CA ALA B 250 -11.87 -36.01 -19.74
C ALA B 250 -12.09 -37.12 -20.77
N GLY B 251 -11.15 -37.36 -21.66
CA GLY B 251 -11.30 -38.38 -22.68
C GLY B 251 -10.72 -39.73 -22.36
N ILE B 252 -10.30 -39.96 -21.10
CA ILE B 252 -9.56 -41.18 -20.78
C ILE B 252 -10.34 -42.43 -21.16
N ASP B 253 -11.66 -42.43 -20.94
CA ASP B 253 -12.43 -43.66 -21.12
C ASP B 253 -12.87 -43.92 -22.57
N MET B 254 -12.36 -43.15 -23.54
CA MET B 254 -12.80 -43.33 -24.92
C MET B 254 -12.08 -44.47 -25.62
N LEU B 255 -10.92 -44.88 -25.10
CA LEU B 255 -10.04 -45.85 -25.73
C LEU B 255 -9.42 -46.70 -24.63
N ASP B 256 -9.34 -48.00 -24.86
CA ASP B 256 -8.66 -48.88 -23.91
C ASP B 256 -7.27 -48.33 -23.57
N SER B 257 -7.05 -48.06 -22.28
CA SER B 257 -5.76 -47.53 -21.83
C SER B 257 -4.60 -48.46 -22.17
N SER B 258 -4.89 -49.73 -22.45
CA SER B 258 -3.87 -50.71 -22.79
C SER B 258 -3.81 -50.99 -24.28
N HIS B 259 -4.58 -50.26 -25.08
CA HIS B 259 -4.43 -50.38 -26.52
C HIS B 259 -2.98 -50.08 -26.92
N PRO B 260 -2.41 -50.83 -27.85
CA PRO B 260 -0.96 -50.69 -28.13
C PRO B 260 -0.54 -49.32 -28.65
N LEU B 261 -1.47 -48.48 -29.12
CA LEU B 261 -1.12 -47.16 -29.62
C LEU B 261 -1.55 -46.02 -28.70
N VAL B 262 -2.06 -46.33 -27.51
CA VAL B 262 -2.50 -45.32 -26.55
C VAL B 262 -1.44 -45.21 -25.46
N PHE B 263 -0.91 -43.99 -25.26
CA PHE B 263 0.26 -43.78 -24.41
C PHE B 263 0.00 -42.80 -23.28
N GLY B 264 -1.25 -42.66 -22.87
CA GLY B 264 -1.51 -41.96 -21.64
C GLY B 264 -1.93 -40.51 -21.77
N ARG B 265 -1.57 -39.72 -20.75
CA ARG B 265 -2.14 -38.40 -20.53
C ARG B 265 -1.01 -37.44 -20.18
N ALA B 266 -0.87 -36.38 -20.96
CA ALA B 266 0.17 -35.38 -20.79
C ALA B 266 -0.41 -34.10 -20.20
N GLY B 267 0.45 -33.29 -19.62
CA GLY B 267 0.05 -32.01 -19.08
C GLY B 267 0.84 -31.65 -17.84
N VAL B 268 0.31 -30.70 -17.07
CA VAL B 268 1.02 -30.21 -15.90
C VAL B 268 0.97 -31.23 -14.76
N TYR B 269 -0.03 -32.10 -14.75
CA TYR B 269 -0.01 -33.34 -13.98
C TYR B 269 0.09 -34.52 -14.94
N GLY B 270 0.94 -34.37 -15.94
CA GLY B 270 1.09 -35.41 -16.94
C GLY B 270 1.77 -36.63 -16.37
N GLN B 271 1.71 -37.71 -17.14
CA GLN B 271 2.58 -38.85 -16.91
C GLN B 271 3.91 -38.55 -17.59
N ARG B 272 5.01 -38.97 -16.96
CA ARG B 272 6.32 -38.60 -17.49
C ARG B 272 6.49 -39.09 -18.93
N ALA B 273 6.11 -40.35 -19.18
CA ALA B 273 6.26 -40.90 -20.53
C ALA B 273 5.42 -40.13 -21.53
N ALA B 274 4.17 -39.82 -21.16
CA ALA B 274 3.30 -39.07 -22.05
C ALA B 274 3.87 -37.69 -22.37
N ASN B 275 4.41 -36.99 -21.38
CA ASN B 275 4.95 -35.65 -21.66
C ASN B 275 6.16 -35.74 -22.59
N PHE B 276 6.98 -36.78 -22.45
CA PHE B 276 8.12 -36.97 -23.35
C PHE B 276 7.65 -37.26 -24.76
N ILE B 277 6.61 -38.07 -24.90
CA ILE B 277 6.03 -38.38 -26.20
C ILE B 277 5.50 -37.11 -26.87
N LEU B 278 4.72 -36.33 -26.13
CA LEU B 278 4.22 -35.07 -26.66
C LEU B 278 5.37 -34.15 -27.04
N GLN B 279 6.33 -33.96 -26.14
CA GLN B 279 7.33 -32.92 -26.35
C GLN B 279 8.38 -33.29 -27.39
N ASN B 280 8.42 -34.53 -27.85
CA ASN B 280 9.37 -34.95 -28.88
C ASN B 280 8.72 -35.26 -30.21
N SER B 281 7.41 -35.05 -30.34
CA SER B 281 6.70 -35.29 -31.57
C SER B 281 7.15 -34.32 -32.67
N ASP B 282 6.87 -34.68 -33.92
CA ASP B 282 7.01 -33.74 -35.02
C ASP B 282 5.67 -33.30 -35.59
N TYR B 283 4.56 -33.84 -35.10
CA TYR B 283 3.24 -33.43 -35.53
C TYR B 283 2.21 -33.83 -34.48
N VAL B 284 1.41 -32.87 -34.03
CA VAL B 284 0.37 -33.10 -33.05
C VAL B 284 -0.97 -32.76 -33.68
N LEU B 285 -1.90 -33.70 -33.63
CA LEU B 285 -3.27 -33.48 -34.08
C LEU B 285 -4.20 -33.62 -32.88
N ALA B 286 -4.72 -32.49 -32.39
CA ALA B 286 -5.68 -32.49 -31.29
C ALA B 286 -7.09 -32.54 -31.85
N ILE B 287 -7.88 -33.49 -31.37
CA ILE B 287 -9.25 -33.65 -31.82
C ILE B 287 -10.16 -33.66 -30.61
N GLY B 288 -11.02 -32.65 -30.51
CA GLY B 288 -12.00 -32.64 -29.45
C GLY B 288 -11.45 -32.39 -28.07
N THR B 289 -10.23 -31.88 -27.98
CA THR B 289 -9.69 -31.50 -26.69
C THR B 289 -9.45 -30.00 -26.68
N ARG B 290 -9.68 -29.41 -25.51
CA ARG B 290 -9.62 -27.98 -25.34
C ARG B 290 -8.20 -27.44 -25.29
N LEU B 291 -7.20 -28.29 -25.09
CA LEU B 291 -5.84 -27.84 -24.86
C LEU B 291 -5.84 -26.73 -23.80
N ALA B 292 -6.50 -27.04 -22.68
CA ALA B 292 -6.57 -26.13 -21.54
C ALA B 292 -5.17 -25.95 -20.94
N ILE B 293 -5.04 -24.91 -20.09
CA ILE B 293 -3.75 -24.64 -19.48
C ILE B 293 -3.15 -25.86 -18.79
N PRO B 294 -3.92 -26.65 -18.03
CA PRO B 294 -3.31 -27.82 -17.36
C PRO B 294 -2.85 -28.91 -18.32
N GLN B 295 -3.24 -28.84 -19.59
CA GLN B 295 -2.73 -29.80 -20.56
C GLN B 295 -1.46 -29.33 -21.26
N ILE B 296 -1.35 -28.04 -21.54
CA ILE B 296 -0.26 -27.52 -22.37
C ILE B 296 0.73 -26.68 -21.59
N GLY B 297 0.48 -26.39 -20.33
CA GLY B 297 1.40 -25.57 -19.57
C GLY B 297 1.21 -24.09 -19.83
N TYR B 298 2.27 -23.33 -19.55
CA TYR B 298 2.17 -21.89 -19.44
C TYR B 298 2.85 -21.12 -20.56
N ASP B 299 3.42 -21.80 -21.55
CA ASP B 299 4.11 -21.10 -22.64
C ASP B 299 3.97 -21.89 -23.93
N LEU B 300 3.23 -21.34 -24.89
CA LEU B 300 2.99 -22.07 -26.14
C LEU B 300 4.29 -22.29 -26.92
N ASN B 301 5.25 -21.37 -26.78
CA ASN B 301 6.51 -21.52 -27.48
C ASN B 301 7.37 -22.65 -26.92
N GLU B 302 7.03 -23.18 -25.75
CA GLU B 302 7.74 -24.33 -25.21
C GLU B 302 7.04 -25.65 -25.51
N LEU B 303 5.87 -25.59 -26.13
CA LEU B 303 5.04 -26.76 -26.38
C LEU B 303 5.46 -27.44 -27.68
N ALA B 304 5.79 -28.74 -27.59
CA ALA B 304 6.12 -29.61 -28.72
C ALA B 304 6.96 -28.85 -29.74
N ARG B 305 8.18 -28.49 -29.34
CA ARG B 305 8.93 -27.49 -30.07
C ARG B 305 9.39 -27.95 -31.44
N LEU B 306 9.39 -29.26 -31.71
CA LEU B 306 9.75 -29.75 -33.03
C LEU B 306 8.54 -30.00 -33.93
N ALA B 307 7.35 -29.58 -33.51
CA ALA B 307 6.13 -30.06 -34.13
C ALA B 307 5.27 -28.95 -34.71
N ARG B 308 4.62 -29.26 -35.82
CA ARG B 308 3.39 -28.59 -36.22
C ARG B 308 2.24 -29.11 -35.37
N ILE B 309 1.33 -28.22 -34.98
CA ILE B 309 0.18 -28.59 -34.17
C ILE B 309 -1.08 -28.13 -34.88
N ASP B 310 -2.00 -29.08 -35.13
CA ASP B 310 -3.33 -28.79 -35.66
C ASP B 310 -4.37 -29.08 -34.58
N VAL B 311 -5.50 -28.38 -34.65
CA VAL B 311 -6.54 -28.45 -33.61
C VAL B 311 -7.91 -28.54 -34.27
N VAL B 312 -8.73 -29.48 -33.80
CA VAL B 312 -10.10 -29.66 -34.26
C VAL B 312 -11.04 -29.39 -33.07
N ASP B 313 -11.95 -28.44 -33.24
CA ASP B 313 -12.89 -28.08 -32.18
C ASP B 313 -14.14 -27.50 -32.84
N ILE B 314 -15.32 -27.87 -32.30
CA ILE B 314 -16.57 -27.36 -32.85
C ILE B 314 -16.79 -25.90 -32.48
N ASP B 315 -16.09 -25.38 -31.47
CA ASP B 315 -16.23 -24.02 -31.00
C ASP B 315 -15.10 -23.19 -31.61
N GLY B 316 -15.47 -22.24 -32.49
CA GLY B 316 -14.46 -21.46 -33.19
C GLY B 316 -13.55 -20.68 -32.27
N ASP B 317 -14.08 -20.16 -31.17
CA ASP B 317 -13.25 -19.43 -30.22
C ASP B 317 -12.20 -20.34 -29.59
N GLU B 318 -12.58 -21.58 -29.28
CA GLU B 318 -11.62 -22.53 -28.72
C GLU B 318 -10.61 -22.96 -29.78
N ALA B 319 -11.05 -23.10 -31.04
CA ALA B 319 -10.19 -23.60 -32.10
C ALA B 319 -9.04 -22.65 -32.41
N ILE B 320 -9.22 -21.35 -32.19
CA ILE B 320 -8.22 -20.35 -32.56
C ILE B 320 -7.52 -19.73 -31.36
N LYS B 321 -7.85 -20.13 -30.14
CA LYS B 321 -7.27 -19.44 -28.99
C LYS B 321 -5.75 -19.60 -28.95
N HIS B 322 -5.21 -20.69 -29.51
CA HIS B 322 -3.76 -20.90 -29.57
C HIS B 322 -3.19 -20.58 -30.94
N ALA B 323 -3.85 -19.69 -31.70
CA ALA B 323 -3.49 -19.45 -33.10
C ALA B 323 -2.07 -18.94 -33.29
N LYS B 324 -1.47 -18.33 -32.27
CA LYS B 324 -0.08 -17.89 -32.41
C LYS B 324 0.86 -19.07 -32.58
N ARG B 325 0.42 -20.28 -32.22
CA ARG B 325 1.24 -21.48 -32.22
C ARG B 325 0.80 -22.52 -33.23
N THR B 326 -0.51 -22.65 -33.47
CA THR B 326 -1.06 -23.73 -34.26
C THR B 326 -1.06 -23.38 -35.74
N GLN B 327 -1.22 -24.42 -36.57
CA GLN B 327 -1.27 -24.25 -38.02
C GLN B 327 -2.72 -24.35 -38.50
N GLU B 328 -3.27 -25.56 -38.55
CA GLU B 328 -4.65 -25.72 -38.99
C GLU B 328 -5.58 -25.63 -37.79
N ASN B 329 -6.44 -24.62 -37.79
CA ASN B 329 -7.47 -24.44 -36.78
C ASN B 329 -8.78 -24.86 -37.45
N ILE B 330 -9.26 -26.05 -37.12
CA ILE B 330 -10.31 -26.70 -37.87
C ILE B 330 -11.59 -26.63 -37.05
N VAL B 331 -12.55 -25.84 -37.50
CA VAL B 331 -13.80 -25.64 -36.80
C VAL B 331 -14.78 -26.68 -37.34
N CYS B 332 -14.97 -27.77 -36.61
CA CYS B 332 -15.71 -28.90 -37.15
C CYS B 332 -16.16 -29.80 -36.02
N ASP B 333 -17.33 -30.41 -36.19
CA ASP B 333 -17.74 -31.48 -35.30
C ASP B 333 -16.73 -32.62 -35.37
N ALA B 334 -16.37 -33.16 -34.20
CA ALA B 334 -15.28 -34.14 -34.14
C ALA B 334 -15.63 -35.43 -34.88
N ARG B 335 -16.89 -35.87 -34.81
CA ARG B 335 -17.27 -37.09 -35.52
C ARG B 335 -17.22 -36.86 -37.02
N VAL B 336 -17.78 -35.73 -37.49
CA VAL B 336 -17.70 -35.38 -38.90
C VAL B 336 -16.25 -35.34 -39.37
N PHE B 337 -15.36 -34.76 -38.55
CA PHE B 337 -13.96 -34.67 -38.93
C PHE B 337 -13.33 -36.06 -39.06
N ILE B 338 -13.52 -36.92 -38.05
CA ILE B 338 -12.91 -38.26 -38.10
C ILE B 338 -13.45 -39.04 -39.28
N GLU B 339 -14.76 -38.97 -39.54
CA GLU B 339 -15.32 -39.66 -40.70
C GLU B 339 -14.71 -39.13 -42.00
N ALA B 340 -14.53 -37.81 -42.09
CA ALA B 340 -13.94 -37.21 -43.28
C ALA B 340 -12.50 -37.67 -43.46
N LEU B 341 -11.75 -37.78 -42.36
CA LEU B 341 -10.36 -38.24 -42.43
C LEU B 341 -10.29 -39.71 -42.80
N LEU B 342 -11.17 -40.54 -42.23
CA LEU B 342 -11.20 -41.94 -42.60
C LEU B 342 -11.56 -42.13 -44.06
N ALA B 343 -12.51 -41.34 -44.58
CA ALA B 343 -12.86 -41.45 -45.99
C ALA B 343 -11.69 -41.06 -46.88
N ARG B 344 -10.93 -40.03 -46.49
CA ARG B 344 -9.80 -39.60 -47.30
C ARG B 344 -8.68 -40.64 -47.28
N LEU B 345 -8.55 -41.38 -46.18
CA LEU B 345 -7.59 -42.48 -46.14
C LEU B 345 -7.92 -43.55 -47.18
N ASN B 346 -9.18 -43.65 -47.57
CA ASN B 346 -9.62 -44.63 -48.55
C ASN B 346 -9.83 -44.03 -49.93
N ALA B 347 -9.41 -42.79 -50.13
CA ALA B 347 -9.61 -42.13 -51.41
C ALA B 347 -8.73 -42.76 -52.48
N ALA B 348 -9.17 -42.63 -53.73
CA ALA B 348 -8.36 -43.11 -54.85
C ALA B 348 -6.99 -42.46 -54.86
N ASP B 349 -6.88 -41.20 -54.44
CA ASP B 349 -5.63 -40.47 -54.48
C ASP B 349 -5.02 -40.27 -53.10
N ALA B 350 -5.29 -41.20 -52.17
CA ALA B 350 -4.77 -41.05 -50.82
C ALA B 350 -3.25 -41.19 -50.82
N PRO B 351 -2.55 -40.42 -49.99
CA PRO B 351 -1.09 -40.57 -49.91
C PRO B 351 -0.70 -41.84 -49.18
N ALA B 352 0.41 -42.43 -49.59
CA ALA B 352 1.02 -43.51 -48.82
C ALA B 352 1.41 -42.99 -47.44
N ILE B 353 1.15 -43.80 -46.41
CA ILE B 353 1.46 -43.43 -45.03
C ILE B 353 2.84 -43.97 -44.69
N ALA B 354 3.80 -43.08 -44.45
CA ALA B 354 5.13 -43.52 -44.04
C ALA B 354 5.08 -44.24 -42.70
N SER B 355 5.93 -45.24 -42.54
CA SER B 355 5.93 -46.01 -41.31
C SER B 355 6.28 -45.13 -40.13
N LYS B 356 5.62 -45.36 -39.00
CA LYS B 356 5.99 -44.74 -37.74
C LYS B 356 6.52 -45.77 -36.74
N ALA B 357 7.03 -46.91 -37.23
CA ALA B 357 7.39 -48.00 -36.35
C ALA B 357 8.50 -47.60 -35.37
N ASP B 358 9.48 -46.84 -35.84
CA ASP B 358 10.57 -46.42 -34.96
C ASP B 358 10.05 -45.56 -33.82
N TRP B 359 9.12 -44.65 -34.12
CA TRP B 359 8.54 -43.79 -33.11
C TRP B 359 7.68 -44.57 -32.13
N VAL B 360 6.85 -45.49 -32.62
CA VAL B 360 6.05 -46.29 -31.69
C VAL B 360 6.97 -47.04 -30.73
N ALA B 361 8.09 -47.56 -31.24
CA ALA B 361 9.05 -48.25 -30.38
C ALA B 361 9.66 -47.29 -29.35
N LYS B 362 9.96 -46.06 -29.76
CA LYS B 362 10.48 -45.08 -28.81
C LYS B 362 9.43 -44.74 -27.75
N CYS B 363 8.16 -44.67 -28.16
CA CYS B 363 7.09 -44.42 -27.20
C CYS B 363 7.02 -45.53 -26.17
N ARG B 364 7.11 -46.79 -26.61
CA ARG B 364 7.12 -47.89 -25.66
C ARG B 364 8.34 -47.84 -24.76
N ALA B 365 9.49 -47.39 -25.30
CA ALA B 365 10.69 -47.30 -24.46
C ALA B 365 10.52 -46.24 -23.38
N TYR B 366 9.87 -45.12 -23.70
CA TYR B 366 9.60 -44.12 -22.68
C TYR B 366 8.74 -44.70 -21.55
N GLU B 367 7.73 -45.50 -21.90
CA GLU B 367 6.87 -46.07 -20.87
C GLU B 367 7.62 -47.08 -20.01
N GLU B 368 8.48 -47.89 -20.63
CA GLU B 368 9.35 -48.80 -19.88
C GLU B 368 10.26 -48.02 -18.94
N GLN B 369 10.80 -46.91 -19.42
CA GLN B 369 11.72 -46.10 -18.61
C GLN B 369 10.98 -45.37 -17.50
N PHE B 370 9.74 -44.96 -17.73
CA PHE B 370 9.01 -44.09 -16.81
C PHE B 370 7.62 -44.66 -16.55
N PRO B 371 7.52 -45.68 -15.71
CA PRO B 371 6.19 -46.23 -15.38
C PRO B 371 5.33 -45.20 -14.68
N TRP B 372 4.01 -45.37 -14.83
CA TRP B 372 3.07 -44.44 -14.25
C TRP B 372 3.18 -44.41 -12.72
N VAL B 373 3.37 -45.57 -12.12
CA VAL B 373 3.61 -45.69 -10.69
C VAL B 373 5.06 -46.12 -10.55
N GLY B 374 5.90 -45.21 -10.04
CA GLY B 374 7.32 -45.49 -9.98
C GLY B 374 7.92 -45.28 -8.61
N ALA B 375 9.26 -45.21 -8.56
CA ALA B 375 9.94 -45.12 -7.27
C ALA B 375 9.49 -43.89 -6.49
N GLU B 376 9.14 -42.81 -7.19
CA GLU B 376 8.68 -41.59 -6.52
C GLU B 376 7.39 -41.78 -5.75
N HIS B 377 6.66 -42.87 -5.98
CA HIS B 377 5.38 -43.10 -5.32
C HIS B 377 5.48 -44.09 -4.17
N ALA B 378 6.65 -44.19 -3.56
CA ALA B 378 6.82 -45.08 -2.42
C ALA B 378 5.87 -44.70 -1.29
N ASP B 379 5.49 -45.70 -0.51
CA ASP B 379 4.67 -45.49 0.68
C ASP B 379 5.41 -44.59 1.65
N PRO B 380 4.93 -43.36 1.89
CA PRO B 380 5.73 -42.44 2.73
C PRO B 380 5.56 -42.77 4.20
N GLU B 381 6.69 -43.01 4.88
CA GLU B 381 6.68 -43.44 6.27
C GLU B 381 5.70 -44.61 6.47
N GLY B 382 5.61 -45.48 5.47
CA GLY B 382 4.77 -46.65 5.54
C GLY B 382 3.31 -46.45 5.25
N PHE B 383 2.83 -45.22 5.12
CA PHE B 383 1.43 -45.01 4.76
C PHE B 383 1.18 -45.50 3.33
N ILE B 384 -0.05 -45.96 3.08
CA ILE B 384 -0.51 -46.24 1.73
C ILE B 384 -0.23 -45.02 0.85
N ASN B 385 0.53 -45.17 -0.22
CA ASN B 385 0.64 -44.11 -1.22
C ASN B 385 -0.58 -44.15 -2.12
N SER B 386 -1.21 -42.99 -2.34
CA SER B 386 -2.49 -42.96 -3.07
C SER B 386 -2.32 -43.45 -4.50
N TYR B 387 -1.16 -43.20 -5.12
CA TYR B 387 -0.95 -43.67 -6.48
C TYR B 387 -0.88 -45.20 -6.50
N ARG B 388 -0.21 -45.79 -5.52
CA ARG B 388 -0.14 -47.25 -5.43
C ARG B 388 -1.52 -47.82 -5.10
N PHE B 389 -2.28 -47.11 -4.26
CA PHE B 389 -3.64 -47.52 -3.99
C PHE B 389 -4.49 -47.54 -5.26
N MET B 390 -4.41 -46.48 -6.07
CA MET B 390 -5.18 -46.47 -7.32
C MET B 390 -4.85 -47.69 -8.18
N GLU B 391 -3.56 -48.02 -8.28
CA GLU B 391 -3.15 -49.17 -9.09
C GLU B 391 -3.78 -50.45 -8.57
N ARG B 392 -3.78 -50.64 -7.24
CA ARG B 392 -4.38 -51.81 -6.64
C ARG B 392 -5.90 -51.83 -6.85
N LEU B 393 -6.55 -50.71 -6.56
CA LEU B 393 -7.99 -50.60 -6.78
C LEU B 393 -8.37 -50.94 -8.22
N ASN B 394 -7.55 -50.50 -9.17
CA ASN B 394 -7.84 -50.66 -10.59
C ASN B 394 -8.18 -52.09 -10.93
N GLY B 395 -7.51 -53.04 -10.30
CA GLY B 395 -7.72 -54.44 -10.59
C GLY B 395 -9.02 -55.00 -10.09
N PHE B 396 -9.75 -54.25 -9.28
CA PHE B 396 -11.05 -54.69 -8.77
C PHE B 396 -12.22 -54.10 -9.56
N PHE B 397 -11.93 -53.37 -10.64
CA PHE B 397 -12.99 -52.79 -11.45
C PHE B 397 -13.89 -53.88 -12.02
N LYS B 398 -15.19 -53.63 -12.05
CA LYS B 398 -16.08 -54.52 -12.77
C LYS B 398 -16.00 -54.22 -14.26
N ASP B 399 -16.52 -55.17 -15.05
CA ASP B 399 -16.43 -55.03 -16.50
C ASP B 399 -17.16 -53.80 -17.01
N ASP B 400 -18.21 -53.36 -16.31
CA ASP B 400 -18.98 -52.19 -16.68
C ASP B 400 -18.77 -51.04 -15.70
N GLN B 401 -17.63 -51.04 -15.02
CA GLN B 401 -17.34 -50.06 -13.98
C GLN B 401 -17.53 -48.63 -14.47
N VAL B 402 -18.23 -47.83 -13.67
CA VAL B 402 -18.22 -46.38 -13.79
C VAL B 402 -17.53 -45.82 -12.56
N VAL B 403 -16.63 -44.87 -12.79
CA VAL B 403 -15.89 -44.20 -11.72
C VAL B 403 -16.10 -42.70 -11.89
N VAL B 404 -16.47 -42.04 -10.80
CA VAL B 404 -16.52 -40.57 -10.75
C VAL B 404 -15.57 -40.14 -9.64
N THR B 405 -15.05 -38.93 -9.74
CA THR B 405 -14.15 -38.42 -8.72
C THR B 405 -14.53 -36.99 -8.30
N ASP B 406 -14.21 -36.67 -7.05
CA ASP B 406 -14.16 -35.29 -6.57
C ASP B 406 -12.81 -34.72 -7.01
N MET B 407 -12.31 -33.70 -6.31
CA MET B 407 -11.02 -33.11 -6.64
C MET B 407 -9.90 -33.76 -5.83
N GLY B 408 -8.83 -33.02 -5.56
CA GLY B 408 -7.78 -33.48 -4.68
C GLY B 408 -7.18 -34.81 -5.08
N THR B 409 -6.84 -35.61 -4.07
CA THR B 409 -6.18 -36.90 -4.30
C THR B 409 -6.95 -37.74 -5.30
N ALA B 410 -8.27 -37.77 -5.18
CA ALA B 410 -9.08 -38.59 -6.06
C ALA B 410 -8.89 -38.19 -7.52
N LEU B 411 -8.99 -36.89 -7.78
CA LEU B 411 -8.76 -36.38 -9.14
C LEU B 411 -7.36 -36.72 -9.61
N LEU B 412 -6.34 -36.30 -8.85
CA LEU B 412 -4.98 -36.35 -9.35
C LEU B 412 -4.49 -37.80 -9.45
N SER B 413 -4.47 -38.52 -8.33
CA SER B 413 -3.99 -39.90 -8.40
C SER B 413 -4.85 -40.72 -9.37
N GLY B 414 -6.15 -40.46 -9.39
CA GLY B 414 -7.02 -41.22 -10.29
C GLY B 414 -6.64 -41.05 -11.74
N HIS B 415 -6.47 -39.80 -12.18
CA HIS B 415 -6.28 -39.56 -13.60
C HIS B 415 -4.84 -39.82 -14.05
N GLN B 416 -3.89 -39.84 -13.12
CA GLN B 416 -2.51 -40.16 -13.45
C GLN B 416 -2.22 -41.66 -13.42
N VAL B 417 -3.16 -42.49 -12.97
CA VAL B 417 -2.88 -43.91 -12.76
C VAL B 417 -3.91 -44.85 -13.37
N LEU B 418 -5.19 -44.51 -13.29
CA LEU B 418 -6.22 -45.51 -13.56
C LEU B 418 -6.31 -45.85 -15.05
N ARG B 419 -6.52 -47.14 -15.32
CA ARG B 419 -6.68 -47.65 -16.67
C ARG B 419 -8.11 -48.15 -16.89
N PHE B 420 -8.63 -47.93 -18.09
CA PHE B 420 -9.99 -48.27 -18.45
C PHE B 420 -10.02 -49.07 -19.74
N LYS B 421 -11.01 -49.93 -19.86
CA LYS B 421 -11.26 -50.69 -21.09
C LYS B 421 -12.69 -50.43 -21.52
N GLU B 422 -12.97 -50.82 -22.77
CA GLU B 422 -14.28 -50.59 -23.36
C GLU B 422 -15.38 -51.13 -22.45
N GLY B 423 -16.39 -50.32 -22.20
CA GLY B 423 -17.45 -50.65 -21.28
C GLY B 423 -17.36 -49.95 -19.94
N GLN B 424 -16.20 -49.41 -19.60
CA GLN B 424 -15.99 -48.66 -18.37
C GLN B 424 -15.94 -47.17 -18.67
N ARG B 425 -16.25 -46.36 -17.65
CA ARG B 425 -16.37 -44.92 -17.82
C ARG B 425 -15.73 -44.20 -16.64
N PHE B 426 -15.29 -42.96 -16.89
CA PHE B 426 -14.51 -42.15 -15.96
C PHE B 426 -15.00 -40.72 -16.13
N MET B 427 -15.49 -40.10 -15.05
CA MET B 427 -16.07 -38.77 -15.16
C MET B 427 -15.74 -37.92 -13.95
N THR B 428 -15.48 -36.64 -14.19
CA THR B 428 -15.38 -35.65 -13.12
C THR B 428 -15.64 -34.29 -13.74
N SER B 429 -15.51 -33.24 -12.93
CA SER B 429 -15.69 -31.86 -13.39
C SER B 429 -14.33 -31.19 -13.42
N THR B 430 -13.73 -31.10 -14.61
CA THR B 430 -12.41 -30.49 -14.70
C THR B 430 -12.43 -29.03 -15.15
N GLY B 431 -13.49 -28.59 -15.85
CA GLY B 431 -13.57 -27.22 -16.28
C GLY B 431 -13.63 -26.22 -15.15
N LEU B 432 -14.59 -26.41 -14.23
CA LEU B 432 -14.66 -25.59 -13.03
C LEU B 432 -13.83 -26.16 -11.89
N GLY B 433 -13.73 -27.49 -11.80
CA GLY B 433 -12.95 -28.13 -10.75
C GLY B 433 -13.47 -27.87 -9.35
N GLU B 434 -14.78 -27.95 -9.15
CA GLU B 434 -15.34 -27.65 -7.85
C GLU B 434 -15.26 -28.85 -6.91
N MET B 435 -14.83 -28.59 -5.67
CA MET B 435 -15.00 -29.56 -4.60
C MET B 435 -16.49 -29.84 -4.39
N GLY B 436 -16.81 -31.08 -4.05
CA GLY B 436 -18.18 -31.46 -3.81
C GLY B 436 -18.91 -32.02 -5.01
N TYR B 437 -18.20 -32.23 -6.13
CA TYR B 437 -18.81 -32.77 -7.33
C TYR B 437 -19.05 -34.27 -7.24
N GLY B 438 -18.21 -35.00 -6.50
CA GLY B 438 -18.18 -36.45 -6.63
C GLY B 438 -19.48 -37.12 -6.26
N LEU B 439 -20.06 -36.73 -5.13
CA LEU B 439 -21.28 -37.39 -4.68
C LEU B 439 -22.46 -37.09 -5.60
N PRO B 440 -22.76 -35.83 -5.93
CA PRO B 440 -23.81 -35.58 -6.94
C PRO B 440 -23.53 -36.26 -8.28
N ALA B 441 -22.25 -36.31 -8.68
CA ALA B 441 -21.90 -37.02 -9.91
C ALA B 441 -22.30 -38.48 -9.83
N ALA B 442 -22.08 -39.11 -8.67
CA ALA B 442 -22.49 -40.50 -8.50
C ALA B 442 -24.00 -40.63 -8.57
N LEU B 443 -24.74 -39.68 -7.99
CA LEU B 443 -26.19 -39.72 -8.09
C LEU B 443 -26.64 -39.73 -9.54
N GLY B 444 -26.03 -38.86 -10.35
CA GLY B 444 -26.46 -38.75 -11.74
C GLY B 444 -26.21 -40.02 -12.52
N VAL B 445 -25.04 -40.65 -12.32
CA VAL B 445 -24.75 -41.90 -13.01
C VAL B 445 -25.74 -42.98 -12.57
N SER B 446 -25.92 -43.11 -11.25
CA SER B 446 -26.75 -44.20 -10.76
C SER B 446 -28.16 -44.11 -11.32
N PHE B 447 -28.76 -42.92 -11.29
CA PHE B 447 -30.12 -42.81 -11.83
C PHE B 447 -30.15 -43.00 -13.33
N ALA B 448 -29.10 -42.57 -14.05
CA ALA B 448 -29.10 -42.78 -15.50
C ALA B 448 -29.10 -44.26 -15.85
N ASN B 449 -28.51 -45.10 -14.99
CA ASN B 449 -28.43 -46.53 -15.21
C ASN B 449 -29.46 -47.29 -14.37
N ASP B 450 -30.56 -46.64 -14.00
CA ASP B 450 -31.67 -47.28 -13.29
C ASP B 450 -31.20 -47.86 -11.94
N ARG B 451 -30.67 -46.94 -11.12
N ARG B 451 -30.67 -46.97 -11.10
CA ARG B 451 -30.06 -47.28 -9.82
CA ARG B 451 -30.09 -47.38 -9.82
C ARG B 451 -28.90 -48.25 -10.02
C ARG B 451 -28.86 -48.26 -10.03
N GLY B 452 -28.01 -47.89 -10.96
CA GLY B 452 -26.86 -48.70 -11.27
C GLY B 452 -25.65 -48.40 -10.40
N GLU B 453 -24.70 -49.32 -10.41
CA GLU B 453 -23.52 -49.19 -9.55
C GLU B 453 -22.59 -48.12 -10.06
N VAL B 454 -21.97 -47.40 -9.12
CA VAL B 454 -21.01 -46.35 -9.42
C VAL B 454 -19.94 -46.34 -8.33
N MET B 455 -18.69 -46.19 -8.72
CA MET B 455 -17.60 -45.99 -7.78
C MET B 455 -17.30 -44.49 -7.70
N CYS B 456 -17.26 -43.95 -6.50
CA CYS B 456 -17.03 -42.52 -6.28
C CYS B 456 -15.73 -42.37 -5.50
N LEU B 457 -14.73 -41.78 -6.13
CA LEU B 457 -13.44 -41.51 -5.49
C LEU B 457 -13.50 -40.09 -4.93
N ASN B 458 -13.45 -39.96 -3.61
CA ASN B 458 -13.73 -38.71 -2.94
C ASN B 458 -12.66 -38.44 -1.89
N CYS B 459 -12.83 -37.33 -1.17
CA CYS B 459 -11.80 -36.75 -0.33
C CYS B 459 -12.42 -36.18 0.93
N ASP B 460 -11.61 -36.11 2.00
CA ASP B 460 -12.17 -35.64 3.27
C ASP B 460 -12.62 -34.20 3.16
N GLY B 461 -11.92 -33.37 2.39
CA GLY B 461 -12.37 -32.00 2.22
C GLY B 461 -13.58 -31.90 1.31
N GLY B 462 -13.49 -32.49 0.12
CA GLY B 462 -14.59 -32.39 -0.84
C GLY B 462 -15.86 -33.07 -0.38
N MET B 463 -15.75 -34.09 0.47
CA MET B 463 -16.94 -34.74 1.00
C MET B 463 -17.84 -33.77 1.75
N MET B 464 -17.28 -32.68 2.30
CA MET B 464 -18.06 -31.80 3.14
C MET B 464 -19.00 -30.90 2.34
N MET B 465 -18.62 -30.52 1.11
N MET B 465 -18.61 -30.52 1.12
CA MET B 465 -19.40 -29.51 0.40
CA MET B 465 -19.37 -29.52 0.38
C MET B 465 -20.82 -29.97 0.10
C MET B 465 -20.80 -29.97 0.11
N ASN B 466 -21.00 -31.24 -0.23
CA ASN B 466 -22.31 -31.79 -0.53
C ASN B 466 -22.56 -33.02 0.34
N LEU B 467 -22.09 -32.96 1.58
CA LEU B 467 -22.27 -34.03 2.55
C LEU B 467 -23.71 -34.48 2.65
N GLN B 468 -24.66 -33.55 2.50
CA GLN B 468 -26.06 -33.87 2.72
C GLN B 468 -26.59 -34.91 1.74
N GLU B 469 -25.92 -35.11 0.60
CA GLU B 469 -26.42 -36.07 -0.37
C GLU B 469 -26.19 -37.51 0.07
N LEU B 470 -25.46 -37.77 1.15
CA LEU B 470 -25.47 -39.10 1.74
C LEU B 470 -26.89 -39.55 2.04
N GLN B 471 -27.75 -38.61 2.42
CA GLN B 471 -29.13 -38.97 2.72
C GLN B 471 -29.88 -39.38 1.45
N THR B 472 -29.68 -38.66 0.35
CA THR B 472 -30.28 -39.06 -0.92
C THR B 472 -29.84 -40.47 -1.31
N MET B 473 -28.53 -40.73 -1.18
CA MET B 473 -27.98 -42.03 -1.52
C MET B 473 -28.59 -43.14 -0.70
N VAL B 474 -28.78 -42.92 0.61
CA VAL B 474 -29.36 -43.95 1.47
C VAL B 474 -30.86 -44.06 1.22
N HIS B 475 -31.53 -42.93 1.03
CA HIS B 475 -32.98 -42.95 0.81
C HIS B 475 -33.34 -43.83 -0.38
N HIS B 476 -32.55 -43.77 -1.44
CA HIS B 476 -32.82 -44.54 -2.64
C HIS B 476 -32.00 -45.83 -2.71
N ASN B 477 -31.25 -46.15 -1.67
CA ASN B 477 -30.48 -47.38 -1.62
C ASN B 477 -29.59 -47.51 -2.86
N LEU B 478 -28.94 -46.43 -3.22
CA LEU B 478 -28.15 -46.46 -4.44
C LEU B 478 -26.85 -47.22 -4.21
N PRO B 479 -26.46 -48.10 -5.16
CA PRO B 479 -25.20 -48.85 -5.01
C PRO B 479 -23.97 -48.01 -5.35
N ILE B 480 -23.77 -46.96 -4.57
CA ILE B 480 -22.62 -46.08 -4.71
C ILE B 480 -21.52 -46.58 -3.77
N LYS B 481 -20.35 -46.84 -4.33
CA LYS B 481 -19.18 -47.31 -3.58
C LYS B 481 -18.29 -46.09 -3.39
N LEU B 482 -18.34 -45.53 -2.19
CA LEU B 482 -17.80 -44.20 -1.91
C LEU B 482 -16.48 -44.36 -1.16
N PHE B 483 -15.37 -44.17 -1.86
CA PHE B 483 -14.05 -44.14 -1.23
C PHE B 483 -13.74 -42.71 -0.81
N ILE B 484 -13.13 -42.56 0.37
CA ILE B 484 -12.79 -41.25 0.90
C ILE B 484 -11.33 -41.24 1.33
N PHE B 485 -10.51 -40.42 0.66
CA PHE B 485 -9.10 -40.30 1.01
C PHE B 485 -8.93 -39.31 2.16
N ASN B 486 -8.51 -39.82 3.31
CA ASN B 486 -8.27 -39.01 4.50
C ASN B 486 -6.80 -38.61 4.57
N ASN B 487 -6.55 -37.30 4.65
CA ASN B 487 -5.17 -36.82 4.72
C ASN B 487 -5.08 -35.53 5.53
N ASP B 488 -5.87 -35.44 6.59
CA ASP B 488 -5.86 -34.29 7.52
C ASP B 488 -6.02 -32.97 6.76
N GLY B 489 -7.03 -32.90 5.92
CA GLY B 489 -7.46 -31.64 5.35
C GLY B 489 -7.21 -31.48 3.88
N TYR B 490 -6.69 -30.31 3.49
CA TYR B 490 -6.60 -29.91 2.10
C TYR B 490 -5.18 -30.10 1.56
N LEU B 491 -4.88 -31.33 1.13
CA LEU B 491 -3.51 -31.66 0.75
C LEU B 491 -3.05 -30.87 -0.46
N MET B 492 -3.92 -30.68 -1.45
CA MET B 492 -3.48 -29.93 -2.62
C MET B 492 -3.03 -28.52 -2.22
N ILE B 493 -3.76 -27.89 -1.31
CA ILE B 493 -3.42 -26.52 -0.96
C ILE B 493 -2.24 -26.47 0.01
N LYS B 494 -2.06 -27.50 0.85
CA LYS B 494 -0.84 -27.59 1.65
C LYS B 494 0.39 -27.44 0.76
N HIS B 495 0.41 -28.16 -0.37
CA HIS B 495 1.54 -28.09 -1.28
C HIS B 495 1.66 -26.71 -1.91
N THR B 496 0.53 -26.13 -2.33
CA THR B 496 0.55 -24.79 -2.90
C THR B 496 1.18 -23.78 -1.94
N GLN B 497 0.67 -23.69 -0.71
CA GLN B 497 1.17 -22.65 0.17
C GLN B 497 2.60 -22.95 0.65
N LYS B 498 2.95 -24.23 0.79
CA LYS B 498 4.33 -24.58 1.14
C LYS B 498 5.30 -24.17 0.05
N SER B 499 4.94 -24.43 -1.22
CA SER B 499 5.79 -24.02 -2.34
C SER B 499 6.00 -22.51 -2.37
N LEU B 500 4.96 -21.74 -2.03
CA LEU B 500 5.04 -20.30 -2.15
C LEU B 500 5.72 -19.65 -0.94
N PHE B 501 5.47 -20.18 0.27
CA PHE B 501 5.84 -19.48 1.48
C PHE B 501 6.79 -20.24 2.39
N LYS B 502 6.92 -21.55 2.25
CA LYS B 502 7.83 -22.34 3.07
C LYS B 502 7.65 -22.01 4.55
N SER B 503 6.39 -21.96 4.97
CA SER B 503 6.04 -21.65 6.35
C SER B 503 4.97 -22.64 6.80
N ASP B 504 4.40 -22.37 7.99
CA ASP B 504 3.37 -23.24 8.54
C ASP B 504 2.10 -23.17 7.71
N TYR B 505 1.35 -24.27 7.74
CA TYR B 505 0.07 -24.33 7.04
C TYR B 505 -0.92 -23.31 7.62
N VAL B 506 -1.75 -22.77 6.74
CA VAL B 506 -2.79 -21.81 7.09
C VAL B 506 -4.06 -22.28 6.42
N GLY B 507 -5.08 -22.58 7.22
CA GLY B 507 -6.38 -22.89 6.67
C GLY B 507 -6.47 -24.16 5.85
N THR B 508 -5.60 -25.13 6.12
CA THR B 508 -5.54 -26.33 5.30
C THR B 508 -5.47 -27.62 6.10
N ASP B 509 -5.39 -27.56 7.43
CA ASP B 509 -5.35 -28.79 8.22
C ASP B 509 -5.88 -28.49 9.62
N ARG B 510 -5.99 -29.54 10.43
CA ARG B 510 -6.68 -29.41 11.71
C ARG B 510 -6.03 -28.33 12.57
N LYS B 511 -4.70 -28.34 12.66
CA LYS B 511 -4.01 -27.34 13.47
C LYS B 511 -4.16 -25.93 12.91
N SER B 512 -4.46 -25.79 11.62
CA SER B 512 -4.54 -24.47 11.01
C SER B 512 -5.97 -24.08 10.61
N GLY B 513 -6.98 -24.77 11.15
CA GLY B 513 -8.36 -24.27 11.09
C GLY B 513 -9.37 -25.14 10.37
N VAL B 514 -8.97 -26.24 9.72
CA VAL B 514 -9.86 -27.07 8.92
C VAL B 514 -9.76 -28.50 9.42
N SER B 515 -10.87 -29.05 9.89
CA SER B 515 -10.92 -30.45 10.27
C SER B 515 -12.12 -31.13 9.60
N CYS B 516 -12.04 -32.45 9.49
CA CYS B 516 -13.09 -33.25 8.91
C CYS B 516 -13.56 -34.32 9.87
N PRO B 517 -14.81 -34.75 9.79
CA PRO B 517 -15.31 -35.77 10.72
C PRO B 517 -14.79 -37.17 10.37
N ASP B 518 -15.08 -38.10 11.29
CA ASP B 518 -14.80 -39.53 11.11
C ASP B 518 -15.92 -40.07 10.23
N PHE B 519 -15.61 -40.32 8.95
CA PHE B 519 -16.67 -40.68 8.01
C PHE B 519 -17.23 -42.06 8.26
N SER B 520 -16.49 -42.94 8.93
CA SER B 520 -17.06 -44.23 9.30
C SER B 520 -18.11 -44.08 10.38
N ARG B 521 -17.92 -43.13 11.30
CA ARG B 521 -18.95 -42.87 12.30
C ARG B 521 -20.15 -42.17 11.68
N LEU B 522 -19.92 -41.26 10.73
CA LEU B 522 -21.04 -40.69 10.01
C LEU B 522 -21.78 -41.76 9.20
N ALA B 523 -21.02 -42.65 8.56
CA ALA B 523 -21.66 -43.72 7.79
C ALA B 523 -22.63 -44.50 8.67
N ALA B 524 -22.19 -44.86 9.88
CA ALA B 524 -23.08 -45.60 10.78
C ALA B 524 -24.32 -44.77 11.13
N ALA B 525 -24.16 -43.46 11.31
CA ALA B 525 -25.32 -42.62 11.63
C ALA B 525 -26.34 -42.61 10.50
N PHE B 526 -25.89 -42.73 9.25
CA PHE B 526 -26.77 -42.77 8.08
C PHE B 526 -27.20 -44.19 7.72
N ASP B 527 -26.78 -45.20 8.48
CA ASP B 527 -27.05 -46.61 8.22
C ASP B 527 -26.35 -47.14 6.97
N ILE B 528 -25.16 -46.63 6.69
CA ILE B 528 -24.35 -47.03 5.53
C ILE B 528 -23.23 -47.93 6.03
N PRO B 529 -23.05 -49.13 5.48
CA PRO B 529 -21.89 -49.95 5.90
C PRO B 529 -20.59 -49.25 5.55
N ALA B 530 -19.60 -49.38 6.45
CA ALA B 530 -18.36 -48.64 6.32
C ALA B 530 -17.17 -49.54 6.59
N TYR B 531 -16.08 -49.27 5.88
CA TYR B 531 -14.82 -49.95 6.09
C TYR B 531 -13.70 -48.92 6.18
N GLN B 532 -12.55 -49.35 6.69
N GLN B 532 -12.55 -49.36 6.67
CA GLN B 532 -11.36 -48.51 6.74
CA GLN B 532 -11.36 -48.51 6.74
C GLN B 532 -10.18 -49.30 6.20
C GLN B 532 -10.17 -49.29 6.22
N ILE B 533 -9.42 -48.68 5.31
CA ILE B 533 -8.17 -49.23 4.80
C ILE B 533 -7.09 -48.32 5.35
N ARG B 534 -6.42 -48.75 6.43
CA ARG B 534 -5.30 -48.02 7.01
C ARG B 534 -3.95 -48.55 6.55
N GLY B 535 -3.89 -49.78 6.07
CA GLY B 535 -2.65 -50.38 5.61
C GLY B 535 -2.95 -51.46 4.60
N TRP B 536 -1.87 -52.03 4.04
CA TRP B 536 -2.02 -52.99 2.96
C TRP B 536 -2.54 -54.34 3.43
N ASP B 537 -2.44 -54.60 4.74
CA ASP B 537 -2.90 -55.87 5.31
C ASP B 537 -4.32 -56.18 4.92
N GLU B 538 -5.23 -55.24 5.15
CA GLU B 538 -6.66 -55.48 4.94
C GLU B 538 -7.15 -55.04 3.55
N CYS B 539 -6.26 -54.62 2.67
CA CYS B 539 -6.70 -53.86 1.50
C CYS B 539 -7.49 -54.72 0.52
N ASP B 540 -6.88 -55.80 0.01
CA ASP B 540 -7.54 -56.61 -1.01
C ASP B 540 -8.86 -57.19 -0.53
N ALA B 541 -8.88 -57.74 0.69
CA ALA B 541 -10.11 -58.31 1.21
C ALA B 541 -11.18 -57.24 1.36
N THR B 542 -10.80 -56.03 1.77
CA THR B 542 -11.76 -54.95 1.91
C THR B 542 -12.29 -54.51 0.55
N LEU B 543 -11.41 -54.37 -0.44
CA LEU B 543 -11.85 -53.97 -1.78
C LEU B 543 -12.83 -54.99 -2.36
N ALA B 544 -12.56 -56.29 -2.17
CA ALA B 544 -13.45 -57.30 -2.71
C ALA B 544 -14.83 -57.23 -2.08
N LYS B 545 -14.88 -56.89 -0.79
CA LYS B 545 -16.15 -56.73 -0.08
C LYS B 545 -16.89 -55.48 -0.56
N VAL B 546 -16.18 -54.35 -0.65
CA VAL B 546 -16.81 -53.12 -1.14
C VAL B 546 -17.45 -53.38 -2.51
N GLN B 547 -16.71 -54.03 -3.41
CA GLN B 547 -17.24 -54.27 -4.75
C GLN B 547 -18.43 -55.23 -4.74
N ALA B 548 -18.49 -56.14 -3.76
CA ALA B 548 -19.59 -57.09 -3.68
C ALA B 548 -20.87 -56.48 -3.11
N HIS B 549 -20.76 -55.40 -2.34
CA HIS B 549 -21.96 -54.76 -1.82
C HIS B 549 -22.92 -54.42 -2.94
N THR B 550 -24.22 -54.55 -2.66
CA THR B 550 -25.28 -54.26 -3.60
C THR B 550 -25.95 -52.91 -3.32
N GLY B 551 -25.73 -52.35 -2.12
CA GLY B 551 -26.23 -51.04 -1.80
C GLY B 551 -25.09 -50.09 -1.52
N PRO B 552 -25.38 -48.96 -0.88
CA PRO B 552 -24.33 -47.98 -0.59
C PRO B 552 -23.32 -48.49 0.42
N VAL B 553 -22.09 -48.01 0.29
CA VAL B 553 -21.01 -48.40 1.19
C VAL B 553 -19.95 -47.31 1.14
N ILE B 554 -19.31 -47.09 2.30
CA ILE B 554 -18.24 -46.11 2.45
C ILE B 554 -16.97 -46.85 2.82
N CYS B 555 -15.86 -46.42 2.23
CA CYS B 555 -14.54 -46.97 2.53
C CYS B 555 -13.58 -45.82 2.69
N GLU B 556 -13.12 -45.58 3.91
CA GLU B 556 -12.09 -44.57 4.15
C GLU B 556 -10.72 -45.14 3.86
N VAL B 557 -9.87 -44.34 3.21
CA VAL B 557 -8.51 -44.73 2.88
C VAL B 557 -7.58 -43.72 3.53
N PHE B 558 -6.67 -44.19 4.38
CA PHE B 558 -5.80 -43.32 5.15
C PHE B 558 -4.44 -43.23 4.46
N MET B 559 -4.05 -42.00 4.12
CA MET B 559 -2.79 -41.72 3.45
C MET B 559 -2.00 -40.74 4.32
N HIS B 560 -0.76 -40.50 3.91
CA HIS B 560 0.09 -39.59 4.66
C HIS B 560 -0.42 -38.16 4.50
N PRO B 561 -0.51 -37.40 5.61
CA PRO B 561 -1.08 -36.04 5.52
C PRO B 561 -0.23 -35.06 4.73
N GLN B 562 0.97 -35.43 4.32
CA GLN B 562 1.82 -34.57 3.51
C GLN B 562 2.31 -35.28 2.25
N GLN B 563 1.63 -36.33 1.82
CA GLN B 563 2.08 -37.07 0.65
C GLN B 563 2.20 -36.13 -0.55
N LEU B 564 3.26 -36.32 -1.34
CA LEU B 564 3.42 -35.54 -2.55
C LEU B 564 2.43 -35.99 -3.63
N PHE B 565 1.96 -35.03 -4.41
CA PHE B 565 1.36 -35.30 -5.71
C PHE B 565 2.45 -35.12 -6.76
N SER B 566 2.76 -36.18 -7.48
CA SER B 566 3.77 -36.13 -8.53
C SER B 566 3.51 -37.29 -9.49
N PRO B 567 4.00 -37.21 -10.72
CA PRO B 567 4.76 -36.09 -11.31
C PRO B 567 3.93 -34.84 -11.48
N LYS B 568 4.56 -33.67 -11.40
CA LYS B 568 3.87 -32.40 -11.49
C LYS B 568 4.83 -31.36 -12.04
N LEU B 569 4.32 -30.49 -12.91
CA LEU B 569 5.13 -29.38 -13.42
C LEU B 569 5.16 -28.32 -12.33
N GLY B 570 6.28 -28.21 -11.62
CA GLY B 570 6.37 -27.24 -10.54
C GLY B 570 7.48 -26.24 -10.73
N VAL B 571 7.39 -25.11 -10.02
CA VAL B 571 8.47 -24.13 -10.00
C VAL B 571 9.68 -24.76 -9.31
N VAL B 572 10.87 -24.43 -9.80
CA VAL B 572 12.11 -24.98 -9.28
C VAL B 572 13.16 -23.88 -9.25
N SER B 573 14.12 -24.03 -8.35
CA SER B 573 15.20 -23.06 -8.21
C SER B 573 16.40 -23.43 -9.07
N ARG B 574 16.89 -22.46 -9.83
CA ARG B 574 18.19 -22.57 -10.46
C ARG B 574 19.28 -22.64 -9.40
N ALA B 575 20.44 -23.14 -9.78
CA ALA B 575 21.57 -23.19 -8.85
C ALA B 575 21.82 -21.83 -8.22
N ASP B 576 21.73 -20.76 -9.02
CA ASP B 576 21.86 -19.41 -8.48
C ASP B 576 20.88 -19.18 -7.34
N GLY B 577 19.60 -19.44 -7.58
CA GLY B 577 18.57 -19.14 -6.61
C GLY B 577 17.34 -18.58 -7.30
N THR B 578 17.51 -18.15 -8.54
CA THR B 578 16.38 -17.69 -9.34
C THR B 578 15.33 -18.80 -9.43
N LEU B 579 14.06 -18.41 -9.36
CA LEU B 579 12.97 -19.35 -9.56
C LEU B 579 12.69 -19.51 -11.05
N VAL B 580 12.44 -20.75 -11.46
CA VAL B 580 12.23 -21.08 -12.86
C VAL B 580 11.00 -21.97 -12.99
N SER B 581 10.14 -21.65 -13.95
CA SER B 581 9.06 -22.53 -14.36
C SER B 581 9.59 -23.37 -15.52
N PRO B 582 9.82 -24.66 -15.34
CA PRO B 582 10.53 -25.42 -16.38
C PRO B 582 9.60 -25.83 -17.50
N PRO B 583 10.16 -26.24 -18.63
CA PRO B 583 9.32 -26.68 -19.75
C PRO B 583 8.56 -27.95 -19.40
N LEU B 584 7.50 -28.18 -20.17
CA LEU B 584 6.53 -29.21 -19.86
C LEU B 584 7.16 -30.58 -19.67
N GLU B 585 8.23 -30.90 -20.39
CA GLU B 585 8.82 -32.22 -20.25
C GLU B 585 9.51 -32.43 -18.91
N ASP B 586 9.84 -31.36 -18.20
CA ASP B 586 10.73 -31.42 -17.04
C ASP B 586 9.89 -31.41 -15.76
N LEU B 587 9.21 -32.52 -15.53
CA LEU B 587 8.30 -32.67 -14.40
C LEU B 587 9.05 -32.96 -13.11
N SER B 588 8.47 -32.47 -11.98
CA SER B 588 9.05 -32.62 -10.65
C SER B 588 8.43 -33.80 -9.92
N PRO B 589 9.20 -34.50 -9.06
CA PRO B 589 10.66 -34.33 -8.81
C PRO B 589 11.52 -34.57 -10.04
N LEU B 590 12.50 -33.69 -10.24
CA LEU B 590 13.25 -33.65 -11.48
C LEU B 590 14.13 -34.90 -11.65
N ILE B 591 14.21 -35.38 -12.88
CA ILE B 591 15.10 -36.50 -13.20
C ILE B 591 16.50 -35.95 -13.36
N PRO B 592 17.54 -36.78 -13.26
CA PRO B 592 18.90 -36.27 -13.47
C PRO B 592 19.05 -35.68 -14.87
N ARG B 593 19.87 -34.63 -14.97
CA ARG B 593 19.98 -33.88 -16.22
C ARG B 593 20.54 -34.74 -17.35
N ASP B 594 21.42 -35.70 -17.04
CA ASP B 594 21.97 -36.54 -18.10
C ASP B 594 20.92 -37.51 -18.65
N VAL B 595 19.97 -37.93 -17.81
CA VAL B 595 18.86 -38.75 -18.31
C VAL B 595 17.93 -37.91 -19.18
N LEU B 596 17.64 -36.68 -18.76
CA LEU B 596 16.78 -35.80 -19.54
C LEU B 596 17.38 -35.51 -20.91
N GLU B 597 18.66 -35.16 -20.94
CA GLU B 597 19.36 -34.92 -22.20
C GLU B 597 19.12 -36.05 -23.19
N GLN B 598 19.27 -37.29 -22.71
CA GLN B 598 19.12 -38.44 -23.61
C GLN B 598 17.67 -38.68 -23.99
N ALA B 599 16.72 -38.19 -23.19
CA ALA B 599 15.31 -38.37 -23.50
C ALA B 599 14.76 -37.32 -24.46
N MET B 600 15.51 -36.27 -24.75
CA MET B 600 15.04 -35.16 -25.59
C MET B 600 15.80 -35.17 -26.91
N ILE B 601 15.07 -35.28 -28.02
CA ILE B 601 15.69 -35.45 -29.33
C ILE B 601 16.74 -34.38 -29.58
N GLY B 602 16.41 -33.12 -29.37
CA GLY B 602 17.43 -32.12 -29.58
C GLY B 602 18.27 -31.77 -28.36
N GLY B 603 18.31 -32.64 -27.36
CA GLY B 603 18.85 -32.26 -26.07
C GLY B 603 17.88 -31.37 -25.31
N MET B 604 18.24 -31.06 -24.07
CA MET B 604 17.27 -30.43 -23.19
C MET B 604 17.14 -28.93 -23.48
N HIS B 605 16.05 -28.36 -22.98
CA HIS B 605 15.79 -26.92 -23.10
C HIS B 605 16.80 -26.15 -22.27
N GLU B 606 17.11 -24.93 -22.71
CA GLU B 606 18.04 -24.09 -21.95
C GLU B 606 17.63 -23.97 -20.49
N LYS B 607 16.33 -23.82 -20.22
CA LYS B 607 15.90 -23.67 -18.83
C LYS B 607 16.27 -24.88 -17.99
N SER B 608 16.24 -26.07 -18.58
CA SER B 608 16.49 -27.28 -17.82
C SER B 608 17.96 -27.45 -17.46
N LYS B 609 18.87 -26.79 -18.17
CA LYS B 609 20.28 -27.10 -18.00
C LYS B 609 20.79 -26.72 -16.62
N THR B 610 20.23 -25.68 -16.01
CA THR B 610 20.76 -25.16 -14.76
C THR B 610 19.90 -25.47 -13.53
N LEU B 611 18.94 -26.38 -13.65
CA LEU B 611 18.07 -26.68 -12.52
C LEU B 611 18.69 -27.64 -11.52
N GLN C 3 -42.06 6.97 -34.45
CA GLN C 3 -41.93 7.24 -33.02
C GLN C 3 -41.61 5.97 -32.23
N ASP C 4 -40.44 5.95 -31.61
CA ASP C 4 -40.01 4.85 -30.75
C ASP C 4 -40.02 5.22 -29.28
N ASN C 5 -40.45 6.44 -28.95
CA ASN C 5 -40.48 6.97 -27.59
C ASN C 5 -39.11 7.12 -26.97
N LYS C 6 -38.05 7.12 -27.79
CA LYS C 6 -36.69 7.28 -27.32
C LYS C 6 -36.09 8.58 -27.84
N VAL C 7 -34.97 8.99 -27.24
CA VAL C 7 -34.24 10.18 -27.66
C VAL C 7 -32.77 9.84 -27.85
N LYS C 8 -32.15 10.53 -28.82
CA LYS C 8 -30.73 10.35 -29.10
C LYS C 8 -29.89 10.82 -27.92
N VAL C 9 -28.91 10.00 -27.53
CA VAL C 9 -28.08 10.33 -26.37
C VAL C 9 -27.40 11.69 -26.56
N ALA C 10 -26.85 11.94 -27.75
CA ALA C 10 -26.18 13.21 -27.97
C ALA C 10 -27.11 14.40 -27.72
N GLU C 11 -28.41 14.24 -28.00
CA GLU C 11 -29.35 15.35 -27.77
C GLU C 11 -29.60 15.54 -26.28
N LEU C 12 -29.62 14.44 -25.51
CA LEU C 12 -29.69 14.53 -24.06
C LEU C 12 -28.44 15.19 -23.48
N VAL C 13 -27.28 14.89 -24.05
CA VAL C 13 -26.05 15.53 -23.59
C VAL C 13 -26.12 17.03 -23.81
N ALA C 14 -26.60 17.45 -24.98
CA ALA C 14 -26.73 18.87 -25.25
C ALA C 14 -27.69 19.52 -24.29
N GLU C 15 -28.80 18.85 -23.96
CA GLU C 15 -29.72 19.34 -22.95
C GLU C 15 -29.03 19.47 -21.60
N ALA C 16 -28.25 18.45 -21.22
CA ALA C 16 -27.57 18.48 -19.93
C ALA C 16 -26.57 19.62 -19.85
N LEU C 17 -25.89 19.92 -20.96
CA LEU C 17 -24.96 21.06 -20.96
C LEU C 17 -25.70 22.37 -20.73
N GLU C 18 -26.88 22.53 -21.32
CA GLU C 18 -27.66 23.73 -21.05
C GLU C 18 -28.10 23.76 -19.59
N ASN C 19 -28.54 22.61 -19.06
CA ASN C 19 -28.95 22.54 -17.67
C ASN C 19 -27.79 22.80 -16.73
N LEU C 20 -26.56 22.48 -17.14
CA LEU C 20 -25.38 22.76 -16.32
C LEU C 20 -24.86 24.18 -16.51
N GLY C 21 -25.44 24.98 -17.40
CA GLY C 21 -24.97 26.33 -17.59
C GLY C 21 -23.72 26.49 -18.41
N ILE C 22 -23.38 25.51 -19.24
CA ILE C 22 -22.20 25.58 -20.09
C ILE C 22 -22.61 26.25 -21.40
N GLN C 23 -22.16 27.49 -21.57
CA GLN C 23 -22.55 28.33 -22.69
C GLN C 23 -21.52 28.34 -23.80
N HIS C 24 -20.32 27.81 -23.56
CA HIS C 24 -19.29 27.78 -24.57
C HIS C 24 -18.55 26.45 -24.51
N ALA C 25 -18.31 25.88 -25.69
CA ALA C 25 -17.41 24.76 -25.85
C ALA C 25 -16.36 25.13 -26.89
N PHE C 26 -15.11 24.72 -26.64
CA PHE C 26 -14.01 24.93 -27.57
C PHE C 26 -13.54 23.57 -28.07
N GLY C 27 -13.31 23.44 -29.37
CA GLY C 27 -12.79 22.18 -29.86
C GLY C 27 -12.65 22.10 -31.35
N ILE C 28 -12.48 20.87 -31.82
CA ILE C 28 -12.33 20.58 -33.24
C ILE C 28 -13.16 19.33 -33.54
N ILE C 29 -13.88 19.36 -34.63
CA ILE C 29 -14.78 18.27 -34.98
C ILE C 29 -13.99 17.10 -35.55
N GLY C 30 -14.59 15.92 -35.46
CA GLY C 30 -14.15 14.74 -36.17
C GLY C 30 -15.25 13.70 -36.09
N ALA C 31 -15.04 12.57 -36.77
CA ALA C 31 -16.02 11.50 -36.70
C ALA C 31 -16.35 11.13 -35.26
N GLY C 32 -15.35 11.22 -34.36
CA GLY C 32 -15.55 10.80 -32.98
C GLY C 32 -16.44 11.69 -32.16
N ASN C 33 -16.68 12.93 -32.61
CA ASN C 33 -17.60 13.79 -31.89
C ASN C 33 -18.60 14.50 -32.80
N VAL C 34 -18.74 14.07 -34.06
CA VAL C 34 -19.63 14.77 -34.97
C VAL C 34 -21.08 14.73 -34.48
N HIS C 35 -21.47 13.68 -33.76
CA HIS C 35 -22.84 13.63 -33.25
C HIS C 35 -23.06 14.68 -32.16
N LEU C 36 -22.06 14.89 -31.30
CA LEU C 36 -22.18 15.88 -30.25
C LEU C 36 -22.17 17.30 -30.84
N PHE C 37 -21.26 17.55 -31.80
CA PHE C 37 -21.25 18.84 -32.49
C PHE C 37 -22.63 19.16 -33.03
N GLU C 38 -23.25 18.18 -33.71
CA GLU C 38 -24.53 18.42 -34.32
C GLU C 38 -25.59 18.75 -33.28
N ALA C 39 -25.69 17.92 -32.23
CA ALA C 39 -26.73 18.10 -31.23
C ALA C 39 -26.55 19.42 -30.49
N ILE C 40 -25.31 19.79 -30.19
CA ILE C 40 -25.05 21.04 -29.49
C ILE C 40 -25.39 22.23 -30.38
N ALA C 41 -24.93 22.19 -31.63
CA ALA C 41 -25.23 23.29 -32.55
C ALA C 41 -26.73 23.45 -32.77
N ARG C 42 -27.45 22.33 -32.90
CA ARG C 42 -28.87 22.44 -33.24
C ARG C 42 -29.70 22.91 -32.07
N ARG C 43 -29.29 22.61 -30.83
CA ARG C 43 -30.03 23.12 -29.68
C ARG C 43 -29.88 24.64 -29.55
N GLY C 44 -28.69 25.16 -29.83
CA GLY C 44 -28.50 26.59 -29.91
C GLY C 44 -28.17 27.28 -28.60
N TYR C 45 -27.93 26.54 -27.53
CA TYR C 45 -27.63 27.14 -26.24
C TYR C 45 -26.13 27.35 -26.05
N THR C 46 -25.34 26.31 -26.30
CA THR C 46 -23.89 26.35 -26.13
C THR C 46 -23.24 26.76 -27.44
N GLU C 47 -22.46 27.83 -27.41
CA GLU C 47 -21.70 28.24 -28.59
C GLU C 47 -20.44 27.37 -28.71
N ILE C 48 -20.24 26.77 -29.89
CA ILE C 48 -19.04 26.01 -30.15
C ILE C 48 -18.04 26.91 -30.87
N VAL C 49 -16.86 27.07 -30.26
CA VAL C 49 -15.77 27.84 -30.87
C VAL C 49 -14.79 26.85 -31.47
N CYS C 50 -14.63 26.89 -32.79
CA CYS C 50 -13.70 25.99 -33.45
C CYS C 50 -12.31 26.59 -33.40
N VAL C 51 -11.35 25.83 -32.87
CA VAL C 51 -9.96 26.25 -32.80
C VAL C 51 -9.18 25.47 -33.86
N HIS C 52 -7.90 25.82 -34.03
CA HIS C 52 -7.07 25.17 -35.05
C HIS C 52 -6.05 24.20 -34.45
N HIS C 53 -6.02 24.04 -33.13
CA HIS C 53 -5.27 22.98 -32.46
C HIS C 53 -5.98 22.70 -31.14
N GLU C 54 -6.20 21.43 -30.85
CA GLU C 54 -6.97 21.06 -29.65
C GLU C 54 -6.31 21.61 -28.38
N GLN C 55 -4.98 21.75 -28.37
CA GLN C 55 -4.31 22.30 -27.21
C GLN C 55 -4.88 23.66 -26.83
N ALA C 56 -5.17 24.50 -27.84
CA ALA C 56 -5.74 25.81 -27.60
C ALA C 56 -7.12 25.71 -26.95
N ALA C 57 -7.89 24.69 -27.30
CA ALA C 57 -9.20 24.51 -26.66
C ALA C 57 -9.05 24.25 -25.17
N CYS C 58 -8.12 23.36 -24.79
CA CYS C 58 -7.95 22.96 -23.40
C CYS C 58 -7.23 24.02 -22.57
N MET C 59 -6.61 25.01 -23.22
CA MET C 59 -6.12 26.21 -22.55
C MET C 59 -7.20 27.29 -22.46
N ALA C 60 -7.97 27.49 -23.53
CA ALA C 60 -8.98 28.54 -23.52
C ALA C 60 -10.02 28.32 -22.42
N VAL C 61 -10.38 27.06 -22.15
CA VAL C 61 -11.42 26.83 -21.16
C VAL C 61 -10.97 27.29 -19.77
N GLN C 62 -9.66 27.39 -19.55
CA GLN C 62 -9.14 27.77 -18.25
C GLN C 62 -9.35 29.26 -17.96
N THR C 63 -8.85 30.11 -18.84
CA THR C 63 -9.01 31.55 -18.63
C THR C 63 -10.46 31.95 -18.79
N TYR C 64 -11.21 31.23 -19.61
CA TYR C 64 -12.65 31.42 -19.68
C TYR C 64 -13.27 31.32 -18.29
N TYR C 65 -12.96 30.23 -17.57
CA TYR C 65 -13.53 30.06 -16.23
C TYR C 65 -13.06 31.16 -15.29
N ARG C 66 -11.75 31.48 -15.32
CA ARG C 66 -11.20 32.47 -14.41
C ARG C 66 -11.81 33.86 -14.60
N THR C 67 -12.41 34.12 -15.76
CA THR C 67 -12.93 35.45 -16.03
C THR C 67 -14.17 35.74 -15.22
N ASN C 68 -15.22 34.92 -15.38
CA ASN C 68 -16.48 35.16 -14.70
C ASN C 68 -16.97 33.98 -13.87
N GLY C 69 -16.14 32.94 -13.73
CA GLY C 69 -16.52 31.81 -12.91
C GLY C 69 -17.51 30.85 -13.52
N ARG C 70 -17.66 30.86 -14.84
CA ARG C 70 -18.50 29.87 -15.51
C ARG C 70 -17.61 28.83 -16.19
N ILE C 71 -17.91 27.56 -15.93
CA ILE C 71 -17.10 26.49 -16.49
C ILE C 71 -17.39 26.34 -17.99
N ALA C 72 -16.38 25.94 -18.75
CA ALA C 72 -16.54 25.69 -20.16
C ALA C 72 -16.03 24.30 -20.48
N ALA C 73 -16.41 23.80 -21.64
CA ALA C 73 -16.09 22.44 -22.06
C ALA C 73 -15.13 22.47 -23.23
N ALA C 74 -14.20 21.52 -23.26
CA ALA C 74 -13.40 21.22 -24.43
C ALA C 74 -13.98 19.99 -25.12
N LEU C 75 -14.20 20.09 -26.43
CA LEU C 75 -14.89 19.05 -27.20
C LEU C 75 -13.89 18.47 -28.20
N LEU C 76 -13.42 17.26 -27.91
CA LEU C 76 -12.30 16.66 -28.64
C LEU C 76 -12.76 15.39 -29.33
N THR C 77 -12.07 15.04 -30.41
CA THR C 77 -12.41 13.83 -31.13
C THR C 77 -11.38 12.72 -30.88
N THR C 78 -11.62 11.58 -31.52
CA THR C 78 -10.80 10.39 -31.40
C THR C 78 -9.35 10.67 -31.76
N GLY C 79 -8.45 9.87 -31.17
CA GLY C 79 -7.06 9.88 -31.56
C GLY C 79 -6.30 11.16 -31.28
N ALA C 80 -5.74 11.76 -32.33
CA ALA C 80 -4.97 12.98 -32.18
C ALA C 80 -5.82 14.14 -31.67
N GLY C 81 -7.14 14.09 -31.89
CA GLY C 81 -7.99 15.09 -31.28
C GLY C 81 -7.84 15.12 -29.78
N SER C 82 -7.66 13.94 -29.17
CA SER C 82 -7.51 13.83 -27.73
C SER C 82 -6.07 13.99 -27.28
N THR C 83 -5.10 13.44 -28.02
CA THR C 83 -3.71 13.57 -27.57
C THR C 83 -3.26 15.02 -27.65
N ASN C 84 -3.78 15.78 -28.62
CA ASN C 84 -3.42 17.19 -28.75
C ASN C 84 -3.92 18.04 -27.59
N GLY C 85 -4.87 17.56 -26.79
CA GLY C 85 -5.36 18.35 -25.68
C GLY C 85 -4.56 18.25 -24.40
N VAL C 86 -3.62 17.32 -24.32
CA VAL C 86 -3.08 16.92 -23.01
C VAL C 86 -2.34 18.07 -22.35
N THR C 87 -1.58 18.87 -23.11
CA THR C 87 -0.83 19.96 -22.50
C THR C 87 -1.76 20.92 -21.78
N GLY C 88 -2.93 21.18 -22.37
CA GLY C 88 -3.91 22.04 -21.72
C GLY C 88 -4.49 21.43 -20.47
N VAL C 89 -4.72 20.11 -20.48
CA VAL C 89 -5.20 19.44 -19.27
C VAL C 89 -4.19 19.60 -18.14
N VAL C 90 -2.90 19.41 -18.45
CA VAL C 90 -1.90 19.46 -17.39
C VAL C 90 -1.78 20.86 -16.81
N SER C 91 -1.90 21.91 -17.64
CA SER C 91 -1.81 23.26 -17.08
C SER C 91 -3.02 23.57 -16.20
N ALA C 92 -4.21 23.08 -16.56
CA ALA C 92 -5.37 23.25 -15.69
C ALA C 92 -5.16 22.53 -14.36
N TRP C 93 -4.62 21.31 -14.41
CA TRP C 93 -4.33 20.55 -13.20
C TRP C 93 -3.32 21.26 -12.32
N ALA C 94 -2.25 21.78 -12.92
CA ALA C 94 -1.20 22.41 -12.14
C ALA C 94 -1.67 23.74 -11.53
N ASP C 95 -2.62 24.42 -12.16
CA ASP C 95 -3.08 25.72 -11.67
C ASP C 95 -4.45 25.65 -10.97
N SER C 96 -4.96 24.44 -10.71
CA SER C 96 -6.21 24.23 -9.96
C SER C 96 -7.40 24.92 -10.62
N ILE C 97 -7.49 24.85 -11.94
CA ILE C 97 -8.53 25.53 -12.70
C ILE C 97 -9.56 24.50 -13.15
N PRO C 98 -10.85 24.71 -12.87
CA PRO C 98 -11.85 23.73 -13.27
C PRO C 98 -12.18 23.85 -14.74
N CYS C 99 -12.37 22.70 -15.38
CA CYS C 99 -12.84 22.60 -16.75
C CYS C 99 -13.18 21.14 -16.99
N ILE C 100 -13.93 20.88 -18.05
CA ILE C 100 -14.29 19.52 -18.40
C ILE C 100 -13.98 19.28 -19.87
N VAL C 101 -13.29 18.17 -20.14
CA VAL C 101 -13.03 17.69 -21.49
C VAL C 101 -14.06 16.62 -21.81
N ILE C 102 -14.75 16.76 -22.93
CA ILE C 102 -15.64 15.74 -23.47
C ILE C 102 -14.97 15.21 -24.73
N ALA C 103 -14.50 13.97 -24.68
CA ALA C 103 -13.70 13.39 -25.76
C ALA C 103 -14.46 12.23 -26.40
N GLY C 104 -14.51 12.23 -27.73
CA GLY C 104 -15.06 11.09 -28.43
C GLY C 104 -14.06 9.95 -28.49
N ASN C 105 -14.57 8.80 -28.93
CA ASN C 105 -13.68 7.68 -29.24
C ASN C 105 -14.38 6.76 -30.22
N GLU C 106 -13.63 5.73 -30.65
CA GLU C 106 -14.15 4.65 -31.47
C GLU C 106 -15.34 3.96 -30.86
N ASN C 107 -15.98 3.07 -31.62
CA ASN C 107 -17.08 2.25 -31.11
C ASN C 107 -16.68 1.53 -29.83
N SER C 108 -17.62 1.47 -28.89
CA SER C 108 -17.31 0.92 -27.57
C SER C 108 -16.89 -0.54 -27.62
N LYS C 109 -17.21 -1.27 -28.68
CA LYS C 109 -16.76 -2.66 -28.74
C LYS C 109 -15.24 -2.76 -28.76
N PHE C 110 -14.55 -1.67 -29.10
CA PHE C 110 -13.09 -1.68 -29.12
C PHE C 110 -12.44 -1.09 -27.87
N THR C 111 -13.19 -0.35 -27.06
CA THR C 111 -12.58 0.56 -26.08
C THR C 111 -12.51 -0.14 -24.72
N PHE C 112 -11.53 -1.05 -24.60
CA PHE C 112 -11.27 -1.72 -23.33
C PHE C 112 -9.77 -1.94 -23.22
N PRO C 113 -9.19 -1.76 -22.03
CA PRO C 113 -7.72 -1.74 -21.93
C PRO C 113 -7.07 -3.07 -22.20
N GLU C 114 -7.80 -4.17 -22.12
CA GLU C 114 -7.21 -5.47 -22.38
C GLU C 114 -7.20 -5.81 -23.85
N ASN C 115 -7.74 -4.94 -24.72
CA ASN C 115 -7.61 -5.07 -26.15
C ASN C 115 -6.14 -5.29 -26.50
N PRO C 116 -5.78 -6.39 -27.15
CA PRO C 116 -4.36 -6.72 -27.33
C PRO C 116 -3.67 -5.99 -28.47
N LEU C 117 -4.39 -5.17 -29.24
CA LEU C 117 -3.80 -4.45 -30.36
C LEU C 117 -3.31 -3.08 -29.88
N ARG C 118 -2.35 -2.53 -30.62
CA ARG C 118 -1.71 -1.28 -30.20
C ARG C 118 -2.71 -0.13 -30.15
N MET C 119 -3.72 -0.17 -31.02
CA MET C 119 -4.71 0.88 -31.14
C MET C 119 -6.10 0.26 -31.15
N TRP C 120 -7.07 1.10 -30.82
CA TRP C 120 -8.47 0.71 -30.73
C TRP C 120 -9.21 1.10 -32.00
N GLY C 121 -9.93 0.14 -32.58
CA GLY C 121 -10.70 0.47 -33.76
C GLY C 121 -9.80 0.96 -34.86
N VAL C 122 -10.17 2.10 -35.46
CA VAL C 122 -9.40 2.65 -36.57
C VAL C 122 -8.22 3.47 -36.06
N GLN C 123 -8.47 4.34 -35.08
CA GLN C 123 -7.38 5.20 -34.59
C GLN C 123 -7.57 5.71 -33.17
N GLY C 124 -8.17 4.89 -32.32
CA GLY C 124 -8.42 5.27 -30.95
C GLY C 124 -7.42 4.69 -29.97
N TYR C 125 -7.46 5.21 -28.74
CA TYR C 125 -6.58 4.76 -27.68
C TYR C 125 -7.29 5.11 -26.37
N ASP C 126 -6.70 4.67 -25.26
CA ASP C 126 -7.31 4.88 -23.95
C ASP C 126 -7.01 6.32 -23.51
N SER C 127 -7.89 7.24 -23.90
CA SER C 127 -7.68 8.65 -23.58
C SER C 127 -7.79 8.92 -22.09
N CYS C 128 -8.51 8.08 -21.35
CA CYS C 128 -8.60 8.26 -19.91
C CYS C 128 -7.28 7.94 -19.23
N GLN C 129 -6.65 6.81 -19.60
CA GLN C 129 -5.41 6.42 -18.95
C GLN C 129 -4.35 7.49 -19.11
N MET C 130 -4.30 8.13 -20.28
CA MET C 130 -3.21 9.05 -20.56
C MET C 130 -3.23 10.29 -19.66
N VAL C 131 -4.40 10.69 -19.16
CA VAL C 131 -4.52 11.84 -18.28
C VAL C 131 -4.82 11.44 -16.84
N GLU C 132 -4.64 10.15 -16.51
CA GLU C 132 -5.02 9.62 -15.20
C GLU C 132 -4.33 10.31 -14.05
N ARG C 133 -3.10 10.76 -14.24
CA ARG C 133 -2.31 11.36 -13.17
C ARG C 133 -2.35 12.88 -13.21
N VAL C 134 -3.04 13.47 -14.18
CA VAL C 134 -3.03 14.91 -14.37
C VAL C 134 -4.45 15.43 -14.50
N SER C 135 -5.40 14.70 -13.92
CA SER C 135 -6.79 15.14 -13.90
C SER C 135 -7.46 14.58 -12.66
N LYS C 136 -8.57 15.21 -12.27
CA LYS C 136 -9.21 14.84 -11.01
C LYS C 136 -10.09 13.60 -11.16
N TYR C 137 -10.58 13.34 -12.36
CA TYR C 137 -11.54 12.28 -12.61
C TYR C 137 -11.52 11.98 -14.10
N GLN C 138 -11.55 10.70 -14.44
CA GLN C 138 -11.69 10.24 -15.82
C GLN C 138 -12.75 9.15 -15.84
N MET C 139 -13.64 9.18 -16.84
CA MET C 139 -14.56 8.08 -17.00
C MET C 139 -14.90 7.91 -18.48
N ARG C 140 -14.95 6.65 -18.91
CA ARG C 140 -15.45 6.26 -20.22
C ARG C 140 -16.89 5.81 -20.05
N VAL C 141 -17.81 6.47 -20.77
CA VAL C 141 -19.22 6.12 -20.72
C VAL C 141 -19.43 4.93 -21.64
N THR C 142 -19.77 3.77 -21.09
CA THR C 142 -20.08 2.60 -21.89
C THR C 142 -21.55 2.23 -21.84
N LYS C 143 -22.34 2.90 -21.00
CA LYS C 143 -23.78 2.68 -20.90
C LYS C 143 -24.47 4.00 -21.24
N MET C 144 -25.33 3.98 -22.28
CA MET C 144 -26.02 5.18 -22.71
C MET C 144 -26.73 5.86 -21.55
N GLU C 145 -27.34 5.08 -20.66
CA GLU C 145 -28.12 5.63 -19.58
C GLU C 145 -27.28 6.44 -18.59
N ARG C 146 -25.94 6.31 -18.63
CA ARG C 146 -25.07 6.98 -17.68
C ARG C 146 -24.33 8.18 -18.28
N ALA C 147 -24.67 8.57 -19.52
CA ALA C 147 -23.89 9.60 -20.21
C ALA C 147 -24.04 10.97 -19.54
N VAL C 148 -25.26 11.36 -19.18
CA VAL C 148 -25.44 12.66 -18.53
C VAL C 148 -24.97 12.61 -17.09
N TYR C 149 -25.14 11.46 -16.44
CA TYR C 149 -24.66 11.25 -15.08
C TYR C 149 -23.16 11.55 -14.97
N GLU C 150 -22.37 11.04 -15.91
CA GLU C 150 -20.93 11.24 -15.84
C GLU C 150 -20.54 12.67 -16.18
N LEU C 151 -21.29 13.33 -17.07
CA LEU C 151 -21.04 14.75 -17.32
C LEU C 151 -21.35 15.59 -16.08
N GLU C 152 -22.47 15.31 -15.42
CA GLU C 152 -22.80 16.03 -14.19
C GLU C 152 -21.73 15.78 -13.13
N LYS C 153 -21.30 14.53 -12.99
CA LYS C 153 -20.28 14.19 -12.01
C LYS C 153 -18.95 14.82 -12.37
N GLY C 154 -18.58 14.79 -13.65
CA GLY C 154 -17.36 15.43 -14.08
C GLY C 154 -17.33 16.93 -13.79
N VAL C 155 -18.47 17.60 -13.98
CA VAL C 155 -18.50 19.03 -13.69
C VAL C 155 -18.41 19.28 -12.20
N HIS C 156 -19.13 18.50 -11.40
CA HIS C 156 -19.05 18.67 -9.96
C HIS C 156 -17.63 18.42 -9.45
N LEU C 157 -17.00 17.33 -9.90
CA LEU C 157 -15.66 17.01 -9.39
C LEU C 157 -14.63 18.02 -9.87
N ALA C 158 -14.87 18.66 -11.02
CA ALA C 158 -13.97 19.72 -11.48
C ALA C 158 -13.99 20.90 -10.51
N LEU C 159 -15.19 21.25 -10.01
CA LEU C 159 -15.38 22.42 -9.17
C LEU C 159 -15.14 22.17 -7.69
N GLU C 160 -15.28 20.92 -7.23
CA GLU C 160 -15.18 20.58 -5.82
C GLU C 160 -13.76 20.71 -5.29
N GLY C 161 -13.65 20.97 -3.99
CA GLY C 161 -12.35 20.92 -3.33
C GLY C 161 -11.35 21.82 -4.00
N ARG C 162 -10.15 21.30 -4.22
CA ARG C 162 -9.16 21.97 -5.07
C ARG C 162 -9.59 21.74 -6.51
N PRO C 163 -10.01 22.76 -7.25
CA PRO C 163 -10.56 22.52 -8.59
C PRO C 163 -9.51 21.96 -9.53
N GLY C 164 -10.00 21.45 -10.65
CA GLY C 164 -9.13 20.90 -11.66
C GLY C 164 -9.91 20.33 -12.83
N PRO C 165 -9.20 19.81 -13.81
CA PRO C 165 -9.86 19.27 -15.00
C PRO C 165 -10.37 17.86 -14.78
N THR C 166 -11.46 17.55 -15.46
CA THR C 166 -12.00 16.20 -15.53
C THR C 166 -12.16 15.83 -17.00
N TRP C 167 -12.16 14.51 -17.25
CA TRP C 167 -12.06 13.96 -18.59
C TRP C 167 -13.13 12.89 -18.76
N ILE C 168 -14.16 13.18 -19.55
CA ILE C 168 -15.25 12.25 -19.84
C ILE C 168 -15.15 11.84 -21.30
N GLU C 169 -14.93 10.54 -21.53
CA GLU C 169 -14.87 9.98 -22.88
C GLU C 169 -16.19 9.32 -23.23
N ILE C 170 -16.74 9.67 -24.39
CA ILE C 170 -18.00 9.11 -24.87
C ILE C 170 -17.75 8.49 -26.24
N PRO C 171 -17.69 7.16 -26.32
CA PRO C 171 -17.56 6.50 -27.63
C PRO C 171 -18.69 6.87 -28.58
N MET C 172 -18.33 6.89 -29.87
CA MET C 172 -19.24 7.29 -30.93
C MET C 172 -20.60 6.61 -30.85
N ASP C 173 -20.59 5.29 -30.67
CA ASP C 173 -21.84 4.56 -30.72
C ASP C 173 -22.74 4.94 -29.54
N ILE C 174 -22.15 5.38 -28.43
CA ILE C 174 -22.95 5.86 -27.31
C ILE C 174 -23.63 7.17 -27.67
N GLN C 175 -22.90 8.05 -28.36
CA GLN C 175 -23.47 9.35 -28.75
C GLN C 175 -24.68 9.18 -29.66
N SER C 176 -24.62 8.22 -30.58
CA SER C 176 -25.64 8.06 -31.60
C SER C 176 -26.71 7.05 -31.21
N GLY C 177 -26.59 6.41 -30.05
CA GLY C 177 -27.65 5.56 -29.55
C GLY C 177 -28.87 6.34 -29.10
N ARG C 178 -29.96 5.61 -28.89
CA ARG C 178 -31.24 6.20 -28.50
C ARG C 178 -31.79 5.45 -27.29
N ILE C 179 -32.24 6.19 -26.27
CA ILE C 179 -32.80 5.59 -25.07
C ILE C 179 -34.11 6.30 -24.73
N ASP C 180 -34.94 5.61 -23.97
CA ASP C 180 -36.08 6.24 -23.33
C ASP C 180 -35.55 7.25 -22.32
N PRO C 181 -35.89 8.53 -22.44
CA PRO C 181 -35.28 9.52 -21.53
C PRO C 181 -35.59 9.27 -20.07
N ALA C 182 -36.64 8.53 -19.75
CA ALA C 182 -36.95 8.23 -18.36
C ALA C 182 -35.93 7.30 -17.72
N THR C 183 -35.06 6.68 -18.51
CA THR C 183 -34.03 5.80 -17.97
C THR C 183 -32.70 6.52 -17.75
N LEU C 184 -32.67 7.82 -18.01
CA LEU C 184 -31.43 8.60 -17.90
C LEU C 184 -31.13 8.83 -16.42
N GLU C 185 -29.96 8.40 -15.98
CA GLU C 185 -29.59 8.58 -14.58
C GLU C 185 -29.01 9.97 -14.37
N HIS C 186 -29.17 10.48 -13.15
CA HIS C 186 -28.64 11.79 -12.81
C HIS C 186 -27.77 11.67 -11.57
N TYR C 187 -26.76 12.53 -11.53
CA TYR C 187 -25.80 12.56 -10.43
C TYR C 187 -26.28 13.55 -9.39
N VAL C 188 -26.27 13.14 -8.13
CA VAL C 188 -26.62 14.00 -7.01
C VAL C 188 -25.34 14.24 -6.22
N ALA C 189 -24.92 15.50 -6.15
CA ALA C 189 -23.67 15.80 -5.46
C ALA C 189 -23.87 15.66 -3.96
N PRO C 190 -22.90 15.12 -3.24
CA PRO C 190 -22.98 15.11 -1.78
C PRO C 190 -22.91 16.53 -1.24
N PRO C 191 -23.30 16.76 0.00
CA PRO C 191 -23.09 18.08 0.59
C PRO C 191 -21.61 18.42 0.65
N ALA C 192 -21.31 19.71 0.57
CA ALA C 192 -19.95 20.18 0.79
C ALA C 192 -19.53 19.84 2.22
N PRO C 193 -18.23 19.72 2.47
CA PRO C 193 -17.78 19.39 3.83
C PRO C 193 -17.94 20.58 4.76
N ASP C 194 -17.96 20.28 6.06
CA ASP C 194 -17.95 21.29 7.12
C ASP C 194 -16.50 21.36 7.61
N TYR C 195 -15.78 22.39 7.17
CA TYR C 195 -14.38 22.50 7.53
C TYR C 195 -14.18 22.94 8.97
N LEU C 196 -15.11 23.73 9.50
CA LEU C 196 -14.92 24.37 10.80
C LEU C 196 -15.27 23.40 11.93
N THR C 197 -14.45 22.35 12.04
CA THR C 197 -14.51 21.44 13.17
C THR C 197 -13.94 22.12 14.40
N PRO C 198 -14.09 21.52 15.58
CA PRO C 198 -13.44 22.10 16.77
C PRO C 198 -11.92 22.18 16.64
N ALA C 199 -11.29 21.20 15.97
CA ALA C 199 -9.85 21.27 15.78
C ALA C 199 -9.46 22.46 14.90
N VAL C 200 -10.20 22.69 13.80
CA VAL C 200 -9.85 23.79 12.91
C VAL C 200 -10.22 25.13 13.54
N ALA C 201 -11.34 25.19 14.26
CA ALA C 201 -11.68 26.42 14.96
C ALA C 201 -10.58 26.82 15.93
N ALA C 202 -9.96 25.83 16.59
CA ALA C 202 -8.83 26.13 17.46
C ALA C 202 -7.65 26.65 16.67
N GLN C 203 -7.44 26.14 15.45
CA GLN C 203 -6.36 26.68 14.62
C GLN C 203 -6.67 28.12 14.24
N VAL C 204 -7.94 28.43 13.92
CA VAL C 204 -8.29 29.80 13.61
C VAL C 204 -8.03 30.71 14.81
N ASP C 205 -8.37 30.24 16.01
CA ASP C 205 -8.10 31.01 17.22
C ASP C 205 -6.60 31.26 17.38
N SER C 206 -5.79 30.23 17.14
CA SER C 206 -4.34 30.38 17.22
C SER C 206 -3.83 31.43 16.23
N VAL C 207 -4.33 31.39 14.99
CA VAL C 207 -3.92 32.37 14.00
C VAL C 207 -4.27 33.77 14.47
N LEU C 208 -5.50 33.98 14.93
CA LEU C 208 -5.92 35.29 15.39
C LEU C 208 -5.04 35.78 16.53
N ALA C 209 -4.72 34.89 17.48
CA ALA C 209 -3.86 35.30 18.59
C ALA C 209 -2.49 35.72 18.09
N ALA C 210 -1.97 35.05 17.06
CA ALA C 210 -0.67 35.43 16.54
C ALA C 210 -0.74 36.76 15.79
N LEU C 211 -1.86 37.02 15.10
CA LEU C 211 -2.01 38.28 14.41
C LEU C 211 -2.15 39.44 15.37
N ALA C 212 -2.84 39.22 16.50
CA ALA C 212 -3.01 40.29 17.47
C ALA C 212 -1.66 40.69 18.09
N LYS C 213 -0.81 39.71 18.37
CA LYS C 213 0.46 39.94 19.05
C LYS C 213 1.56 40.38 18.09
N ALA C 214 1.47 39.98 16.82
CA ALA C 214 2.58 40.18 15.90
C ALA C 214 2.85 41.67 15.68
N GLU C 215 4.13 42.04 15.68
CA GLU C 215 4.52 43.40 15.37
C GLU C 215 4.78 43.61 13.88
N ARG C 216 5.19 42.57 13.17
CA ARG C 216 5.57 42.68 11.77
C ARG C 216 4.91 41.58 10.95
N PRO C 217 3.57 41.51 10.96
CA PRO C 217 2.90 40.46 10.20
C PRO C 217 2.92 40.72 8.71
N VAL C 218 2.75 39.64 7.95
CA VAL C 218 2.61 39.67 6.51
C VAL C 218 1.61 38.59 6.14
N LEU C 219 0.50 38.98 5.52
CA LEU C 219 -0.39 38.03 4.87
C LEU C 219 0.12 37.80 3.46
N TRP C 220 0.17 36.54 3.05
CA TRP C 220 0.59 36.15 1.71
C TRP C 220 -0.61 35.53 1.03
N LEU C 221 -1.15 36.22 0.02
CA LEU C 221 -2.48 35.95 -0.51
C LEU C 221 -2.39 35.40 -1.92
N GLY C 222 -3.05 34.25 -2.15
CA GLY C 222 -2.97 33.55 -3.42
C GLY C 222 -4.31 33.29 -4.08
N ASN C 223 -4.23 32.72 -5.28
CA ASN C 223 -5.40 32.53 -6.14
C ASN C 223 -6.41 31.56 -5.56
N GLY C 224 -6.01 30.74 -4.58
CA GLY C 224 -6.98 29.91 -3.89
C GLY C 224 -8.12 30.72 -3.30
N ILE C 225 -7.85 31.99 -2.96
CA ILE C 225 -8.90 32.85 -2.42
C ILE C 225 -9.93 33.17 -3.49
N ARG C 226 -9.48 33.50 -4.70
CA ARG C 226 -10.41 33.79 -5.79
C ARG C 226 -11.16 32.53 -6.22
N LEU C 227 -10.47 31.38 -6.28
CA LEU C 227 -11.16 30.13 -6.59
C LEU C 227 -12.25 29.84 -5.57
N ALA C 228 -12.03 30.23 -4.31
CA ALA C 228 -13.02 30.04 -3.26
C ALA C 228 -14.13 31.07 -3.31
N GLY C 229 -14.00 32.12 -4.10
CA GLY C 229 -14.99 33.18 -4.09
C GLY C 229 -14.86 34.11 -2.92
N GLY C 230 -13.66 34.24 -2.37
CA GLY C 230 -13.44 35.03 -1.18
C GLY C 230 -12.73 36.35 -1.37
N GLU C 231 -12.46 36.77 -2.62
CA GLU C 231 -11.58 37.91 -2.82
C GLU C 231 -12.18 39.21 -2.32
N ARG C 232 -13.51 39.33 -2.31
CA ARG C 232 -14.15 40.54 -1.79
C ARG C 232 -14.00 40.69 -0.28
N LEU C 233 -13.58 39.65 0.44
CA LEU C 233 -13.39 39.74 1.88
C LEU C 233 -12.01 40.27 2.27
N LEU C 234 -11.12 40.48 1.29
CA LEU C 234 -9.74 40.78 1.61
C LEU C 234 -9.57 42.22 2.10
N LYS C 235 -10.27 43.18 1.47
CA LYS C 235 -10.15 44.56 1.94
C LYS C 235 -10.62 44.71 3.37
N PRO C 236 -11.80 44.22 3.76
CA PRO C 236 -12.16 44.30 5.19
C PRO C 236 -11.19 43.54 6.08
N LEU C 237 -10.72 42.36 5.66
CA LEU C 237 -9.76 41.64 6.49
C LEU C 237 -8.50 42.47 6.72
N LEU C 238 -7.92 43.01 5.65
CA LEU C 238 -6.68 43.77 5.83
C LEU C 238 -6.92 45.04 6.65
N GLU C 239 -8.03 45.73 6.39
CA GLU C 239 -8.32 46.96 7.11
C GLU C 239 -8.57 46.70 8.59
N LYS C 240 -9.13 45.54 8.95
CA LYS C 240 -9.38 45.23 10.35
C LYS C 240 -8.11 44.78 11.07
N LEU C 241 -7.15 44.21 10.35
CA LEU C 241 -5.88 43.81 10.94
C LEU C 241 -4.82 44.92 10.91
N GLY C 242 -4.95 45.88 9.99
CA GLY C 242 -3.86 46.80 9.75
C GLY C 242 -2.58 46.14 9.31
N SER C 243 -2.66 44.94 8.72
CA SER C 243 -1.47 44.16 8.37
C SER C 243 -1.09 44.31 6.91
N PRO C 244 0.20 44.47 6.62
CA PRO C 244 0.65 44.40 5.23
C PRO C 244 0.36 43.04 4.61
N ALA C 245 0.27 43.03 3.28
CA ALA C 245 0.01 41.81 2.54
C ALA C 245 0.90 41.76 1.31
N LEU C 246 1.29 40.54 0.94
CA LEU C 246 1.90 40.26 -0.35
C LEU C 246 0.90 39.43 -1.16
N VAL C 247 0.98 39.54 -2.48
CA VAL C 247 0.15 38.72 -3.36
C VAL C 247 1.06 37.82 -4.18
N SER C 248 0.64 36.57 -4.35
CA SER C 248 1.28 35.68 -5.30
C SER C 248 1.09 36.20 -6.72
N TRP C 249 1.88 35.67 -7.64
CA TRP C 249 1.73 36.06 -9.04
C TRP C 249 0.33 35.76 -9.56
N ALA C 250 -0.21 34.59 -9.23
CA ALA C 250 -1.55 34.26 -9.69
C ALA C 250 -2.60 35.12 -9.01
N GLY C 251 -2.31 35.60 -7.80
CA GLY C 251 -3.27 36.38 -7.06
C GLY C 251 -3.19 37.88 -7.22
N ILE C 252 -2.37 38.37 -8.16
CA ILE C 252 -2.08 39.79 -8.25
C ILE C 252 -3.34 40.64 -8.35
N ASP C 253 -4.30 40.20 -9.17
CA ASP C 253 -5.46 41.03 -9.46
C ASP C 253 -6.56 40.94 -8.39
N MET C 254 -6.30 40.30 -7.25
CA MET C 254 -7.32 40.20 -6.22
C MET C 254 -7.47 41.48 -5.42
N LEU C 255 -6.42 42.30 -5.38
CA LEU C 255 -6.41 43.55 -4.64
C LEU C 255 -5.73 44.62 -5.49
N ASP C 256 -6.24 45.84 -5.40
CA ASP C 256 -5.60 46.98 -6.02
C ASP C 256 -4.12 47.01 -5.62
N SER C 257 -3.24 46.98 -6.62
CA SER C 257 -1.81 47.03 -6.34
C SER C 257 -1.41 48.28 -5.58
N SER C 258 -2.26 49.30 -5.60
CA SER C 258 -2.00 50.54 -4.90
C SER C 258 -2.70 50.62 -3.55
N HIS C 259 -3.40 49.57 -3.13
CA HIS C 259 -3.99 49.56 -1.81
C HIS C 259 -2.92 49.87 -0.77
N PRO C 260 -3.23 50.68 0.26
CA PRO C 260 -2.16 51.11 1.18
C PRO C 260 -1.51 49.98 1.97
N LEU C 261 -2.10 48.79 2.00
CA LEU C 261 -1.51 47.68 2.75
C LEU C 261 -1.00 46.55 1.85
N VAL C 262 -0.99 46.73 0.54
CA VAL C 262 -0.50 45.71 -0.40
C VAL C 262 0.89 46.14 -0.87
N PHE C 263 1.88 45.25 -0.68
CA PHE C 263 3.27 45.59 -0.94
C PHE C 263 3.93 44.69 -1.96
N GLY C 264 3.16 44.15 -2.88
CA GLY C 264 3.75 43.51 -4.02
C GLY C 264 3.92 42.00 -3.94
N ARG C 265 4.94 41.50 -4.63
CA ARG C 265 5.08 40.08 -4.93
C ARG C 265 6.50 39.65 -4.61
N ALA C 266 6.63 38.65 -3.72
CA ALA C 266 7.93 38.13 -3.31
C ALA C 266 8.22 36.81 -4.00
N GLY C 267 9.51 36.51 -4.17
CA GLY C 267 9.93 35.20 -4.62
C GLY C 267 11.27 35.26 -5.33
N VAL C 268 11.53 34.21 -6.11
CA VAL C 268 12.79 34.09 -6.85
C VAL C 268 12.86 35.13 -7.95
N TYR C 269 11.72 35.55 -8.48
CA TYR C 269 11.61 36.75 -9.30
C TYR C 269 10.78 37.81 -8.57
N GLY C 270 11.01 37.91 -7.26
CA GLY C 270 10.29 38.88 -6.48
C GLY C 270 10.76 40.29 -6.73
N GLN C 271 10.02 41.22 -6.17
CA GLN C 271 10.44 42.61 -6.09
C GLN C 271 11.34 42.77 -4.88
N ARG C 272 12.39 43.57 -5.01
CA ARG C 272 13.34 43.66 -3.91
C ARG C 272 12.62 44.03 -2.62
N ALA C 273 11.74 45.03 -2.68
CA ALA C 273 11.06 45.50 -1.48
C ALA C 273 10.17 44.41 -0.89
N ALA C 274 9.41 43.73 -1.74
CA ALA C 274 8.56 42.64 -1.26
C ALA C 274 9.38 41.54 -0.59
N ASN C 275 10.54 41.20 -1.17
CA ASN C 275 11.35 40.17 -0.54
C ASN C 275 11.88 40.64 0.81
N PHE C 276 12.23 41.92 0.93
CA PHE C 276 12.70 42.42 2.22
C PHE C 276 11.57 42.39 3.25
N ILE C 277 10.35 42.70 2.82
CA ILE C 277 9.20 42.69 3.73
C ILE C 277 8.95 41.27 4.24
N LEU C 278 8.90 40.31 3.31
CA LEU C 278 8.73 38.92 3.70
C LEU C 278 9.83 38.46 4.64
N GLN C 279 11.08 38.79 4.30
CA GLN C 279 12.22 38.20 5.01
C GLN C 279 12.47 38.84 6.36
N ASN C 280 11.89 40.01 6.64
CA ASN C 280 12.04 40.62 7.95
C ASN C 280 10.75 40.58 8.77
N SER C 281 9.76 39.83 8.33
CA SER C 281 8.53 39.74 9.11
C SER C 281 8.76 38.89 10.36
N ASP C 282 7.82 38.99 11.30
CA ASP C 282 7.81 38.07 12.43
C ASP C 282 6.61 37.13 12.43
N TYR C 283 5.68 37.29 11.49
CA TYR C 283 4.59 36.33 11.34
C TYR C 283 4.10 36.38 9.90
N VAL C 284 4.02 35.22 9.25
CA VAL C 284 3.51 35.10 7.89
C VAL C 284 2.29 34.19 7.91
N LEU C 285 1.18 34.68 7.39
CA LEU C 285 -0.04 33.90 7.24
C LEU C 285 -0.32 33.77 5.76
N ALA C 286 -0.13 32.56 5.22
CA ALA C 286 -0.34 32.27 3.82
C ALA C 286 -1.75 31.73 3.65
N ILE C 287 -2.52 32.34 2.76
CA ILE C 287 -3.92 31.97 2.52
C ILE C 287 -4.11 31.72 1.04
N GLY C 288 -4.49 30.49 0.68
CA GLY C 288 -4.75 30.17 -0.71
C GLY C 288 -3.55 30.29 -1.63
N THR C 289 -2.34 30.24 -1.10
CA THR C 289 -1.16 30.26 -1.95
C THR C 289 -0.36 28.98 -1.74
N ARG C 290 0.17 28.46 -2.85
CA ARG C 290 0.80 27.15 -2.84
C ARG C 290 2.16 27.16 -2.16
N LEU C 291 2.77 28.33 -1.99
CA LEU C 291 4.15 28.45 -1.53
C LEU C 291 5.05 27.55 -2.37
N ALA C 292 4.95 27.74 -3.68
CA ALA C 292 5.73 26.98 -4.64
C ALA C 292 7.19 27.40 -4.58
N ILE C 293 8.05 26.59 -5.19
CA ILE C 293 9.48 26.83 -5.15
C ILE C 293 9.82 28.23 -5.65
N PRO C 294 9.21 28.72 -6.74
CA PRO C 294 9.55 30.09 -7.19
C PRO C 294 9.08 31.19 -6.24
N GLN C 295 8.25 30.86 -5.26
CA GLN C 295 7.80 31.83 -4.27
C GLN C 295 8.72 31.87 -3.05
N ILE C 296 9.16 30.71 -2.55
CA ILE C 296 9.89 30.65 -1.29
C ILE C 296 11.37 30.34 -1.48
N GLY C 297 11.80 30.03 -2.68
CA GLY C 297 13.20 29.69 -2.91
C GLY C 297 13.48 28.23 -2.64
N TYR C 298 14.76 27.94 -2.39
CA TYR C 298 15.27 26.57 -2.40
C TYR C 298 15.64 26.04 -1.02
N ASP C 299 15.30 26.76 0.05
CA ASP C 299 15.69 26.32 1.39
C ASP C 299 14.70 26.92 2.38
N LEU C 300 13.82 26.08 2.94
CA LEU C 300 12.83 26.55 3.89
C LEU C 300 13.47 27.20 5.11
N ASN C 301 14.65 26.74 5.51
CA ASN C 301 15.29 27.30 6.69
C ASN C 301 15.78 28.72 6.46
N GLU C 302 15.87 29.18 5.22
CA GLU C 302 16.24 30.55 4.91
C GLU C 302 15.03 31.46 4.76
N LEU C 303 13.82 30.89 4.80
CA LEU C 303 12.61 31.66 4.55
C LEU C 303 12.12 32.34 5.82
N ALA C 304 11.96 33.67 5.75
CA ALA C 304 11.41 34.48 6.84
C ALA C 304 11.88 33.99 8.20
N ARG C 305 13.18 34.15 8.47
CA ARG C 305 13.82 33.44 9.57
C ARG C 305 13.44 33.98 10.94
N LEU C 306 12.84 35.16 11.03
CA LEU C 306 12.37 35.69 12.31
C LEU C 306 10.90 35.37 12.56
N ALA C 307 10.26 34.58 11.70
CA ALA C 307 8.81 34.51 11.69
C ALA C 307 8.31 33.09 11.91
N ARG C 308 7.17 33.02 12.60
CA ARG C 308 6.27 31.88 12.51
C ARG C 308 5.47 31.96 11.22
N ILE C 309 5.24 30.82 10.58
CA ILE C 309 4.55 30.75 9.31
C ILE C 309 3.38 29.78 9.45
N ASP C 310 2.17 30.30 9.23
CA ASP C 310 0.95 29.50 9.19
C ASP C 310 0.44 29.44 7.75
N VAL C 311 -0.22 28.34 7.41
CA VAL C 311 -0.60 28.07 6.02
C VAL C 311 -2.05 27.59 6.00
N VAL C 312 -2.84 28.17 5.10
CA VAL C 312 -4.22 27.75 4.85
C VAL C 312 -4.32 27.28 3.40
N ASP C 313 -4.78 26.05 3.21
CA ASP C 313 -4.92 25.47 1.88
C ASP C 313 -5.98 24.38 1.93
N ILE C 314 -6.80 24.31 0.89
CA ILE C 314 -7.87 23.31 0.86
C ILE C 314 -7.34 21.90 0.56
N ASP C 315 -6.14 21.79 0.00
CA ASP C 315 -5.53 20.52 -0.35
C ASP C 315 -4.62 20.09 0.78
N GLY C 316 -4.97 19.00 1.47
CA GLY C 316 -4.21 18.60 2.63
C GLY C 316 -2.73 18.37 2.36
N ASP C 317 -2.41 17.86 1.17
CA ASP C 317 -1.01 17.58 0.84
C ASP C 317 -0.23 18.88 0.64
N GLU C 318 -0.86 19.91 0.07
CA GLU C 318 -0.19 21.19 -0.04
C GLU C 318 -0.07 21.87 1.32
N ALA C 319 -1.05 21.68 2.19
CA ALA C 319 -1.06 22.37 3.48
C ALA C 319 0.07 21.91 4.39
N ILE C 320 0.51 20.64 4.28
CA ILE C 320 1.53 20.11 5.18
C ILE C 320 2.87 19.91 4.51
N LYS C 321 3.03 20.31 3.26
CA LYS C 321 4.28 19.96 2.59
C LYS C 321 5.49 20.68 3.20
N HIS C 322 5.27 21.84 3.85
CA HIS C 322 6.35 22.56 4.52
C HIS C 322 6.28 22.42 6.03
N ALA C 323 5.67 21.34 6.53
CA ALA C 323 5.36 21.24 7.95
C ALA C 323 6.59 21.27 8.86
N LYS C 324 7.77 20.94 8.34
CA LYS C 324 8.97 21.06 9.16
C LYS C 324 9.35 22.49 9.45
N ARG C 325 8.73 23.46 8.75
CA ARG C 325 8.99 24.87 8.93
C ARG C 325 7.79 25.65 9.43
N THR C 326 6.58 25.26 9.07
CA THR C 326 5.37 26.01 9.38
C THR C 326 4.73 25.49 10.66
N GLN C 327 3.87 26.32 11.27
CA GLN C 327 3.30 25.96 12.55
C GLN C 327 1.87 25.44 12.41
N GLU C 328 0.90 26.33 12.19
CA GLU C 328 -0.48 25.92 11.96
C GLU C 328 -0.68 25.64 10.47
N ASN C 329 -1.00 24.39 10.14
CA ASN C 329 -1.33 23.98 8.78
C ASN C 329 -2.83 23.69 8.73
N ILE C 330 -3.57 24.59 8.11
CA ILE C 330 -5.03 24.59 8.19
C ILE C 330 -5.59 24.12 6.85
N VAL C 331 -6.28 22.98 6.88
CA VAL C 331 -6.94 22.43 5.70
C VAL C 331 -8.37 22.96 5.71
N CYS C 332 -8.61 23.99 4.89
CA CYS C 332 -9.87 24.71 4.92
C CYS C 332 -10.03 25.48 3.62
N ASP C 333 -11.29 25.59 3.18
CA ASP C 333 -11.60 26.50 2.08
C ASP C 333 -11.26 27.93 2.49
N ALA C 334 -10.67 28.68 1.56
CA ALA C 334 -10.11 29.97 1.92
C ALA C 334 -11.20 30.98 2.29
N ARG C 335 -12.31 30.95 1.55
CA ARG C 335 -13.42 31.84 1.90
C ARG C 335 -13.97 31.52 3.28
N VAL C 336 -14.14 30.23 3.59
CA VAL C 336 -14.62 29.83 4.90
C VAL C 336 -13.66 30.25 5.99
N PHE C 337 -12.36 30.14 5.72
CA PHE C 337 -11.37 30.51 6.73
C PHE C 337 -11.42 32.01 7.00
N ILE C 338 -11.45 32.82 5.94
CA ILE C 338 -11.49 34.27 6.11
C ILE C 338 -12.76 34.68 6.83
N GLU C 339 -13.90 34.09 6.46
CA GLU C 339 -15.14 34.41 7.14
C GLU C 339 -15.06 34.08 8.63
N ALA C 340 -14.43 32.94 8.97
CA ALA C 340 -14.26 32.57 10.36
C ALA C 340 -13.34 33.53 11.10
N LEU C 341 -12.29 33.99 10.43
CA LEU C 341 -11.39 34.97 11.03
C LEU C 341 -12.09 36.31 11.21
N LEU C 342 -12.93 36.71 10.25
CA LEU C 342 -13.66 37.98 10.37
C LEU C 342 -14.71 37.90 11.47
N ALA C 343 -15.35 36.74 11.62
CA ALA C 343 -16.35 36.58 12.66
C ALA C 343 -15.74 36.82 14.03
N ARG C 344 -14.50 36.36 14.24
CA ARG C 344 -13.84 36.55 15.52
C ARG C 344 -13.30 37.95 15.70
N LEU C 345 -12.89 38.62 14.61
CA LEU C 345 -12.47 40.01 14.71
C LEU C 345 -13.64 40.94 15.00
N ASN C 346 -14.85 40.53 14.63
CA ASN C 346 -16.05 41.31 14.91
C ASN C 346 -16.76 40.88 16.18
N ALA C 347 -16.21 39.89 16.90
CA ALA C 347 -16.82 39.42 18.12
C ALA C 347 -16.65 40.45 19.23
N ALA C 348 -17.67 40.57 20.09
CA ALA C 348 -17.57 41.47 21.23
C ALA C 348 -16.31 41.18 22.05
N ASP C 349 -16.01 39.91 22.28
CA ASP C 349 -14.80 39.52 22.97
C ASP C 349 -13.58 39.46 22.07
N ALA C 350 -13.57 40.18 20.95
CA ALA C 350 -12.44 40.15 20.04
C ALA C 350 -11.19 40.67 20.74
N PRO C 351 -10.05 39.97 20.63
CA PRO C 351 -8.84 40.46 21.27
C PRO C 351 -8.41 41.79 20.68
N ALA C 352 -7.66 42.55 21.47
CA ALA C 352 -7.07 43.79 20.98
C ALA C 352 -5.94 43.46 20.01
N ILE C 353 -5.88 44.20 18.91
CA ILE C 353 -4.83 44.02 17.92
C ILE C 353 -3.74 45.06 18.19
N ALA C 354 -2.53 44.58 18.50
CA ALA C 354 -1.40 45.49 18.65
C ALA C 354 -1.17 46.24 17.33
N SER C 355 -0.87 47.53 17.45
CA SER C 355 -0.69 48.36 16.27
C SER C 355 0.50 47.86 15.45
N LYS C 356 0.33 47.86 14.13
CA LYS C 356 1.40 47.53 13.20
C LYS C 356 1.96 48.78 12.53
N ALA C 357 1.69 49.97 13.09
CA ALA C 357 1.99 51.21 12.38
C ALA C 357 3.47 51.31 12.05
N ASP C 358 4.35 50.93 12.99
CA ASP C 358 5.79 51.02 12.72
C ASP C 358 6.19 50.11 11.57
N TRP C 359 5.63 48.91 11.53
CA TRP C 359 5.94 47.96 10.47
C TRP C 359 5.47 48.47 9.11
N VAL C 360 4.25 49.00 9.05
CA VAL C 360 3.75 49.56 7.80
C VAL C 360 4.70 50.65 7.31
N ALA C 361 5.16 51.52 8.21
CA ALA C 361 6.11 52.54 7.83
C ALA C 361 7.41 51.93 7.32
N LYS C 362 7.84 50.82 7.93
CA LYS C 362 9.07 50.16 7.47
C LYS C 362 8.88 49.55 6.09
N CYS C 363 7.71 48.97 5.84
CA CYS C 363 7.42 48.44 4.50
C CYS C 363 7.49 49.54 3.45
N ARG C 364 6.85 50.68 3.73
CA ARG C 364 6.90 51.79 2.79
C ARG C 364 8.33 52.25 2.54
N ALA C 365 9.16 52.24 3.59
CA ALA C 365 10.56 52.63 3.44
C ALA C 365 11.29 51.68 2.50
N TYR C 366 11.00 50.38 2.60
CA TYR C 366 11.56 49.44 1.65
C TYR C 366 11.17 49.81 0.22
N GLU C 367 9.93 50.23 0.02
CA GLU C 367 9.48 50.57 -1.33
C GLU C 367 10.12 51.87 -1.81
N GLU C 368 10.31 52.84 -0.91
CA GLU C 368 10.98 54.08 -1.30
C GLU C 368 12.42 53.80 -1.72
N GLN C 369 13.09 52.90 -1.03
CA GLN C 369 14.50 52.65 -1.31
C GLN C 369 14.67 51.75 -2.53
N PHE C 370 13.72 50.85 -2.79
CA PHE C 370 13.83 49.83 -3.83
C PHE C 370 12.59 49.89 -4.70
N PRO C 371 12.53 50.83 -5.63
CA PRO C 371 11.36 50.87 -6.55
C PRO C 371 11.35 49.66 -7.46
N TRP C 372 10.15 49.31 -7.93
CA TRP C 372 9.99 48.14 -8.79
C TRP C 372 10.82 48.26 -10.06
N VAL C 373 10.86 49.46 -10.64
CA VAL C 373 11.67 49.76 -11.81
C VAL C 373 12.81 50.62 -11.31
N GLY C 374 14.03 50.09 -11.33
CA GLY C 374 15.15 50.79 -10.76
C GLY C 374 16.31 50.96 -11.72
N ALA C 375 17.47 51.35 -11.18
CA ALA C 375 18.64 51.60 -12.00
C ALA C 375 19.09 50.35 -12.75
N GLU C 376 18.84 49.17 -12.18
CA GLU C 376 19.18 47.93 -12.87
C GLU C 376 18.43 47.79 -14.19
N HIS C 377 17.35 48.54 -14.38
CA HIS C 377 16.48 48.39 -15.53
C HIS C 377 16.73 49.46 -16.61
N ALA C 378 17.91 50.08 -16.60
CA ALA C 378 18.21 51.11 -17.59
C ALA C 378 18.17 50.52 -19.01
N ASP C 379 17.83 51.37 -19.97
CA ASP C 379 17.83 50.97 -21.37
C ASP C 379 19.23 50.53 -21.79
N PRO C 380 19.42 49.29 -22.25
CA PRO C 380 20.76 48.86 -22.68
C PRO C 380 21.06 49.29 -24.10
N GLU C 381 22.24 49.86 -24.30
CA GLU C 381 22.82 50.10 -25.62
C GLU C 381 21.80 50.31 -26.73
N GLY C 382 21.02 51.37 -26.67
CA GLY C 382 20.14 51.68 -27.78
C GLY C 382 19.01 50.69 -27.99
N PHE C 383 18.50 50.10 -26.91
CA PHE C 383 17.24 49.38 -26.90
C PHE C 383 16.46 49.88 -25.70
N ILE C 384 15.14 49.80 -25.77
CA ILE C 384 14.34 50.09 -24.58
C ILE C 384 14.31 48.83 -23.70
N ASN C 385 14.38 49.06 -22.40
CA ASN C 385 14.33 47.98 -21.43
C ASN C 385 12.89 47.53 -21.25
N SER C 386 12.66 46.20 -21.26
CA SER C 386 11.31 45.67 -21.19
C SER C 386 10.61 46.06 -19.89
N TYR C 387 11.37 46.26 -18.81
CA TYR C 387 10.76 46.66 -17.55
C TYR C 387 10.26 48.09 -17.60
N ARG C 388 11.06 49.00 -18.17
CA ARG C 388 10.59 50.35 -18.38
C ARG C 388 9.42 50.37 -19.36
N PHE C 389 9.44 49.48 -20.35
CA PHE C 389 8.32 49.45 -21.28
C PHE C 389 7.03 49.03 -20.58
N MET C 390 7.10 47.99 -19.72
CA MET C 390 5.91 47.59 -18.97
C MET C 390 5.38 48.75 -18.14
N GLU C 391 6.28 49.52 -17.52
CA GLU C 391 5.83 50.65 -16.73
C GLU C 391 5.09 51.66 -17.60
N ARG C 392 5.59 51.89 -18.82
CA ARG C 392 4.94 52.80 -19.74
C ARG C 392 3.59 52.26 -20.18
N LEU C 393 3.55 50.99 -20.59
CA LEU C 393 2.31 50.39 -21.06
C LEU C 393 1.22 50.41 -20.00
N ASN C 394 1.62 50.26 -18.74
CA ASN C 394 0.69 50.22 -17.61
C ASN C 394 -0.22 51.44 -17.60
N GLY C 395 0.30 52.60 -17.99
CA GLY C 395 -0.50 53.81 -17.96
C GLY C 395 -1.57 53.87 -19.04
N PHE C 396 -1.54 52.96 -20.01
CA PHE C 396 -2.55 52.91 -21.04
C PHE C 396 -3.63 51.86 -20.79
N PHE C 397 -3.59 51.18 -19.65
CA PHE C 397 -4.64 50.23 -19.33
C PHE C 397 -6.01 50.91 -19.34
N LYS C 398 -7.01 50.19 -19.85
CA LYS C 398 -8.40 50.61 -19.74
C LYS C 398 -8.96 50.23 -18.37
N ASP C 399 -10.07 50.89 -18.01
CA ASP C 399 -10.61 50.73 -16.66
C ASP C 399 -10.94 49.28 -16.34
N ASP C 400 -11.39 48.51 -17.34
CA ASP C 400 -11.74 47.11 -17.13
C ASP C 400 -10.72 46.19 -17.78
N GLN C 401 -9.47 46.65 -17.89
CA GLN C 401 -8.46 45.93 -18.65
C GLN C 401 -8.29 44.50 -18.16
N VAL C 402 -8.24 43.56 -19.10
CA VAL C 402 -7.75 42.22 -18.82
C VAL C 402 -6.43 42.03 -19.55
N VAL C 403 -5.47 41.43 -18.87
CA VAL C 403 -4.14 41.18 -19.43
C VAL C 403 -3.84 39.70 -19.25
N VAL C 404 -3.41 39.04 -20.32
CA VAL C 404 -2.87 37.69 -20.23
C VAL C 404 -1.44 37.74 -20.73
N THR C 405 -0.64 36.77 -20.29
CA THR C 405 0.74 36.69 -20.72
C THR C 405 1.11 35.27 -21.15
N ASP C 406 2.09 35.19 -22.05
CA ASP C 406 2.81 33.95 -22.33
C ASP C 406 3.92 33.81 -21.29
N MET C 407 5.00 33.11 -21.64
CA MET C 407 6.12 32.96 -20.72
C MET C 407 7.14 34.07 -20.98
N GLY C 408 8.40 33.82 -20.63
CA GLY C 408 9.49 34.71 -21.02
C GLY C 408 9.35 36.14 -20.52
N THR C 409 9.79 37.08 -21.37
CA THR C 409 9.79 38.49 -20.99
C THR C 409 8.42 38.95 -20.52
N ALA C 410 7.37 38.51 -21.19
CA ALA C 410 6.02 38.96 -20.85
C ALA C 410 5.66 38.54 -19.43
N LEU C 411 5.92 37.27 -19.12
CA LEU C 411 5.71 36.77 -17.77
C LEU C 411 6.53 37.55 -16.75
N LEU C 412 7.84 37.62 -16.96
CA LEU C 412 8.71 38.10 -15.90
C LEU C 412 8.58 39.62 -15.74
N SER C 413 8.80 40.37 -16.82
CA SER C 413 8.65 41.82 -16.72
C SER C 413 7.22 42.19 -16.31
N GLY C 414 6.22 41.51 -16.87
CA GLY C 414 4.84 41.82 -16.52
C GLY C 414 4.56 41.65 -15.04
N HIS C 415 4.92 40.51 -14.47
CA HIS C 415 4.58 40.24 -13.07
C HIS C 415 5.48 41.00 -12.09
N GLN C 416 6.65 41.44 -12.51
CA GLN C 416 7.51 42.23 -11.64
C GLN C 416 7.21 43.72 -11.68
N VAL C 417 6.39 44.19 -12.63
CA VAL C 417 6.21 45.62 -12.79
C VAL C 417 4.75 46.06 -12.74
N LEU C 418 3.85 45.30 -13.32
CA LEU C 418 2.53 45.81 -13.65
C LEU C 418 1.65 45.97 -12.41
N ARG C 419 0.92 47.07 -12.37
CA ARG C 419 -0.03 47.39 -11.30
C ARG C 419 -1.45 47.34 -11.84
N PHE C 420 -2.34 46.80 -11.01
CA PHE C 420 -3.73 46.56 -11.36
C PHE C 420 -4.64 47.19 -10.32
N LYS C 421 -5.73 47.78 -10.80
CA LYS C 421 -6.76 48.32 -9.92
C LYS C 421 -8.01 47.45 -10.03
N GLU C 422 -8.92 47.67 -9.08
CA GLU C 422 -10.13 46.87 -9.01
C GLU C 422 -10.90 46.97 -10.31
N GLY C 423 -11.32 45.81 -10.83
CA GLY C 423 -11.92 45.70 -12.13
C GLY C 423 -11.01 45.11 -13.18
N GLN C 424 -9.70 45.18 -12.98
CA GLN C 424 -8.74 44.66 -13.96
C GLN C 424 -8.32 43.26 -13.56
N ARG C 425 -7.89 42.49 -14.55
CA ARG C 425 -7.54 41.09 -14.33
C ARG C 425 -6.21 40.79 -15.02
N PHE C 426 -5.52 39.78 -14.50
CA PHE C 426 -4.17 39.41 -14.90
C PHE C 426 -4.07 37.89 -14.83
N MET C 427 -3.85 37.23 -15.97
CA MET C 427 -3.82 35.77 -15.97
C MET C 427 -2.68 35.22 -16.81
N THR C 428 -2.07 34.15 -16.33
CA THR C 428 -1.18 33.32 -17.14
C THR C 428 -1.20 31.91 -16.58
N SER C 429 -0.35 31.04 -17.12
CA SER C 429 -0.25 29.65 -16.66
C SER C 429 1.09 29.49 -15.94
N THR C 430 1.08 29.55 -14.61
CA THR C 430 2.34 29.48 -13.89
C THR C 430 2.66 28.09 -13.35
N GLY C 431 1.66 27.22 -13.15
CA GLY C 431 1.94 25.90 -12.63
C GLY C 431 2.73 25.03 -13.59
N LEU C 432 2.32 25.00 -14.85
CA LEU C 432 3.08 24.29 -15.86
C LEU C 432 4.06 25.19 -16.60
N GLY C 433 3.69 26.45 -16.78
CA GLY C 433 4.56 27.40 -17.43
C GLY C 433 4.84 27.07 -18.88
N GLU C 434 3.82 26.65 -19.62
CA GLU C 434 4.04 26.23 -21.00
C GLU C 434 4.13 27.45 -21.91
N MET C 435 5.12 27.46 -22.79
CA MET C 435 5.11 28.37 -23.91
C MET C 435 3.86 28.13 -24.75
N GLY C 436 3.31 29.21 -25.31
CA GLY C 436 2.17 29.12 -26.20
C GLY C 436 0.83 29.33 -25.53
N TYR C 437 0.81 29.67 -24.25
CA TYR C 437 -0.43 29.84 -23.51
C TYR C 437 -1.13 31.15 -23.83
N GLY C 438 -0.38 32.19 -24.21
CA GLY C 438 -0.93 33.53 -24.23
C GLY C 438 -2.09 33.69 -25.19
N LEU C 439 -1.92 33.24 -26.43
CA LEU C 439 -2.97 33.46 -27.42
C LEU C 439 -4.24 32.68 -27.08
N PRO C 440 -4.17 31.37 -26.78
CA PRO C 440 -5.39 30.68 -26.33
C PRO C 440 -5.97 31.28 -25.07
N ALA C 441 -5.14 31.74 -24.15
CA ALA C 441 -5.67 32.38 -22.95
C ALA C 441 -6.52 33.59 -23.33
N ALA C 442 -6.07 34.37 -24.32
CA ALA C 442 -6.81 35.55 -24.75
C ALA C 442 -8.14 35.17 -25.40
N LEU C 443 -8.15 34.09 -26.18
CA LEU C 443 -9.41 33.58 -26.73
C LEU C 443 -10.41 33.30 -25.62
N GLY C 444 -9.95 32.63 -24.57
CA GLY C 444 -10.87 32.22 -23.51
C GLY C 444 -11.48 33.40 -22.80
N VAL C 445 -10.66 34.41 -22.50
CA VAL C 445 -11.18 35.63 -21.87
C VAL C 445 -12.14 36.34 -22.80
N SER C 446 -11.74 36.53 -24.06
CA SER C 446 -12.58 37.28 -24.98
C SER C 446 -13.97 36.66 -25.07
N PHE C 447 -14.05 35.33 -25.22
CA PHE C 447 -15.34 34.69 -25.36
C PHE C 447 -16.12 34.70 -24.05
N ALA C 448 -15.43 34.65 -22.90
CA ALA C 448 -16.14 34.73 -21.63
C ALA C 448 -16.80 36.08 -21.44
N ASN C 449 -16.21 37.13 -22.04
CA ASN C 449 -16.72 38.50 -21.96
C ASN C 449 -17.41 38.93 -23.25
N ASP C 450 -18.04 38.00 -23.96
CA ASP C 450 -18.88 38.32 -25.12
C ASP C 450 -18.04 38.99 -26.21
N ARG C 451 -16.93 38.34 -26.56
CA ARG C 451 -15.97 38.86 -27.53
C ARG C 451 -15.41 40.21 -27.08
N GLY C 452 -15.03 40.25 -25.79
CA GLY C 452 -14.47 41.44 -25.21
C GLY C 452 -12.98 41.63 -25.46
N GLU C 453 -12.51 42.81 -25.06
CA GLU C 453 -11.13 43.22 -25.28
C GLU C 453 -10.20 42.52 -24.30
N VAL C 454 -9.03 42.13 -24.79
CA VAL C 454 -7.99 41.51 -23.98
C VAL C 454 -6.65 42.00 -24.50
N MET C 455 -5.74 42.30 -23.58
CA MET C 455 -4.35 42.56 -23.93
C MET C 455 -3.55 41.28 -23.73
N CYS C 456 -2.82 40.86 -24.76
CA CYS C 456 -2.01 39.65 -24.70
C CYS C 456 -0.54 40.02 -24.80
N LEU C 457 0.21 39.80 -23.70
CA LEU C 457 1.65 40.07 -23.68
C LEU C 457 2.37 38.77 -24.06
N ASN C 458 3.05 38.78 -25.20
CA ASN C 458 3.58 37.56 -25.80
C ASN C 458 5.02 37.78 -26.24
N CYS C 459 5.61 36.73 -26.80
CA CYS C 459 7.04 36.65 -27.05
C CYS C 459 7.27 36.03 -28.43
N ASP C 460 8.43 36.34 -29.02
CA ASP C 460 8.72 35.82 -30.35
C ASP C 460 8.79 34.29 -30.34
N GLY C 461 9.32 33.70 -29.27
CA GLY C 461 9.35 32.25 -29.15
C GLY C 461 8.00 31.63 -28.86
N GLY C 462 7.34 32.09 -27.80
CA GLY C 462 6.06 31.52 -27.42
C GLY C 462 4.97 31.73 -28.44
N MET C 463 5.09 32.78 -29.25
CA MET C 463 4.10 33.01 -30.30
C MET C 463 3.99 31.81 -31.24
N MET C 464 5.08 31.07 -31.41
CA MET C 464 5.11 30.04 -32.43
C MET C 464 4.29 28.81 -32.04
N MET C 465 4.22 28.49 -30.74
N MET C 465 4.20 28.51 -30.74
CA MET C 465 3.59 27.23 -30.33
CA MET C 465 3.60 27.25 -30.30
C MET C 465 2.14 27.14 -30.76
C MET C 465 2.14 27.14 -30.70
N ASN C 466 1.41 28.24 -30.66
CA ASN C 466 0.00 28.27 -31.05
C ASN C 466 -0.25 29.38 -32.05
N LEU C 467 0.73 29.59 -32.92
CA LEU C 467 0.64 30.59 -33.98
C LEU C 467 -0.67 30.54 -34.73
N GLN C 468 -1.22 29.33 -34.91
CA GLN C 468 -2.38 29.14 -35.75
C GLN C 468 -3.65 29.78 -35.19
N GLU C 469 -3.68 30.08 -33.89
CA GLU C 469 -4.87 30.72 -33.34
C GLU C 469 -4.99 32.19 -33.75
N LEU C 470 -3.97 32.76 -34.42
CA LEU C 470 -4.20 34.06 -35.06
C LEU C 470 -5.40 34.00 -36.00
N GLN C 471 -5.59 32.87 -36.69
CA GLN C 471 -6.73 32.74 -37.57
C GLN C 471 -8.04 32.75 -36.79
N THR C 472 -8.08 32.06 -35.65
CA THR C 472 -9.28 32.09 -34.83
C THR C 472 -9.61 33.52 -34.40
N MET C 473 -8.59 34.29 -34.01
CA MET C 473 -8.82 35.67 -33.59
C MET C 473 -9.43 36.49 -34.70
N VAL C 474 -8.87 36.39 -35.90
CA VAL C 474 -9.36 37.20 -37.02
C VAL C 474 -10.73 36.72 -37.46
N HIS C 475 -10.92 35.39 -37.51
CA HIS C 475 -12.22 34.85 -37.92
C HIS C 475 -13.34 35.43 -37.09
N HIS C 476 -13.14 35.55 -35.78
CA HIS C 476 -14.15 36.08 -34.89
C HIS C 476 -13.95 37.57 -34.62
N ASN C 477 -13.01 38.20 -35.32
CA ASN C 477 -12.67 39.61 -35.17
C ASN C 477 -12.56 40.00 -33.69
N LEU C 478 -11.82 39.20 -32.94
CA LEU C 478 -11.71 39.44 -31.50
C LEU C 478 -10.82 40.65 -31.23
N PRO C 479 -11.23 41.53 -30.30
CA PRO C 479 -10.39 42.71 -30.00
C PRO C 479 -9.23 42.36 -29.06
N ILE C 480 -8.28 41.61 -29.60
CA ILE C 480 -7.11 41.17 -28.86
C ILE C 480 -5.93 42.04 -29.25
N LYS C 481 -5.34 42.70 -28.26
CA LYS C 481 -4.20 43.59 -28.46
C LYS C 481 -2.95 42.78 -28.12
N LEU C 482 -2.26 42.32 -29.16
CA LEU C 482 -1.19 41.33 -29.04
C LEU C 482 0.17 42.01 -29.16
N PHE C 483 0.84 42.17 -28.02
CA PHE C 483 2.21 42.67 -27.98
C PHE C 483 3.17 41.48 -28.03
N ILE C 484 4.24 41.62 -28.80
CA ILE C 484 5.20 40.54 -28.99
C ILE C 484 6.60 41.08 -28.75
N PHE C 485 7.27 40.58 -27.71
CA PHE C 485 8.64 40.97 -27.40
C PHE C 485 9.61 40.20 -28.29
N ASN C 486 10.27 40.92 -29.20
CA ASN C 486 11.28 40.34 -30.08
C ASN C 486 12.65 40.52 -29.44
N ASN C 487 13.36 39.42 -29.22
CA ASN C 487 14.70 39.48 -28.65
C ASN C 487 15.59 38.38 -29.22
N ASP C 488 15.42 38.07 -30.51
CA ASP C 488 16.25 37.09 -31.21
C ASP C 488 16.26 35.75 -30.47
N GLY C 489 15.05 35.26 -30.17
CA GLY C 489 14.94 33.90 -29.69
C GLY C 489 14.55 33.73 -28.24
N TYR C 490 15.21 32.78 -27.58
CA TYR C 490 14.82 32.29 -26.26
C TYR C 490 15.68 32.94 -25.18
N LEU C 491 15.29 34.15 -24.79
CA LEU C 491 16.15 34.94 -23.91
C LEU C 491 16.31 34.29 -22.55
N MET C 492 15.23 33.74 -21.98
CA MET C 492 15.34 33.05 -20.71
C MET C 492 16.38 31.94 -20.75
N ILE C 493 16.39 31.16 -21.83
CA ILE C 493 17.31 30.04 -21.90
C ILE C 493 18.72 30.52 -22.25
N LYS C 494 18.85 31.64 -22.97
CA LYS C 494 20.18 32.21 -23.19
C LYS C 494 20.87 32.46 -21.86
N HIS C 495 20.15 33.08 -20.92
CA HIS C 495 20.70 33.33 -19.59
C HIS C 495 21.03 32.04 -18.86
N THR C 496 20.10 31.07 -18.92
CA THR C 496 20.33 29.80 -18.22
C THR C 496 21.60 29.13 -18.72
N GLN C 497 21.74 28.99 -20.02
CA GLN C 497 22.88 28.23 -20.53
C GLN C 497 24.18 29.03 -20.43
N LYS C 498 24.11 30.35 -20.59
CA LYS C 498 25.30 31.16 -20.36
C LYS C 498 25.77 31.05 -18.91
N SER C 499 24.83 31.10 -17.96
CA SER C 499 25.21 30.99 -16.56
C SER C 499 25.82 29.64 -16.24
N LEU C 500 25.39 28.57 -16.94
CA LEU C 500 25.92 27.25 -16.65
C LEU C 500 27.24 26.98 -17.36
N PHE C 501 27.38 27.43 -18.62
CA PHE C 501 28.46 26.96 -19.47
C PHE C 501 29.39 28.05 -19.99
N LYS C 502 28.99 29.31 -19.94
CA LYS C 502 29.83 30.42 -20.40
C LYS C 502 30.47 30.09 -21.76
N SER C 503 29.64 29.63 -22.70
CA SER C 503 30.11 29.25 -24.02
C SER C 503 29.11 29.76 -25.05
N ASP C 504 29.28 29.33 -26.30
CA ASP C 504 28.39 29.77 -27.37
C ASP C 504 26.96 29.32 -27.10
N TYR C 505 25.99 30.15 -27.50
CA TYR C 505 24.60 29.77 -27.41
C TYR C 505 24.35 28.48 -28.19
N VAL C 506 23.37 27.71 -27.74
CA VAL C 506 22.97 26.46 -28.38
C VAL C 506 21.45 26.41 -28.39
N GLY C 507 20.86 26.38 -29.58
CA GLY C 507 19.41 26.22 -29.69
C GLY C 507 18.58 27.33 -29.10
N THR C 508 19.09 28.56 -29.10
CA THR C 508 18.36 29.66 -28.46
C THR C 508 18.35 30.96 -29.25
N ASP C 509 19.03 31.08 -30.38
CA ASP C 509 18.95 32.31 -31.17
C ASP C 509 19.21 31.97 -32.63
N ARG C 510 19.11 32.98 -33.48
CA ARG C 510 19.14 32.75 -34.92
C ARG C 510 20.42 32.02 -35.34
N LYS C 511 21.57 32.48 -34.85
CA LYS C 511 22.84 31.84 -35.19
C LYS C 511 22.96 30.43 -34.62
N SER C 512 22.20 30.07 -33.58
CA SER C 512 22.31 28.76 -32.98
C SER C 512 21.08 27.89 -33.22
N GLY C 513 20.28 28.23 -34.24
CA GLY C 513 19.30 27.30 -34.77
C GLY C 513 17.85 27.67 -34.57
N VAL C 514 17.54 28.80 -33.94
CA VAL C 514 16.18 29.20 -33.61
C VAL C 514 15.93 30.59 -34.16
N SER C 515 14.96 30.73 -35.05
CA SER C 515 14.58 32.03 -35.57
C SER C 515 13.07 32.17 -35.58
N CYS C 516 12.60 33.40 -35.59
CA CYS C 516 11.19 33.71 -35.58
C CYS C 516 10.85 34.62 -36.74
N PRO C 517 9.62 34.60 -37.23
CA PRO C 517 9.28 35.39 -38.41
C PRO C 517 9.07 36.86 -38.05
N ASP C 518 8.94 37.66 -39.11
CA ASP C 518 8.54 39.05 -38.99
C ASP C 518 7.05 39.06 -38.69
N PHE C 519 6.67 39.38 -37.44
CA PHE C 519 5.29 39.25 -37.04
C PHE C 519 4.41 40.36 -37.62
N SER C 520 5.01 41.48 -38.05
CA SER C 520 4.24 42.53 -38.70
C SER C 520 3.84 42.13 -40.12
N ARG C 521 4.76 41.45 -40.83
CA ARG C 521 4.42 40.88 -42.12
C ARG C 521 3.42 39.73 -41.98
N LEU C 522 3.61 38.88 -40.97
CA LEU C 522 2.65 37.82 -40.72
C LEU C 522 1.28 38.41 -40.40
N ALA C 523 1.24 39.44 -39.56
CA ALA C 523 -0.02 40.10 -39.25
C ALA C 523 -0.73 40.55 -40.52
N ALA C 524 -0.01 41.23 -41.42
CA ALA C 524 -0.62 41.73 -42.65
C ALA C 524 -1.23 40.59 -43.45
N ALA C 525 -0.55 39.43 -43.48
CA ALA C 525 -1.06 38.28 -44.21
C ALA C 525 -2.37 37.77 -43.61
N PHE C 526 -2.52 37.88 -42.31
CA PHE C 526 -3.76 37.50 -41.62
C PHE C 526 -4.79 38.61 -41.60
N ASP C 527 -4.53 39.74 -42.27
CA ASP C 527 -5.45 40.90 -42.27
C ASP C 527 -5.56 41.55 -40.90
N ILE C 528 -4.49 41.51 -40.12
CA ILE C 528 -4.43 42.12 -38.79
C ILE C 528 -3.53 43.34 -38.87
N PRO C 529 -3.99 44.52 -38.45
CA PRO C 529 -3.09 45.69 -38.43
C PRO C 529 -1.95 45.49 -37.44
N ALA C 530 -0.78 46.03 -37.80
CA ALA C 530 0.41 45.83 -37.00
C ALA C 530 1.20 47.12 -36.84
N TYR C 531 1.82 47.26 -35.66
CA TYR C 531 2.68 48.37 -35.33
C TYR C 531 3.99 47.84 -34.77
N GLN C 532 5.01 48.68 -34.75
CA GLN C 532 6.30 48.34 -34.16
C GLN C 532 6.76 49.44 -33.23
N ILE C 533 7.31 49.04 -32.07
CA ILE C 533 7.94 49.98 -31.14
C ILE C 533 9.40 49.57 -31.01
N ARG C 534 10.30 50.46 -31.43
CA ARG C 534 11.74 50.27 -31.31
C ARG C 534 12.39 51.28 -30.37
N GLY C 535 11.92 52.53 -30.35
CA GLY C 535 12.44 53.54 -29.46
C GLY C 535 11.31 54.26 -28.74
N TRP C 536 11.70 55.15 -27.84
CA TRP C 536 10.70 55.84 -27.05
C TRP C 536 9.92 56.87 -27.87
N ASP C 537 10.52 57.41 -28.92
CA ASP C 537 9.86 58.50 -29.65
C ASP C 537 8.46 58.08 -30.10
N GLU C 538 8.34 56.91 -30.73
CA GLU C 538 7.07 56.45 -31.24
C GLU C 538 6.21 55.73 -30.21
N CYS C 539 6.75 55.46 -29.01
CA CYS C 539 6.11 54.53 -28.08
C CYS C 539 4.70 54.98 -27.71
N ASP C 540 4.55 56.15 -27.08
CA ASP C 540 3.25 56.49 -26.51
C ASP C 540 2.17 56.65 -27.57
N ALA C 541 2.52 57.27 -28.71
CA ALA C 541 1.55 57.41 -29.79
C ALA C 541 1.11 56.05 -30.32
N THR C 542 2.03 55.09 -30.37
CA THR C 542 1.67 53.74 -30.83
C THR C 542 0.79 53.04 -29.80
N LEU C 543 1.12 53.17 -28.51
CA LEU C 543 0.29 52.55 -27.48
C LEU C 543 -1.12 53.11 -27.49
N ALA C 544 -1.25 54.44 -27.65
CA ALA C 544 -2.57 55.05 -27.76
C ALA C 544 -3.35 54.45 -28.93
N LYS C 545 -2.70 54.30 -30.09
CA LYS C 545 -3.40 53.75 -31.25
C LYS C 545 -3.80 52.30 -31.02
N VAL C 546 -2.89 51.48 -30.48
CA VAL C 546 -3.21 50.09 -30.19
C VAL C 546 -4.44 49.98 -29.31
N GLN C 547 -4.50 50.80 -28.26
CA GLN C 547 -5.61 50.70 -27.33
C GLN C 547 -6.91 51.22 -27.95
N ALA C 548 -6.80 52.13 -28.92
CA ALA C 548 -7.99 52.65 -29.59
C ALA C 548 -8.58 51.65 -30.59
N HIS C 549 -7.81 50.67 -31.05
CA HIS C 549 -8.34 49.75 -32.05
C HIS C 549 -9.53 48.99 -31.48
N THR C 550 -10.52 48.73 -32.34
CA THR C 550 -11.68 47.96 -31.91
C THR C 550 -11.63 46.51 -32.37
N GLY C 551 -10.57 46.10 -33.08
CA GLY C 551 -10.41 44.74 -33.49
C GLY C 551 -9.03 44.22 -33.12
N PRO C 552 -8.62 43.11 -33.73
CA PRO C 552 -7.29 42.57 -33.43
C PRO C 552 -6.18 43.51 -33.88
N VAL C 553 -5.10 43.52 -33.10
CA VAL C 553 -3.95 44.37 -33.38
C VAL C 553 -2.70 43.66 -32.89
N ILE C 554 -1.62 43.77 -33.66
CA ILE C 554 -0.32 43.28 -33.26
C ILE C 554 0.62 44.47 -33.10
N CYS C 555 1.41 44.45 -32.04
CA CYS C 555 2.45 45.45 -31.82
C CYS C 555 3.72 44.70 -31.44
N GLU C 556 4.71 44.73 -32.32
CA GLU C 556 6.02 44.16 -32.01
C GLU C 556 6.82 45.15 -31.18
N VAL C 557 7.45 44.66 -30.12
CA VAL C 557 8.32 45.47 -29.25
C VAL C 557 9.72 44.88 -29.31
N PHE C 558 10.68 45.68 -29.75
CA PHE C 558 12.05 45.21 -29.91
C PHE C 558 12.86 45.52 -28.66
N MET C 559 13.58 44.53 -28.17
CA MET C 559 14.43 44.68 -27.00
C MET C 559 15.81 44.11 -27.29
N HIS C 560 16.74 44.42 -26.39
CA HIS C 560 18.10 43.91 -26.52
C HIS C 560 18.10 42.38 -26.47
N PRO C 561 18.75 41.70 -27.41
CA PRO C 561 18.74 40.24 -27.43
C PRO C 561 19.44 39.58 -26.25
N GLN C 562 20.20 40.32 -25.44
CA GLN C 562 20.76 39.77 -24.20
C GLN C 562 20.31 40.56 -22.98
N GLN C 563 19.16 41.24 -23.05
CA GLN C 563 18.71 41.98 -21.88
C GLN C 563 18.61 41.06 -20.67
N LEU C 564 19.04 41.59 -19.51
CA LEU C 564 18.93 40.84 -18.27
C LEU C 564 17.50 40.89 -17.74
N PHE C 565 17.08 39.77 -17.15
CA PHE C 565 15.90 39.73 -16.30
C PHE C 565 16.37 39.91 -14.86
N SER C 566 15.80 40.89 -14.16
CA SER C 566 16.20 41.18 -12.80
C SER C 566 15.12 42.04 -12.16
N PRO C 567 15.04 42.06 -10.84
CA PRO C 567 15.87 41.30 -9.88
C PRO C 567 15.52 39.82 -9.93
N LYS C 568 16.47 38.95 -9.61
CA LYS C 568 16.17 37.53 -9.53
C LYS C 568 17.19 36.86 -8.61
N LEU C 569 16.73 35.82 -7.92
CA LEU C 569 17.59 35.02 -7.06
C LEU C 569 18.39 34.09 -7.94
N GLY C 570 19.67 34.41 -8.15
CA GLY C 570 20.52 33.57 -8.96
C GLY C 570 21.74 33.10 -8.20
N VAL C 571 22.41 32.08 -8.73
CA VAL C 571 23.68 31.65 -8.17
C VAL C 571 24.71 32.76 -8.33
N VAL C 572 25.57 32.92 -7.31
CA VAL C 572 26.59 33.95 -7.29
C VAL C 572 27.94 33.30 -6.97
N SER C 573 29.01 34.03 -7.28
CA SER C 573 30.37 33.57 -7.01
C SER C 573 30.94 34.21 -5.75
N ASP C 576 37.08 34.73 -5.30
CA ASP C 576 37.31 33.51 -4.55
C ASP C 576 36.90 32.27 -5.35
N GLY C 577 35.72 32.33 -5.96
CA GLY C 577 35.31 31.35 -6.95
C GLY C 577 34.38 30.26 -6.49
N THR C 578 33.94 30.26 -5.24
CA THR C 578 32.97 29.27 -4.80
C THR C 578 31.56 29.74 -5.17
N LEU C 579 30.71 28.77 -5.52
CA LEU C 579 29.34 29.07 -5.93
C LEU C 579 28.39 29.00 -4.74
N VAL C 580 27.58 30.04 -4.57
CA VAL C 580 26.66 30.14 -3.44
C VAL C 580 25.27 30.45 -3.96
N SER C 581 24.26 29.77 -3.42
CA SER C 581 22.86 30.10 -3.67
C SER C 581 22.40 31.04 -2.57
N PRO C 582 22.28 32.34 -2.84
CA PRO C 582 22.06 33.30 -1.75
C PRO C 582 20.66 33.16 -1.16
N PRO C 583 20.44 33.71 0.02
CA PRO C 583 19.11 33.70 0.62
C PRO C 583 18.18 34.64 -0.13
N LEU C 584 16.89 34.39 0.08
CA LEU C 584 15.84 35.00 -0.73
C LEU C 584 15.91 36.52 -0.78
N GLU C 585 16.38 37.16 0.30
CA GLU C 585 16.40 38.61 0.31
C GLU C 585 17.50 39.20 -0.58
N ASP C 586 18.49 38.38 -0.96
CA ASP C 586 19.69 38.87 -1.63
C ASP C 586 19.59 38.59 -3.14
N LEU C 587 18.70 39.34 -3.78
CA LEU C 587 18.46 39.20 -5.21
C LEU C 587 19.57 39.87 -6.02
N SER C 588 19.83 39.33 -7.23
CA SER C 588 20.83 39.87 -8.13
C SER C 588 20.19 40.78 -9.18
N PRO C 589 20.95 41.77 -9.68
CA PRO C 589 22.32 42.14 -9.31
C PRO C 589 22.39 42.56 -7.84
N LEU C 590 23.43 42.10 -7.16
CA LEU C 590 23.51 42.25 -5.71
C LEU C 590 23.71 43.71 -5.33
N ILE C 591 22.97 44.15 -4.31
CA ILE C 591 23.13 45.49 -3.78
C ILE C 591 24.37 45.53 -2.88
N PRO C 592 24.93 46.69 -2.59
CA PRO C 592 26.13 46.73 -1.75
C PRO C 592 25.84 46.16 -0.37
N ARG C 593 26.85 45.49 0.19
CA ARG C 593 26.65 44.76 1.43
C ARG C 593 26.29 45.68 2.59
N ASP C 594 26.81 46.91 2.59
CA ASP C 594 26.48 47.82 3.68
C ASP C 594 25.01 48.24 3.64
N VAL C 595 24.42 48.34 2.45
CA VAL C 595 23.01 48.64 2.35
C VAL C 595 22.18 47.41 2.73
N LEU C 596 22.64 46.21 2.35
CA LEU C 596 21.95 45.01 2.77
C LEU C 596 21.94 44.90 4.30
N GLU C 597 23.07 45.21 4.94
CA GLU C 597 23.15 45.12 6.39
C GLU C 597 22.08 45.99 7.06
N GLN C 598 21.88 47.22 6.57
CA GLN C 598 20.90 48.10 7.18
C GLN C 598 19.46 47.72 6.85
N ALA C 599 19.24 46.97 5.76
CA ALA C 599 17.89 46.55 5.40
C ALA C 599 17.44 45.30 6.16
N MET C 600 18.37 44.56 6.76
CA MET C 600 18.03 43.29 7.41
C MET C 600 18.02 43.50 8.92
N ILE C 601 16.86 43.27 9.54
CA ILE C 601 16.74 43.47 10.98
C ILE C 601 17.85 42.73 11.71
N GLY C 602 17.99 41.44 11.45
CA GLY C 602 19.02 40.67 12.14
C GLY C 602 20.39 40.77 11.52
N GLY C 603 20.67 41.87 10.82
CA GLY C 603 21.85 41.92 9.98
C GLY C 603 21.73 40.91 8.86
N MET C 604 22.71 40.85 7.98
CA MET C 604 22.59 40.01 6.80
C MET C 604 22.96 38.56 7.11
N HIS C 605 22.35 37.64 6.37
CA HIS C 605 22.69 36.23 6.45
C HIS C 605 24.17 36.01 6.22
N GLU C 606 24.70 34.91 6.77
CA GLU C 606 26.12 34.62 6.65
C GLU C 606 26.52 34.39 5.20
N LYS C 607 25.66 33.75 4.41
CA LYS C 607 25.95 33.57 2.98
C LYS C 607 26.13 34.91 2.29
N SER C 608 25.44 35.95 2.74
CA SER C 608 25.52 37.25 2.08
C SER C 608 26.81 37.99 2.39
N LYS C 609 27.38 37.81 3.59
CA LYS C 609 28.62 38.50 3.91
C LYS C 609 29.74 38.11 2.96
N THR C 610 29.82 36.82 2.62
CA THR C 610 30.93 36.27 1.85
C THR C 610 30.93 36.71 0.39
N LEU C 611 29.86 37.34 -0.09
CA LEU C 611 29.79 37.81 -1.47
C LEU C 611 30.34 39.24 -1.58
N ASP D 4 60.21 12.48 58.12
CA ASP D 4 58.78 12.30 57.88
C ASP D 4 58.39 10.84 58.05
N ASN D 5 57.38 10.58 58.88
CA ASN D 5 56.92 9.23 59.17
C ASN D 5 55.48 9.02 58.73
N LYS D 6 55.16 9.37 57.49
CA LYS D 6 53.80 9.33 57.01
C LYS D 6 53.71 8.55 55.70
N VAL D 7 52.55 7.95 55.48
CA VAL D 7 52.30 7.09 54.32
C VAL D 7 51.10 7.62 53.56
N LYS D 8 51.15 7.51 52.24
CA LYS D 8 50.07 7.97 51.40
C LYS D 8 48.82 7.11 51.62
N VAL D 9 47.68 7.78 51.76
CA VAL D 9 46.44 7.07 52.05
C VAL D 9 46.17 6.02 50.98
N ALA D 10 46.35 6.40 49.71
CA ALA D 10 46.10 5.47 48.62
C ALA D 10 46.93 4.19 48.76
N GLU D 11 48.16 4.31 49.28
CA GLU D 11 48.98 3.12 49.46
C GLU D 11 48.48 2.27 50.62
N LEU D 12 47.96 2.90 51.67
CA LEU D 12 47.30 2.16 52.73
C LEU D 12 46.05 1.45 52.21
N VAL D 13 45.33 2.09 51.28
CA VAL D 13 44.16 1.46 50.68
C VAL D 13 44.58 0.23 49.87
N ALA D 14 45.64 0.36 49.06
CA ALA D 14 46.11 -0.79 48.31
C ALA D 14 46.53 -1.93 49.24
N GLU D 15 47.15 -1.59 50.37
CA GLU D 15 47.52 -2.62 51.34
C GLU D 15 46.28 -3.27 51.96
N ALA D 16 45.26 -2.47 52.26
CA ALA D 16 44.04 -3.04 52.84
C ALA D 16 43.37 -4.02 51.88
N LEU D 17 43.32 -3.66 50.59
CA LEU D 17 42.74 -4.57 49.61
C LEU D 17 43.43 -5.93 49.65
N GLU D 18 44.76 -5.92 49.67
CA GLU D 18 45.48 -7.19 49.80
C GLU D 18 45.10 -7.90 51.09
N ASN D 19 45.10 -7.18 52.22
CA ASN D 19 44.73 -7.81 53.48
C ASN D 19 43.31 -8.35 53.45
N LEU D 20 42.43 -7.75 52.62
CA LEU D 20 41.07 -8.26 52.50
C LEU D 20 40.95 -9.39 51.50
N GLY D 21 42.01 -9.69 50.76
CA GLY D 21 41.98 -10.77 49.79
C GLY D 21 41.39 -10.40 48.45
N ILE D 22 41.29 -9.11 48.16
CA ILE D 22 40.70 -8.65 46.92
C ILE D 22 41.79 -8.69 45.85
N GLN D 23 41.71 -9.67 44.96
CA GLN D 23 42.70 -9.87 43.93
C GLN D 23 42.32 -9.25 42.60
N HIS D 24 41.09 -8.79 42.43
CA HIS D 24 40.71 -8.14 41.19
C HIS D 24 39.85 -6.91 41.46
N ALA D 25 40.12 -5.87 40.66
CA ALA D 25 39.33 -4.66 40.58
C ALA D 25 39.02 -4.40 39.11
N PHE D 26 37.79 -4.02 38.84
CA PHE D 26 37.34 -3.65 37.51
C PHE D 26 37.00 -2.16 37.51
N GLY D 27 37.41 -1.42 36.49
CA GLY D 27 37.03 -0.03 36.45
C GLY D 27 37.65 0.74 35.32
N ILE D 28 37.56 2.06 35.44
CA ILE D 28 38.10 2.99 34.47
C ILE D 28 38.74 4.15 35.23
N ILE D 29 39.90 4.57 34.76
CA ILE D 29 40.69 5.57 35.45
C ILE D 29 40.12 6.96 35.20
N GLY D 30 40.47 7.88 36.08
CA GLY D 30 40.23 9.30 35.90
C GLY D 30 40.95 10.03 37.01
N ALA D 31 40.98 11.36 36.90
CA ALA D 31 41.62 12.15 37.95
C ALA D 31 41.09 11.77 39.33
N GLY D 32 39.80 11.43 39.41
CA GLY D 32 39.20 11.09 40.69
C GLY D 32 39.70 9.81 41.31
N ASN D 33 40.34 8.94 40.53
CA ASN D 33 40.89 7.73 41.14
C ASN D 33 42.30 7.40 40.66
N VAL D 34 42.99 8.34 40.02
CA VAL D 34 44.33 8.05 39.51
C VAL D 34 45.28 7.67 40.62
N HIS D 35 45.13 8.25 41.81
CA HIS D 35 46.03 7.92 42.91
C HIS D 35 45.83 6.48 43.37
N LEU D 36 44.58 6.00 43.34
CA LEU D 36 44.32 4.61 43.72
C LEU D 36 44.81 3.64 42.66
N PHE D 37 44.58 3.96 41.37
CA PHE D 37 45.13 3.14 40.30
C PHE D 37 46.64 2.99 40.45
N GLU D 38 47.34 4.10 40.71
CA GLU D 38 48.79 4.06 40.84
C GLU D 38 49.20 3.17 42.00
N ALA D 39 48.62 3.41 43.18
CA ALA D 39 48.99 2.63 44.36
C ALA D 39 48.69 1.15 44.19
N ILE D 40 47.53 0.82 43.62
CA ILE D 40 47.17 -0.58 43.45
C ILE D 40 48.11 -1.27 42.46
N ALA D 41 48.44 -0.59 41.36
CA ALA D 41 49.32 -1.19 40.37
C ALA D 41 50.74 -1.34 40.91
N ARG D 42 51.22 -0.35 41.66
CA ARG D 42 52.55 -0.46 42.25
C ARG D 42 52.64 -1.65 43.21
N ARG D 43 51.64 -1.84 44.05
CA ARG D 43 51.73 -2.91 45.03
C ARG D 43 51.73 -4.28 44.36
N GLY D 44 51.04 -4.43 43.23
CA GLY D 44 51.15 -5.64 42.43
C GLY D 44 50.41 -6.86 42.94
N TYR D 45 49.51 -6.71 43.90
CA TYR D 45 48.70 -7.83 44.38
C TYR D 45 47.35 -7.89 43.71
N THR D 46 46.67 -6.76 43.60
CA THR D 46 45.36 -6.66 43.00
C THR D 46 45.54 -6.35 41.52
N GLU D 47 45.03 -7.21 40.65
CA GLU D 47 45.02 -6.93 39.22
C GLU D 47 43.84 -6.03 38.88
N ILE D 48 44.12 -4.93 38.18
CA ILE D 48 43.08 -4.01 37.74
C ILE D 48 42.70 -4.38 36.31
N VAL D 49 41.42 -4.64 36.08
CA VAL D 49 40.90 -4.90 34.75
C VAL D 49 40.23 -3.62 34.27
N CYS D 50 40.81 -3.00 33.25
CA CYS D 50 40.22 -1.81 32.65
C CYS D 50 39.10 -2.23 31.70
N VAL D 51 37.88 -1.76 31.96
CA VAL D 51 36.77 -2.00 31.05
C VAL D 51 36.55 -0.75 30.21
N HIS D 52 35.58 -0.79 29.31
CA HIS D 52 35.29 0.34 28.43
C HIS D 52 33.97 1.01 28.74
N HIS D 53 33.26 0.56 29.76
CA HIS D 53 32.09 1.25 30.30
C HIS D 53 31.96 0.78 31.75
N GLU D 54 31.84 1.74 32.67
CA GLU D 54 31.87 1.39 34.09
C GLU D 54 30.72 0.45 34.46
N GLN D 55 29.61 0.49 33.72
CA GLN D 55 28.54 -0.47 33.95
C GLN D 55 29.09 -1.90 33.92
N ALA D 56 29.96 -2.19 32.95
CA ALA D 56 30.53 -3.53 32.83
C ALA D 56 31.32 -3.91 34.09
N ALA D 57 32.00 -2.93 34.70
CA ALA D 57 32.76 -3.21 35.91
C ALA D 57 31.84 -3.61 37.06
N CYS D 58 30.76 -2.86 37.26
CA CYS D 58 29.86 -3.16 38.37
C CYS D 58 29.04 -4.42 38.12
N MET D 59 29.00 -4.91 36.88
CA MET D 59 28.41 -6.21 36.60
C MET D 59 29.41 -7.34 36.78
N ALA D 60 30.64 -7.17 36.29
CA ALA D 60 31.63 -8.23 36.34
C ALA D 60 31.92 -8.67 37.77
N VAL D 61 31.95 -7.71 38.71
CA VAL D 61 32.26 -8.03 40.09
C VAL D 61 31.26 -9.01 40.67
N GLN D 62 30.04 -9.03 40.12
CA GLN D 62 29.00 -9.91 40.66
C GLN D 62 29.28 -11.37 40.33
N THR D 63 29.46 -11.70 39.05
CA THR D 63 29.71 -13.08 38.68
C THR D 63 31.10 -13.51 39.11
N TYR D 64 32.04 -12.58 39.15
CA TYR D 64 33.32 -12.86 39.80
C TYR D 64 33.08 -13.48 41.18
N TYR D 65 32.29 -12.82 42.02
CA TYR D 65 32.08 -13.35 43.37
C TYR D 65 31.37 -14.69 43.33
N ARG D 66 30.36 -14.82 42.48
CA ARG D 66 29.56 -16.04 42.44
C ARG D 66 30.39 -17.24 42.03
N THR D 67 31.52 -17.04 41.36
CA THR D 67 32.27 -18.17 40.83
C THR D 67 32.97 -18.95 41.94
N ASN D 68 33.77 -18.26 42.77
CA ASN D 68 34.53 -18.93 43.81
C ASN D 68 34.36 -18.32 45.20
N GLY D 69 33.50 -17.31 45.34
CA GLY D 69 33.23 -16.74 46.65
C GLY D 69 34.23 -15.70 47.11
N ARG D 70 35.03 -15.16 46.20
CA ARG D 70 35.97 -14.09 46.50
C ARG D 70 35.39 -12.79 45.99
N ILE D 71 35.32 -11.78 46.86
CA ILE D 71 34.73 -10.51 46.48
C ILE D 71 35.69 -9.73 45.59
N ALA D 72 35.13 -8.89 44.72
CA ALA D 72 35.92 -8.01 43.87
C ALA D 72 35.45 -6.58 44.03
N ALA D 73 36.27 -5.65 43.57
CA ALA D 73 35.98 -4.23 43.67
C ALA D 73 35.75 -3.61 42.31
N ALA D 74 34.83 -2.67 42.25
CA ALA D 74 34.67 -1.79 41.11
C ALA D 74 35.31 -0.44 41.46
N LEU D 75 36.18 0.04 40.58
CA LEU D 75 37.00 1.22 40.81
C LEU D 75 36.55 2.32 39.85
N LEU D 76 35.81 3.30 40.37
CA LEU D 76 35.15 4.30 39.55
C LEU D 76 35.69 5.70 39.86
N THR D 77 35.62 6.57 38.87
CA THR D 77 36.06 7.94 39.05
C THR D 77 34.86 8.87 39.24
N THR D 78 35.19 10.15 39.37
CA THR D 78 34.21 11.22 39.59
C THR D 78 33.19 11.30 38.47
N GLY D 79 32.03 11.85 38.80
CA GLY D 79 31.09 12.24 37.76
C GLY D 79 30.53 11.06 36.99
N ALA D 80 30.66 11.11 35.66
CA ALA D 80 30.11 10.04 34.82
C ALA D 80 30.77 8.70 35.10
N GLY D 81 31.97 8.69 35.68
CA GLY D 81 32.57 7.42 36.07
C GLY D 81 31.73 6.69 37.10
N SER D 82 31.05 7.45 37.97
CA SER D 82 30.18 6.88 38.99
C SER D 82 28.77 6.66 38.49
N THR D 83 28.19 7.62 37.75
CA THR D 83 26.83 7.43 37.26
C THR D 83 26.76 6.25 36.29
N ASN D 84 27.83 6.00 35.52
CA ASN D 84 27.83 4.87 34.61
C ASN D 84 27.79 3.54 35.33
N GLY D 85 28.08 3.51 36.64
CA GLY D 85 28.07 2.26 37.36
C GLY D 85 26.75 1.85 37.95
N VAL D 86 25.76 2.74 37.95
CA VAL D 86 24.58 2.54 38.79
C VAL D 86 23.79 1.29 38.38
N THR D 87 23.67 1.03 37.07
CA THR D 87 22.89 -0.13 36.66
C THR D 87 23.43 -1.42 37.27
N GLY D 88 24.76 -1.57 37.31
CA GLY D 88 25.34 -2.75 37.91
C GLY D 88 25.15 -2.82 39.41
N VAL D 89 25.16 -1.68 40.10
CA VAL D 89 24.87 -1.66 41.52
C VAL D 89 23.46 -2.20 41.77
N VAL D 90 22.48 -1.73 41.00
CA VAL D 90 21.10 -2.13 41.21
C VAL D 90 20.92 -3.63 40.94
N SER D 91 21.62 -4.18 39.96
CA SER D 91 21.45 -5.61 39.70
C SER D 91 22.09 -6.45 40.81
N ALA D 92 23.22 -6.01 41.37
CA ALA D 92 23.77 -6.68 42.54
C ALA D 92 22.80 -6.63 43.71
N TRP D 93 22.25 -5.44 43.96
CA TRP D 93 21.22 -5.24 44.97
C TRP D 93 20.04 -6.19 44.78
N ALA D 94 19.50 -6.26 43.58
CA ALA D 94 18.31 -7.07 43.35
C ALA D 94 18.59 -8.56 43.52
N ASP D 95 19.82 -9.00 43.23
CA ASP D 95 20.15 -10.42 43.27
C ASP D 95 20.94 -10.83 44.52
N SER D 96 21.12 -9.92 45.47
CA SER D 96 21.77 -10.24 46.75
C SER D 96 23.23 -10.67 46.56
N ILE D 97 23.94 -10.03 45.64
CA ILE D 97 25.32 -10.40 45.31
C ILE D 97 26.26 -9.40 45.97
N PRO D 98 27.20 -9.85 46.80
CA PRO D 98 28.12 -8.91 47.44
C PRO D 98 29.19 -8.40 46.47
N CYS D 99 29.50 -7.11 46.60
CA CYS D 99 30.57 -6.46 45.87
C CYS D 99 30.75 -5.08 46.51
N ILE D 100 31.88 -4.45 46.22
CA ILE D 100 32.17 -3.13 46.75
C ILE D 100 32.56 -2.20 45.60
N VAL D 101 31.96 -1.03 45.58
CA VAL D 101 32.35 0.05 44.67
C VAL D 101 33.23 1.02 45.45
N ILE D 102 34.38 1.34 44.89
CA ILE D 102 35.23 2.41 45.39
C ILE D 102 35.19 3.51 44.34
N ALA D 103 34.58 4.63 44.68
CA ALA D 103 34.39 5.73 43.73
C ALA D 103 35.17 6.96 44.20
N GLY D 104 35.91 7.56 43.27
CA GLY D 104 36.54 8.83 43.56
C GLY D 104 35.55 9.98 43.51
N ASN D 105 36.03 11.14 43.94
CA ASN D 105 35.24 12.35 43.78
C ASN D 105 36.16 13.56 43.84
N GLU D 106 35.56 14.74 43.70
CA GLU D 106 36.25 16.01 43.80
C GLU D 106 36.86 16.18 45.19
N ASN D 107 37.67 17.22 45.34
N ASN D 107 37.65 17.25 45.34
CA ASN D 107 38.25 17.53 46.64
CA ASN D 107 38.20 17.63 46.64
C ASN D 107 37.14 17.68 47.68
C ASN D 107 37.09 17.65 47.68
N SER D 108 37.41 17.17 48.88
CA SER D 108 36.39 17.07 49.93
C SER D 108 35.83 18.42 50.34
N LYS D 109 36.55 19.51 50.10
CA LYS D 109 35.96 20.82 50.44
C LYS D 109 34.70 21.09 49.65
N PHE D 110 34.46 20.38 48.55
CA PHE D 110 33.26 20.55 47.75
C PHE D 110 32.17 19.53 48.07
N THR D 111 32.55 18.39 48.66
CA THR D 111 31.69 17.21 48.64
C THR D 111 30.86 17.17 49.93
N PHE D 112 29.83 18.02 49.97
CA PHE D 112 28.87 17.95 51.05
C PHE D 112 27.46 18.20 50.51
N PRO D 113 26.45 17.52 51.06
CA PRO D 113 25.09 17.67 50.52
C PRO D 113 24.54 19.08 50.60
N GLU D 114 24.97 19.88 51.56
CA GLU D 114 24.47 21.24 51.70
C GLU D 114 25.08 22.21 50.69
N ASN D 115 26.03 21.75 49.87
CA ASN D 115 26.56 22.58 48.79
C ASN D 115 25.40 23.07 47.94
N PRO D 116 25.22 24.39 47.78
CA PRO D 116 24.03 24.88 47.07
C PRO D 116 24.11 24.80 45.55
N LEU D 117 25.26 24.45 45.00
CA LEU D 117 25.46 24.47 43.56
C LEU D 117 24.99 23.15 42.95
N ARG D 118 24.65 23.20 41.66
CA ARG D 118 24.13 22.01 41.00
C ARG D 118 25.14 20.87 41.02
N MET D 119 26.43 21.19 40.92
CA MET D 119 27.48 20.20 40.88
C MET D 119 28.58 20.58 41.87
N TRP D 120 29.38 19.58 42.22
CA TRP D 120 30.45 19.72 43.20
C TRP D 120 31.79 19.91 42.49
N GLY D 121 32.52 20.95 42.86
CA GLY D 121 33.82 21.18 42.26
C GLY D 121 33.71 21.35 40.76
N VAL D 122 34.47 20.57 40.01
CA VAL D 122 34.45 20.65 38.56
C VAL D 122 33.34 19.83 37.95
N GLN D 123 33.16 18.59 38.39
CA GLN D 123 32.23 17.68 37.76
C GLN D 123 31.75 16.57 38.68
N GLY D 124 31.68 16.83 39.99
CA GLY D 124 31.26 15.83 40.94
C GLY D 124 29.82 16.01 41.39
N TYR D 125 29.31 14.98 42.06
CA TYR D 125 27.95 14.99 42.60
C TYR D 125 27.92 14.01 43.76
N ASP D 126 26.77 13.97 44.45
CA ASP D 126 26.63 13.10 45.60
C ASP D 126 26.36 11.68 45.12
N SER D 127 27.44 10.92 44.90
CA SER D 127 27.31 9.57 44.38
C SER D 127 26.72 8.62 45.42
N CYS D 128 26.89 8.93 46.71
CA CYS D 128 26.27 8.11 47.76
C CYS D 128 24.75 8.24 47.76
N GLN D 129 24.24 9.48 47.61
CA GLN D 129 22.79 9.67 47.63
C GLN D 129 22.13 8.94 46.46
N MET D 130 22.79 8.93 45.29
CA MET D 130 22.16 8.36 44.11
C MET D 130 21.89 6.86 44.28
N VAL D 131 22.71 6.15 45.05
CA VAL D 131 22.56 4.70 45.22
C VAL D 131 22.04 4.35 46.61
N GLU D 132 21.52 5.34 47.34
CA GLU D 132 21.14 5.16 48.74
C GLU D 132 20.03 4.15 48.94
N ARG D 133 19.15 3.97 47.95
CA ARG D 133 18.03 3.05 48.06
C ARG D 133 18.30 1.72 47.39
N VAL D 134 19.48 1.54 46.79
CA VAL D 134 19.78 0.35 46.00
C VAL D 134 21.15 -0.18 46.39
N SER D 135 21.56 0.05 47.63
CA SER D 135 22.80 -0.52 48.16
C SER D 135 22.68 -0.63 49.67
N LYS D 136 23.48 -1.51 50.26
CA LYS D 136 23.36 -1.81 51.67
C LYS D 136 23.96 -0.71 52.55
N TYR D 137 24.93 0.03 52.03
CA TYR D 137 25.75 0.95 52.81
C TYR D 137 26.44 1.87 51.82
N GLN D 138 26.43 3.15 52.13
CA GLN D 138 27.16 4.15 51.38
C GLN D 138 27.90 5.02 52.39
N MET D 139 29.12 5.40 52.07
CA MET D 139 29.85 6.29 52.98
C MET D 139 30.87 7.09 52.19
N ARG D 140 30.89 8.39 52.43
CA ARG D 140 31.94 9.26 51.92
C ARG D 140 33.02 9.41 52.99
N VAL D 141 34.25 9.06 52.64
CA VAL D 141 35.38 9.23 53.54
C VAL D 141 35.82 10.69 53.50
N THR D 142 35.68 11.37 54.64
CA THR D 142 36.14 12.74 54.79
C THR D 142 37.30 12.87 55.76
N LYS D 143 37.73 11.78 56.39
CA LYS D 143 38.86 11.76 57.30
C LYS D 143 39.82 10.68 56.85
N MET D 144 41.07 11.07 56.57
CA MET D 144 42.04 10.15 56.01
C MET D 144 42.21 8.92 56.89
N GLU D 145 42.23 9.11 58.21
CA GLU D 145 42.46 7.99 59.11
C GLU D 145 41.35 6.95 59.06
N ARG D 146 40.25 7.23 58.36
CA ARG D 146 39.13 6.29 58.28
C ARG D 146 38.97 5.66 56.90
N ALA D 147 39.88 5.93 55.97
CA ALA D 147 39.72 5.39 54.62
C ALA D 147 39.73 3.86 54.63
N VAL D 148 40.64 3.25 55.39
CA VAL D 148 40.72 1.79 55.38
C VAL D 148 39.57 1.19 56.19
N TYR D 149 39.21 1.84 57.31
CA TYR D 149 38.08 1.39 58.11
C TYR D 149 36.82 1.23 57.28
N GLU D 150 36.55 2.22 56.42
CA GLU D 150 35.30 2.20 55.67
C GLU D 150 35.34 1.14 54.57
N LEU D 151 36.52 0.87 54.03
CA LEU D 151 36.66 -0.20 53.05
C LEU D 151 36.46 -1.57 53.71
N GLU D 152 37.07 -1.78 54.88
CA GLU D 152 36.85 -3.02 55.61
C GLU D 152 35.39 -3.17 55.99
N LYS D 153 34.76 -2.09 56.44
CA LYS D 153 33.35 -2.13 56.80
C LYS D 153 32.48 -2.38 55.58
N GLY D 154 32.84 -1.77 54.45
CA GLY D 154 32.07 -1.97 53.24
C GLY D 154 32.11 -3.41 52.77
N VAL D 155 33.26 -4.06 52.93
CA VAL D 155 33.36 -5.47 52.56
C VAL D 155 32.54 -6.33 53.52
N HIS D 156 32.65 -6.08 54.81
CA HIS D 156 31.90 -6.90 55.75
C HIS D 156 30.40 -6.72 55.55
N LEU D 157 29.95 -5.47 55.36
CA LEU D 157 28.52 -5.22 55.19
C LEU D 157 28.01 -5.78 53.89
N ALA D 158 28.84 -5.81 52.85
CA ALA D 158 28.42 -6.45 51.61
C ALA D 158 28.14 -7.93 51.82
N LEU D 159 28.94 -8.59 52.66
CA LEU D 159 28.85 -10.03 52.85
C LEU D 159 27.89 -10.44 53.96
N GLU D 160 27.58 -9.51 54.87
CA GLU D 160 26.70 -9.77 56.01
C GLU D 160 25.29 -10.11 55.56
N GLY D 161 24.59 -10.88 56.40
CA GLY D 161 23.15 -11.06 56.27
C GLY D 161 22.74 -11.41 54.86
N ARG D 162 21.77 -10.68 54.33
CA ARG D 162 21.47 -10.76 52.90
C ARG D 162 22.52 -9.97 52.14
N PRO D 163 23.37 -10.61 51.34
CA PRO D 163 24.48 -9.88 50.72
C PRO D 163 23.98 -8.84 49.71
N GLY D 164 24.88 -7.91 49.38
CA GLY D 164 24.57 -6.86 48.45
C GLY D 164 25.75 -5.94 48.20
N PRO D 165 25.58 -4.95 47.34
CA PRO D 165 26.66 -4.00 47.06
C PRO D 165 26.78 -2.94 48.14
N THR D 166 28.01 -2.45 48.32
CA THR D 166 28.28 -1.29 49.15
C THR D 166 29.07 -0.28 48.32
N TRP D 167 28.98 1.00 48.72
CA TRP D 167 29.50 2.12 47.93
C TRP D 167 30.32 3.02 48.84
N ILE D 168 31.64 2.99 48.67
CA ILE D 168 32.56 3.81 49.44
C ILE D 168 33.14 4.87 48.52
N GLU D 169 32.85 6.13 48.80
CA GLU D 169 33.37 7.26 48.04
C GLU D 169 34.58 7.85 48.77
N ILE D 170 35.68 8.03 48.05
CA ILE D 170 36.90 8.58 48.60
C ILE D 170 37.31 9.79 47.76
N PRO D 171 37.08 11.00 48.27
CA PRO D 171 37.53 12.20 47.56
C PRO D 171 39.02 12.16 47.21
N MET D 172 39.34 12.87 46.13
CA MET D 172 40.68 12.93 45.58
C MET D 172 41.72 13.32 46.61
N ASP D 173 41.45 14.39 47.35
CA ASP D 173 42.43 14.89 48.31
C ASP D 173 42.61 13.92 49.48
N ILE D 174 41.60 13.11 49.78
CA ILE D 174 41.77 12.09 50.82
C ILE D 174 42.70 10.98 50.34
N GLN D 175 42.61 10.62 49.05
CA GLN D 175 43.47 9.59 48.49
C GLN D 175 44.93 10.01 48.49
N SER D 176 45.19 11.29 48.25
CA SER D 176 46.54 11.79 48.06
C SER D 176 47.17 12.32 49.32
N GLY D 177 46.45 12.31 50.44
CA GLY D 177 47.00 12.78 51.69
C GLY D 177 47.93 11.77 52.32
N ARG D 178 48.61 12.21 53.38
CA ARG D 178 49.56 11.39 54.10
C ARG D 178 49.25 11.43 55.58
N ILE D 179 49.30 10.25 56.22
CA ILE D 179 49.03 10.12 57.64
C ILE D 179 50.02 9.16 58.29
N ASP D 180 50.15 9.29 59.60
CA ASP D 180 50.89 8.33 60.41
C ASP D 180 50.17 6.98 60.37
N PRO D 181 50.80 5.94 59.83
CA PRO D 181 50.09 4.65 59.70
C PRO D 181 49.54 4.13 61.02
N ALA D 182 50.10 4.55 62.16
CA ALA D 182 49.63 4.07 63.44
C ALA D 182 48.35 4.74 63.91
N THR D 183 47.94 5.83 63.27
CA THR D 183 46.64 6.44 63.52
C THR D 183 45.55 5.85 62.64
N LEU D 184 45.89 4.92 61.76
CA LEU D 184 44.92 4.35 60.83
C LEU D 184 43.97 3.42 61.57
N GLU D 185 42.67 3.69 61.45
CA GLU D 185 41.67 2.90 62.14
C GLU D 185 41.30 1.65 61.34
N HIS D 186 40.84 0.63 62.06
CA HIS D 186 40.45 -0.64 61.46
C HIS D 186 39.10 -1.08 62.01
N TYR D 187 38.29 -1.66 61.13
CA TYR D 187 36.95 -2.10 61.48
C TYR D 187 37.00 -3.46 62.18
N VAL D 188 36.19 -3.59 63.21
CA VAL D 188 36.08 -4.83 63.98
C VAL D 188 34.65 -5.33 63.81
N ALA D 189 34.49 -6.44 63.10
CA ALA D 189 33.15 -6.95 62.83
C ALA D 189 32.50 -7.45 64.12
N PRO D 190 31.19 -7.26 64.28
CA PRO D 190 30.52 -7.75 65.48
C PRO D 190 30.50 -9.28 65.49
N PRO D 191 30.24 -9.89 66.64
CA PRO D 191 30.07 -11.35 66.65
C PRO D 191 28.96 -11.76 65.70
N ALA D 192 29.14 -12.93 65.08
CA ALA D 192 28.14 -13.41 64.13
C ALA D 192 26.83 -13.73 64.86
N PRO D 193 25.68 -13.47 64.25
CA PRO D 193 24.42 -13.65 64.96
C PRO D 193 24.09 -15.12 65.18
N ASP D 194 23.36 -15.37 66.27
CA ASP D 194 22.90 -16.71 66.61
C ASP D 194 21.39 -16.74 66.33
N TYR D 195 21.01 -17.27 65.17
CA TYR D 195 19.61 -17.24 64.76
C TYR D 195 18.74 -18.20 65.57
N LEU D 196 19.34 -19.20 66.20
CA LEU D 196 18.56 -20.31 66.77
C LEU D 196 18.12 -19.98 68.21
N THR D 197 17.26 -18.96 68.29
CA THR D 197 16.60 -18.63 69.54
C THR D 197 15.58 -19.69 69.87
N PRO D 198 15.03 -19.67 71.09
CA PRO D 198 13.95 -20.61 71.41
C PRO D 198 12.79 -20.53 70.43
N ALA D 199 12.40 -19.31 70.02
CA ALA D 199 11.30 -19.17 69.07
C ALA D 199 11.65 -19.77 67.71
N VAL D 200 12.85 -19.50 67.21
CA VAL D 200 13.24 -20.04 65.91
C VAL D 200 13.35 -21.55 65.96
N ALA D 201 13.93 -22.08 67.05
CA ALA D 201 13.99 -23.53 67.19
C ALA D 201 12.60 -24.15 67.15
N ALA D 202 11.62 -23.49 67.77
CA ALA D 202 10.26 -24.02 67.73
C ALA D 202 9.71 -24.02 66.32
N GLN D 203 10.13 -23.06 65.49
CA GLN D 203 9.71 -23.05 64.09
C GLN D 203 10.33 -24.22 63.33
N VAL D 204 11.59 -24.53 63.62
CA VAL D 204 12.24 -25.67 62.98
C VAL D 204 11.54 -26.97 63.39
N ASP D 205 11.17 -27.10 64.67
CA ASP D 205 10.42 -28.26 65.11
C ASP D 205 9.08 -28.35 64.39
N SER D 206 8.40 -27.21 64.19
CA SER D 206 7.15 -27.22 63.44
C SER D 206 7.37 -27.67 62.00
N VAL D 207 8.42 -27.16 61.35
CA VAL D 207 8.70 -27.59 59.98
C VAL D 207 8.95 -29.09 59.95
N LEU D 208 9.74 -29.60 60.90
CA LEU D 208 10.06 -31.02 60.87
C LEU D 208 8.80 -31.87 61.05
N ALA D 209 7.90 -31.47 61.95
CA ALA D 209 6.66 -32.21 62.12
C ALA D 209 5.84 -32.20 60.84
N ALA D 210 5.79 -31.06 60.14
CA ALA D 210 5.05 -30.97 58.88
C ALA D 210 5.64 -31.91 57.84
N LEU D 211 6.97 -31.91 57.71
CA LEU D 211 7.64 -32.79 56.76
C LEU D 211 7.34 -34.26 57.05
N ALA D 212 7.48 -34.67 58.31
CA ALA D 212 7.19 -36.05 58.68
C ALA D 212 5.77 -36.43 58.28
N LYS D 213 4.81 -35.54 58.51
CA LYS D 213 3.40 -35.81 58.26
C LYS D 213 3.02 -35.67 56.79
N ALA D 214 3.79 -34.93 56.01
CA ALA D 214 3.37 -34.61 54.65
C ALA D 214 3.37 -35.84 53.75
N GLU D 215 2.31 -35.97 52.96
CA GLU D 215 2.25 -37.03 51.97
C GLU D 215 2.87 -36.61 50.64
N ARG D 216 2.78 -35.32 50.28
CA ARG D 216 3.28 -34.82 49.01
C ARG D 216 4.07 -33.54 49.23
N PRO D 217 5.18 -33.61 49.96
CA PRO D 217 6.00 -32.42 50.19
C PRO D 217 6.86 -32.05 48.99
N VAL D 218 7.16 -30.76 48.88
CA VAL D 218 8.10 -30.24 47.90
C VAL D 218 8.98 -29.21 48.58
N LEU D 219 10.30 -29.39 48.48
CA LEU D 219 11.25 -28.35 48.88
C LEU D 219 11.49 -27.44 47.69
N TRP D 220 11.53 -26.13 47.94
CA TRP D 220 11.81 -25.15 46.90
C TRP D 220 13.09 -24.42 47.30
N LEU D 221 14.17 -24.66 46.55
CA LEU D 221 15.51 -24.28 46.95
C LEU D 221 16.04 -23.17 46.06
N GLY D 222 16.52 -22.09 46.69
CA GLY D 222 17.02 -20.93 45.99
C GLY D 222 18.47 -20.61 46.32
N ASN D 223 18.97 -19.56 45.63
CA ASN D 223 20.37 -19.16 45.70
C ASN D 223 20.80 -18.69 47.08
N GLY D 224 19.86 -18.31 47.93
CA GLY D 224 20.21 -18.03 49.31
C GLY D 224 20.98 -19.16 49.96
N ILE D 225 20.69 -20.40 49.58
CA ILE D 225 21.44 -21.54 50.11
C ILE D 225 22.90 -21.44 49.69
N ARG D 226 23.15 -21.17 48.40
CA ARG D 226 24.53 -21.04 47.95
C ARG D 226 25.21 -19.84 48.60
N LEU D 227 24.50 -18.71 48.67
CA LEU D 227 25.07 -17.53 49.31
C LEU D 227 25.44 -17.80 50.76
N ALA D 228 24.68 -18.68 51.42
CA ALA D 228 24.93 -19.04 52.81
C ALA D 228 26.04 -20.07 52.98
N GLY D 229 26.53 -20.66 51.89
CA GLY D 229 27.50 -21.73 52.00
C GLY D 229 26.94 -23.08 52.34
N GLY D 230 25.67 -23.34 52.01
CA GLY D 230 25.03 -24.56 52.47
C GLY D 230 24.61 -25.54 51.39
N GLU D 231 25.09 -25.36 50.16
CA GLU D 231 24.63 -26.21 49.07
C GLU D 231 25.10 -27.66 49.23
N ARG D 232 26.19 -27.91 49.95
CA ARG D 232 26.65 -29.28 50.13
C ARG D 232 25.82 -30.07 51.13
N LEU D 233 24.91 -29.40 51.84
CA LEU D 233 23.99 -30.09 52.74
C LEU D 233 22.72 -30.57 52.05
N LEU D 234 22.53 -30.24 50.78
CA LEU D 234 21.23 -30.45 50.15
C LEU D 234 20.98 -31.92 49.86
N LYS D 235 21.94 -32.60 49.21
CA LYS D 235 21.78 -34.02 48.96
C LYS D 235 21.49 -34.80 50.23
N PRO D 236 22.32 -34.71 51.28
CA PRO D 236 21.97 -35.39 52.54
C PRO D 236 20.60 -35.01 53.07
N LEU D 237 20.24 -33.72 53.04
CA LEU D 237 18.93 -33.32 53.53
C LEU D 237 17.81 -33.98 52.73
N LEU D 238 17.94 -33.99 51.39
CA LEU D 238 16.88 -34.53 50.55
C LEU D 238 16.76 -36.04 50.71
N GLU D 239 17.89 -36.74 50.83
CA GLU D 239 17.84 -38.19 50.99
C GLU D 239 17.25 -38.57 52.35
N LYS D 240 17.61 -37.84 53.40
CA LYS D 240 17.05 -38.11 54.73
C LYS D 240 15.54 -37.88 54.73
N LEU D 241 15.09 -36.81 54.07
CA LEU D 241 13.65 -36.55 53.99
C LEU D 241 12.96 -37.44 52.95
N GLY D 242 13.67 -37.78 51.89
CA GLY D 242 13.05 -38.52 50.80
C GLY D 242 12.06 -37.69 50.02
N SER D 243 12.23 -36.35 50.00
CA SER D 243 11.25 -35.47 49.40
C SER D 243 11.75 -34.89 48.09
N PRO D 244 10.87 -34.76 47.10
CA PRO D 244 11.22 -34.02 45.88
C PRO D 244 11.60 -32.58 46.18
N ALA D 245 12.43 -32.02 45.31
CA ALA D 245 12.82 -30.62 45.38
C ALA D 245 12.63 -29.97 44.02
N LEU D 246 12.31 -28.68 44.05
CA LEU D 246 12.38 -27.77 42.91
C LEU D 246 13.53 -26.80 43.17
N VAL D 247 14.16 -26.31 42.10
CA VAL D 247 15.19 -25.29 42.24
C VAL D 247 14.72 -24.03 41.51
N SER D 248 14.94 -22.88 42.14
CA SER D 248 14.73 -21.59 41.50
C SER D 248 15.67 -21.43 40.31
N TRP D 249 15.35 -20.48 39.43
CA TRP D 249 16.24 -20.22 38.31
C TRP D 249 17.66 -19.89 38.81
N ALA D 250 17.75 -19.03 39.82
CA ALA D 250 19.08 -18.65 40.31
C ALA D 250 19.77 -19.82 41.00
N GLY D 251 19.01 -20.77 41.53
CA GLY D 251 19.59 -21.91 42.20
C GLY D 251 19.78 -23.17 41.37
N ILE D 252 19.67 -23.06 40.04
CA ILE D 252 19.66 -24.27 39.21
C ILE D 252 20.92 -25.12 39.44
N ASP D 253 22.08 -24.49 39.52
CA ASP D 253 23.32 -25.24 39.53
C ASP D 253 23.70 -25.79 40.91
N MET D 254 22.82 -25.67 41.92
CA MET D 254 23.15 -26.16 43.24
C MET D 254 23.01 -27.67 43.38
N LEU D 255 22.22 -28.29 42.51
CA LEU D 255 22.00 -29.73 42.52
C LEU D 255 22.01 -30.23 41.08
N ASP D 256 22.56 -31.42 40.88
CA ASP D 256 22.52 -32.10 39.59
C ASP D 256 21.09 -32.14 39.09
N SER D 257 20.86 -31.59 37.90
CA SER D 257 19.52 -31.55 37.35
C SER D 257 18.92 -32.95 37.20
N SER D 258 19.76 -33.98 37.10
CA SER D 258 19.27 -35.34 36.90
C SER D 258 19.24 -36.16 38.18
N HIS D 259 19.44 -35.55 39.33
CA HIS D 259 19.31 -36.29 40.59
C HIS D 259 17.88 -36.80 40.74
N PRO D 260 17.69 -38.00 41.30
CA PRO D 260 16.34 -38.59 41.32
C PRO D 260 15.31 -37.81 42.10
N LEU D 261 15.71 -36.92 43.01
CA LEU D 261 14.77 -36.16 43.82
C LEU D 261 14.62 -34.72 43.36
N VAL D 262 15.25 -34.32 42.26
CA VAL D 262 15.21 -32.94 41.77
C VAL D 262 14.35 -32.91 40.51
N PHE D 263 13.29 -32.11 40.53
CA PHE D 263 12.28 -32.13 39.48
C PHE D 263 12.11 -30.78 38.78
N GLY D 264 13.18 -30.00 38.72
CA GLY D 264 13.17 -28.84 37.84
C GLY D 264 12.77 -27.53 38.48
N ARG D 265 12.21 -26.65 37.65
CA ARG D 265 12.01 -25.24 38.00
C ARG D 265 10.58 -24.86 37.67
N ALA D 266 9.86 -24.32 38.66
CA ALA D 266 8.47 -23.94 38.51
C ALA D 266 8.33 -22.42 38.37
N GLY D 267 7.22 -21.99 37.78
CA GLY D 267 6.90 -20.56 37.74
C GLY D 267 6.12 -20.19 36.50
N VAL D 268 6.15 -18.88 36.20
CA VAL D 268 5.43 -18.33 35.06
C VAL D 268 6.06 -18.76 33.75
N TYR D 269 7.37 -18.94 33.74
CA TYR D 269 8.07 -19.66 32.68
C TYR D 269 8.54 -21.00 33.19
N GLY D 270 7.70 -21.66 33.98
CA GLY D 270 8.08 -22.91 34.58
C GLY D 270 8.09 -24.04 33.57
N GLN D 271 8.60 -25.17 34.03
CA GLN D 271 8.49 -26.41 33.29
C GLN D 271 7.14 -27.03 33.63
N ARG D 272 6.51 -27.65 32.63
CA ARG D 272 5.17 -28.17 32.86
C ARG D 272 5.16 -29.15 34.02
N ALA D 273 6.12 -30.07 34.04
CA ALA D 273 6.16 -31.06 35.12
C ALA D 273 6.37 -30.40 36.47
N ALA D 274 7.28 -29.42 36.54
CA ALA D 274 7.53 -28.74 37.80
C ALA D 274 6.29 -28.03 38.31
N ASN D 275 5.52 -27.39 37.42
CA ASN D 275 4.33 -26.68 37.88
C ASN D 275 3.27 -27.65 38.38
N PHE D 276 3.15 -28.82 37.75
CA PHE D 276 2.22 -29.82 38.25
C PHE D 276 2.65 -30.33 39.63
N ILE D 277 3.96 -30.50 39.84
CA ILE D 277 4.45 -30.99 41.12
C ILE D 277 4.15 -29.98 42.22
N LEU D 278 4.43 -28.70 41.95
CA LEU D 278 4.14 -27.65 42.92
C LEU D 278 2.65 -27.58 43.22
N GLN D 279 1.81 -27.59 42.19
CA GLN D 279 0.39 -27.36 42.40
C GLN D 279 -0.32 -28.56 43.02
N ASN D 280 0.30 -29.74 43.02
CA ASN D 280 -0.31 -30.92 43.63
C ASN D 280 0.35 -31.31 44.95
N SER D 281 1.20 -30.46 45.50
CA SER D 281 1.79 -30.73 46.80
C SER D 281 0.78 -30.48 47.91
N ASP D 282 1.09 -31.03 49.09
CA ASP D 282 0.35 -30.70 50.30
C ASP D 282 1.24 -29.99 51.32
N TYR D 283 2.53 -29.80 51.01
CA TYR D 283 3.42 -29.06 51.88
C TYR D 283 4.57 -28.54 51.03
N VAL D 284 4.85 -27.24 51.12
CA VAL D 284 5.99 -26.63 50.43
C VAL D 284 6.88 -25.97 51.48
N LEU D 285 8.16 -26.32 51.45
CA LEU D 285 9.16 -25.67 52.29
C LEU D 285 10.12 -24.93 51.37
N ALA D 286 10.05 -23.61 51.39
CA ALA D 286 10.93 -22.75 50.60
C ALA D 286 12.14 -22.36 51.44
N ILE D 287 13.33 -22.61 50.90
CA ILE D 287 14.57 -22.32 51.59
C ILE D 287 15.46 -21.49 50.67
N GLY D 288 15.72 -20.25 51.05
CA GLY D 288 16.66 -19.45 50.31
C GLY D 288 16.17 -18.99 48.97
N THR D 289 14.87 -19.01 48.74
CA THR D 289 14.29 -18.53 47.49
C THR D 289 13.32 -17.39 47.78
N ARG D 290 13.34 -16.38 46.91
CA ARG D 290 12.58 -15.16 47.17
C ARG D 290 11.08 -15.35 46.97
N LEU D 291 10.67 -16.42 46.30
CA LEU D 291 9.28 -16.57 45.86
C LEU D 291 8.82 -15.30 45.15
N ALA D 292 9.61 -14.90 44.15
CA ALA D 292 9.32 -13.72 43.35
C ALA D 292 8.08 -13.94 42.49
N ILE D 293 7.58 -12.82 41.94
CA ILE D 293 6.40 -12.88 41.09
C ILE D 293 6.56 -13.85 39.94
N PRO D 294 7.70 -13.89 39.23
CA PRO D 294 7.84 -14.89 38.15
C PRO D 294 7.88 -16.33 38.66
N GLN D 295 8.07 -16.54 39.95
CA GLN D 295 8.03 -17.89 40.49
C GLN D 295 6.63 -18.34 40.89
N ILE D 296 5.83 -17.46 41.49
CA ILE D 296 4.55 -17.86 42.04
C ILE D 296 3.38 -17.20 41.34
N GLY D 297 3.63 -16.39 40.33
CA GLY D 297 2.53 -15.73 39.67
C GLY D 297 1.97 -14.60 40.53
N TYR D 298 0.74 -14.23 40.16
CA TYR D 298 0.13 -12.99 40.62
C TYR D 298 -0.93 -13.20 41.69
N ASP D 299 -1.39 -14.43 41.90
CA ASP D 299 -2.48 -14.72 42.81
C ASP D 299 -2.03 -15.77 43.82
N LEU D 300 -1.71 -15.33 45.04
CA LEU D 300 -1.29 -16.26 46.07
C LEU D 300 -2.37 -17.29 46.38
N ASN D 301 -3.64 -16.95 46.14
CA ASN D 301 -4.74 -17.85 46.46
C ASN D 301 -4.77 -19.06 45.54
N GLU D 302 -4.26 -18.93 44.34
CA GLU D 302 -4.20 -20.03 43.40
C GLU D 302 -2.95 -20.88 43.54
N LEU D 303 -2.05 -20.51 44.45
CA LEU D 303 -0.79 -21.23 44.64
C LEU D 303 -1.01 -22.44 45.52
N ALA D 304 -0.74 -23.64 44.98
CA ALA D 304 -0.78 -24.90 45.69
C ALA D 304 -1.89 -24.93 46.73
N ARG D 305 -3.14 -24.93 46.28
CA ARG D 305 -4.27 -24.70 47.17
C ARG D 305 -4.32 -25.71 48.31
N LEU D 306 -3.85 -26.92 48.11
CA LEU D 306 -3.92 -27.94 49.14
C LEU D 306 -2.73 -27.93 50.08
N ALA D 307 -1.77 -27.03 49.89
CA ALA D 307 -0.52 -27.09 50.62
C ALA D 307 -0.41 -26.00 51.67
N ARG D 308 0.12 -26.39 52.83
CA ARG D 308 0.75 -25.44 53.74
C ARG D 308 2.12 -25.08 53.16
N ILE D 309 2.48 -23.80 53.27
CA ILE D 309 3.73 -23.28 52.74
C ILE D 309 4.48 -22.59 53.87
N ASP D 310 5.68 -23.08 54.18
CA ASP D 310 6.59 -22.41 55.09
C ASP D 310 7.74 -21.78 54.30
N VAL D 311 8.36 -20.75 54.86
CA VAL D 311 9.38 -19.98 54.16
C VAL D 311 10.57 -19.71 55.08
N VAL D 312 11.78 -19.92 54.57
CA VAL D 312 13.02 -19.59 55.28
C VAL D 312 13.79 -18.57 54.44
N ASP D 313 14.11 -17.43 55.05
CA ASP D 313 14.79 -16.33 54.38
C ASP D 313 15.49 -15.51 55.45
N ILE D 314 16.70 -15.04 55.16
CA ILE D 314 17.46 -14.27 56.14
C ILE D 314 16.98 -12.82 56.21
N ASP D 315 16.25 -12.34 55.20
CA ASP D 315 15.70 -11.00 55.15
C ASP D 315 14.26 -11.04 55.67
N GLY D 316 14.04 -10.44 56.85
CA GLY D 316 12.75 -10.55 57.50
C GLY D 316 11.60 -10.04 56.64
N ASP D 317 11.85 -8.97 55.87
CA ASP D 317 10.80 -8.45 55.01
C ASP D 317 10.45 -9.44 53.90
N GLU D 318 11.46 -10.11 53.33
CA GLU D 318 11.18 -11.13 52.33
C GLU D 318 10.44 -12.32 52.93
N ALA D 319 10.77 -12.69 54.17
CA ALA D 319 10.20 -13.88 54.77
C ALA D 319 8.71 -13.73 55.07
N ILE D 320 8.23 -12.52 55.36
CA ILE D 320 6.83 -12.35 55.71
C ILE D 320 6.00 -11.71 54.61
N LYS D 321 6.58 -11.48 53.43
CA LYS D 321 5.83 -10.74 52.42
C LYS D 321 4.59 -11.50 51.97
N HIS D 322 4.61 -12.84 52.05
CA HIS D 322 3.45 -13.65 51.68
C HIS D 322 2.72 -14.21 52.90
N ALA D 323 2.81 -13.54 54.06
CA ALA D 323 2.29 -14.10 55.30
C ALA D 323 0.78 -14.34 55.28
N LYS D 324 0.06 -13.72 54.33
CA LYS D 324 -1.37 -14.01 54.19
C LYS D 324 -1.59 -15.44 53.73
N ARG D 325 -0.60 -16.04 53.07
CA ARG D 325 -0.68 -17.37 52.50
C ARG D 325 0.17 -18.38 53.24
N THR D 326 1.36 -17.98 53.70
CA THR D 326 2.33 -18.88 54.29
C THR D 326 2.10 -19.01 55.80
N GLN D 327 2.59 -20.10 56.36
CA GLN D 327 2.33 -20.37 57.78
C GLN D 327 3.55 -20.02 58.64
N GLU D 328 4.56 -20.88 58.64
CA GLU D 328 5.80 -20.58 59.34
C GLU D 328 6.70 -19.71 58.45
N ASN D 329 7.05 -18.53 58.95
CA ASN D 329 7.96 -17.63 58.26
C ASN D 329 9.19 -17.50 59.14
N ILE D 330 10.28 -18.11 58.72
CA ILE D 330 11.46 -18.27 59.55
C ILE D 330 12.53 -17.33 59.02
N VAL D 331 12.98 -16.43 59.87
CA VAL D 331 14.04 -15.49 59.56
C VAL D 331 15.34 -16.11 60.06
N CYS D 332 16.12 -16.68 59.16
CA CYS D 332 17.27 -17.47 59.55
C CYS D 332 18.18 -17.68 58.35
N ASP D 333 19.48 -17.71 58.62
CA ASP D 333 20.44 -18.10 57.59
C ASP D 333 20.14 -19.51 57.11
N ALA D 334 20.28 -19.73 55.80
CA ALA D 334 19.80 -20.97 55.20
C ALA D 334 20.64 -22.17 55.62
N ARG D 335 21.95 -21.96 55.75
CA ARG D 335 22.82 -23.05 56.21
C ARG D 335 22.52 -23.39 57.66
N VAL D 336 22.42 -22.38 58.51
CA VAL D 336 22.06 -22.61 59.91
C VAL D 336 20.76 -23.40 59.99
N PHE D 337 19.75 -23.00 59.19
CA PHE D 337 18.46 -23.68 59.24
C PHE D 337 18.60 -25.15 58.84
N ILE D 338 19.32 -25.40 57.74
CA ILE D 338 19.46 -26.76 57.25
C ILE D 338 20.22 -27.61 58.25
N GLU D 339 21.27 -27.04 58.85
CA GLU D 339 22.00 -27.77 59.88
C GLU D 339 21.11 -28.07 61.08
N ALA D 340 20.23 -27.13 61.43
CA ALA D 340 19.32 -27.36 62.55
C ALA D 340 18.29 -28.44 62.22
N LEU D 341 17.89 -28.55 60.96
CA LEU D 341 16.96 -29.61 60.56
C LEU D 341 17.66 -30.96 60.48
N LEU D 342 18.90 -30.99 59.97
CA LEU D 342 19.66 -32.23 59.94
C LEU D 342 19.95 -32.74 61.34
N ALA D 343 20.27 -31.85 62.27
CA ALA D 343 20.50 -32.26 63.65
C ALA D 343 19.30 -32.99 64.21
N ARG D 344 18.11 -32.39 64.08
CA ARG D 344 16.88 -33.04 64.55
C ARG D 344 16.60 -34.31 63.77
N LEU D 345 17.02 -34.39 62.52
CA LEU D 345 16.81 -35.62 61.74
C LEU D 345 17.78 -36.72 62.16
N ASN D 346 19.00 -36.35 62.55
CA ASN D 346 20.02 -37.30 62.97
C ASN D 346 19.95 -37.63 64.45
N ALA D 347 18.97 -37.12 65.17
CA ALA D 347 18.91 -37.33 66.61
C ALA D 347 18.42 -38.73 66.94
N ALA D 348 18.70 -39.16 68.17
CA ALA D 348 18.20 -40.45 68.63
C ALA D 348 16.70 -40.44 68.84
N ASP D 349 16.09 -39.25 68.98
CA ASP D 349 14.65 -39.12 69.17
C ASP D 349 13.95 -38.53 67.95
N ALA D 350 14.56 -38.65 66.77
CA ALA D 350 13.96 -38.11 65.57
C ALA D 350 12.61 -38.77 65.30
N PRO D 351 11.57 -38.00 64.98
CA PRO D 351 10.27 -38.62 64.66
C PRO D 351 10.37 -39.48 63.40
N ALA D 352 9.44 -40.41 63.27
CA ALA D 352 9.41 -41.31 62.13
C ALA D 352 8.92 -40.53 60.90
N ILE D 353 9.73 -40.50 59.85
CA ILE D 353 9.36 -39.83 58.62
C ILE D 353 8.51 -40.78 57.79
N ALA D 354 7.21 -40.49 57.70
CA ALA D 354 6.35 -41.24 56.79
C ALA D 354 6.92 -41.16 55.37
N SER D 355 7.12 -42.32 54.76
CA SER D 355 7.76 -42.37 53.45
C SER D 355 6.99 -41.56 52.42
N LYS D 356 7.67 -41.23 51.33
CA LYS D 356 7.09 -40.44 50.24
C LYS D 356 7.33 -41.07 48.87
N ALA D 357 7.82 -42.31 48.81
CA ALA D 357 8.16 -42.90 47.53
C ALA D 357 6.96 -42.92 46.58
N ASP D 358 5.75 -43.04 47.11
CA ASP D 358 4.55 -42.89 46.28
C ASP D 358 4.55 -41.56 45.55
N TRP D 359 4.78 -40.47 46.29
CA TRP D 359 4.78 -39.13 45.71
C TRP D 359 5.95 -38.94 44.76
N VAL D 360 7.16 -39.33 45.17
CA VAL D 360 8.31 -39.20 44.29
C VAL D 360 8.06 -39.95 42.99
N ALA D 361 7.40 -41.09 43.07
CA ALA D 361 7.07 -41.85 41.86
C ALA D 361 6.14 -41.06 40.95
N LYS D 362 5.13 -40.40 41.52
CA LYS D 362 4.23 -39.61 40.69
C LYS D 362 4.93 -38.37 40.13
N CYS D 363 5.88 -37.80 40.89
CA CYS D 363 6.66 -36.69 40.36
C CYS D 363 7.42 -37.11 39.12
N ARG D 364 8.08 -38.28 39.17
CA ARG D 364 8.75 -38.79 37.99
C ARG D 364 7.77 -39.01 36.85
N ALA D 365 6.56 -39.49 37.16
CA ALA D 365 5.56 -39.70 36.12
C ALA D 365 5.22 -38.40 35.42
N TYR D 366 5.16 -37.29 36.18
CA TYR D 366 4.92 -35.99 35.56
C TYR D 366 6.04 -35.64 34.58
N GLU D 367 7.29 -35.87 34.98
CA GLU D 367 8.41 -35.60 34.08
C GLU D 367 8.37 -36.53 32.86
N GLU D 368 7.97 -37.78 33.05
CA GLU D 368 7.85 -38.69 31.91
C GLU D 368 6.78 -38.20 30.95
N GLN D 369 5.68 -37.67 31.48
CA GLN D 369 4.57 -37.27 30.62
C GLN D 369 4.81 -35.93 29.96
N PHE D 370 5.56 -35.04 30.60
CA PHE D 370 5.80 -33.68 30.10
C PHE D 370 7.30 -33.42 30.07
N PRO D 371 7.98 -33.86 29.02
CA PRO D 371 9.42 -33.55 28.89
C PRO D 371 9.63 -32.05 28.73
N TRP D 372 10.83 -31.61 29.12
CA TRP D 372 11.15 -30.18 29.06
C TRP D 372 11.09 -29.66 27.63
N VAL D 373 11.55 -30.46 26.66
CA VAL D 373 11.48 -30.11 25.24
C VAL D 373 10.45 -31.04 24.62
N GLY D 374 9.33 -30.48 24.19
CA GLY D 374 8.24 -31.29 23.69
C GLY D 374 7.78 -30.90 22.30
N ALA D 375 6.62 -31.43 21.89
CA ALA D 375 6.11 -31.13 20.56
C ALA D 375 5.94 -29.63 20.33
N GLU D 376 5.68 -28.87 21.39
CA GLU D 376 5.49 -27.44 21.25
C GLU D 376 6.75 -26.73 20.77
N HIS D 377 7.92 -27.38 20.85
CA HIS D 377 9.19 -26.78 20.50
C HIS D 377 9.68 -27.22 19.13
N ALA D 378 8.78 -27.70 18.27
CA ALA D 378 9.15 -28.14 16.95
C ALA D 378 9.87 -27.02 16.19
N ASP D 379 10.80 -27.41 15.34
CA ASP D 379 11.49 -26.46 14.50
C ASP D 379 10.47 -25.69 13.65
N PRO D 380 10.42 -24.37 13.75
CA PRO D 380 9.41 -23.63 12.97
C PRO D 380 9.90 -23.14 11.62
N GLU D 381 9.32 -23.66 10.55
CA GLU D 381 9.36 -23.04 9.21
C GLU D 381 10.79 -22.91 8.67
N GLY D 382 11.53 -24.00 8.70
CA GLY D 382 12.90 -23.97 8.21
C GLY D 382 13.90 -23.32 9.13
N PHE D 383 13.56 -23.15 10.41
CA PHE D 383 14.46 -22.61 11.39
C PHE D 383 14.73 -23.63 12.49
N ILE D 384 15.85 -23.43 13.18
CA ILE D 384 16.17 -24.15 14.40
C ILE D 384 15.35 -23.54 15.54
N ASN D 385 14.63 -24.39 16.29
CA ASN D 385 13.95 -23.90 17.48
C ASN D 385 14.98 -23.71 18.59
N SER D 386 14.91 -22.56 19.28
CA SER D 386 15.92 -22.26 20.28
C SER D 386 15.91 -23.28 21.43
N TYR D 387 14.75 -23.85 21.75
CA TYR D 387 14.70 -24.83 22.83
C TYR D 387 15.42 -26.12 22.45
N ARG D 388 15.19 -26.60 21.23
CA ARG D 388 15.94 -27.77 20.76
C ARG D 388 17.42 -27.45 20.63
N PHE D 389 17.76 -26.20 20.27
CA PHE D 389 19.17 -25.86 20.18
C PHE D 389 19.84 -25.94 21.56
N MET D 390 19.16 -25.45 22.59
CA MET D 390 19.72 -25.54 23.93
C MET D 390 19.93 -26.97 24.35
N GLU D 391 18.97 -27.84 24.03
CA GLU D 391 19.14 -29.25 24.36
C GLU D 391 20.36 -29.82 23.66
N ARG D 392 20.59 -29.40 22.40
CA ARG D 392 21.76 -29.87 21.67
C ARG D 392 23.03 -29.34 22.29
N LEU D 393 23.11 -28.03 22.50
CA LEU D 393 24.27 -27.40 23.12
C LEU D 393 24.62 -28.06 24.44
N ASN D 394 23.62 -28.43 25.23
CA ASN D 394 23.82 -29.02 26.55
C ASN D 394 24.74 -30.22 26.51
N GLY D 395 24.66 -31.00 25.44
CA GLY D 395 25.48 -32.18 25.32
C GLY D 395 26.94 -31.90 25.06
N PHE D 396 27.29 -30.65 24.76
CA PHE D 396 28.67 -30.26 24.51
C PHE D 396 29.30 -29.57 25.73
N PHE D 397 28.60 -29.54 26.87
CA PHE D 397 29.16 -28.90 28.05
C PHE D 397 30.44 -29.62 28.50
N LYS D 398 31.43 -28.83 28.90
CA LYS D 398 32.62 -29.38 29.53
C LYS D 398 32.31 -29.74 30.98
N ASP D 399 33.15 -30.62 31.55
CA ASP D 399 32.89 -31.12 32.89
C ASP D 399 32.80 -29.98 33.91
N ASP D 400 33.58 -28.93 33.72
CA ASP D 400 33.59 -27.78 34.61
C ASP D 400 32.94 -26.56 33.95
N GLN D 401 31.99 -26.80 33.05
CA GLN D 401 31.36 -25.73 32.29
C GLN D 401 30.73 -24.67 33.17
N VAL D 402 31.01 -23.40 32.84
CA VAL D 402 30.29 -22.26 33.41
C VAL D 402 29.53 -21.58 32.27
N VAL D 403 28.25 -21.29 32.52
CA VAL D 403 27.36 -20.67 31.55
C VAL D 403 26.79 -19.41 32.16
N VAL D 404 26.89 -18.29 31.44
CA VAL D 404 26.19 -17.05 31.80
C VAL D 404 25.25 -16.70 30.66
N THR D 405 24.16 -16.02 30.98
CA THR D 405 23.21 -15.62 29.96
C THR D 405 22.90 -14.13 30.03
N ASP D 406 22.56 -13.57 28.88
CA ASP D 406 21.89 -12.28 28.81
C ASP D 406 20.39 -12.55 29.03
N MET D 407 19.54 -11.66 28.52
CA MET D 407 18.10 -11.82 28.68
C MET D 407 17.52 -12.55 27.48
N GLY D 408 16.23 -12.33 27.19
CA GLY D 408 15.63 -12.85 25.96
C GLY D 408 15.73 -14.35 25.80
N THR D 409 15.95 -14.77 24.55
CA THR D 409 15.97 -16.19 24.22
C THR D 409 16.97 -16.95 25.10
N ALA D 410 18.15 -16.35 25.33
CA ALA D 410 19.18 -17.01 26.12
C ALA D 410 18.69 -17.30 27.54
N LEU D 411 18.07 -16.30 28.16
CA LEU D 411 17.50 -16.48 29.49
C LEU D 411 16.44 -17.57 29.49
N LEU D 412 15.43 -17.42 28.63
CA LEU D 412 14.24 -18.25 28.74
C LEU D 412 14.51 -19.67 28.28
N SER D 413 15.03 -19.83 27.06
CA SER D 413 15.35 -21.16 26.58
C SER D 413 16.38 -21.83 27.47
N GLY D 414 17.38 -21.07 27.93
CA GLY D 414 18.40 -21.64 28.79
C GLY D 414 17.85 -22.21 30.07
N HIS D 415 17.07 -21.42 30.80
CA HIS D 415 16.60 -21.83 32.13
C HIS D 415 15.46 -22.83 32.06
N GLN D 416 14.73 -22.89 30.95
CA GLN D 416 13.69 -23.89 30.81
C GLN D 416 14.21 -25.24 30.34
N VAL D 417 15.46 -25.36 29.85
CA VAL D 417 15.92 -26.55 29.17
C VAL D 417 17.21 -27.08 29.78
N LEU D 418 18.19 -26.24 30.06
CA LEU D 418 19.55 -26.72 30.31
C LEU D 418 19.64 -27.50 31.62
N ARG D 419 20.44 -28.57 31.59
CA ARG D 419 20.72 -29.41 32.74
C ARG D 419 22.19 -29.24 33.14
N PHE D 420 22.44 -29.35 34.44
CA PHE D 420 23.76 -29.10 35.02
C PHE D 420 24.14 -30.22 35.96
N LYS D 421 25.42 -30.60 35.92
CA LYS D 421 26.00 -31.52 36.88
C LYS D 421 26.85 -30.75 37.88
N GLU D 422 27.09 -31.37 39.04
CA GLU D 422 28.00 -30.80 40.02
C GLU D 422 29.33 -30.46 39.35
N GLY D 423 29.85 -29.27 39.67
CA GLY D 423 31.02 -28.73 39.04
C GLY D 423 30.74 -27.71 37.95
N GLN D 424 29.54 -27.73 37.39
CA GLN D 424 29.11 -26.76 36.39
C GLN D 424 28.32 -25.66 37.10
N ARG D 425 28.33 -24.47 36.50
CA ARG D 425 27.68 -23.30 37.10
C ARG D 425 26.85 -22.57 36.05
N PHE D 426 25.82 -21.86 36.52
CA PHE D 426 24.82 -21.21 35.67
C PHE D 426 24.48 -19.89 36.33
N MET D 427 24.65 -18.77 35.61
CA MET D 427 24.49 -17.46 36.21
C MET D 427 23.91 -16.44 35.26
N THR D 428 22.94 -15.66 35.75
CA THR D 428 22.46 -14.48 35.04
C THR D 428 21.99 -13.47 36.08
N SER D 429 21.43 -12.36 35.59
CA SER D 429 20.87 -11.31 36.44
C SER D 429 19.35 -11.38 36.31
N THR D 430 18.68 -11.97 37.30
CA THR D 430 17.24 -12.15 37.23
C THR D 430 16.45 -11.14 38.05
N GLY D 431 17.04 -10.58 39.11
CA GLY D 431 16.32 -9.63 39.92
C GLY D 431 16.03 -8.33 39.17
N LEU D 432 17.05 -7.79 38.49
CA LEU D 432 16.84 -6.60 37.69
C LEU D 432 16.53 -6.93 36.23
N GLY D 433 17.06 -8.03 35.74
CA GLY D 433 16.80 -8.46 34.37
C GLY D 433 17.29 -7.48 33.33
N GLU D 434 18.49 -6.92 33.51
CA GLU D 434 18.96 -5.93 32.56
C GLU D 434 19.55 -6.60 31.33
N MET D 435 19.17 -6.08 30.16
CA MET D 435 19.90 -6.40 28.94
C MET D 435 21.35 -5.93 29.09
N GLY D 436 22.25 -6.67 28.45
CA GLY D 436 23.64 -6.31 28.46
C GLY D 436 24.45 -6.94 29.57
N TYR D 437 23.85 -7.83 30.36
CA TYR D 437 24.57 -8.46 31.46
C TYR D 437 25.55 -9.53 30.98
N GLY D 438 25.24 -10.17 29.86
CA GLY D 438 25.94 -11.38 29.47
C GLY D 438 27.44 -11.23 29.34
N LEU D 439 27.88 -10.31 28.49
CA LEU D 439 29.32 -10.14 28.28
C LEU D 439 30.04 -9.74 29.55
N PRO D 440 29.65 -8.66 30.25
CA PRO D 440 30.32 -8.36 31.52
C PRO D 440 30.28 -9.54 32.48
N ALA D 441 29.18 -10.28 32.51
CA ALA D 441 29.11 -11.46 33.35
C ALA D 441 30.24 -12.44 33.00
N ALA D 442 30.50 -12.61 31.70
CA ALA D 442 31.54 -13.55 31.28
C ALA D 442 32.92 -13.06 31.71
N LEU D 443 33.15 -11.75 31.63
CA LEU D 443 34.41 -11.19 32.11
C LEU D 443 34.66 -11.57 33.56
N GLY D 444 33.65 -11.36 34.41
CA GLY D 444 33.80 -11.66 35.83
C GLY D 444 34.20 -13.11 36.06
N VAL D 445 33.50 -14.04 35.41
CA VAL D 445 33.81 -15.45 35.60
C VAL D 445 35.23 -15.75 35.13
N SER D 446 35.59 -15.25 33.94
CA SER D 446 36.89 -15.60 33.37
C SER D 446 38.02 -15.19 34.30
N PHE D 447 37.97 -13.95 34.80
CA PHE D 447 39.03 -13.47 35.68
C PHE D 447 38.99 -14.16 37.03
N ALA D 448 37.81 -14.54 37.53
CA ALA D 448 37.76 -15.29 38.78
C ALA D 448 38.46 -16.64 38.65
N ASN D 449 38.43 -17.23 37.45
CA ASN D 449 39.05 -18.53 37.20
C ASN D 449 40.38 -18.40 36.47
N ASP D 450 41.11 -17.31 36.69
CA ASP D 450 42.44 -17.12 36.12
C ASP D 450 42.39 -17.18 34.59
N ARG D 451 41.53 -16.34 34.02
CA ARG D 451 41.29 -16.30 32.58
C ARG D 451 40.75 -17.64 32.09
N GLY D 452 39.78 -18.16 32.82
CA GLY D 452 39.19 -19.44 32.51
C GLY D 452 38.10 -19.35 31.46
N GLU D 453 37.66 -20.52 31.02
CA GLU D 453 36.65 -20.62 29.97
C GLU D 453 35.26 -20.33 30.51
N VAL D 454 34.46 -19.64 29.70
CA VAL D 454 33.07 -19.33 30.02
C VAL D 454 32.26 -19.39 28.74
N MET D 455 31.07 -19.97 28.83
CA MET D 455 30.10 -19.92 27.73
C MET D 455 29.10 -18.81 28.03
N CYS D 456 28.94 -17.91 27.07
CA CYS D 456 28.05 -16.77 27.20
C CYS D 456 26.91 -16.92 26.20
N LEU D 457 25.71 -17.12 26.71
CA LEU D 457 24.52 -17.23 25.87
C LEU D 457 23.88 -15.86 25.76
N ASN D 458 23.95 -15.26 24.57
CA ASN D 458 23.56 -13.86 24.39
C ASN D 458 22.59 -13.69 23.23
N CYS D 459 22.27 -12.43 22.91
CA CYS D 459 21.19 -12.10 22.01
C CYS D 459 21.57 -10.90 21.16
N ASP D 460 20.89 -10.76 20.01
CA ASP D 460 21.24 -9.66 19.12
C ASP D 460 20.95 -8.31 19.77
N GLY D 461 19.86 -8.21 20.53
CA GLY D 461 19.55 -6.98 21.24
C GLY D 461 20.48 -6.69 22.40
N GLY D 462 20.54 -7.63 23.35
CA GLY D 462 21.36 -7.43 24.54
C GLY D 462 22.84 -7.31 24.25
N MET D 463 23.31 -7.85 23.13
CA MET D 463 24.71 -7.69 22.77
C MET D 463 25.07 -6.22 22.60
N MET D 464 24.09 -5.38 22.22
CA MET D 464 24.39 -4.00 21.90
C MET D 464 24.69 -3.17 23.15
N MET D 465 24.06 -3.49 24.29
CA MET D 465 24.17 -2.60 25.45
C MET D 465 25.61 -2.48 25.93
N ASN D 466 26.37 -3.56 25.91
CA ASN D 466 27.76 -3.55 26.35
C ASN D 466 28.66 -4.11 25.27
N LEU D 467 28.36 -3.73 24.03
CA LEU D 467 29.11 -4.21 22.88
C LEU D 467 30.60 -3.94 23.03
N GLN D 468 30.96 -2.82 23.67
CA GLN D 468 32.34 -2.40 23.74
C GLN D 468 33.22 -3.39 24.51
N GLU D 469 32.62 -4.26 25.33
CA GLU D 469 33.43 -5.21 26.09
C GLU D 469 34.00 -6.33 25.22
N LEU D 470 33.60 -6.43 23.95
CA LEU D 470 34.32 -7.29 23.03
C LEU D 470 35.80 -6.94 22.98
N GLN D 471 36.13 -5.65 23.13
CA GLN D 471 37.52 -5.26 23.10
C GLN D 471 38.25 -5.72 24.37
N THR D 472 37.62 -5.57 25.53
CA THR D 472 38.19 -6.12 26.75
C THR D 472 38.47 -7.60 26.61
N MET D 473 37.55 -8.32 25.97
CA MET D 473 37.69 -9.76 25.76
C MET D 473 38.89 -10.09 24.88
N VAL D 474 39.05 -9.35 23.78
CA VAL D 474 40.18 -9.62 22.88
C VAL D 474 41.49 -9.20 23.52
N HIS D 475 41.50 -8.03 24.18
CA HIS D 475 42.70 -7.54 24.84
C HIS D 475 43.33 -8.61 25.74
N HIS D 476 42.52 -9.23 26.60
CA HIS D 476 43.03 -10.23 27.52
C HIS D 476 42.94 -11.65 26.97
N ASN D 477 42.55 -11.80 25.70
CA ASN D 477 42.45 -13.11 25.05
C ASN D 477 41.65 -14.10 25.91
N LEU D 478 40.49 -13.65 26.38
CA LEU D 478 39.70 -14.49 27.29
C LEU D 478 38.98 -15.58 26.51
N PRO D 479 39.01 -16.84 26.98
CA PRO D 479 38.30 -17.92 26.26
C PRO D 479 36.81 -17.90 26.54
N ILE D 480 36.17 -16.82 26.11
CA ILE D 480 34.73 -16.66 26.22
C ILE D 480 34.11 -17.18 24.93
N LYS D 481 33.21 -18.14 25.06
CA LYS D 481 32.51 -18.77 23.94
C LYS D 481 31.14 -18.09 23.86
N LEU D 482 31.00 -17.17 22.90
CA LEU D 482 29.90 -16.21 22.88
C LEU D 482 28.89 -16.60 21.82
N PHE D 483 27.76 -17.14 22.25
CA PHE D 483 26.66 -17.49 21.36
C PHE D 483 25.67 -16.33 21.29
N ILE D 484 25.24 -15.99 20.08
CA ILE D 484 24.33 -14.86 19.89
C ILE D 484 23.12 -15.32 19.11
N PHE D 485 21.95 -15.22 19.73
CA PHE D 485 20.68 -15.57 19.11
C PHE D 485 20.19 -14.39 18.28
N ASN D 486 20.22 -14.55 16.96
CA ASN D 486 19.70 -13.55 16.04
C ASN D 486 18.25 -13.85 15.73
N ASN D 487 17.37 -12.86 15.94
CA ASN D 487 15.95 -13.07 15.67
C ASN D 487 15.27 -11.75 15.26
N ASP D 488 16.00 -10.93 14.49
CA ASP D 488 15.48 -9.66 13.96
C ASP D 488 14.89 -8.79 15.08
N GLY D 489 15.69 -8.57 16.11
CA GLY D 489 15.34 -7.59 17.13
C GLY D 489 14.94 -8.15 18.48
N TYR D 490 13.87 -7.58 19.04
CA TYR D 490 13.51 -7.80 20.44
C TYR D 490 12.33 -8.78 20.53
N LEU D 491 12.65 -10.07 20.46
CA LEU D 491 11.59 -11.07 20.37
C LEU D 491 10.68 -11.04 21.60
N MET D 492 11.26 -10.90 22.79
CA MET D 492 10.42 -10.91 23.99
C MET D 492 9.36 -9.83 23.93
N ILE D 493 9.71 -8.65 23.41
CA ILE D 493 8.75 -7.55 23.37
C ILE D 493 7.81 -7.69 22.18
N LYS D 494 8.27 -8.28 21.07
CA LYS D 494 7.36 -8.60 19.98
C LYS D 494 6.16 -9.38 20.49
N HIS D 495 6.38 -10.34 21.38
CA HIS D 495 5.27 -11.13 21.90
C HIS D 495 4.41 -10.30 22.83
N THR D 496 5.03 -9.46 23.67
CA THR D 496 4.26 -8.61 24.57
C THR D 496 3.33 -7.68 23.79
N GLN D 497 3.84 -7.01 22.77
CA GLN D 497 2.98 -6.03 22.10
C GLN D 497 1.98 -6.74 21.19
N LYS D 498 2.35 -7.88 20.59
CA LYS D 498 1.40 -8.63 19.79
C LYS D 498 0.22 -9.11 20.62
N SER D 499 0.48 -9.56 21.85
CA SER D 499 -0.60 -10.02 22.70
C SER D 499 -1.53 -8.87 23.09
N LEU D 500 -0.98 -7.66 23.22
CA LEU D 500 -1.78 -6.53 23.65
C LEU D 500 -2.56 -5.93 22.49
N PHE D 501 -1.96 -5.88 21.30
CA PHE D 501 -2.48 -5.06 20.21
C PHE D 501 -2.75 -5.81 18.92
N LYS D 502 -2.17 -6.99 18.72
CA LYS D 502 -2.40 -7.80 17.52
C LYS D 502 -2.20 -7.01 16.23
N SER D 503 -1.15 -6.22 16.16
CA SER D 503 -0.93 -5.34 15.02
C SER D 503 0.52 -5.42 14.56
N ASP D 504 0.98 -4.38 13.86
CA ASP D 504 2.38 -4.27 13.47
C ASP D 504 3.29 -4.10 14.69
N TYR D 505 4.50 -4.66 14.59
CA TYR D 505 5.51 -4.42 15.61
C TYR D 505 5.93 -2.96 15.61
N VAL D 506 6.33 -2.48 16.79
CA VAL D 506 6.70 -1.10 17.02
C VAL D 506 7.96 -1.09 17.88
N GLY D 507 9.05 -0.53 17.36
CA GLY D 507 10.27 -0.43 18.13
C GLY D 507 10.88 -1.75 18.54
N THR D 508 10.65 -2.82 17.76
CA THR D 508 11.16 -4.13 18.14
C THR D 508 11.83 -4.90 17.01
N ASP D 509 11.81 -4.44 15.77
CA ASP D 509 12.52 -5.12 14.71
C ASP D 509 12.93 -4.10 13.65
N ARG D 510 13.62 -4.59 12.62
CA ARG D 510 14.25 -3.70 11.65
C ARG D 510 13.23 -2.80 10.98
N LYS D 511 12.10 -3.37 10.56
CA LYS D 511 11.07 -2.56 9.91
C LYS D 511 10.50 -1.52 10.86
N SER D 512 10.52 -1.79 12.18
CA SER D 512 9.91 -0.91 13.16
C SER D 512 10.93 -0.14 13.99
N GLY D 513 12.18 -0.04 13.52
CA GLY D 513 13.12 0.92 14.03
C GLY D 513 14.31 0.39 14.81
N VAL D 514 14.44 -0.93 14.96
CA VAL D 514 15.52 -1.53 15.73
C VAL D 514 16.21 -2.59 14.87
N SER D 515 17.49 -2.37 14.57
CA SER D 515 18.29 -3.33 13.83
C SER D 515 19.62 -3.55 14.54
N CYS D 516 20.20 -4.72 14.30
CA CYS D 516 21.47 -5.14 14.90
C CYS D 516 22.47 -5.45 13.80
N PRO D 517 23.76 -5.28 14.07
CA PRO D 517 24.76 -5.53 13.02
C PRO D 517 24.96 -7.02 12.78
N ASP D 518 25.73 -7.30 11.73
CA ASP D 518 26.20 -8.64 11.43
C ASP D 518 27.36 -8.96 12.37
N PHE D 519 27.13 -9.83 13.35
CA PHE D 519 28.11 -10.03 14.42
C PHE D 519 29.32 -10.84 13.98
N SER D 520 29.20 -11.61 12.90
CA SER D 520 30.38 -12.27 12.35
C SER D 520 31.28 -11.29 11.64
N ARG D 521 30.71 -10.29 10.96
CA ARG D 521 31.56 -9.26 10.40
C ARG D 521 32.19 -8.40 11.49
N LEU D 522 31.44 -8.15 12.57
CA LEU D 522 31.99 -7.39 13.67
C LEU D 522 33.09 -8.19 14.39
N ALA D 523 32.88 -9.50 14.54
CA ALA D 523 33.90 -10.36 15.12
C ALA D 523 35.20 -10.28 14.35
N ALA D 524 35.13 -10.39 13.02
CA ALA D 524 36.34 -10.26 12.21
C ALA D 524 37.03 -8.93 12.47
N ALA D 525 36.25 -7.86 12.66
CA ALA D 525 36.85 -6.56 12.91
C ALA D 525 37.59 -6.53 14.23
N PHE D 526 37.13 -7.31 15.21
CA PHE D 526 37.80 -7.45 16.51
C PHE D 526 38.84 -8.56 16.52
N ASP D 527 39.07 -9.21 15.39
CA ASP D 527 40.00 -10.35 15.31
C ASP D 527 39.51 -11.52 16.17
N ILE D 528 38.20 -11.73 16.19
CA ILE D 528 37.59 -12.87 16.89
C ILE D 528 37.10 -13.86 15.85
N PRO D 529 37.47 -15.15 15.95
CA PRO D 529 36.90 -16.12 15.01
C PRO D 529 35.40 -16.27 15.22
N ALA D 530 34.69 -16.42 14.12
CA ALA D 530 33.23 -16.46 14.15
C ALA D 530 32.69 -17.60 13.31
N TYR D 531 31.54 -18.10 13.74
CA TYR D 531 30.81 -19.18 13.09
C TYR D 531 29.33 -18.81 13.06
N GLN D 532 28.60 -19.46 12.15
CA GLN D 532 27.14 -19.31 12.06
C GLN D 532 26.49 -20.68 12.11
N ILE D 533 25.37 -20.78 12.82
CA ILE D 533 24.52 -21.97 12.82
C ILE D 533 23.17 -21.54 12.29
N ARG D 534 22.80 -22.05 11.12
CA ARG D 534 21.52 -21.75 10.48
C ARG D 534 20.59 -22.95 10.40
N GLY D 535 21.14 -24.16 10.38
CA GLY D 535 20.36 -25.38 10.36
C GLY D 535 21.11 -26.46 11.10
N TRP D 536 20.52 -27.65 11.13
CA TRP D 536 21.11 -28.74 11.90
C TRP D 536 22.33 -29.37 11.24
N ASP D 537 22.47 -29.25 9.91
CA ASP D 537 23.56 -29.95 9.23
C ASP D 537 24.92 -29.59 9.83
N GLU D 538 25.20 -28.29 9.99
CA GLU D 538 26.49 -27.87 10.49
C GLU D 538 26.55 -27.79 12.01
N CYS D 539 25.46 -28.10 12.71
CA CYS D 539 25.36 -27.74 14.12
C CYS D 539 26.41 -28.45 14.97
N ASP D 540 26.39 -29.78 14.99
CA ASP D 540 27.24 -30.50 15.93
C ASP D 540 28.70 -30.22 15.68
N ALA D 541 29.12 -30.21 14.41
CA ALA D 541 30.52 -29.92 14.09
C ALA D 541 30.88 -28.50 14.54
N THR D 542 30.01 -27.53 14.31
CA THR D 542 30.29 -26.16 14.72
C THR D 542 30.39 -26.06 16.24
N LEU D 543 29.46 -26.70 16.96
CA LEU D 543 29.52 -26.69 18.42
C LEU D 543 30.83 -27.28 18.93
N ALA D 544 31.30 -28.37 18.30
CA ALA D 544 32.56 -28.96 18.71
C ALA D 544 33.70 -27.97 18.50
N LYS D 545 33.74 -27.32 17.33
CA LYS D 545 34.80 -26.36 17.05
C LYS D 545 34.80 -25.23 18.08
N VAL D 546 33.63 -24.66 18.36
CA VAL D 546 33.53 -23.56 19.31
C VAL D 546 34.11 -23.98 20.66
N GLN D 547 33.74 -25.16 21.15
CA GLN D 547 34.25 -25.59 22.45
C GLN D 547 35.75 -25.84 22.41
N ALA D 548 36.28 -26.29 21.27
CA ALA D 548 37.69 -26.63 21.20
C ALA D 548 38.59 -25.40 21.14
N HIS D 549 38.07 -24.28 20.63
CA HIS D 549 38.85 -23.06 20.54
C HIS D 549 39.46 -22.70 21.90
N THR D 550 40.65 -22.12 21.84
CA THR D 550 41.40 -21.80 23.04
C THR D 550 41.26 -20.33 23.45
N GLY D 551 40.81 -19.47 22.53
CA GLY D 551 40.57 -18.09 22.83
C GLY D 551 39.12 -17.72 22.60
N PRO D 552 38.83 -16.42 22.50
CA PRO D 552 37.42 -16.01 22.32
C PRO D 552 36.87 -16.49 20.98
N VAL D 553 35.57 -16.79 20.98
CA VAL D 553 34.87 -17.26 19.80
C VAL D 553 33.47 -16.68 19.79
N ILE D 554 33.00 -16.27 18.62
CA ILE D 554 31.62 -15.85 18.42
C ILE D 554 30.91 -16.87 17.55
N CYS D 555 29.69 -17.23 17.93
CA CYS D 555 28.85 -18.13 17.14
C CYS D 555 27.45 -17.55 17.07
N GLU D 556 27.06 -17.12 15.86
CA GLU D 556 25.71 -16.62 15.62
C GLU D 556 24.75 -17.78 15.38
N VAL D 557 23.64 -17.78 16.11
CA VAL D 557 22.62 -18.82 15.98
C VAL D 557 21.35 -18.15 15.46
N PHE D 558 20.92 -18.52 14.28
CA PHE D 558 19.77 -17.90 13.65
C PHE D 558 18.50 -18.68 13.99
N MET D 559 17.46 -17.96 14.39
CA MET D 559 16.19 -18.56 14.74
C MET D 559 15.05 -17.79 14.05
N HIS D 560 13.86 -18.36 14.14
CA HIS D 560 12.69 -17.71 13.55
C HIS D 560 12.46 -16.36 14.23
N PRO D 561 12.29 -15.28 13.48
CA PRO D 561 12.14 -13.95 14.11
C PRO D 561 10.86 -13.78 14.89
N GLN D 562 9.94 -14.75 14.87
CA GLN D 562 8.74 -14.68 15.68
C GLN D 562 8.53 -15.95 16.50
N GLN D 563 9.59 -16.71 16.76
CA GLN D 563 9.44 -17.96 17.48
C GLN D 563 8.77 -17.74 18.84
N LEU D 564 7.87 -18.64 19.19
CA LEU D 564 7.21 -18.57 20.48
C LEU D 564 8.17 -18.97 21.61
N PHE D 565 7.93 -18.38 22.78
CA PHE D 565 8.52 -18.84 24.03
C PHE D 565 7.44 -19.61 24.77
N SER D 566 7.72 -20.86 25.13
CA SER D 566 6.74 -21.70 25.83
C SER D 566 7.48 -22.87 26.45
N PRO D 567 6.91 -23.50 27.50
CA PRO D 567 5.62 -23.17 28.12
C PRO D 567 5.68 -21.86 28.89
N LYS D 568 4.54 -21.16 28.99
CA LYS D 568 4.45 -19.88 29.66
C LYS D 568 3.02 -19.71 30.16
N LEU D 569 2.87 -19.07 31.30
CA LEU D 569 1.54 -18.74 31.81
C LEU D 569 0.94 -17.63 30.95
N GLY D 570 -0.25 -17.87 30.42
CA GLY D 570 -0.92 -16.92 29.57
C GLY D 570 -1.89 -16.03 30.34
N VAL D 571 -2.59 -15.19 29.60
CA VAL D 571 -3.53 -14.26 30.20
C VAL D 571 -4.83 -14.24 29.41
N VAL D 580 -6.81 -11.70 33.54
CA VAL D 580 -6.78 -12.88 34.39
C VAL D 580 -5.81 -13.94 33.87
N SER D 581 -5.16 -14.65 34.79
CA SER D 581 -4.31 -15.75 34.42
C SER D 581 -4.83 -17.05 35.04
N PRO D 582 -4.72 -18.17 34.34
CA PRO D 582 -5.07 -19.45 34.95
C PRO D 582 -4.08 -19.79 36.05
N PRO D 583 -4.36 -20.81 36.85
CA PRO D 583 -3.39 -21.24 37.86
C PRO D 583 -2.14 -21.81 37.19
N LEU D 584 -1.06 -21.83 37.98
CA LEU D 584 0.27 -22.15 37.44
C LEU D 584 0.30 -23.46 36.67
N GLU D 585 -0.55 -24.42 37.00
CA GLU D 585 -0.48 -25.70 36.32
C GLU D 585 -0.91 -25.59 34.85
N ASP D 586 -1.69 -24.58 34.48
CA ASP D 586 -2.31 -24.54 33.15
C ASP D 586 -1.50 -23.64 32.21
N LEU D 587 -0.28 -24.08 31.92
CA LEU D 587 0.62 -23.32 31.08
C LEU D 587 0.22 -23.41 29.60
N SER D 588 0.58 -22.35 28.84
CA SER D 588 0.29 -22.23 27.42
C SER D 588 1.51 -22.62 26.58
N PRO D 589 1.29 -23.21 25.40
CA PRO D 589 -0.01 -23.57 24.80
C PRO D 589 -0.74 -24.62 25.63
N LEU D 590 -2.06 -24.45 25.78
CA LEU D 590 -2.83 -25.25 26.73
C LEU D 590 -2.89 -26.70 26.28
N ILE D 591 -2.83 -27.60 27.25
CA ILE D 591 -3.02 -29.03 26.97
C ILE D 591 -4.51 -29.31 26.98
N PRO D 592 -4.96 -30.44 26.43
CA PRO D 592 -6.40 -30.72 26.41
C PRO D 592 -6.98 -30.80 27.81
N ARG D 593 -8.24 -30.40 27.93
CA ARG D 593 -8.87 -30.26 29.24
C ARG D 593 -8.97 -31.59 29.97
N ASP D 594 -9.18 -32.69 29.26
CA ASP D 594 -9.26 -33.99 29.93
C ASP D 594 -7.88 -34.45 30.39
N VAL D 595 -6.83 -34.15 29.64
CA VAL D 595 -5.49 -34.48 30.09
C VAL D 595 -5.15 -33.70 31.36
N LEU D 596 -5.50 -32.41 31.38
CA LEU D 596 -5.28 -31.62 32.59
C LEU D 596 -6.03 -32.21 33.77
N GLU D 597 -7.30 -32.58 33.58
CA GLU D 597 -8.09 -33.11 34.67
C GLU D 597 -7.44 -34.35 35.27
N GLN D 598 -6.95 -35.27 34.43
CA GLN D 598 -6.32 -36.48 34.93
C GLN D 598 -4.97 -36.21 35.56
N ALA D 599 -4.30 -35.11 35.22
CA ALA D 599 -3.02 -34.79 35.80
C ALA D 599 -3.12 -34.15 37.17
N MET D 600 -4.31 -33.70 37.57
CA MET D 600 -4.52 -33.07 38.86
C MET D 600 -5.08 -34.08 39.84
N ILE D 601 -4.50 -34.11 41.05
CA ILE D 601 -4.99 -35.03 42.08
C ILE D 601 -6.47 -34.79 42.36
N GLY D 602 -6.91 -33.54 42.27
CA GLY D 602 -8.31 -33.21 42.48
C GLY D 602 -8.97 -32.61 41.26
N ASP E 4 41.12 14.62 -10.85
CA ASP E 4 39.78 14.07 -11.04
C ASP E 4 39.64 13.37 -12.39
N ASN E 5 39.15 12.12 -12.35
CA ASN E 5 39.03 11.30 -13.56
C ASN E 5 37.58 11.02 -13.93
N LYS E 6 36.65 11.87 -13.50
CA LYS E 6 35.24 11.68 -13.75
C LYS E 6 34.78 12.48 -14.97
N VAL E 7 33.69 12.01 -15.56
CA VAL E 7 33.14 12.59 -16.78
C VAL E 7 31.65 12.86 -16.56
N LYS E 8 31.18 13.96 -17.11
CA LYS E 8 29.78 14.36 -16.99
C LYS E 8 28.88 13.38 -17.73
N VAL E 9 27.75 13.05 -17.10
CA VAL E 9 26.84 12.06 -17.70
C VAL E 9 26.34 12.56 -19.05
N ALA E 10 25.99 13.83 -19.14
CA ALA E 10 25.52 14.38 -20.40
C ALA E 10 26.53 14.10 -21.52
N GLU E 11 27.82 14.16 -21.21
CA GLU E 11 28.84 13.94 -22.23
C GLU E 11 28.93 12.46 -22.61
N LEU E 12 28.76 11.56 -21.62
CA LEU E 12 28.70 10.13 -21.93
C LEU E 12 27.47 9.80 -22.76
N VAL E 13 26.36 10.50 -22.55
CA VAL E 13 25.19 10.29 -23.38
C VAL E 13 25.46 10.73 -24.81
N ALA E 14 26.06 11.91 -24.99
CA ALA E 14 26.38 12.37 -26.33
C ALA E 14 27.32 11.39 -27.03
N GLU E 15 28.24 10.78 -26.30
CA GLU E 15 29.12 9.77 -26.88
C GLU E 15 28.32 8.55 -27.31
N ALA E 16 27.38 8.10 -26.46
CA ALA E 16 26.58 6.94 -26.79
C ALA E 16 25.72 7.17 -28.03
N LEU E 17 25.18 8.37 -28.18
CA LEU E 17 24.42 8.71 -29.37
C LEU E 17 25.26 8.54 -30.63
N GLU E 18 26.52 8.97 -30.59
CA GLU E 18 27.41 8.74 -31.72
C GLU E 18 27.63 7.25 -31.93
N ASN E 19 27.95 6.52 -30.85
CA ASN E 19 28.21 5.09 -31.00
C ASN E 19 26.97 4.35 -31.48
N LEU E 20 25.79 4.89 -31.22
CA LEU E 20 24.56 4.29 -31.73
C LEU E 20 24.21 4.75 -33.14
N GLY E 21 24.99 5.67 -33.71
CA GLY E 21 24.71 6.12 -35.06
C GLY E 21 23.59 7.11 -35.19
N ILE E 22 23.24 7.83 -34.12
CA ILE E 22 22.18 8.82 -34.16
C ILE E 22 22.80 10.15 -34.58
N GLN E 23 22.51 10.56 -35.81
CA GLN E 23 23.10 11.75 -36.42
C GLN E 23 22.20 12.97 -36.38
N HIS E 24 20.93 12.80 -36.00
CA HIS E 24 20.01 13.93 -35.88
C HIS E 24 19.13 13.74 -34.65
N ALA E 25 18.93 14.84 -33.92
CA ALA E 25 17.93 14.93 -32.88
C ALA E 25 17.07 16.15 -33.16
N PHE E 26 15.76 16.00 -32.98
CA PHE E 26 14.81 17.09 -33.14
C PHE E 26 14.22 17.41 -31.77
N GLY E 27 14.08 18.70 -31.47
CA GLY E 27 13.50 19.04 -30.18
C GLY E 27 13.52 20.53 -29.92
N ILE E 28 13.30 20.85 -28.65
CA ILE E 28 13.25 22.21 -28.14
C ILE E 28 13.95 22.22 -26.80
N ILE E 29 14.75 23.25 -26.57
CA ILE E 29 15.55 23.33 -25.35
C ILE E 29 14.70 23.82 -24.19
N GLY E 30 15.19 23.55 -22.98
CA GLY E 30 14.66 24.08 -21.75
C GLY E 30 15.62 23.70 -20.63
N ALA E 31 15.34 24.20 -19.42
CA ALA E 31 16.20 23.85 -18.30
C ALA E 31 16.33 22.34 -18.14
N GLY E 32 15.24 21.61 -18.39
CA GLY E 32 15.23 20.17 -18.25
C GLY E 32 16.17 19.42 -19.17
N ASN E 33 16.59 20.00 -20.29
CA ASN E 33 17.51 19.28 -21.16
C ASN E 33 18.68 20.14 -21.65
N VAL E 34 18.92 21.28 -21.01
CA VAL E 34 20.00 22.18 -21.44
C VAL E 34 21.36 21.50 -21.34
N HIS E 35 21.53 20.58 -20.38
CA HIS E 35 22.81 19.88 -20.26
C HIS E 35 23.03 18.94 -21.44
N LEU E 36 21.96 18.27 -21.90
CA LEU E 36 22.06 17.39 -23.06
C LEU E 36 22.28 18.18 -24.34
N PHE E 37 21.55 19.28 -24.53
CA PHE E 37 21.78 20.13 -25.70
C PHE E 37 23.25 20.54 -25.77
N GLU E 38 23.83 20.93 -24.64
CA GLU E 38 25.20 21.41 -24.63
C GLU E 38 26.17 20.30 -25.04
N ALA E 39 26.07 19.15 -24.38
CA ALA E 39 27.00 18.05 -24.64
C ALA E 39 26.88 17.55 -26.07
N ILE E 40 25.66 17.49 -26.59
CA ILE E 40 25.46 16.99 -27.94
C ILE E 40 26.01 17.98 -28.96
N ALA E 41 25.77 19.28 -28.75
CA ALA E 41 26.26 20.26 -29.72
C ALA E 41 27.78 20.34 -29.69
N ARG E 42 28.38 20.30 -28.50
CA ARG E 42 29.82 20.46 -28.39
C ARG E 42 30.56 19.24 -28.93
N ARG E 43 29.96 18.06 -28.84
CA ARG E 43 30.60 16.89 -29.42
C ARG E 43 30.59 16.95 -30.95
N GLY E 44 29.55 17.54 -31.54
CA GLY E 44 29.57 17.81 -32.95
C GLY E 44 29.27 16.65 -33.87
N TYR E 45 28.79 15.52 -33.34
CA TYR E 45 28.42 14.41 -34.21
C TYR E 45 26.94 14.46 -34.59
N THR E 46 26.08 14.70 -33.60
CA THR E 46 24.63 14.70 -33.79
C THR E 46 24.16 16.12 -34.05
N GLU E 47 23.51 16.33 -35.18
CA GLU E 47 22.95 17.64 -35.46
C GLU E 47 21.62 17.80 -34.73
N ILE E 48 21.49 18.86 -33.94
CA ILE E 48 20.23 19.18 -33.29
C ILE E 48 19.44 20.11 -34.19
N VAL E 49 18.21 19.70 -34.51
CA VAL E 49 17.30 20.51 -35.30
C VAL E 49 16.24 21.07 -34.36
N CYS E 50 16.20 22.39 -34.23
CA CYS E 50 15.26 23.03 -33.33
C CYS E 50 13.95 23.25 -34.07
N VAL E 51 12.86 22.73 -33.51
CA VAL E 51 11.52 22.91 -34.09
C VAL E 51 10.78 23.93 -33.25
N HIS E 52 9.57 24.31 -33.66
CA HIS E 52 8.79 25.29 -32.93
C HIS E 52 7.60 24.72 -32.19
N HIS E 53 7.41 23.41 -32.21
CA HIS E 53 6.47 22.73 -31.33
C HIS E 53 6.98 21.31 -31.21
N GLU E 54 7.05 20.80 -29.99
CA GLU E 54 7.66 19.49 -29.78
C GLU E 54 6.91 18.39 -30.53
N GLN E 55 5.64 18.61 -30.86
CA GLN E 55 4.90 17.63 -31.64
C GLN E 55 5.57 17.39 -32.98
N ALA E 56 6.09 18.46 -33.58
CA ALA E 56 6.79 18.33 -34.86
C ALA E 56 8.07 17.52 -34.72
N ALA E 57 8.75 17.62 -33.59
CA ALA E 57 9.95 16.80 -33.40
C ALA E 57 9.59 15.32 -33.35
N CYS E 58 8.52 14.98 -32.64
CA CYS E 58 8.16 13.57 -32.50
C CYS E 58 7.53 13.02 -33.77
N MET E 59 7.09 13.88 -34.69
CA MET E 59 6.67 13.41 -36.00
C MET E 59 7.86 13.30 -36.95
N ALA E 60 8.77 14.27 -36.96
CA ALA E 60 9.86 14.27 -37.92
C ALA E 60 10.76 13.05 -37.75
N VAL E 61 10.96 12.59 -36.52
CA VAL E 61 11.84 11.43 -36.29
C VAL E 61 11.32 10.22 -37.06
N GLN E 62 10.00 10.18 -37.32
CA GLN E 62 9.40 9.00 -37.94
C GLN E 62 9.74 8.93 -39.42
N THR E 63 9.45 9.99 -40.18
CA THR E 63 9.77 9.97 -41.60
C THR E 63 11.27 10.01 -41.82
N TYR E 64 12.02 10.62 -40.89
CA TYR E 64 13.47 10.54 -40.95
C TYR E 64 13.92 9.09 -41.00
N TYR E 65 13.39 8.26 -40.09
CA TYR E 65 13.77 6.85 -40.10
C TYR E 65 13.33 6.16 -41.38
N ARG E 66 12.09 6.41 -41.81
CA ARG E 66 11.58 5.71 -42.97
C ARG E 66 12.37 6.01 -44.23
N THR E 67 13.10 7.11 -44.27
CA THR E 67 13.81 7.50 -45.48
C THR E 67 14.98 6.57 -45.75
N ASN E 68 15.94 6.49 -44.83
CA ASN E 68 17.15 5.70 -45.05
C ASN E 68 17.42 4.67 -43.96
N GLY E 69 16.50 4.51 -43.00
CA GLY E 69 16.64 3.45 -42.02
C GLY E 69 17.56 3.78 -40.87
N ARG E 70 17.84 5.07 -40.64
CA ARG E 70 18.61 5.51 -39.50
C ARG E 70 17.67 6.10 -38.46
N ILE E 71 17.75 5.61 -37.23
CA ILE E 71 16.88 6.12 -36.18
C ILE E 71 17.30 7.52 -35.76
N ALA E 72 16.34 8.31 -35.32
CA ALA E 72 16.62 9.64 -34.79
C ALA E 72 15.98 9.80 -33.41
N ALA E 73 16.45 10.82 -32.69
CA ALA E 73 15.98 11.11 -31.34
C ALA E 73 15.16 12.38 -31.32
N ALA E 74 14.14 12.39 -30.46
CA ALA E 74 13.42 13.59 -30.09
C ALA E 74 13.91 14.01 -28.72
N LEU E 75 14.35 15.26 -28.61
CA LEU E 75 14.95 15.79 -27.39
C LEU E 75 13.98 16.79 -26.76
N LEU E 76 13.36 16.39 -25.66
CA LEU E 76 12.25 17.12 -25.06
C LEU E 76 12.61 17.55 -23.65
N THR E 77 12.05 18.66 -23.20
CA THR E 77 12.33 19.16 -21.88
C THR E 77 11.15 18.89 -20.94
N THR E 78 11.32 19.33 -19.70
CA THR E 78 10.35 19.11 -18.62
C THR E 78 8.98 19.66 -18.97
N GLY E 79 7.96 19.08 -18.34
CA GLY E 79 6.65 19.69 -18.37
C GLY E 79 6.04 19.71 -19.75
N ALA E 80 5.67 20.90 -20.24
CA ALA E 80 5.00 21.00 -21.53
C ALA E 80 5.88 20.59 -22.70
N GLY E 81 7.20 20.64 -22.53
CA GLY E 81 8.08 20.07 -23.54
C GLY E 81 7.78 18.61 -23.79
N SER E 82 7.45 17.86 -22.74
CA SER E 82 7.16 16.45 -22.88
C SER E 82 5.70 16.19 -23.28
N THR E 83 4.76 16.92 -22.69
CA THR E 83 3.35 16.69 -23.05
C THR E 83 3.09 17.05 -24.50
N ASN E 84 3.83 18.03 -25.04
CA ASN E 84 3.62 18.42 -26.43
C ASN E 84 4.06 17.35 -27.42
N GLY E 85 4.88 16.40 -27.01
CA GLY E 85 5.34 15.38 -27.93
C GLY E 85 4.43 14.19 -28.11
N VAL E 86 3.43 14.07 -27.23
CA VAL E 86 2.70 12.82 -27.11
C VAL E 86 2.03 12.43 -28.42
N THR E 87 1.45 13.39 -29.15
CA THR E 87 0.75 13.03 -30.38
C THR E 87 1.70 12.32 -31.35
N GLY E 88 2.93 12.81 -31.47
CA GLY E 88 3.91 12.16 -32.33
C GLY E 88 4.30 10.78 -31.84
N VAL E 89 4.37 10.59 -30.52
CA VAL E 89 4.63 9.25 -29.99
C VAL E 89 3.52 8.29 -30.41
N VAL E 90 2.26 8.74 -30.35
CA VAL E 90 1.17 7.82 -30.65
C VAL E 90 1.15 7.47 -32.13
N SER E 91 1.48 8.42 -33.01
CA SER E 91 1.50 8.07 -34.43
C SER E 91 2.64 7.09 -34.73
N ALA E 92 3.79 7.24 -34.09
CA ALA E 92 4.88 6.28 -34.30
C ALA E 92 4.48 4.90 -33.81
N TRP E 93 3.87 4.83 -32.63
CA TRP E 93 3.31 3.58 -32.11
C TRP E 93 2.34 2.96 -33.09
N ALA E 94 1.39 3.74 -33.58
CA ALA E 94 0.35 3.20 -34.44
C ALA E 94 0.90 2.76 -35.80
N ASP E 95 1.99 3.37 -36.26
CA ASP E 95 2.54 3.02 -37.56
C ASP E 95 3.81 2.17 -37.48
N SER E 96 4.16 1.67 -36.30
CA SER E 96 5.29 0.74 -36.15
C SER E 96 6.62 1.37 -36.56
N ILE E 97 6.81 2.64 -36.23
CA ILE E 97 8.00 3.36 -36.65
C ILE E 97 8.94 3.52 -35.46
N PRO E 98 10.19 3.09 -35.57
CA PRO E 98 11.14 3.23 -34.46
C PRO E 98 11.65 4.66 -34.34
N CYS E 99 11.80 5.09 -33.09
CA CYS E 99 12.36 6.38 -32.73
C CYS E 99 12.54 6.34 -31.22
N ILE E 100 13.35 7.24 -30.71
CA ILE E 100 13.58 7.32 -29.27
C ILE E 100 13.38 8.75 -28.81
N VAL E 101 12.59 8.92 -27.76
CA VAL E 101 12.41 10.19 -27.08
C VAL E 101 13.33 10.23 -25.89
N ILE E 102 14.14 11.28 -25.78
CA ILE E 102 14.95 11.54 -24.60
C ILE E 102 14.36 12.79 -23.95
N ALA E 103 13.77 12.62 -22.77
CA ALA E 103 13.03 13.68 -22.10
C ALA E 103 13.72 14.07 -20.80
N GLY E 104 13.92 15.35 -20.61
CA GLY E 104 14.38 15.83 -19.33
C GLY E 104 13.27 15.85 -18.28
N ASN E 105 13.68 16.02 -17.03
CA ASN E 105 12.72 16.28 -15.98
C ASN E 105 13.41 17.07 -14.88
N GLU E 106 12.59 17.44 -13.89
CA GLU E 106 13.04 18.03 -12.63
C GLU E 106 14.08 17.17 -11.95
N ASN E 107 14.75 17.73 -10.94
CA ASN E 107 15.69 16.96 -10.13
C ASN E 107 15.05 15.67 -9.62
N SER E 108 15.86 14.61 -9.62
CA SER E 108 15.36 13.27 -9.31
C SER E 108 14.75 13.19 -7.92
N LYS E 109 15.12 14.07 -7.00
CA LYS E 109 14.53 14.00 -5.67
C LYS E 109 13.03 14.31 -5.68
N PHE E 110 12.50 14.87 -6.77
CA PHE E 110 11.06 15.09 -6.89
C PHE E 110 10.35 14.01 -7.68
N THR E 111 11.09 13.22 -8.46
CA THR E 111 10.52 12.44 -9.55
C THR E 111 10.36 10.99 -9.11
N PHE E 112 9.35 10.75 -8.30
CA PHE E 112 9.02 9.40 -7.84
C PHE E 112 7.52 9.34 -7.69
N PRO E 113 6.91 8.18 -7.97
CA PRO E 113 5.43 8.12 -7.92
C PRO E 113 4.86 8.30 -6.52
N GLU E 114 5.67 8.16 -5.46
CA GLU E 114 5.21 8.36 -4.10
C GLU E 114 5.03 9.83 -3.75
N ASN E 115 5.55 10.75 -4.56
CA ASN E 115 5.36 12.19 -4.34
C ASN E 115 3.86 12.48 -4.36
N PRO E 116 3.28 13.03 -3.29
CA PRO E 116 1.82 13.19 -3.24
C PRO E 116 1.29 14.46 -3.90
N LEU E 117 2.17 15.33 -4.37
CA LEU E 117 1.73 16.60 -4.95
C LEU E 117 1.31 16.43 -6.40
N ARG E 118 0.46 17.36 -6.86
CA ARG E 118 -0.06 17.29 -8.22
C ARG E 118 1.04 17.36 -9.26
N MET E 119 2.11 18.10 -8.98
CA MET E 119 3.22 18.25 -9.89
C MET E 119 4.52 18.02 -9.14
N TRP E 120 5.55 17.69 -9.91
CA TRP E 120 6.87 17.33 -9.42
C TRP E 120 7.78 18.55 -9.52
N GLY E 121 8.42 18.91 -8.42
CA GLY E 121 9.32 20.05 -8.45
C GLY E 121 8.59 21.30 -8.91
N VAL E 122 9.21 22.03 -9.83
CA VAL E 122 8.62 23.30 -10.28
C VAL E 122 7.49 23.05 -11.28
N GLN E 123 7.71 22.16 -12.26
CA GLN E 123 6.72 21.99 -13.31
C GLN E 123 6.81 20.66 -14.02
N GLY E 124 7.23 19.60 -13.31
CA GLY E 124 7.41 18.30 -13.91
C GLY E 124 6.29 17.34 -13.56
N TYR E 125 6.28 16.21 -14.26
CA TYR E 125 5.27 15.17 -14.06
C TYR E 125 5.87 13.85 -14.53
N ASP E 126 5.11 12.77 -14.34
CA ASP E 126 5.57 11.42 -14.70
C ASP E 126 5.38 11.22 -16.19
N SER E 127 6.38 11.65 -16.98
CA SER E 127 6.28 11.57 -18.43
C SER E 127 6.28 10.12 -18.92
N CYS E 128 6.81 9.20 -18.13
CA CYS E 128 6.79 7.79 -18.51
C CYS E 128 5.38 7.22 -18.44
N GLN E 129 4.66 7.51 -17.35
CA GLN E 129 3.33 6.93 -17.20
C GLN E 129 2.40 7.40 -18.30
N MET E 130 2.57 8.64 -18.76
CA MET E 130 1.64 9.21 -19.73
C MET E 130 1.72 8.50 -21.08
N VAL E 131 2.86 7.89 -21.42
CA VAL E 131 3.04 7.21 -22.71
C VAL E 131 3.13 5.69 -22.52
N GLU E 132 2.82 5.20 -21.32
CA GLU E 132 2.98 3.79 -20.99
C GLU E 132 2.21 2.85 -21.89
N ARG E 133 1.07 3.28 -22.42
CA ARG E 133 0.24 2.41 -23.23
C ARG E 133 0.42 2.66 -24.73
N VAL E 134 1.31 3.60 -25.08
CA VAL E 134 1.48 3.99 -26.48
C VAL E 134 2.98 4.01 -26.81
N SER E 135 3.76 3.21 -26.11
CA SER E 135 5.17 3.04 -26.44
C SER E 135 5.64 1.67 -26.00
N LYS E 136 6.75 1.22 -26.61
CA LYS E 136 7.25 -0.12 -26.35
C LYS E 136 8.01 -0.24 -25.05
N TYR E 137 8.51 0.88 -24.53
CA TYR E 137 9.37 0.86 -23.35
C TYR E 137 9.49 2.28 -22.83
N GLN E 138 9.45 2.43 -21.51
CA GLN E 138 9.65 3.71 -20.85
C GLN E 138 10.56 3.44 -19.65
N MET E 139 11.46 4.38 -19.37
CA MET E 139 12.29 4.23 -18.17
C MET E 139 12.81 5.61 -17.75
N ARG E 140 12.69 5.89 -16.45
CA ARG E 140 13.31 7.06 -15.83
C ARG E 140 14.66 6.65 -15.25
N VAL E 141 15.72 7.35 -15.66
CA VAL E 141 17.06 7.03 -15.16
C VAL E 141 17.25 7.70 -13.81
N THR E 142 17.45 6.89 -12.77
CA THR E 142 17.69 7.40 -11.43
C THR E 142 19.09 7.12 -10.93
N LYS E 143 19.88 6.31 -11.64
CA LYS E 143 21.28 6.07 -11.32
C LYS E 143 22.13 6.53 -12.50
N MET E 144 23.11 7.38 -12.21
CA MET E 144 23.94 7.93 -13.28
C MET E 144 24.59 6.81 -14.09
N GLU E 145 24.99 5.73 -13.41
CA GLU E 145 25.73 4.65 -14.05
C GLU E 145 24.89 3.87 -15.05
N ARG E 146 23.57 4.07 -15.07
CA ARG E 146 22.67 3.37 -15.97
C ARG E 146 22.18 4.23 -17.13
N ALA E 147 22.67 5.47 -17.25
CA ALA E 147 22.11 6.39 -18.23
C ALA E 147 22.35 5.92 -19.66
N VAL E 148 23.56 5.44 -19.96
CA VAL E 148 23.85 4.96 -21.30
C VAL E 148 23.23 3.59 -21.53
N TYR E 149 23.16 2.77 -20.47
CA TYR E 149 22.50 1.49 -20.54
C TYR E 149 21.06 1.61 -21.03
N GLU E 150 20.32 2.58 -20.48
CA GLU E 150 18.91 2.73 -20.84
C GLU E 150 18.75 3.33 -22.24
N LEU E 151 19.68 4.17 -22.69
CA LEU E 151 19.60 4.65 -24.07
C LEU E 151 19.85 3.51 -25.05
N GLU E 152 20.88 2.71 -24.81
CA GLU E 152 21.15 1.54 -25.64
C GLU E 152 19.95 0.60 -25.64
N LYS E 153 19.40 0.33 -24.47
CA LYS E 153 18.24 -0.53 -24.37
C LYS E 153 17.05 0.09 -25.09
N GLY E 154 16.85 1.40 -24.92
CA GLY E 154 15.75 2.08 -25.60
C GLY E 154 15.85 2.01 -27.11
N VAL E 155 17.07 2.15 -27.65
CA VAL E 155 17.22 2.09 -29.10
C VAL E 155 16.97 0.67 -29.59
N HIS E 156 17.52 -0.33 -28.89
CA HIS E 156 17.32 -1.71 -29.30
C HIS E 156 15.84 -2.09 -29.29
N LEU E 157 15.12 -1.73 -28.21
CA LEU E 157 13.72 -2.12 -28.13
C LEU E 157 12.87 -1.36 -29.13
N ALA E 158 13.29 -0.15 -29.51
CA ALA E 158 12.58 0.57 -30.57
C ALA E 158 12.66 -0.20 -31.89
N LEU E 159 13.82 -0.78 -32.19
CA LEU E 159 14.08 -1.40 -33.49
C LEU E 159 13.67 -2.87 -33.56
N GLU E 160 13.69 -3.60 -32.44
CA GLU E 160 13.43 -5.03 -32.48
C GLU E 160 11.96 -5.33 -32.78
N GLY E 161 11.71 -6.54 -33.26
CA GLY E 161 10.35 -7.03 -33.42
C GLY E 161 9.50 -6.12 -34.28
N ARG E 162 8.29 -5.86 -33.82
CA ARG E 162 7.48 -4.79 -34.41
C ARG E 162 8.00 -3.46 -33.89
N PRO E 163 8.56 -2.60 -34.74
CA PRO E 163 9.22 -1.38 -34.23
C PRO E 163 8.22 -0.40 -33.62
N GLY E 164 8.76 0.57 -32.89
CA GLY E 164 7.94 1.54 -32.21
C GLY E 164 8.75 2.51 -31.39
N PRO E 165 8.09 3.52 -30.83
CA PRO E 165 8.80 4.53 -30.04
C PRO E 165 9.13 4.02 -28.65
N THR E 166 10.26 4.50 -28.11
CA THR E 166 10.62 4.29 -26.72
C THR E 166 10.86 5.65 -26.09
N TRP E 167 10.76 5.70 -24.76
CA TRP E 167 10.74 6.95 -24.00
C TRP E 167 11.67 6.81 -22.79
N ILE E 168 12.80 7.51 -22.82
CA ILE E 168 13.79 7.46 -21.77
C ILE E 168 13.83 8.84 -21.10
N GLU E 169 13.52 8.90 -19.81
CA GLU E 169 13.48 10.16 -19.06
C GLU E 169 14.74 10.26 -18.23
N ILE E 170 15.43 11.40 -18.32
CA ILE E 170 16.67 11.62 -17.58
C ILE E 170 16.55 12.91 -16.78
N PRO E 171 16.32 12.82 -15.47
CA PRO E 171 16.26 14.04 -14.64
C PRO E 171 17.50 14.90 -14.81
N MET E 172 17.30 16.21 -14.62
CA MET E 172 18.36 17.20 -14.76
C MET E 172 19.62 16.84 -13.99
N ASP E 173 19.46 16.48 -12.71
CA ASP E 173 20.62 16.23 -11.87
C ASP E 173 21.39 15.00 -12.32
N ILE E 174 20.69 14.07 -12.97
CA ILE E 174 21.39 12.92 -13.55
C ILE E 174 22.23 13.37 -14.74
N GLN E 175 21.71 14.28 -15.56
CA GLN E 175 22.44 14.75 -16.72
C GLN E 175 23.71 15.50 -16.33
N SER E 176 23.67 16.25 -15.24
CA SER E 176 24.78 17.09 -14.84
C SER E 176 25.70 16.41 -13.83
N GLY E 177 25.40 15.17 -13.44
CA GLY E 177 26.27 14.45 -12.53
C GLY E 177 27.53 13.99 -13.24
N ARG E 178 28.48 13.50 -12.44
CA ARG E 178 29.78 13.09 -12.95
C ARG E 178 30.14 11.73 -12.38
N ILE E 179 30.66 10.84 -13.23
CA ILE E 179 30.98 9.50 -12.80
C ILE E 179 32.26 9.02 -13.45
N ASP E 180 32.96 8.13 -12.76
CA ASP E 180 34.06 7.40 -13.36
C ASP E 180 33.55 6.64 -14.59
N PRO E 181 34.05 6.95 -15.79
CA PRO E 181 33.52 6.25 -16.98
C PRO E 181 33.61 4.74 -16.90
N ALA E 182 34.58 4.21 -16.15
CA ALA E 182 34.73 2.76 -16.03
C ALA E 182 33.57 2.11 -15.29
N THR E 183 32.75 2.88 -14.59
CA THR E 183 31.58 2.35 -13.90
C THR E 183 30.33 2.39 -14.78
N LEU E 184 30.44 2.92 -15.99
CA LEU E 184 29.30 3.04 -16.89
C LEU E 184 28.88 1.66 -17.38
N GLU E 185 27.62 1.30 -17.14
CA GLU E 185 27.08 0.02 -17.56
C GLU E 185 26.61 0.09 -19.01
N HIS E 186 26.56 -1.07 -19.66
CA HIS E 186 26.16 -1.17 -21.06
C HIS E 186 25.16 -2.29 -21.25
N TYR E 187 24.22 -2.07 -22.16
CA TYR E 187 23.17 -3.04 -22.43
C TYR E 187 23.60 -3.99 -23.53
N VAL E 188 23.34 -5.28 -23.31
CA VAL E 188 23.66 -6.33 -24.28
C VAL E 188 22.35 -6.98 -24.67
N ALA E 189 21.98 -6.84 -25.94
CA ALA E 189 20.71 -7.37 -26.40
C ALA E 189 20.75 -8.89 -26.43
N PRO E 190 19.62 -9.54 -26.18
CA PRO E 190 19.54 -10.98 -26.43
C PRO E 190 19.84 -11.30 -27.88
N PRO E 191 20.12 -12.56 -28.20
CA PRO E 191 20.35 -12.92 -29.60
C PRO E 191 19.09 -12.67 -30.43
N ALA E 192 19.30 -12.35 -31.70
CA ALA E 192 18.18 -12.12 -32.61
C ALA E 192 17.36 -13.39 -32.75
N PRO E 193 16.03 -13.30 -32.75
CA PRO E 193 15.21 -14.52 -32.84
C PRO E 193 15.46 -15.29 -34.12
N ASP E 194 15.41 -16.61 -34.01
CA ASP E 194 15.41 -17.51 -35.16
C ASP E 194 13.96 -17.87 -35.41
N TYR E 195 13.35 -17.19 -36.38
CA TYR E 195 11.94 -17.38 -36.66
C TYR E 195 11.65 -18.66 -37.42
N LEU E 196 12.65 -19.23 -38.09
CA LEU E 196 12.40 -20.37 -38.98
C LEU E 196 12.51 -21.68 -38.19
N THR E 197 11.52 -21.89 -37.34
CA THR E 197 11.37 -23.12 -36.59
C THR E 197 10.67 -24.16 -37.45
N PRO E 198 10.65 -25.43 -36.99
CA PRO E 198 9.90 -26.44 -37.76
C PRO E 198 8.43 -26.06 -37.96
N ALA E 199 7.79 -25.47 -36.95
CA ALA E 199 6.40 -25.08 -37.12
C ALA E 199 6.25 -23.98 -38.16
N VAL E 200 7.15 -23.00 -38.16
CA VAL E 200 7.05 -21.95 -39.16
C VAL E 200 7.38 -22.51 -40.54
N ALA E 201 8.39 -23.37 -40.62
CA ALA E 201 8.73 -24.00 -41.89
C ALA E 201 7.53 -24.76 -42.47
N ALA E 202 6.76 -25.43 -41.60
CA ALA E 202 5.59 -26.16 -42.08
C ALA E 202 4.52 -25.21 -42.60
N GLN E 203 4.40 -24.03 -42.00
CA GLN E 203 3.43 -23.06 -42.51
C GLN E 203 3.87 -22.47 -43.85
N VAL E 204 5.17 -22.22 -44.00
CA VAL E 204 5.70 -21.79 -45.29
C VAL E 204 5.38 -22.82 -46.37
N ASP E 205 5.57 -24.10 -46.06
CA ASP E 205 5.23 -25.14 -47.04
C ASP E 205 3.74 -25.12 -47.36
N SER E 206 2.89 -24.87 -46.36
CA SER E 206 1.46 -24.80 -46.65
C SER E 206 1.13 -23.62 -47.57
N VAL E 207 1.77 -22.48 -47.35
CA VAL E 207 1.56 -21.33 -48.22
C VAL E 207 2.02 -21.64 -49.63
N LEU E 208 3.18 -22.29 -49.75
CA LEU E 208 3.71 -22.63 -51.07
C LEU E 208 2.75 -23.55 -51.82
N ALA E 209 2.21 -24.56 -51.15
CA ALA E 209 1.25 -25.45 -51.79
C ALA E 209 0.01 -24.69 -52.23
N ALA E 210 -0.49 -23.77 -51.39
CA ALA E 210 -1.64 -22.97 -51.77
C ALA E 210 -1.34 -22.14 -53.02
N LEU E 211 -0.17 -21.51 -53.05
CA LEU E 211 0.19 -20.65 -54.18
C LEU E 211 0.37 -21.46 -55.46
N ALA E 212 0.94 -22.66 -55.35
CA ALA E 212 1.14 -23.49 -56.53
C ALA E 212 -0.19 -23.87 -57.18
N LYS E 213 -1.20 -24.13 -56.35
CA LYS E 213 -2.49 -24.62 -56.82
C LYS E 213 -3.46 -23.51 -57.17
N ALA E 214 -3.34 -22.35 -56.54
CA ALA E 214 -4.36 -21.32 -56.67
C ALA E 214 -4.48 -20.84 -58.11
N GLU E 215 -5.72 -20.66 -58.56
CA GLU E 215 -5.96 -20.10 -59.88
C GLU E 215 -6.07 -18.59 -59.87
N ARG E 216 -6.49 -18.01 -58.75
CA ARG E 216 -6.72 -16.56 -58.65
C ARG E 216 -6.11 -16.01 -57.37
N PRO E 217 -4.80 -16.13 -57.21
CA PRO E 217 -4.14 -15.61 -56.01
C PRO E 217 -3.97 -14.09 -56.05
N VAL E 218 -3.92 -13.50 -54.86
CA VAL E 218 -3.58 -12.10 -54.70
C VAL E 218 -2.65 -12.00 -53.49
N LEU E 219 -1.47 -11.44 -53.70
CA LEU E 219 -0.60 -11.09 -52.58
C LEU E 219 -0.94 -9.67 -52.13
N TRP E 220 -1.05 -9.46 -50.82
CA TRP E 220 -1.36 -8.15 -50.26
C TRP E 220 -0.16 -7.74 -49.43
N LEU E 221 0.56 -6.72 -49.89
CA LEU E 221 1.90 -6.42 -49.42
C LEU E 221 1.92 -5.06 -48.73
N GLY E 222 2.46 -5.03 -47.51
CA GLY E 222 2.44 -3.85 -46.69
C GLY E 222 3.81 -3.48 -46.14
N ASN E 223 3.80 -2.39 -45.36
CA ASN E 223 5.01 -1.73 -44.92
C ASN E 223 5.83 -2.56 -43.94
N GLY E 224 5.25 -3.59 -43.33
CA GLY E 224 6.05 -4.51 -42.57
C GLY E 224 7.19 -5.11 -43.36
N ILE E 225 7.01 -5.25 -44.68
CA ILE E 225 8.10 -5.77 -45.52
C ILE E 225 9.25 -4.76 -45.56
N ARG E 226 8.93 -3.48 -45.72
CA ARG E 226 10.00 -2.48 -45.75
C ARG E 226 10.67 -2.37 -44.39
N LEU E 227 9.89 -2.41 -43.31
CA LEU E 227 10.48 -2.36 -41.98
C LEU E 227 11.41 -3.55 -41.75
N ALA E 228 11.12 -4.68 -42.40
CA ALA E 228 11.94 -5.88 -42.28
C ALA E 228 13.16 -5.86 -43.18
N GLY E 229 13.25 -4.90 -44.08
CA GLY E 229 14.31 -4.87 -45.07
C GLY E 229 14.14 -5.83 -46.23
N GLY E 230 12.91 -6.25 -46.51
CA GLY E 230 12.66 -7.23 -47.56
C GLY E 230 12.11 -6.70 -48.86
N GLU E 231 12.03 -5.39 -49.06
CA GLU E 231 11.26 -4.87 -50.18
C GLU E 231 11.90 -5.22 -51.53
N ARG E 232 13.22 -5.40 -51.58
CA ARG E 232 13.87 -5.70 -52.85
C ARG E 232 13.65 -7.14 -53.31
N LEU E 233 13.13 -8.00 -52.44
CA LEU E 233 12.80 -9.38 -52.80
C LEU E 233 11.44 -9.50 -53.49
N LEU E 234 10.64 -8.44 -53.50
CA LEU E 234 9.26 -8.58 -53.92
C LEU E 234 9.12 -8.75 -55.42
N LYS E 235 9.87 -7.99 -56.20
CA LYS E 235 9.79 -8.18 -57.66
C LYS E 235 10.14 -9.62 -58.03
N PRO E 236 11.26 -10.19 -57.58
CA PRO E 236 11.52 -11.60 -57.91
C PRO E 236 10.45 -12.57 -57.43
N LEU E 237 9.94 -12.38 -56.21
CA LEU E 237 8.87 -13.27 -55.72
C LEU E 237 7.65 -13.20 -56.62
N LEU E 238 7.19 -12.00 -56.97
CA LEU E 238 6.00 -11.90 -57.80
C LEU E 238 6.24 -12.50 -59.18
N GLU E 239 7.42 -12.26 -59.75
CA GLU E 239 7.71 -12.78 -61.07
C GLU E 239 7.90 -14.29 -61.05
N LYS E 240 8.44 -14.83 -59.95
CA LYS E 240 8.53 -16.28 -59.84
C LYS E 240 7.15 -16.92 -59.71
N LEU E 241 6.20 -16.26 -59.04
CA LEU E 241 4.90 -16.84 -58.83
C LEU E 241 3.92 -16.55 -59.96
N GLY E 242 4.16 -15.52 -60.76
CA GLY E 242 3.16 -15.06 -61.71
C GLY E 242 1.88 -14.59 -61.06
N SER E 243 1.95 -14.12 -59.81
CA SER E 243 0.72 -13.78 -59.11
C SER E 243 0.51 -12.28 -59.04
N PRO E 244 -0.74 -11.85 -59.26
CA PRO E 244 -1.08 -10.44 -58.98
C PRO E 244 -0.81 -10.07 -57.54
N ALA E 245 -0.55 -8.78 -57.34
CA ALA E 245 -0.34 -8.24 -55.99
C ALA E 245 -1.05 -6.90 -55.85
N LEU E 246 -1.50 -6.65 -54.63
CA LEU E 246 -1.98 -5.35 -54.18
C LEU E 246 -1.00 -4.83 -53.14
N VAL E 247 -0.92 -3.53 -53.01
CA VAL E 247 -0.07 -2.90 -51.99
C VAL E 247 -0.98 -2.11 -51.06
N SER E 248 -0.69 -2.18 -49.77
CA SER E 248 -1.34 -1.31 -48.81
C SER E 248 -0.97 0.14 -49.08
N TRP E 249 -1.73 1.06 -48.49
CA TRP E 249 -1.40 2.47 -48.67
C TRP E 249 0.00 2.77 -48.15
N ALA E 250 0.37 2.21 -46.98
CA ALA E 250 1.71 2.44 -46.45
C ALA E 250 2.79 1.75 -47.28
N GLY E 251 2.45 0.67 -47.98
CA GLY E 251 3.40 -0.03 -48.80
C GLY E 251 3.45 0.36 -50.27
N ILE E 252 2.85 1.48 -50.67
CA ILE E 252 2.71 1.75 -52.09
C ILE E 252 4.06 1.83 -52.79
N ASP E 253 5.06 2.44 -52.14
CA ASP E 253 6.32 2.73 -52.81
C ASP E 253 7.29 1.55 -52.82
N MET E 254 6.86 0.38 -52.37
CA MET E 254 7.75 -0.78 -52.36
C MET E 254 7.91 -1.38 -53.76
N LEU E 255 6.91 -1.17 -54.61
CA LEU E 255 6.86 -1.79 -55.93
C LEU E 255 6.42 -0.73 -56.92
N ASP E 256 7.02 -0.75 -58.11
CA ASP E 256 6.57 0.14 -59.18
C ASP E 256 5.07 -0.03 -59.39
N SER E 257 4.34 1.09 -59.31
CA SER E 257 2.89 1.05 -59.49
C SER E 257 2.49 0.55 -60.86
N SER E 258 3.38 0.66 -61.85
CA SER E 258 3.10 0.21 -63.20
C SER E 258 3.72 -1.14 -63.52
N HIS E 259 4.31 -1.81 -62.54
CA HIS E 259 4.74 -3.19 -62.74
C HIS E 259 3.56 -4.02 -63.23
N PRO E 260 3.77 -4.96 -64.16
CA PRO E 260 2.63 -5.67 -64.77
C PRO E 260 1.84 -6.55 -63.83
N LEU E 261 2.33 -6.85 -62.63
CA LEU E 261 1.62 -7.70 -61.68
C LEU E 261 1.13 -6.95 -60.45
N VAL E 262 1.30 -5.63 -60.41
CA VAL E 262 0.89 -4.79 -59.28
C VAL E 262 -0.38 -4.06 -59.67
N PHE E 263 -1.46 -4.30 -58.94
CA PHE E 263 -2.79 -3.87 -59.38
C PHE E 263 -3.44 -2.88 -58.44
N GLY E 264 -2.66 -2.23 -57.58
CA GLY E 264 -3.16 -1.10 -56.85
C GLY E 264 -3.46 -1.36 -55.40
N ARG E 265 -4.43 -0.63 -54.86
CA ARG E 265 -4.69 -0.59 -53.43
C ARG E 265 -6.19 -0.75 -53.22
N ALA E 266 -6.56 -1.71 -52.37
CA ALA E 266 -7.95 -2.03 -52.08
C ALA E 266 -8.33 -1.53 -50.71
N GLY E 267 -9.62 -1.34 -50.50
CA GLY E 267 -10.12 -1.04 -49.18
C GLY E 267 -11.35 -0.15 -49.24
N VAL E 268 -11.60 0.51 -48.11
CA VAL E 268 -12.76 1.39 -47.97
C VAL E 268 -12.62 2.62 -48.84
N TYR E 269 -11.40 3.08 -49.08
CA TYR E 269 -11.11 4.08 -50.10
C TYR E 269 -10.30 3.42 -51.21
N GLY E 270 -10.65 2.17 -51.50
CA GLY E 270 -9.92 1.41 -52.47
C GLY E 270 -10.13 1.95 -53.86
N GLN E 271 -9.32 1.42 -54.77
CA GLN E 271 -9.58 1.58 -56.19
C GLN E 271 -10.59 0.52 -56.60
N ARG E 272 -11.53 0.91 -57.47
CA ARG E 272 -12.55 -0.04 -57.91
C ARG E 272 -11.93 -1.32 -58.45
N ALA E 273 -10.92 -1.22 -59.30
CA ALA E 273 -10.35 -2.43 -59.89
C ALA E 273 -9.70 -3.30 -58.82
N ALA E 274 -8.97 -2.69 -57.89
CA ALA E 274 -8.30 -3.46 -56.85
C ALA E 274 -9.31 -4.16 -55.93
N ASN E 275 -10.42 -3.49 -55.63
CA ASN E 275 -11.44 -4.14 -54.79
C ASN E 275 -12.07 -5.32 -55.52
N PHE E 276 -12.28 -5.22 -56.83
CA PHE E 276 -12.80 -6.37 -57.57
C PHE E 276 -11.77 -7.50 -57.61
N ILE E 277 -10.49 -7.16 -57.75
CA ILE E 277 -9.44 -8.19 -57.76
C ILE E 277 -9.41 -8.91 -56.42
N LEU E 278 -9.40 -8.14 -55.34
CA LEU E 278 -9.42 -8.75 -54.01
C LEU E 278 -10.66 -9.60 -53.82
N GLN E 279 -11.83 -9.06 -54.14
CA GLN E 279 -13.07 -9.73 -53.79
C GLN E 279 -13.37 -10.92 -54.68
N ASN E 280 -12.67 -11.09 -55.81
CA ASN E 280 -12.91 -12.24 -56.67
C ASN E 280 -11.76 -13.25 -56.61
N SER E 281 -10.80 -13.06 -55.71
CA SER E 281 -9.68 -13.99 -55.61
C SER E 281 -10.11 -15.34 -55.03
N ASP E 282 -9.25 -16.35 -55.19
CA ASP E 282 -9.44 -17.60 -54.46
C ASP E 282 -8.36 -17.84 -53.41
N TYR E 283 -7.35 -16.97 -53.32
CA TYR E 283 -6.31 -17.10 -52.31
C TYR E 283 -5.68 -15.73 -52.10
N VAL E 284 -5.66 -15.26 -50.86
CA VAL E 284 -5.03 -13.99 -50.50
C VAL E 284 -3.91 -14.31 -49.52
N LEU E 285 -2.71 -13.85 -49.85
CA LEU E 285 -1.55 -13.97 -48.95
C LEU E 285 -1.15 -12.57 -48.56
N ALA E 286 -1.44 -12.19 -47.31
CA ALA E 286 -1.06 -10.90 -46.77
C ALA E 286 0.28 -11.01 -46.07
N ILE E 287 1.21 -10.13 -46.43
CA ILE E 287 2.56 -10.13 -45.87
C ILE E 287 2.89 -8.72 -45.39
N GLY E 288 3.14 -8.58 -44.08
CA GLY E 288 3.54 -7.31 -43.55
C GLY E 288 2.50 -6.22 -43.66
N THR E 289 1.23 -6.59 -43.77
CA THR E 289 0.15 -5.62 -43.78
C THR E 289 -0.79 -5.92 -42.62
N ARG E 290 -1.26 -4.85 -41.96
CA ARG E 290 -2.05 -4.99 -40.76
C ARG E 290 -3.47 -5.49 -41.03
N LEU E 291 -3.94 -5.42 -42.28
CA LEU E 291 -5.35 -5.70 -42.58
C LEU E 291 -6.24 -4.89 -41.64
N ALA E 292 -6.00 -3.58 -41.62
CA ALA E 292 -6.75 -2.66 -40.80
C ALA E 292 -8.18 -2.52 -41.32
N ILE E 293 -9.04 -1.93 -40.46
CA ILE E 293 -10.43 -1.75 -40.86
C ILE E 293 -10.55 -1.02 -42.19
N PRO E 294 -9.81 0.05 -42.45
CA PRO E 294 -9.95 0.72 -43.75
C PRO E 294 -9.44 -0.11 -44.91
N GLN E 295 -8.72 -1.20 -44.66
CA GLN E 295 -8.33 -2.11 -45.73
C GLN E 295 -9.38 -3.18 -46.02
N ILE E 296 -10.02 -3.72 -44.98
CA ILE E 296 -10.86 -4.90 -45.17
C ILE E 296 -12.33 -4.62 -44.97
N GLY E 297 -12.70 -3.40 -44.60
CA GLY E 297 -14.11 -3.12 -44.36
C GLY E 297 -14.56 -3.57 -42.99
N TYR E 298 -15.88 -3.74 -42.86
CA TYR E 298 -16.51 -3.86 -41.55
C TYR E 298 -17.07 -5.25 -41.26
N ASP E 299 -16.81 -6.23 -42.13
CA ASP E 299 -17.36 -7.57 -41.91
C ASP E 299 -16.44 -8.60 -42.55
N LEU E 300 -15.75 -9.38 -41.70
CA LEU E 300 -14.83 -10.38 -42.19
C LEU E 300 -15.52 -11.41 -43.08
N ASN E 301 -16.80 -11.70 -42.83
CA ASN E 301 -17.48 -12.71 -43.63
C ASN E 301 -17.78 -12.22 -45.04
N GLU E 302 -17.70 -10.93 -45.29
CA GLU E 302 -17.90 -10.39 -46.64
C GLU E 302 -16.59 -10.21 -47.39
N LEU E 303 -15.47 -10.50 -46.77
CA LEU E 303 -14.15 -10.26 -47.35
C LEU E 303 -13.75 -11.47 -48.20
N ALA E 304 -13.42 -11.21 -49.46
CA ALA E 304 -12.90 -12.22 -50.39
C ALA E 304 -13.56 -13.57 -50.17
N ARG E 305 -14.87 -13.59 -50.42
CA ARG E 305 -15.72 -14.68 -49.96
C ARG E 305 -15.43 -16.00 -50.67
N LEU E 306 -14.73 -15.98 -51.78
CA LEU E 306 -14.32 -17.21 -52.43
C LEU E 306 -12.91 -17.65 -52.06
N ALA E 307 -12.25 -16.96 -51.13
CA ALA E 307 -10.82 -17.12 -50.95
C ALA E 307 -10.43 -17.60 -49.55
N ARG E 308 -9.42 -18.47 -49.53
CA ARG E 308 -8.62 -18.65 -48.33
C ARG E 308 -7.71 -17.45 -48.15
N ILE E 309 -7.54 -17.02 -46.90
CA ILE E 309 -6.70 -15.87 -46.59
C ILE E 309 -5.67 -16.31 -45.55
N ASP E 310 -4.39 -16.09 -45.86
CA ASP E 310 -3.28 -16.32 -44.98
C ASP E 310 -2.64 -14.97 -44.64
N VAL E 311 -2.03 -14.89 -43.46
CA VAL E 311 -1.49 -13.65 -42.93
C VAL E 311 -0.11 -13.89 -42.34
N VAL E 312 0.84 -13.02 -42.66
CA VAL E 312 2.19 -13.04 -42.08
C VAL E 312 2.44 -11.71 -41.40
N ASP E 313 2.74 -11.74 -40.10
CA ASP E 313 2.93 -10.54 -39.31
C ASP E 313 3.86 -10.89 -38.15
N ILE E 314 4.78 -9.98 -37.83
CA ILE E 314 5.73 -10.26 -36.75
C ILE E 314 5.09 -10.11 -35.37
N ASP E 315 3.97 -9.39 -35.27
CA ASP E 315 3.25 -9.17 -34.02
C ASP E 315 2.17 -10.24 -33.93
N GLY E 316 2.31 -11.15 -32.96
CA GLY E 316 1.40 -12.29 -32.88
C GLY E 316 -0.04 -11.88 -32.70
N ASP E 317 -0.28 -10.81 -31.93
CA ASP E 317 -1.63 -10.31 -31.74
C ASP E 317 -2.21 -9.78 -33.05
N GLU E 318 -1.41 -9.08 -33.85
CA GLU E 318 -1.90 -8.67 -35.16
C GLU E 318 -2.09 -9.88 -36.08
N ALA E 319 -1.22 -10.87 -35.95
CA ALA E 319 -1.26 -12.00 -36.86
C ALA E 319 -2.56 -12.80 -36.71
N ILE E 320 -3.14 -12.84 -35.51
CA ILE E 320 -4.29 -13.71 -35.27
C ILE E 320 -5.59 -12.94 -35.07
N LYS E 321 -5.58 -11.62 -35.23
CA LYS E 321 -6.80 -10.89 -34.88
C LYS E 321 -7.99 -11.28 -35.75
N HIS E 322 -7.75 -11.76 -36.98
CA HIS E 322 -8.80 -12.19 -37.89
C HIS E 322 -8.88 -13.71 -38.00
N ALA E 323 -8.36 -14.45 -37.02
CA ALA E 323 -8.18 -15.89 -37.18
C ALA E 323 -9.48 -16.66 -37.34
N LYS E 324 -10.64 -16.07 -37.03
CA LYS E 324 -11.89 -16.73 -37.35
C LYS E 324 -12.11 -16.83 -38.86
N ARG E 325 -11.41 -16.00 -39.62
CA ARG E 325 -11.53 -15.93 -41.07
C ARG E 325 -10.28 -16.38 -41.79
N THR E 326 -9.11 -16.08 -41.26
CA THR E 326 -7.86 -16.40 -41.93
C THR E 326 -7.38 -17.78 -41.52
N GLN E 327 -6.76 -18.48 -42.47
CA GLN E 327 -6.41 -19.89 -42.23
C GLN E 327 -5.01 -20.00 -41.65
N GLU E 328 -3.98 -19.68 -42.43
CA GLU E 328 -2.62 -19.67 -41.93
C GLU E 328 -2.32 -18.30 -41.33
N ASN E 329 -1.97 -18.27 -40.06
CA ASN E 329 -1.56 -17.08 -39.34
C ASN E 329 -0.13 -17.31 -38.93
N ILE E 330 0.80 -16.61 -39.57
CA ILE E 330 2.22 -16.92 -39.50
C ILE E 330 2.89 -15.79 -38.75
N VAL E 331 3.41 -16.08 -37.56
CA VAL E 331 4.08 -15.08 -36.74
C VAL E 331 5.56 -15.15 -37.11
N CYS E 332 5.99 -14.23 -37.97
CA CYS E 332 7.31 -14.34 -38.56
C CYS E 332 7.70 -12.99 -39.14
N ASP E 333 9.00 -12.69 -39.09
CA ASP E 333 9.54 -11.52 -39.76
C ASP E 333 9.27 -11.64 -41.26
N ALA E 334 8.90 -10.52 -41.89
CA ALA E 334 8.45 -10.59 -43.28
C ALA E 334 9.58 -10.91 -44.24
N ARG E 335 10.80 -10.43 -43.95
CA ARG E 335 11.93 -10.74 -44.81
C ARG E 335 12.31 -12.21 -44.69
N VAL E 336 12.38 -12.73 -43.47
CA VAL E 336 12.66 -14.15 -43.28
C VAL E 336 11.61 -14.99 -44.00
N PHE E 337 10.33 -14.62 -43.88
CA PHE E 337 9.29 -15.39 -44.54
C PHE E 337 9.47 -15.39 -46.06
N ILE E 338 9.69 -14.20 -46.65
CA ILE E 338 9.86 -14.14 -48.09
C ILE E 338 11.09 -14.93 -48.52
N GLU E 339 12.21 -14.81 -47.79
CA GLU E 339 13.40 -15.57 -48.15
C GLU E 339 13.13 -17.07 -48.07
N ALA E 340 12.36 -17.52 -47.07
CA ALA E 340 12.05 -18.93 -46.95
C ALA E 340 11.18 -19.39 -48.12
N LEU E 341 10.25 -18.54 -48.54
CA LEU E 341 9.39 -18.90 -49.68
C LEU E 341 10.19 -18.92 -50.97
N LEU E 342 11.10 -17.95 -51.15
CA LEU E 342 11.96 -17.97 -52.33
C LEU E 342 12.86 -19.19 -52.34
N ALA E 343 13.42 -19.54 -51.17
CA ALA E 343 14.31 -20.70 -51.11
C ALA E 343 13.62 -21.95 -51.60
N ARG E 344 12.34 -22.12 -51.28
CA ARG E 344 11.60 -23.30 -51.73
C ARG E 344 11.18 -23.20 -53.18
N LEU E 345 10.91 -21.98 -53.68
CA LEU E 345 10.57 -21.84 -55.09
C LEU E 345 11.78 -22.03 -55.99
N ASN E 346 12.96 -21.63 -55.50
CA ASN E 346 14.20 -21.75 -56.26
C ASN E 346 14.87 -23.09 -56.10
N ALA E 347 14.27 -24.01 -55.35
CA ALA E 347 14.85 -25.33 -55.11
C ALA E 347 14.69 -26.20 -56.34
N ALA E 348 15.56 -27.21 -56.44
CA ALA E 348 15.45 -28.19 -57.51
C ALA E 348 14.19 -29.05 -57.36
N ASP E 349 13.78 -29.34 -56.13
CA ASP E 349 12.55 -30.08 -55.87
C ASP E 349 11.32 -29.16 -55.73
N ALA E 350 11.41 -27.94 -56.24
CA ALA E 350 10.29 -27.00 -56.13
C ALA E 350 9.06 -27.58 -56.82
N PRO E 351 7.88 -27.48 -56.22
CA PRO E 351 6.67 -27.96 -56.88
C PRO E 351 6.33 -27.12 -58.09
N ALA E 352 5.48 -27.69 -58.95
CA ALA E 352 5.01 -26.98 -60.13
C ALA E 352 3.97 -25.94 -59.75
N ILE E 353 4.13 -24.74 -60.28
CA ILE E 353 3.22 -23.62 -60.05
C ILE E 353 2.22 -23.60 -61.21
N ALA E 354 0.95 -23.91 -60.92
CA ALA E 354 -0.08 -23.78 -61.94
C ALA E 354 -0.15 -22.36 -62.46
N SER E 355 -0.36 -22.23 -63.78
CA SER E 355 -0.41 -20.92 -64.41
C SER E 355 -1.55 -20.08 -63.85
N LYS E 356 -1.27 -18.81 -63.58
CA LYS E 356 -2.30 -17.85 -63.19
C LYS E 356 -2.68 -16.92 -64.35
N ALA E 357 -2.35 -17.31 -65.59
CA ALA E 357 -2.47 -16.37 -66.70
C ALA E 357 -3.92 -15.91 -66.92
N ASP E 358 -4.89 -16.84 -66.82
CA ASP E 358 -6.28 -16.43 -67.01
C ASP E 358 -6.67 -15.34 -66.02
N TRP E 359 -6.20 -15.46 -64.77
CA TRP E 359 -6.55 -14.51 -63.73
C TRP E 359 -5.83 -13.19 -63.92
N VAL E 360 -4.54 -13.23 -64.28
CA VAL E 360 -3.83 -11.99 -64.55
C VAL E 360 -4.54 -11.21 -65.66
N ALA E 361 -5.04 -11.90 -66.68
CA ALA E 361 -5.79 -11.25 -67.76
C ALA E 361 -7.06 -10.59 -67.22
N LYS E 362 -7.80 -11.32 -66.37
CA LYS E 362 -9.01 -10.76 -65.77
C LYS E 362 -8.67 -9.55 -64.91
N CYS E 363 -7.56 -9.61 -64.17
CA CYS E 363 -7.14 -8.46 -63.38
C CYS E 363 -6.85 -7.26 -64.27
N ARG E 364 -6.12 -7.49 -65.36
CA ARG E 364 -5.83 -6.39 -66.29
C ARG E 364 -7.11 -5.82 -66.88
N ALA E 365 -8.09 -6.69 -67.17
CA ALA E 365 -9.36 -6.21 -67.70
C ALA E 365 -10.11 -5.36 -66.68
N TYR E 366 -10.03 -5.71 -65.40
CA TYR E 366 -10.67 -4.84 -64.41
C TYR E 366 -10.08 -3.44 -64.45
N GLU E 367 -8.75 -3.35 -64.63
N GLU E 367 -8.75 -3.36 -64.61
CA GLU E 367 -8.08 -2.06 -64.60
CA GLU E 367 -8.07 -2.06 -64.61
C GLU E 367 -8.48 -1.19 -65.79
C GLU E 367 -8.51 -1.20 -65.78
N GLU E 368 -8.66 -1.80 -66.97
CA GLU E 368 -9.07 -1.02 -68.13
C GLU E 368 -10.53 -0.60 -68.00
N GLN E 369 -11.35 -1.46 -67.41
CA GLN E 369 -12.77 -1.14 -67.22
C GLN E 369 -12.99 -0.09 -66.15
N PHE E 370 -12.10 0.00 -65.16
CA PHE E 370 -12.27 0.90 -64.03
C PHE E 370 -10.97 1.67 -63.79
N PRO E 371 -10.66 2.64 -64.64
CA PRO E 371 -9.45 3.44 -64.43
C PRO E 371 -9.50 4.15 -63.09
N TRP E 372 -8.31 4.42 -62.55
CA TRP E 372 -8.23 5.06 -61.24
C TRP E 372 -8.84 6.46 -61.27
N VAL E 373 -8.67 7.19 -62.36
CA VAL E 373 -9.32 8.48 -62.56
C VAL E 373 -10.38 8.25 -63.62
N GLY E 374 -11.64 8.30 -63.23
CA GLY E 374 -12.69 7.94 -64.14
C GLY E 374 -13.73 9.02 -64.31
N ALA E 375 -14.84 8.66 -64.94
CA ALA E 375 -15.90 9.64 -65.19
C ALA E 375 -16.39 10.27 -63.89
N GLU E 376 -16.36 9.54 -62.78
CA GLU E 376 -16.80 10.11 -61.51
C GLU E 376 -15.93 11.27 -61.05
N HIS E 377 -14.77 11.47 -61.67
CA HIS E 377 -13.83 12.50 -61.24
C HIS E 377 -13.82 13.71 -62.17
N ALA E 378 -14.89 13.91 -62.94
CA ALA E 378 -14.98 15.07 -63.81
C ALA E 378 -14.81 16.36 -63.02
N ASP E 379 -14.25 17.37 -63.70
CA ASP E 379 -14.11 18.70 -63.12
C ASP E 379 -15.48 19.23 -62.74
N PRO E 380 -15.72 19.56 -61.48
CA PRO E 380 -17.02 20.13 -61.11
C PRO E 380 -17.12 21.59 -61.54
N GLU E 381 -18.36 21.99 -61.80
CA GLU E 381 -18.75 23.35 -62.16
C GLU E 381 -17.66 24.40 -62.02
N GLY E 382 -16.68 24.39 -62.93
CA GLY E 382 -15.68 25.45 -62.94
C GLY E 382 -14.53 25.29 -61.97
N PHE E 383 -14.30 24.09 -61.46
CA PHE E 383 -13.17 23.81 -60.60
C PHE E 383 -12.39 22.63 -61.16
N ILE E 384 -11.09 22.61 -60.87
CA ILE E 384 -10.25 21.44 -61.11
C ILE E 384 -10.64 20.34 -60.12
N ASN E 385 -10.80 19.12 -60.60
CA ASN E 385 -11.03 17.99 -59.70
C ASN E 385 -9.69 17.53 -59.13
N SER E 386 -9.66 17.29 -57.80
CA SER E 386 -8.39 16.97 -57.13
C SER E 386 -7.79 15.65 -57.61
N TYR E 387 -8.64 14.71 -58.05
CA TYR E 387 -8.10 13.45 -58.57
C TYR E 387 -7.44 13.65 -59.93
N ARG E 388 -8.03 14.48 -60.80
CA ARG E 388 -7.37 14.82 -62.06
C ARG E 388 -6.13 15.66 -61.80
N PHE E 389 -6.16 16.53 -60.79
CA PHE E 389 -4.95 17.28 -60.48
C PHE E 389 -3.81 16.35 -60.06
N MET E 390 -4.11 15.36 -59.22
CA MET E 390 -3.07 14.43 -58.79
C MET E 390 -2.46 13.71 -59.98
N GLU E 391 -3.30 13.28 -60.92
CA GLU E 391 -2.78 12.60 -62.11
C GLU E 391 -1.84 13.50 -62.89
N ARG E 392 -2.20 14.77 -63.03
CA ARG E 392 -1.34 15.71 -63.75
C ARG E 392 -0.05 15.96 -62.98
N LEU E 393 -0.15 16.20 -61.67
CA LEU E 393 1.03 16.41 -60.85
C LEU E 393 1.98 15.22 -60.91
N ASN E 394 1.42 14.01 -60.99
CA ASN E 394 2.22 12.79 -61.04
C ASN E 394 3.29 12.87 -62.12
N GLY E 395 2.95 13.49 -63.25
CA GLY E 395 3.86 13.57 -64.38
C GLY E 395 5.06 14.44 -64.14
N PHE E 396 5.07 15.23 -63.06
CA PHE E 396 6.18 16.12 -62.75
C PHE E 396 7.11 15.56 -61.68
N PHE E 397 6.87 14.34 -61.20
CA PHE E 397 7.76 13.77 -60.19
C PHE E 397 9.19 13.71 -60.72
N LYS E 398 10.15 14.06 -59.85
CA LYS E 398 11.55 13.83 -60.15
C LYS E 398 11.89 12.35 -59.98
N ASP E 399 13.05 11.96 -60.52
CA ASP E 399 13.41 10.55 -60.58
C ASP E 399 13.42 9.91 -59.20
N ASP E 400 13.90 10.64 -58.18
CA ASP E 400 14.01 10.14 -56.83
C ASP E 400 13.01 10.80 -55.90
N GLN E 401 11.87 11.22 -56.46
CA GLN E 401 10.90 12.03 -55.73
C GLN E 401 10.48 11.36 -54.43
N VAL E 402 10.45 12.15 -53.36
CA VAL E 402 9.78 11.76 -52.12
C VAL E 402 8.54 12.63 -51.95
N VAL E 403 7.41 12.01 -51.66
CA VAL E 403 6.14 12.68 -51.43
C VAL E 403 5.66 12.32 -50.03
N VAL E 404 5.26 13.32 -49.26
CA VAL E 404 4.57 13.10 -47.99
C VAL E 404 3.21 13.78 -48.06
N THR E 405 2.25 13.31 -47.26
CA THR E 405 0.93 13.92 -47.25
C THR E 405 0.45 14.22 -45.83
N ASP E 406 -0.41 15.23 -45.73
CA ASP E 406 -1.25 15.43 -44.57
C ASP E 406 -2.49 14.53 -44.76
N MET E 407 -3.61 14.86 -44.14
CA MET E 407 -4.81 14.04 -44.28
C MET E 407 -5.69 14.59 -45.39
N GLY E 408 -7.00 14.41 -45.30
CA GLY E 408 -7.90 15.10 -46.22
C GLY E 408 -7.66 14.77 -47.68
N THR E 409 -7.86 15.77 -48.54
CA THR E 409 -7.74 15.57 -49.98
C THR E 409 -6.39 15.02 -50.36
N ALA E 410 -5.32 15.51 -49.72
CA ALA E 410 -3.98 15.05 -50.02
C ALA E 410 -3.85 13.55 -49.79
N LEU E 411 -4.32 13.09 -48.63
CA LEU E 411 -4.30 11.67 -48.33
C LEU E 411 -5.13 10.89 -49.33
N LEU E 412 -6.39 11.27 -49.49
CA LEU E 412 -7.33 10.43 -50.21
C LEU E 412 -7.03 10.44 -51.71
N SER E 413 -7.03 11.62 -52.31
CA SER E 413 -6.73 11.70 -53.74
C SER E 413 -5.33 11.16 -54.04
N GLY E 414 -4.37 11.43 -53.15
CA GLY E 414 -3.02 10.98 -53.38
C GLY E 414 -2.91 9.46 -53.44
N HIS E 415 -3.47 8.78 -52.44
CA HIS E 415 -3.30 7.33 -52.36
C HIS E 415 -4.20 6.57 -53.32
N GLN E 416 -5.27 7.20 -53.80
CA GLN E 416 -6.14 6.58 -54.79
C GLN E 416 -5.68 6.81 -56.22
N VAL E 417 -4.70 7.70 -56.45
CA VAL E 417 -4.31 8.06 -57.81
C VAL E 417 -2.82 7.92 -58.11
N LEU E 418 -1.97 8.30 -57.16
CA LEU E 418 -0.56 8.49 -57.50
C LEU E 418 0.18 7.19 -57.75
N ARG E 419 1.04 7.22 -58.77
CA ARG E 419 1.89 6.11 -59.16
C ARG E 419 3.34 6.42 -58.83
N PHE E 420 4.06 5.41 -58.34
CA PHE E 420 5.46 5.55 -57.94
C PHE E 420 6.32 4.51 -58.63
N LYS E 421 7.52 4.92 -59.03
CA LYS E 421 8.54 4.02 -59.52
C LYS E 421 9.47 3.63 -58.37
N GLU E 422 10.07 2.44 -58.48
CA GLU E 422 11.07 2.04 -57.49
C GLU E 422 12.16 3.11 -57.45
N GLY E 423 12.45 3.59 -56.24
CA GLY E 423 13.31 4.74 -56.04
C GLY E 423 12.59 5.95 -55.51
N GLN E 424 11.32 6.13 -55.87
CA GLN E 424 10.49 7.19 -55.32
C GLN E 424 9.85 6.71 -54.02
N ARG E 425 9.48 7.65 -53.16
CA ARG E 425 8.94 7.32 -51.85
C ARG E 425 7.67 8.10 -51.56
N PHE E 426 6.82 7.52 -50.71
CA PHE E 426 5.47 8.01 -50.41
C PHE E 426 5.20 7.70 -48.95
N MET E 427 4.99 8.74 -48.14
CA MET E 427 4.86 8.54 -46.71
C MET E 427 3.74 9.40 -46.11
N THR E 428 2.99 8.83 -45.19
CA THR E 428 2.10 9.62 -44.36
C THR E 428 1.90 8.87 -43.05
N SER E 429 1.02 9.41 -42.21
CA SER E 429 0.65 8.79 -40.94
C SER E 429 -0.75 8.20 -41.11
N THR E 430 -0.83 6.89 -41.33
CA THR E 430 -2.13 6.27 -41.54
C THR E 430 -2.70 5.63 -40.27
N GLY E 431 -1.85 5.23 -39.33
CA GLY E 431 -2.34 4.53 -38.15
C GLY E 431 -3.11 5.43 -37.19
N LEU E 432 -2.55 6.60 -36.89
CA LEU E 432 -3.25 7.60 -36.10
C LEU E 432 -4.02 8.58 -36.98
N GLY E 433 -3.50 8.89 -38.17
CA GLY E 433 -4.18 9.74 -39.11
C GLY E 433 -4.39 11.15 -38.61
N GLU E 434 -3.34 11.76 -38.06
CA GLU E 434 -3.48 13.06 -37.43
C GLU E 434 -3.31 14.17 -38.45
N MET E 435 -4.18 15.18 -38.36
CA MET E 435 -3.95 16.41 -39.09
C MET E 435 -2.67 17.07 -38.62
N GLY E 436 -1.96 17.69 -39.55
CA GLY E 436 -0.74 18.40 -39.22
C GLY E 436 0.52 17.56 -39.32
N TYR E 437 0.42 16.35 -39.85
CA TYR E 437 1.59 15.50 -40.02
C TYR E 437 2.47 15.94 -41.18
N GLY E 438 1.90 16.59 -42.20
CA GLY E 438 2.62 16.78 -43.46
C GLY E 438 3.89 17.58 -43.33
N LEU E 439 3.82 18.77 -42.70
CA LEU E 439 5.02 19.63 -42.65
C LEU E 439 6.11 19.00 -41.79
N PRO E 440 5.84 18.50 -40.57
CA PRO E 440 6.90 17.79 -39.84
C PRO E 440 7.43 16.58 -40.58
N ALA E 441 6.54 15.85 -41.27
CA ALA E 441 7.00 14.73 -42.09
C ALA E 441 8.01 15.19 -43.13
N ALA E 442 7.72 16.30 -43.80
CA ALA E 442 8.66 16.80 -44.81
C ALA E 442 9.98 17.20 -44.19
N LEU E 443 9.95 17.78 -42.97
CA LEU E 443 11.17 18.10 -42.26
C LEU E 443 12.03 16.86 -42.06
N GLY E 444 11.41 15.77 -41.60
CA GLY E 444 12.16 14.55 -41.32
C GLY E 444 12.84 13.99 -42.56
N VAL E 445 12.12 13.95 -43.68
CA VAL E 445 12.70 13.44 -44.91
C VAL E 445 13.86 14.34 -45.35
N SER E 446 13.66 15.65 -45.29
CA SER E 446 14.66 16.57 -45.80
C SER E 446 15.97 16.44 -45.03
N PHE E 447 15.90 16.41 -43.71
CA PHE E 447 17.13 16.25 -42.93
C PHE E 447 17.73 14.86 -43.10
N ALA E 448 16.92 13.83 -43.33
CA ALA E 448 17.49 12.51 -43.56
C ALA E 448 18.29 12.46 -44.85
N ASN E 449 17.91 13.29 -45.84
CA ASN E 449 18.56 13.32 -47.15
C ASN E 449 19.42 14.57 -47.31
N ASP E 450 20.04 15.01 -46.21
CA ASP E 450 21.00 16.13 -46.22
C ASP E 450 20.38 17.40 -46.81
N ARG E 451 19.22 17.78 -46.28
CA ARG E 451 18.46 18.94 -46.75
C ARG E 451 18.01 18.74 -48.20
N GLY E 452 17.49 17.55 -48.45
CA GLY E 452 16.99 17.20 -49.76
C GLY E 452 15.56 17.64 -50.01
N GLU E 453 15.20 17.52 -51.28
CA GLU E 453 13.90 17.96 -51.77
C GLU E 453 12.80 17.00 -51.35
N VAL E 454 11.63 17.57 -51.03
CA VAL E 454 10.48 16.80 -50.60
C VAL E 454 9.25 17.48 -51.15
N MET E 455 8.34 16.72 -51.72
CA MET E 455 7.02 17.24 -52.08
C MET E 455 6.06 16.94 -50.94
N CYS E 456 5.41 17.97 -50.42
CA CYS E 456 4.46 17.84 -49.32
C CYS E 456 3.07 18.18 -49.83
N LEU E 457 2.17 17.21 -49.79
CA LEU E 457 0.79 17.40 -50.22
C LEU E 457 -0.05 17.68 -48.98
N ASN E 458 -0.60 18.89 -48.89
CA ASN E 458 -1.20 19.37 -47.66
C ASN E 458 -2.56 20.00 -47.96
N CYS E 459 -3.17 20.55 -46.91
CA CYS E 459 -4.58 20.92 -46.93
C CYS E 459 -4.77 22.18 -46.11
N ASP E 460 -5.84 22.94 -46.42
CA ASP E 460 -6.03 24.20 -45.73
C ASP E 460 -6.27 23.98 -44.23
N GLY E 461 -7.01 22.93 -43.86
CA GLY E 461 -7.20 22.65 -42.45
C GLY E 461 -5.95 22.08 -41.79
N GLY E 462 -5.41 21.02 -42.37
CA GLY E 462 -4.24 20.36 -41.78
C GLY E 462 -3.03 21.27 -41.69
N MET E 463 -2.90 22.23 -42.62
CA MET E 463 -1.79 23.17 -42.57
C MET E 463 -1.73 23.90 -41.24
N MET E 464 -2.87 24.06 -40.56
CA MET E 464 -2.90 24.92 -39.39
C MET E 464 -2.29 24.26 -38.16
N MET E 465 -2.43 22.94 -38.01
CA MET E 465 -2.04 22.31 -36.75
C MET E 465 -0.57 22.55 -36.44
N ASN E 466 0.29 22.52 -37.46
CA ASN E 466 1.73 22.71 -37.30
C ASN E 466 2.22 23.79 -38.24
N LEU E 467 1.42 24.84 -38.39
CA LEU E 467 1.77 25.97 -39.24
C LEU E 467 3.15 26.54 -38.92
N GLN E 468 3.52 26.53 -37.64
CA GLN E 468 4.73 27.22 -37.20
C GLN E 468 5.99 26.63 -37.82
N GLU E 469 5.93 25.38 -38.29
CA GLU E 469 7.11 24.76 -38.87
C GLU E 469 7.49 25.34 -40.22
N LEU E 470 6.65 26.21 -40.81
CA LEU E 470 7.12 26.98 -41.95
C LEU E 470 8.37 27.77 -41.62
N GLN E 471 8.48 28.26 -40.38
CA GLN E 471 9.68 29.00 -40.00
C GLN E 471 10.90 28.09 -40.00
N THR E 472 10.76 26.87 -39.48
CA THR E 472 11.84 25.91 -39.50
C THR E 472 12.33 25.66 -40.92
N MET E 473 11.38 25.54 -41.87
N MET E 473 11.40 25.52 -41.87
CA MET E 473 11.71 25.27 -43.26
CA MET E 473 11.77 25.26 -43.26
C MET E 473 12.46 26.43 -43.89
C MET E 473 12.54 26.44 -43.85
N VAL E 474 12.04 27.66 -43.61
CA VAL E 474 12.74 28.84 -44.11
C VAL E 474 14.09 29.01 -43.44
N HIS E 475 14.14 28.77 -42.12
CA HIS E 475 15.40 28.91 -41.40
C HIS E 475 16.49 28.06 -42.01
N HIS E 476 16.16 26.83 -42.40
CA HIS E 476 17.13 25.90 -42.96
C HIS E 476 17.10 25.85 -44.48
N ASN E 477 16.30 26.71 -45.10
CA ASN E 477 16.20 26.80 -46.57
C ASN E 477 15.99 25.42 -47.18
N LEU E 478 15.07 24.66 -46.59
CA LEU E 478 14.80 23.30 -47.03
C LEU E 478 14.00 23.33 -48.32
N PRO E 479 14.37 22.54 -49.32
CA PRO E 479 13.61 22.57 -50.60
C PRO E 479 12.35 21.73 -50.52
N ILE E 480 11.39 22.21 -49.72
CA ILE E 480 10.11 21.54 -49.55
C ILE E 480 9.12 22.21 -50.48
N LYS E 481 8.50 21.42 -51.36
CA LYS E 481 7.53 21.90 -52.33
C LYS E 481 6.14 21.60 -51.76
N LEU E 482 5.50 22.64 -51.25
CA LEU E 482 4.32 22.50 -50.41
C LEU E 482 3.07 22.87 -51.21
N PHE E 483 2.29 21.85 -51.56
CA PHE E 483 0.99 22.04 -52.19
C PHE E 483 -0.10 22.03 -51.14
N ILE E 484 -1.02 22.98 -51.26
CA ILE E 484 -2.10 23.14 -50.28
C ILE E 484 -3.44 23.13 -51.01
N PHE E 485 -4.29 22.15 -50.70
CA PHE E 485 -5.61 22.05 -51.30
C PHE E 485 -6.60 22.89 -50.53
N ASN E 486 -7.10 23.96 -51.16
CA ASN E 486 -8.06 24.88 -50.57
C ASN E 486 -9.46 24.47 -50.97
N ASN E 487 -10.31 24.18 -49.98
CA ASN E 487 -11.69 23.77 -50.25
C ASN E 487 -12.64 24.30 -49.17
N ASP E 488 -12.39 25.52 -48.68
CA ASP E 488 -13.24 26.17 -47.67
C ASP E 488 -13.48 25.23 -46.48
N GLY E 489 -12.39 24.73 -45.92
CA GLY E 489 -12.47 24.05 -44.65
C GLY E 489 -12.25 22.55 -44.66
N TYR E 490 -13.11 21.83 -43.92
CA TYR E 490 -12.89 20.42 -43.60
C TYR E 490 -13.76 19.55 -44.50
N LEU E 491 -13.30 19.35 -45.72
CA LEU E 491 -14.13 18.69 -46.72
C LEU E 491 -14.47 17.27 -46.31
N MET E 492 -13.52 16.54 -45.74
CA MET E 492 -13.83 15.16 -45.37
C MET E 492 -14.96 15.12 -44.34
N ILE E 493 -15.00 16.08 -43.42
CA ILE E 493 -16.05 16.06 -42.41
C ILE E 493 -17.36 16.63 -42.96
N LYS E 494 -17.27 17.57 -43.93
CA LYS E 494 -18.48 18.00 -44.62
C LYS E 494 -19.25 16.80 -45.16
N HIS E 495 -18.53 15.83 -45.72
CA HIS E 495 -19.19 14.64 -46.27
C HIS E 495 -19.76 13.77 -45.16
N THR E 496 -19.00 13.56 -44.09
CA THR E 496 -19.50 12.75 -42.98
C THR E 496 -20.80 13.31 -42.44
N GLN E 497 -20.85 14.61 -42.17
CA GLN E 497 -22.05 15.13 -41.51
C GLN E 497 -23.20 15.29 -42.50
N LYS E 498 -22.92 15.50 -43.79
CA LYS E 498 -23.99 15.52 -44.76
C LYS E 498 -24.63 14.14 -44.91
N SER E 499 -23.81 13.09 -44.86
CA SER E 499 -24.35 11.73 -44.95
C SER E 499 -25.21 11.39 -43.73
N LEU E 500 -24.80 11.85 -42.55
CA LEU E 500 -25.54 11.52 -41.34
C LEU E 500 -26.80 12.37 -41.16
N PHE E 501 -26.73 13.66 -41.49
CA PHE E 501 -27.77 14.61 -41.07
C PHE E 501 -28.45 15.36 -42.21
N LYS E 502 -27.80 15.51 -43.36
CA LYS E 502 -28.42 16.16 -44.51
C LYS E 502 -28.97 17.54 -44.12
N SER E 503 -28.14 18.32 -43.42
CA SER E 503 -28.52 19.67 -43.01
C SER E 503 -27.32 20.59 -43.18
N ASP E 504 -27.41 21.80 -42.61
CA ASP E 504 -26.35 22.77 -42.79
C ASP E 504 -25.06 22.26 -42.15
N TYR E 505 -23.93 22.64 -42.74
CA TYR E 505 -22.64 22.27 -42.18
C TYR E 505 -22.48 22.86 -40.78
N VAL E 506 -21.74 22.14 -39.95
CA VAL E 506 -21.48 22.54 -38.56
C VAL E 506 -19.98 22.35 -38.31
N GLY E 507 -19.29 23.43 -37.99
CA GLY E 507 -17.90 23.35 -37.61
C GLY E 507 -16.94 22.89 -38.68
N THR E 508 -17.26 23.15 -39.95
CA THR E 508 -16.44 22.61 -41.04
C THR E 508 -16.20 23.56 -42.19
N ASP E 509 -16.77 24.77 -42.19
CA ASP E 509 -16.49 25.72 -43.24
C ASP E 509 -16.66 27.14 -42.67
N ARG E 510 -16.30 28.13 -43.48
CA ARG E 510 -16.25 29.50 -43.01
C ARG E 510 -17.57 29.91 -42.36
N LYS E 511 -18.69 29.64 -43.05
CA LYS E 511 -19.99 30.03 -42.51
C LYS E 511 -20.30 29.31 -41.20
N SER E 512 -19.71 28.14 -40.97
CA SER E 512 -20.05 27.35 -39.79
C SER E 512 -18.91 27.28 -38.78
N GLY E 513 -17.98 28.24 -38.82
CA GLY E 513 -17.05 28.46 -37.72
C GLY E 513 -15.58 28.21 -38.02
N VAL E 514 -15.21 27.74 -39.21
CA VAL E 514 -13.84 27.29 -39.51
C VAL E 514 -13.37 27.97 -40.78
N SER E 515 -12.35 28.80 -40.67
CA SER E 515 -11.76 29.42 -41.85
C SER E 515 -10.25 29.24 -41.81
N CYS E 516 -9.63 29.46 -42.97
CA CYS E 516 -8.19 29.32 -43.14
C CYS E 516 -7.64 30.53 -43.85
N PRO E 517 -6.39 30.88 -43.59
CA PRO E 517 -5.81 32.08 -44.16
C PRO E 517 -5.47 31.91 -45.64
N ASP E 518 -5.15 33.03 -46.28
CA ASP E 518 -4.58 33.05 -47.63
C ASP E 518 -3.13 32.63 -47.54
N PHE E 519 -2.84 31.38 -47.95
CA PHE E 519 -1.50 30.83 -47.75
C PHE E 519 -0.46 31.43 -48.71
N SER E 520 -0.89 32.03 -49.81
CA SER E 520 0.05 32.75 -50.66
C SER E 520 0.55 34.01 -49.98
N ARG E 521 -0.35 34.71 -49.27
CA ARG E 521 0.08 35.90 -48.53
C ARG E 521 0.92 35.50 -47.31
N LEU E 522 0.53 34.41 -46.65
CA LEU E 522 1.34 33.91 -45.53
C LEU E 522 2.72 33.49 -46.02
N ALA E 523 2.78 32.81 -47.17
CA ALA E 523 4.05 32.48 -47.78
C ALA E 523 4.92 33.72 -47.94
N ALA E 524 4.37 34.77 -48.52
CA ALA E 524 5.14 35.99 -48.75
C ALA E 524 5.70 36.53 -47.43
N ALA E 525 4.90 36.47 -46.37
CA ALA E 525 5.35 36.96 -45.06
C ALA E 525 6.53 36.15 -44.54
N PHE E 526 6.58 34.86 -44.85
CA PHE E 526 7.71 34.01 -44.50
C PHE E 526 8.85 34.08 -45.52
N ASP E 527 8.72 34.92 -46.55
CA ASP E 527 9.70 34.99 -47.65
C ASP E 527 9.76 33.69 -48.45
N ILE E 528 8.62 33.05 -48.62
CA ILE E 528 8.50 31.83 -49.42
C ILE E 528 7.80 32.19 -50.73
N PRO E 529 8.38 31.86 -51.89
CA PRO E 529 7.66 32.10 -53.15
C PRO E 529 6.39 31.29 -53.21
N ALA E 530 5.35 31.88 -53.81
CA ALA E 530 4.03 31.28 -53.81
C ALA E 530 3.39 31.34 -55.19
N TYR E 531 2.63 30.29 -55.49
CA TYR E 531 1.91 30.13 -56.74
C TYR E 531 0.48 29.71 -56.43
N GLN E 532 -0.42 29.92 -57.39
CA GLN E 532 -1.79 29.45 -57.27
C GLN E 532 -2.18 28.75 -58.57
N ILE E 533 -2.89 27.63 -58.43
CA ILE E 533 -3.46 26.90 -59.57
C ILE E 533 -4.97 26.88 -59.37
N ARG E 534 -5.70 27.56 -60.25
CA ARG E 534 -7.16 27.60 -60.24
C ARG E 534 -7.77 26.88 -61.44
N GLY E 535 -7.14 26.97 -62.61
CA GLY E 535 -7.61 26.28 -63.80
C GLY E 535 -6.47 25.56 -64.49
N TRP E 536 -6.83 24.84 -65.56
CA TRP E 536 -5.83 24.04 -66.26
C TRP E 536 -4.86 24.89 -67.06
N ASP E 537 -5.32 26.05 -67.55
CA ASP E 537 -4.49 26.88 -68.42
C ASP E 537 -3.10 27.09 -67.84
N GLU E 538 -3.02 27.44 -66.56
CA GLU E 538 -1.75 27.77 -65.93
C GLU E 538 -1.07 26.58 -65.28
N CYS E 539 -1.73 25.42 -65.23
CA CYS E 539 -1.28 24.35 -64.35
C CYS E 539 0.13 23.88 -64.70
N ASP E 540 0.35 23.43 -65.94
CA ASP E 540 1.62 22.78 -66.28
C ASP E 540 2.80 23.73 -66.12
N ALA E 541 2.66 24.98 -66.58
CA ALA E 541 3.74 25.94 -66.41
C ALA E 541 4.04 26.20 -64.92
N THR E 542 2.99 26.19 -64.08
CA THR E 542 3.19 26.42 -62.66
C THR E 542 3.89 25.25 -62.00
N LEU E 543 3.46 24.02 -62.31
CA LEU E 543 4.12 22.86 -61.71
C LEU E 543 5.59 22.79 -62.09
N ALA E 544 5.93 23.12 -63.35
CA ALA E 544 7.34 23.14 -63.74
C ALA E 544 8.12 24.16 -62.93
N LYS E 545 7.55 25.34 -62.71
CA LYS E 545 8.23 26.34 -61.88
C LYS E 545 8.40 25.85 -60.45
N VAL E 546 7.35 25.26 -59.86
CA VAL E 546 7.46 24.76 -58.49
C VAL E 546 8.61 23.77 -58.38
N GLN E 547 8.67 22.81 -59.31
CA GLN E 547 9.70 21.79 -59.24
C GLN E 547 11.10 22.35 -59.46
N ALA E 548 11.21 23.45 -60.23
CA ALA E 548 12.53 24.01 -60.54
C ALA E 548 13.11 24.85 -59.42
N HIS E 549 12.28 25.29 -58.46
CA HIS E 549 12.80 26.04 -57.33
C HIS E 549 13.80 25.22 -56.51
N THR E 550 14.82 25.92 -55.99
CA THR E 550 15.87 25.32 -55.17
C THR E 550 15.60 25.41 -53.67
N GLY E 551 14.68 26.28 -53.26
CA GLY E 551 14.31 26.38 -51.86
C GLY E 551 12.83 26.09 -51.66
N PRO E 552 12.27 26.50 -50.52
CA PRO E 552 10.86 26.20 -50.26
C PRO E 552 9.93 26.96 -51.18
N VAL E 553 8.80 26.31 -51.49
CA VAL E 553 7.77 26.88 -52.35
C VAL E 553 6.41 26.46 -51.83
N ILE E 554 5.43 27.35 -51.96
CA ILE E 554 4.04 27.08 -51.66
C ILE E 554 3.24 27.19 -52.95
N CYS E 555 2.35 26.24 -53.20
CA CYS E 555 1.45 26.30 -54.33
C CYS E 555 0.05 25.96 -53.84
N GLU E 556 -0.84 26.95 -53.83
CA GLU E 556 -2.23 26.70 -53.48
C GLU E 556 -2.98 26.15 -54.68
N VAL E 557 -3.76 25.10 -54.44
CA VAL E 557 -4.60 24.46 -55.45
C VAL E 557 -6.04 24.62 -54.98
N PHE E 558 -6.87 25.24 -55.81
CA PHE E 558 -8.25 25.55 -55.44
C PHE E 558 -9.19 24.49 -56.01
N MET E 559 -10.03 23.93 -55.15
CA MET E 559 -10.96 22.90 -55.57
C MET E 559 -12.37 23.27 -55.12
N HIS E 560 -13.35 22.56 -55.67
CA HIS E 560 -14.74 22.80 -55.32
C HIS E 560 -14.91 22.57 -53.82
N PRO E 561 -15.57 23.47 -53.09
CA PRO E 561 -15.70 23.30 -51.63
C PRO E 561 -16.60 22.13 -51.22
N GLN E 562 -17.30 21.49 -52.14
CA GLN E 562 -18.06 20.29 -51.81
C GLN E 562 -17.70 19.11 -52.71
N GLN E 563 -16.50 19.12 -53.29
CA GLN E 563 -16.12 18.03 -54.18
C GLN E 563 -16.24 16.69 -53.47
N LEU E 564 -16.75 15.70 -54.19
CA LEU E 564 -16.82 14.36 -53.63
C LEU E 564 -15.45 13.70 -53.55
N PHE E 565 -15.27 12.86 -52.53
CA PHE E 565 -14.19 11.89 -52.49
C PHE E 565 -14.78 10.55 -52.94
N SER E 566 -14.21 9.95 -53.97
CA SER E 566 -14.67 8.65 -54.43
C SER E 566 -13.58 8.02 -55.26
N PRO E 567 -13.64 6.70 -55.47
CA PRO E 567 -14.64 5.77 -54.93
C PRO E 567 -14.49 5.60 -53.41
N LYS E 568 -15.57 5.28 -52.73
CA LYS E 568 -15.49 5.02 -51.29
C LYS E 568 -16.66 4.14 -50.88
N LEU E 569 -16.39 3.28 -49.90
CA LEU E 569 -17.42 2.38 -49.37
C LEU E 569 -18.32 3.20 -48.46
N GLY E 570 -19.50 3.54 -48.97
CA GLY E 570 -20.41 4.35 -48.18
C GLY E 570 -21.72 3.65 -47.92
N VAL E 571 -22.41 4.06 -46.84
CA VAL E 571 -23.77 3.60 -46.63
C VAL E 571 -24.63 4.04 -47.80
N VAL E 572 -25.52 3.14 -48.25
CA VAL E 572 -26.41 3.41 -49.36
C VAL E 572 -27.83 3.02 -48.96
N SER E 573 -28.80 3.70 -49.55
CA SER E 573 -30.20 3.45 -49.22
C SER E 573 -30.80 2.44 -50.19
N ARG E 574 -31.55 1.49 -49.64
CA ARG E 574 -32.28 0.53 -50.45
C ARG E 574 -33.50 1.19 -51.09
N ALA E 575 -34.00 0.57 -52.16
CA ALA E 575 -35.23 1.05 -52.77
C ALA E 575 -36.34 1.17 -51.73
N ASP E 576 -36.40 0.21 -50.79
CA ASP E 576 -37.33 0.33 -49.68
C ASP E 576 -37.08 1.59 -48.88
N GLY E 577 -35.82 1.92 -48.64
CA GLY E 577 -35.45 3.08 -47.86
C GLY E 577 -34.54 2.79 -46.68
N THR E 578 -34.37 1.52 -46.31
CA THR E 578 -33.45 1.15 -45.25
C THR E 578 -32.02 1.44 -45.67
N LEU E 579 -31.17 1.68 -44.67
CA LEU E 579 -29.76 1.98 -44.90
C LEU E 579 -28.94 0.70 -44.89
N VAL E 580 -28.14 0.51 -45.94
CA VAL E 580 -27.34 -0.69 -46.12
C VAL E 580 -25.87 -0.30 -46.14
N SER E 581 -25.04 -1.06 -45.41
CA SER E 581 -23.58 -0.99 -45.51
C SER E 581 -23.15 -2.02 -46.56
N PRO E 582 -22.88 -1.61 -47.80
CA PRO E 582 -22.68 -2.59 -48.86
C PRO E 582 -21.38 -3.34 -48.68
N PRO E 583 -21.23 -4.48 -49.34
CA PRO E 583 -19.96 -5.22 -49.27
C PRO E 583 -18.84 -4.47 -49.99
N LEU E 584 -17.62 -4.89 -49.68
CA LEU E 584 -16.42 -4.14 -50.05
C LEU E 584 -16.32 -3.87 -51.54
N GLU E 585 -16.80 -4.78 -52.38
CA GLU E 585 -16.68 -4.56 -53.83
C GLU E 585 -17.59 -3.44 -54.33
N ASP E 586 -18.58 -3.02 -53.55
CA ASP E 586 -19.66 -2.18 -54.05
C ASP E 586 -19.47 -0.74 -53.59
N LEU E 587 -18.41 -0.13 -54.13
CA LEU E 587 -18.03 1.22 -53.78
C LEU E 587 -18.96 2.25 -54.41
N SER E 588 -19.07 3.40 -53.77
CA SER E 588 -19.90 4.52 -54.19
C SER E 588 -19.07 5.57 -54.90
N PRO E 589 -19.64 6.28 -55.88
CA PRO E 589 -21.01 6.11 -56.43
C PRO E 589 -21.21 4.76 -57.10
N LEU E 590 -22.41 4.19 -56.92
CA LEU E 590 -22.63 2.80 -57.25
C LEU E 590 -22.68 2.59 -58.76
N ILE E 591 -22.07 1.50 -59.22
CA ILE E 591 -22.13 1.16 -60.64
C ILE E 591 -23.45 0.46 -60.90
N PRO E 592 -23.91 0.39 -62.15
CA PRO E 592 -25.20 -0.28 -62.41
C PRO E 592 -25.13 -1.74 -61.99
N ARG E 593 -26.27 -2.25 -61.50
CA ARG E 593 -26.29 -3.58 -60.92
C ARG E 593 -25.93 -4.65 -61.95
N ASP E 594 -26.27 -4.45 -63.22
CA ASP E 594 -25.93 -5.46 -64.23
C ASP E 594 -24.43 -5.49 -64.50
N VAL E 595 -23.76 -4.34 -64.43
CA VAL E 595 -22.30 -4.33 -64.56
C VAL E 595 -21.65 -5.01 -63.37
N LEU E 596 -22.17 -4.76 -62.16
CA LEU E 596 -21.64 -5.43 -60.97
C LEU E 596 -21.86 -6.93 -61.04
N GLU E 597 -23.07 -7.35 -61.44
CA GLU E 597 -23.35 -8.78 -61.55
C GLU E 597 -22.31 -9.50 -62.40
N GLN E 598 -21.89 -8.87 -63.51
CA GLN E 598 -20.92 -9.49 -64.41
C GLN E 598 -19.48 -9.34 -63.94
N ALA E 599 -19.21 -8.40 -63.02
CA ALA E 599 -17.88 -8.26 -62.46
C ALA E 599 -17.60 -9.26 -61.36
N MET E 600 -18.63 -9.87 -60.79
CA MET E 600 -18.51 -10.74 -59.63
C MET E 600 -18.64 -12.20 -60.05
N ILE E 601 -17.64 -13.01 -59.70
CA ILE E 601 -17.65 -14.41 -60.10
C ILE E 601 -18.90 -15.11 -59.61
N GLY E 602 -19.26 -14.93 -58.35
CA GLY E 602 -20.44 -15.61 -57.92
C GLY E 602 -21.76 -14.96 -58.30
N GLY E 603 -21.74 -13.89 -59.08
CA GLY E 603 -22.82 -12.94 -59.06
C GLY E 603 -22.68 -12.04 -57.83
N MET E 604 -23.60 -11.10 -57.71
CA MET E 604 -23.43 -10.08 -56.67
C MET E 604 -23.92 -10.59 -55.32
N HIS E 605 -23.49 -9.89 -54.27
CA HIS E 605 -23.92 -10.18 -52.90
C HIS E 605 -25.39 -9.83 -52.73
N GLU E 606 -26.06 -10.54 -51.82
CA GLU E 606 -27.47 -10.27 -51.57
C GLU E 606 -27.71 -8.80 -51.23
N LYS E 607 -26.81 -8.20 -50.45
CA LYS E 607 -26.98 -6.79 -50.09
C LYS E 607 -27.01 -5.88 -51.30
N SER E 608 -26.25 -6.21 -52.35
CA SER E 608 -26.10 -5.32 -53.50
C SER E 608 -27.31 -5.36 -54.41
N LYS E 609 -28.07 -6.45 -54.38
CA LYS E 609 -29.15 -6.63 -55.34
C LYS E 609 -30.20 -5.53 -55.21
N THR E 610 -30.44 -5.09 -53.99
CA THR E 610 -31.55 -4.21 -53.65
C THR E 610 -31.17 -2.73 -53.62
N LEU E 611 -29.93 -2.39 -53.98
CA LEU E 611 -29.47 -1.00 -53.93
C LEU E 611 -29.82 -0.26 -55.21
N ASP F 4 -19.04 4.01 24.65
CA ASP F 4 -18.06 4.41 25.65
C ASP F 4 -17.37 5.70 25.22
N ASN F 5 -17.20 6.64 26.16
CA ASN F 5 -16.57 7.91 25.88
C ASN F 5 -15.17 8.01 26.48
N LYS F 6 -14.59 6.89 26.91
CA LYS F 6 -13.30 6.91 27.57
C LYS F 6 -12.15 6.73 26.57
N VAL F 7 -11.02 7.35 26.89
CA VAL F 7 -9.82 7.30 26.06
C VAL F 7 -8.69 6.69 26.88
N LYS F 8 -7.84 5.90 26.24
CA LYS F 8 -6.69 5.32 26.92
C LYS F 8 -5.71 6.41 27.34
N VAL F 9 -5.21 6.30 28.57
CA VAL F 9 -4.30 7.32 29.09
C VAL F 9 -3.10 7.49 28.17
N ALA F 10 -2.55 6.38 27.67
CA ALA F 10 -1.39 6.47 26.78
C ALA F 10 -1.69 7.31 25.55
N GLU F 11 -2.91 7.21 25.02
CA GLU F 11 -3.28 8.01 23.86
C GLU F 11 -3.43 9.49 24.22
N LEU F 12 -3.90 9.77 25.43
CA LEU F 12 -3.96 11.16 25.89
C LEU F 12 -2.57 11.73 26.05
N VAL F 13 -1.60 10.90 26.46
CA VAL F 13 -0.22 11.36 26.54
C VAL F 13 0.34 11.65 25.15
N ALA F 14 0.12 10.75 24.19
CA ALA F 14 0.57 11.00 22.83
C ALA F 14 -0.02 12.32 22.32
N GLU F 15 -1.30 12.56 22.58
CA GLU F 15 -1.91 13.82 22.17
C GLU F 15 -1.21 15.01 22.83
N ALA F 16 -0.89 14.89 24.12
CA ALA F 16 -0.28 16.01 24.82
C ALA F 16 1.14 16.29 24.34
N LEU F 17 1.87 15.25 23.95
CA LEU F 17 3.20 15.46 23.37
C LEU F 17 3.09 16.28 22.09
N GLU F 18 2.08 15.99 21.27
CA GLU F 18 1.86 16.79 20.07
C GLU F 18 1.54 18.23 20.43
N ASN F 19 0.63 18.43 21.38
CA ASN F 19 0.26 19.78 21.77
C ASN F 19 1.43 20.53 22.39
N LEU F 20 2.37 19.81 23.00
CA LEU F 20 3.58 20.45 23.52
C LEU F 20 4.63 20.66 22.45
N GLY F 21 4.40 20.19 21.22
CA GLY F 21 5.37 20.38 20.16
C GLY F 21 6.56 19.45 20.23
N ILE F 22 6.42 18.31 20.90
CA ILE F 22 7.51 17.35 21.03
C ILE F 22 7.43 16.45 19.80
N GLN F 23 8.35 16.66 18.86
CA GLN F 23 8.35 15.94 17.60
C GLN F 23 9.28 14.74 17.60
N HIS F 24 10.15 14.61 18.61
CA HIS F 24 11.05 13.47 18.70
C HIS F 24 11.17 12.95 20.12
N ALA F 25 11.13 11.64 20.25
CA ALA F 25 11.46 10.92 21.47
C ALA F 25 12.52 9.89 21.16
N PHE F 26 13.53 9.80 22.03
CA PHE F 26 14.58 8.80 21.95
C PHE F 26 14.42 7.83 23.11
N GLY F 27 14.61 6.54 22.86
CA GLY F 27 14.48 5.60 23.95
C GLY F 27 14.55 4.15 23.50
N ILE F 28 14.16 3.29 24.44
CA ILE F 28 14.17 1.84 24.24
C ILE F 28 12.90 1.29 24.86
N ILE F 29 12.27 0.36 24.15
CA ILE F 29 10.97 -0.14 24.56
C ILE F 29 11.14 -1.19 25.66
N GLY F 30 10.05 -1.44 26.36
CA GLY F 30 9.98 -2.53 27.32
C GLY F 30 8.55 -2.61 27.79
N ALA F 31 8.28 -3.61 28.62
CA ALA F 31 6.93 -3.76 29.15
C ALA F 31 6.48 -2.50 29.89
N GLY F 32 7.41 -1.83 30.56
CA GLY F 32 7.08 -0.63 31.31
C GLY F 32 6.67 0.56 30.46
N ASN F 33 6.98 0.56 29.17
CA ASN F 33 6.51 1.68 28.35
C ASN F 33 5.92 1.25 27.02
N VAL F 34 5.55 -0.02 26.87
CA VAL F 34 5.05 -0.53 25.60
C VAL F 34 3.77 0.21 25.19
N HIS F 35 2.90 0.54 26.16
CA HIS F 35 1.66 1.23 25.83
C HIS F 35 1.94 2.64 25.28
N LEU F 36 2.98 3.30 25.81
CA LEU F 36 3.32 4.63 25.32
C LEU F 36 3.94 4.57 23.92
N PHE F 37 4.84 3.62 23.69
CA PHE F 37 5.40 3.41 22.36
C PHE F 37 4.29 3.23 21.34
N GLU F 38 3.31 2.39 21.67
CA GLU F 38 2.23 2.08 20.75
C GLU F 38 1.39 3.31 20.43
N ALA F 39 1.03 4.08 21.48
CA ALA F 39 0.19 5.25 21.28
C ALA F 39 0.91 6.34 20.51
N ILE F 40 2.18 6.58 20.84
CA ILE F 40 2.93 7.62 20.16
C ILE F 40 3.12 7.26 18.69
N ALA F 41 3.42 6.00 18.40
CA ALA F 41 3.65 5.57 17.03
C ALA F 41 2.36 5.66 16.20
N ARG F 42 1.23 5.24 16.78
N ARG F 42 1.24 5.23 16.77
CA ARG F 42 -0.02 5.25 16.04
CA ARG F 42 -0.02 5.25 16.02
C ARG F 42 -0.46 6.67 15.71
C ARG F 42 -0.44 6.68 15.70
N ARG F 43 -0.23 7.62 16.62
CA ARG F 43 -0.67 8.98 16.39
C ARG F 43 0.07 9.60 15.21
N GLY F 44 1.35 9.28 15.04
CA GLY F 44 2.09 9.71 13.87
C GLY F 44 2.68 11.10 13.94
N TYR F 45 2.63 11.77 15.09
CA TYR F 45 3.22 13.11 15.18
C TYR F 45 4.65 13.06 15.69
N THR F 46 4.89 12.32 16.76
CA THR F 46 6.21 12.25 17.38
C THR F 46 6.97 11.06 16.81
N GLU F 47 8.14 11.31 16.23
CA GLU F 47 8.98 10.23 15.77
C GLU F 47 9.74 9.64 16.96
N ILE F 48 9.65 8.33 17.14
CA ILE F 48 10.42 7.63 18.15
C ILE F 48 11.71 7.14 17.52
N VAL F 49 12.85 7.54 18.09
CA VAL F 49 14.16 7.05 17.67
C VAL F 49 14.60 5.99 18.66
N CYS F 50 14.75 4.75 18.18
CA CYS F 50 15.23 3.67 19.02
C CYS F 50 16.75 3.69 19.06
N VAL F 51 17.32 3.80 20.25
CA VAL F 51 18.74 3.74 20.47
C VAL F 51 19.09 2.35 21.01
N HIS F 52 20.39 2.09 21.18
CA HIS F 52 20.85 0.81 21.71
C HIS F 52 21.39 0.88 23.12
N HIS F 53 21.34 2.05 23.76
CA HIS F 53 21.59 2.18 25.18
C HIS F 53 20.87 3.44 25.65
N GLU F 54 20.10 3.33 26.73
CA GLU F 54 19.26 4.45 27.16
C GLU F 54 20.09 5.70 27.47
N GLN F 55 21.36 5.51 27.85
CA GLN F 55 22.22 6.67 28.07
C GLN F 55 22.28 7.54 26.83
N ALA F 56 22.32 6.93 25.65
CA ALA F 56 22.39 7.68 24.40
C ALA F 56 21.15 8.53 24.20
N ALA F 57 19.98 8.01 24.60
CA ALA F 57 18.75 8.78 24.47
C ALA F 57 18.79 10.04 25.33
N CYS F 58 19.20 9.89 26.59
CA CYS F 58 19.22 11.03 27.50
C CYS F 58 20.31 12.02 27.18
N MET F 59 21.28 11.64 26.35
CA MET F 59 22.25 12.59 25.83
C MET F 59 21.74 13.26 24.55
N ALA F 60 21.12 12.48 23.66
CA ALA F 60 20.69 13.03 22.38
C ALA F 60 19.67 14.15 22.58
N VAL F 61 18.78 14.01 23.56
CA VAL F 61 17.74 15.04 23.76
C VAL F 61 18.39 16.38 24.06
N GLN F 62 19.61 16.38 24.61
CA GLN F 62 20.27 17.62 24.99
C GLN F 62 20.72 18.41 23.75
N THR F 63 21.54 17.80 22.90
CA THR F 63 21.98 18.52 21.71
C THR F 63 20.81 18.76 20.75
N TYR F 64 19.80 17.90 20.79
CA TYR F 64 18.58 18.15 20.03
C TYR F 64 18.03 19.53 20.39
N TYR F 65 17.85 19.79 21.68
CA TYR F 65 17.27 21.08 22.06
C TYR F 65 18.20 22.22 21.67
N ARG F 66 19.51 22.03 21.84
CA ARG F 66 20.44 23.13 21.59
C ARG F 66 20.43 23.56 20.13
N THR F 67 20.05 22.65 19.23
CA THR F 67 20.12 22.94 17.79
C THR F 67 19.13 24.03 17.40
N ASN F 68 17.83 23.79 17.58
CA ASN F 68 16.80 24.72 17.17
C ASN F 68 15.89 25.17 18.31
N GLY F 69 16.14 24.73 19.54
CA GLY F 69 15.34 25.18 20.65
C GLY F 69 14.04 24.45 20.87
N ARG F 70 13.88 23.25 20.32
CA ARG F 70 12.70 22.42 20.55
C ARG F 70 13.06 21.31 21.53
N ILE F 71 12.26 21.17 22.59
CA ILE F 71 12.53 20.14 23.59
C ILE F 71 12.20 18.77 23.01
N ALA F 72 12.95 17.76 23.46
CA ALA F 72 12.71 16.38 23.10
C ALA F 72 12.53 15.55 24.36
N ALA F 73 11.98 14.35 24.18
CA ALA F 73 11.70 13.45 25.29
C ALA F 73 12.59 12.21 25.19
N ALA F 74 12.96 11.69 26.35
CA ALA F 74 13.60 10.39 26.48
C ALA F 74 12.57 9.43 27.05
N LEU F 75 12.36 8.31 26.37
CA LEU F 75 11.30 7.35 26.70
C LEU F 75 11.95 6.08 27.26
N LEU F 76 11.89 5.93 28.58
CA LEU F 76 12.63 4.89 29.29
C LEU F 76 11.66 3.89 29.91
N THR F 77 12.10 2.65 30.04
CA THR F 77 11.26 1.65 30.65
C THR F 77 11.73 1.35 32.07
N THR F 78 11.01 0.43 32.71
CA THR F 78 11.29 0.02 34.08
C THR F 78 12.71 -0.47 34.28
N GLY F 79 13.21 -0.29 35.50
CA GLY F 79 14.45 -0.96 35.88
C GLY F 79 15.64 -0.42 35.16
N ALA F 80 16.40 -1.32 34.53
CA ALA F 80 17.63 -0.91 33.86
C ALA F 80 17.36 0.09 32.75
N GLY F 81 16.15 0.09 32.18
CA GLY F 81 15.80 1.13 31.23
C GLY F 81 15.96 2.52 31.82
N SER F 82 15.63 2.68 33.10
CA SER F 82 15.74 3.97 33.77
C SER F 82 17.15 4.21 34.32
N THR F 83 17.72 3.23 35.01
CA THR F 83 19.06 3.44 35.57
C THR F 83 20.08 3.72 34.48
N ASN F 84 19.91 3.13 33.30
CA ASN F 84 20.83 3.38 32.19
C ASN F 84 20.77 4.83 31.71
N GLY F 85 19.71 5.57 32.04
CA GLY F 85 19.59 6.93 31.56
C GLY F 85 20.29 7.97 32.40
N VAL F 86 20.78 7.59 33.57
CA VAL F 86 21.10 8.57 34.60
C VAL F 86 22.27 9.46 34.19
N THR F 87 23.26 8.92 33.48
CA THR F 87 24.41 9.75 33.11
C THR F 87 23.99 10.92 32.24
N GLY F 88 23.04 10.69 31.32
CA GLY F 88 22.57 11.77 30.48
C GLY F 88 21.80 12.81 31.24
N VAL F 89 21.03 12.39 32.25
CA VAL F 89 20.31 13.35 33.08
C VAL F 89 21.30 14.28 33.78
N VAL F 90 22.39 13.71 34.30
CA VAL F 90 23.32 14.53 35.06
C VAL F 90 24.03 15.52 34.14
N SER F 91 24.37 15.12 32.91
CA SER F 91 25.05 16.09 32.05
C SER F 91 24.11 17.21 31.62
N ALA F 92 22.82 16.92 31.42
CA ALA F 92 21.85 17.98 31.11
C ALA F 92 21.70 18.92 32.31
N TRP F 93 21.66 18.36 33.51
CA TRP F 93 21.59 19.14 34.73
C TRP F 93 22.78 20.06 34.87
N ALA F 94 23.98 19.52 34.68
CA ALA F 94 25.21 20.29 34.85
C ALA F 94 25.34 21.39 33.80
N ASP F 95 24.79 21.19 32.61
CA ASP F 95 24.93 22.12 31.50
C ASP F 95 23.68 22.97 31.29
N SER F 96 22.70 22.88 32.17
CA SER F 96 21.50 23.73 32.14
C SER F 96 20.70 23.56 30.85
N ILE F 97 20.55 22.33 30.40
CA ILE F 97 19.88 22.04 29.12
C ILE F 97 18.52 21.43 29.42
N PRO F 98 17.44 21.97 28.87
CA PRO F 98 16.11 21.43 29.16
C PRO F 98 15.81 20.16 28.37
N CYS F 99 15.19 19.21 29.03
CA CYS F 99 14.72 17.98 28.41
C CYS F 99 13.78 17.33 29.41
N ILE F 100 13.00 16.36 28.94
CA ILE F 100 12.07 15.65 29.80
C ILE F 100 12.22 14.15 29.61
N VAL F 101 12.36 13.43 30.71
CA VAL F 101 12.40 11.97 30.70
C VAL F 101 11.03 11.46 31.09
N ILE F 102 10.49 10.55 30.29
CA ILE F 102 9.23 9.86 30.58
C ILE F 102 9.60 8.41 30.84
N ALA F 103 9.48 7.96 32.09
CA ALA F 103 9.96 6.65 32.51
C ALA F 103 8.79 5.78 32.94
N GLY F 104 8.72 4.58 32.39
CA GLY F 104 7.74 3.62 32.86
C GLY F 104 8.12 3.03 34.21
N ASN F 105 7.18 2.30 34.80
CA ASN F 105 7.50 1.51 35.99
C ASN F 105 6.48 0.39 36.11
N GLU F 106 6.68 -0.44 37.13
CA GLU F 106 5.76 -1.51 37.49
C GLU F 106 4.39 -0.94 37.86
N ASN F 107 3.42 -1.85 38.05
N ASN F 107 3.42 -1.84 38.03
CA ASN F 107 2.08 -1.47 38.49
CA ASN F 107 2.09 -1.42 38.42
C ASN F 107 2.16 -0.56 39.71
C ASN F 107 2.12 -0.60 39.70
N SER F 108 1.30 0.46 39.74
CA SER F 108 1.36 1.44 40.81
C SER F 108 1.16 0.84 42.21
N LYS F 109 0.55 -0.33 42.32
CA LYS F 109 0.36 -0.90 43.65
C LYS F 109 1.69 -1.18 44.33
N PHE F 110 2.78 -1.33 43.56
CA PHE F 110 4.09 -1.59 44.13
C PHE F 110 4.94 -0.33 44.29
N THR F 111 4.59 0.76 43.62
CA THR F 111 5.53 1.88 43.42
C THR F 111 5.29 2.94 44.49
N PHE F 112 5.79 2.67 45.70
CA PHE F 112 5.70 3.63 46.79
C PHE F 112 6.92 3.47 47.68
N PRO F 113 7.50 4.58 48.16
CA PRO F 113 8.78 4.48 48.88
C PRO F 113 8.72 3.75 50.20
N GLU F 114 7.55 3.58 50.81
CA GLU F 114 7.46 2.79 52.02
C GLU F 114 7.50 1.28 51.75
N ASN F 115 7.52 0.87 50.49
CA ASN F 115 7.64 -0.54 50.15
C ASN F 115 8.88 -1.11 50.83
N PRO F 116 8.74 -2.13 51.68
CA PRO F 116 9.92 -2.61 52.44
C PRO F 116 10.87 -3.50 51.65
N LEU F 117 10.51 -3.92 50.44
CA LEU F 117 11.36 -4.85 49.71
C LEU F 117 12.46 -4.10 48.97
N ARG F 118 13.51 -4.85 48.61
CA ARG F 118 14.64 -4.22 47.92
C ARG F 118 14.21 -3.64 46.56
N MET F 119 13.26 -4.28 45.90
CA MET F 119 12.81 -3.85 44.58
C MET F 119 11.28 -3.80 44.57
N TRP F 120 10.75 -3.11 43.57
CA TRP F 120 9.32 -2.91 43.40
C TRP F 120 8.77 -3.83 42.32
N GLY F 121 7.74 -4.60 42.65
CA GLY F 121 7.13 -5.45 41.63
C GLY F 121 8.13 -6.48 41.15
N VAL F 122 8.24 -6.64 39.84
CA VAL F 122 9.16 -7.64 39.29
C VAL F 122 10.58 -7.10 39.24
N GLN F 123 10.77 -5.88 38.75
CA GLN F 123 12.12 -5.35 38.60
C GLN F 123 12.15 -3.83 38.60
N GLY F 124 11.31 -3.21 39.42
CA GLY F 124 11.22 -1.76 39.51
C GLY F 124 11.93 -1.20 40.73
N TYR F 125 12.11 0.12 40.70
CA TYR F 125 12.74 0.86 41.79
C TYR F 125 12.22 2.30 41.75
N ASP F 126 12.55 3.07 42.78
CA ASP F 126 12.14 4.48 42.85
C ASP F 126 13.01 5.31 41.92
N SER F 127 12.57 5.44 40.67
CA SER F 127 13.40 6.15 39.69
C SER F 127 13.44 7.65 39.97
N CYS F 128 12.42 8.20 40.63
CA CYS F 128 12.44 9.63 40.94
C CYS F 128 13.49 9.93 42.00
N GLN F 129 13.62 9.08 43.02
CA GLN F 129 14.58 9.35 44.08
C GLN F 129 16.02 9.34 43.56
N MET F 130 16.31 8.47 42.59
CA MET F 130 17.68 8.29 42.14
C MET F 130 18.21 9.54 41.45
N VAL F 131 17.33 10.36 40.88
CA VAL F 131 17.72 11.59 40.18
C VAL F 131 17.26 12.83 40.92
N GLU F 132 16.83 12.70 42.17
CA GLU F 132 16.25 13.79 42.95
C GLU F 132 17.19 14.98 43.09
N ARG F 133 18.50 14.74 43.15
CA ARG F 133 19.47 15.81 43.34
C ARG F 133 20.12 16.26 42.02
N VAL F 134 19.71 15.69 40.90
CA VAL F 134 20.34 16.01 39.63
C VAL F 134 19.28 16.28 38.56
N SER F 135 18.13 16.79 38.98
CA SER F 135 17.08 17.20 38.04
C SER F 135 16.23 18.26 38.71
N LYS F 136 15.51 19.03 37.89
CA LYS F 136 14.73 20.15 38.41
C LYS F 136 13.43 19.71 39.06
N TYR F 137 12.91 18.55 38.68
CA TYR F 137 11.58 18.14 39.08
C TYR F 137 11.43 16.66 38.79
N GLN F 138 10.85 15.93 39.74
CA GLN F 138 10.55 14.51 39.56
C GLN F 138 9.13 14.31 40.06
N MET F 139 8.36 13.48 39.36
CA MET F 139 7.03 13.16 39.83
C MET F 139 6.60 11.81 39.31
N ARG F 140 6.03 11.01 40.21
CA ARG F 140 5.39 9.75 39.86
C ARG F 140 3.90 9.98 39.70
N VAL F 141 3.37 9.65 38.53
CA VAL F 141 1.95 9.79 38.24
C VAL F 141 1.21 8.58 38.78
N THR F 142 0.43 8.78 39.86
CA THR F 142 -0.39 7.73 40.43
C THR F 142 -1.87 7.88 40.09
N LYS F 143 -2.28 9.02 39.53
CA LYS F 143 -3.66 9.29 39.16
C LYS F 143 -3.72 9.51 37.66
N MET F 144 -4.50 8.68 36.96
CA MET F 144 -4.62 8.81 35.52
C MET F 144 -4.99 10.22 35.10
N GLU F 145 -5.86 10.87 35.88
N GLU F 145 -5.86 10.87 35.88
CA GLU F 145 -6.36 12.19 35.54
CA GLU F 145 -6.35 12.20 35.50
C GLU F 145 -5.30 13.28 35.66
C GLU F 145 -5.24 13.25 35.52
N ARG F 146 -4.10 12.96 36.16
CA ARG F 146 -3.01 13.91 36.26
C ARG F 146 -1.85 13.59 35.33
N ALA F 147 -1.98 12.58 34.47
CA ALA F 147 -0.87 12.19 33.61
C ALA F 147 -0.43 13.34 32.71
N VAL F 148 -1.38 13.98 32.03
CA VAL F 148 -1.00 15.07 31.12
C VAL F 148 -0.57 16.29 31.91
N TYR F 149 -1.20 16.53 33.06
CA TYR F 149 -0.83 17.65 33.93
C TYR F 149 0.66 17.63 34.23
N GLU F 150 1.16 16.47 34.65
CA GLU F 150 2.55 16.37 35.07
C GLU F 150 3.50 16.49 33.89
N LEU F 151 3.08 16.07 32.71
CA LEU F 151 3.92 16.24 31.53
C LEU F 151 4.04 17.71 31.15
N GLU F 152 2.91 18.42 31.12
CA GLU F 152 2.93 19.86 30.89
C GLU F 152 3.79 20.56 31.94
N LYS F 153 3.64 20.16 33.21
CA LYS F 153 4.44 20.77 34.27
C LYS F 153 5.91 20.44 34.09
N GLY F 154 6.22 19.19 33.77
CA GLY F 154 7.61 18.81 33.58
C GLY F 154 8.28 19.58 32.46
N VAL F 155 7.55 19.82 31.37
CA VAL F 155 8.12 20.59 30.27
C VAL F 155 8.35 22.03 30.68
N HIS F 156 7.37 22.63 31.37
CA HIS F 156 7.53 24.02 31.78
C HIS F 156 8.70 24.17 32.74
N LEU F 157 8.78 23.28 33.73
CA LEU F 157 9.85 23.39 34.73
C LEU F 157 11.21 23.12 34.10
N ALA F 158 11.27 22.29 33.06
CA ALA F 158 12.53 22.09 32.36
C ALA F 158 13.02 23.37 31.72
N LEU F 159 12.08 24.18 31.18
CA LEU F 159 12.43 25.34 30.38
C LEU F 159 12.57 26.61 31.20
N GLU F 160 11.89 26.69 32.34
CA GLU F 160 11.87 27.88 33.18
C GLU F 160 13.25 28.16 33.79
N GLY F 161 13.47 29.44 34.12
CA GLY F 161 14.60 29.81 34.95
C GLY F 161 15.90 29.34 34.35
N ARG F 162 16.74 28.75 35.18
CA ARG F 162 17.90 28.01 34.68
C ARG F 162 17.41 26.66 34.19
N PRO F 163 17.50 26.36 32.89
CA PRO F 163 16.90 25.12 32.39
C PRO F 163 17.62 23.87 32.92
N GLY F 164 16.98 22.74 32.71
CA GLY F 164 17.48 21.47 33.19
C GLY F 164 16.51 20.36 32.90
N PRO F 165 16.89 19.13 33.24
CA PRO F 165 16.01 17.98 32.98
C PRO F 165 14.95 17.82 34.05
N THR F 166 13.81 17.28 33.63
CA THR F 166 12.76 16.84 34.53
C THR F 166 12.46 15.36 34.25
N TRP F 167 11.89 14.70 35.25
CA TRP F 167 11.73 13.25 35.23
C TRP F 167 10.30 12.91 35.66
N ILE F 168 9.51 12.38 34.73
CA ILE F 168 8.12 12.01 34.98
C ILE F 168 8.01 10.50 34.87
N GLU F 169 7.57 9.85 35.94
CA GLU F 169 7.42 8.40 35.99
C GLU F 169 5.95 8.05 35.94
N ILE F 170 5.58 7.18 34.99
CA ILE F 170 4.20 6.77 34.77
C ILE F 170 4.13 5.26 34.88
N PRO F 171 3.65 4.75 36.01
CA PRO F 171 3.46 3.30 36.12
C PRO F 171 2.65 2.71 34.98
N MET F 172 2.98 1.46 34.65
CA MET F 172 2.38 0.73 33.54
C MET F 172 0.87 0.74 33.57
N ASP F 173 0.28 0.48 34.74
CA ASP F 173 -1.17 0.40 34.81
C ASP F 173 -1.80 1.77 34.58
N ILE F 174 -1.09 2.85 34.89
CA ILE F 174 -1.61 4.17 34.61
C ILE F 174 -1.69 4.40 33.10
N GLN F 175 -0.67 3.95 32.36
CA GLN F 175 -0.64 4.14 30.92
C GLN F 175 -1.79 3.42 30.23
N SER F 176 -2.16 2.24 30.71
CA SER F 176 -3.16 1.42 30.04
C SER F 176 -4.56 1.65 30.58
N GLY F 177 -4.75 2.53 31.56
CA GLY F 177 -6.07 2.86 32.03
C GLY F 177 -6.83 3.69 31.02
N ARG F 178 -8.14 3.80 31.24
CA ARG F 178 -9.03 4.52 30.33
C ARG F 178 -9.86 5.51 31.15
N ILE F 179 -9.94 6.76 30.68
CA ILE F 179 -10.67 7.79 31.40
C ILE F 179 -11.44 8.67 30.42
N ASP F 180 -12.47 9.32 30.95
CA ASP F 180 -13.19 10.37 30.22
C ASP F 180 -12.26 11.57 30.03
N PRO F 181 -11.97 11.97 28.79
CA PRO F 181 -11.04 13.09 28.59
C PRO F 181 -11.47 14.38 29.28
N ALA F 182 -12.77 14.54 29.56
CA ALA F 182 -13.23 15.74 30.24
C ALA F 182 -12.71 15.83 31.67
N THR F 183 -12.26 14.72 32.24
CA THR F 183 -11.71 14.71 33.60
C THR F 183 -10.22 15.01 33.64
N LEU F 184 -9.60 15.23 32.48
CA LEU F 184 -8.17 15.49 32.40
C LEU F 184 -7.84 16.86 32.97
N GLU F 185 -6.96 16.91 33.95
CA GLU F 185 -6.46 18.16 34.48
C GLU F 185 -5.33 18.70 33.61
N HIS F 186 -5.19 20.02 33.61
CA HIS F 186 -4.14 20.68 32.83
C HIS F 186 -3.39 21.66 33.70
N TYR F 187 -2.09 21.77 33.47
CA TYR F 187 -1.22 22.67 34.20
C TYR F 187 -1.22 24.05 33.56
N VAL F 188 -1.30 25.08 34.40
CA VAL F 188 -1.21 26.46 33.94
C VAL F 188 0.02 27.07 34.61
N ALA F 189 0.98 27.50 33.80
CA ALA F 189 2.25 27.98 34.33
C ALA F 189 2.06 29.33 35.03
N PRO F 190 2.76 29.56 36.14
CA PRO F 190 2.62 30.84 36.84
C PRO F 190 3.06 31.99 35.95
N PRO F 191 2.72 33.23 36.33
CA PRO F 191 3.15 34.38 35.52
C PRO F 191 4.67 34.43 35.40
N ALA F 192 5.14 34.81 34.21
CA ALA F 192 6.58 34.93 33.99
C ALA F 192 7.15 36.00 34.91
N PRO F 193 8.30 35.75 35.54
CA PRO F 193 8.84 36.73 36.50
C PRO F 193 9.32 37.99 35.81
N ASP F 194 9.24 39.10 36.54
CA ASP F 194 9.70 40.40 36.08
C ASP F 194 11.04 40.67 36.76
N TYR F 195 12.14 40.39 36.05
CA TYR F 195 13.45 40.49 36.66
C TYR F 195 13.88 41.93 36.89
N LEU F 196 13.43 42.86 36.05
CA LEU F 196 13.93 44.23 36.07
C LEU F 196 13.19 45.00 37.16
N THR F 197 13.59 44.75 38.40
CA THR F 197 13.09 45.46 39.56
C THR F 197 13.89 46.73 39.78
N PRO F 198 13.43 47.62 40.66
CA PRO F 198 14.23 48.83 40.95
C PRO F 198 15.61 48.50 41.48
N ALA F 199 15.73 47.44 42.29
CA ALA F 199 17.04 46.99 42.74
C ALA F 199 17.89 46.55 41.56
N VAL F 200 17.31 45.76 40.65
CA VAL F 200 18.08 45.30 39.49
C VAL F 200 18.39 46.47 38.57
N ALA F 201 17.45 47.39 38.39
CA ALA F 201 17.74 48.59 37.63
C ALA F 201 18.95 49.33 38.20
N ALA F 202 19.05 49.40 39.52
CA ALA F 202 20.19 50.09 40.14
C ALA F 202 21.49 49.38 39.83
N GLN F 203 21.47 48.04 39.82
CA GLN F 203 22.67 47.29 39.47
C GLN F 203 23.05 47.55 38.01
N VAL F 204 22.06 47.60 37.12
CA VAL F 204 22.35 47.91 35.72
C VAL F 204 22.99 49.30 35.61
N ASP F 205 22.48 50.26 36.38
CA ASP F 205 23.07 51.60 36.33
C ASP F 205 24.51 51.59 36.85
N SER F 206 24.80 50.75 37.84
CA SER F 206 26.16 50.68 38.35
C SER F 206 27.07 50.01 37.32
N VAL F 207 26.59 48.96 36.65
CA VAL F 207 27.36 48.32 35.60
C VAL F 207 27.63 49.31 34.48
N LEU F 208 26.62 50.05 34.06
CA LEU F 208 26.80 51.02 32.99
C LEU F 208 27.82 52.08 33.37
N ALA F 209 27.70 52.64 34.57
CA ALA F 209 28.67 53.64 35.01
C ALA F 209 30.08 53.09 34.98
N ALA F 210 30.25 51.80 35.29
CA ALA F 210 31.59 51.21 35.27
C ALA F 210 32.07 51.01 33.84
N LEU F 211 31.17 50.66 32.92
CA LEU F 211 31.58 50.53 31.53
C LEU F 211 31.93 51.87 30.92
N ALA F 212 31.21 52.93 31.32
CA ALA F 212 31.48 54.26 30.78
C ALA F 212 32.90 54.71 31.09
N LYS F 213 33.40 54.40 32.30
CA LYS F 213 34.69 54.88 32.74
C LYS F 213 35.83 53.89 32.49
N ALA F 214 35.52 52.63 32.21
CA ALA F 214 36.55 51.61 32.14
C ALA F 214 37.49 51.86 30.97
N GLU F 215 38.79 51.69 31.22
CA GLU F 215 39.80 51.81 30.18
C GLU F 215 40.18 50.48 29.57
N ARG F 216 40.06 49.39 30.33
CA ARG F 216 40.42 48.05 29.86
C ARG F 216 39.32 47.06 30.21
N PRO F 217 38.10 47.30 29.74
CA PRO F 217 36.99 46.39 30.03
C PRO F 217 37.07 45.11 29.22
N VAL F 218 36.48 44.05 29.77
CA VAL F 218 36.33 42.78 29.08
C VAL F 218 34.96 42.21 29.45
N LEU F 219 34.15 41.92 28.44
CA LEU F 219 32.91 41.19 28.66
C LEU F 219 33.20 39.70 28.50
N TRP F 220 32.66 38.88 29.41
CA TRP F 220 32.82 37.44 29.38
C TRP F 220 31.44 36.83 29.16
N LEU F 221 31.22 36.29 27.97
CA LEU F 221 29.90 35.90 27.51
C LEU F 221 29.79 34.37 27.51
N GLY F 222 28.67 33.87 28.04
CA GLY F 222 28.47 32.44 28.21
C GLY F 222 27.14 31.97 27.65
N ASN F 223 26.97 30.65 27.70
CA ASN F 223 25.82 30.01 27.05
C ASN F 223 24.49 30.41 27.69
N GLY F 224 24.50 30.96 28.89
CA GLY F 224 23.26 31.50 29.44
C GLY F 224 22.61 32.52 28.54
N ILE F 225 23.41 33.25 27.75
CA ILE F 225 22.86 34.19 26.79
C ILE F 225 22.06 33.47 25.72
N ARG F 226 22.61 32.39 25.17
CA ARG F 226 21.88 31.63 24.16
C ARG F 226 20.64 30.98 24.76
N LEU F 227 20.75 30.47 25.99
CA LEU F 227 19.58 29.85 26.61
C LEU F 227 18.48 30.86 26.87
N ALA F 228 18.83 32.13 27.09
CA ALA F 228 17.86 33.18 27.28
C ALA F 228 17.29 33.72 25.96
N GLY F 229 17.81 33.26 24.84
CA GLY F 229 17.37 33.79 23.55
C GLY F 229 17.85 35.20 23.29
N GLY F 230 19.08 35.52 23.70
CA GLY F 230 19.57 36.87 23.54
C GLY F 230 20.87 36.98 22.78
N GLU F 231 21.26 35.91 22.09
CA GLU F 231 22.55 35.93 21.39
C GLU F 231 22.59 36.98 20.29
N ARG F 232 21.44 37.34 19.72
CA ARG F 232 21.43 38.34 18.66
C ARG F 232 21.73 39.75 19.16
N LEU F 233 21.62 40.00 20.46
CA LEU F 233 21.87 41.33 20.98
C LEU F 233 23.35 41.61 21.22
N LEU F 234 24.22 40.62 21.04
CA LEU F 234 25.61 40.77 21.44
C LEU F 234 26.41 41.66 20.49
N LYS F 235 26.12 41.59 19.19
CA LYS F 235 26.81 42.46 18.24
C LYS F 235 26.54 43.92 18.54
N PRO F 236 25.30 44.39 18.58
CA PRO F 236 25.06 45.81 18.86
C PRO F 236 25.55 46.24 20.24
N LEU F 237 25.51 45.35 21.24
CA LEU F 237 26.05 45.69 22.55
C LEU F 237 27.56 45.92 22.48
N LEU F 238 28.28 44.99 21.86
CA LEU F 238 29.73 45.10 21.85
C LEU F 238 30.21 46.30 21.02
N GLU F 239 29.50 46.64 19.96
CA GLU F 239 29.91 47.77 19.13
C GLU F 239 29.48 49.10 19.76
N LYS F 240 28.36 49.11 20.47
CA LYS F 240 27.95 50.33 21.17
C LYS F 240 28.90 50.63 22.32
N LEU F 241 29.38 49.59 23.01
CA LEU F 241 30.32 49.79 24.10
C LEU F 241 31.77 49.91 23.63
N GLY F 242 32.10 49.25 22.52
CA GLY F 242 33.46 49.24 22.05
C GLY F 242 34.39 48.45 22.92
N SER F 243 33.89 47.40 23.56
CA SER F 243 34.66 46.68 24.55
C SER F 243 35.05 45.30 24.05
N PRO F 244 36.29 44.88 24.28
CA PRO F 244 36.67 43.49 23.99
C PRO F 244 35.78 42.51 24.73
N ALA F 245 35.70 41.31 24.19
CA ALA F 245 34.88 40.26 24.78
C ALA F 245 35.60 38.93 24.65
N LEU F 246 35.42 38.09 25.65
CA LEU F 246 35.80 36.68 25.60
C LEU F 246 34.52 35.87 25.61
N VAL F 247 34.63 34.61 25.17
CA VAL F 247 33.52 33.68 25.19
C VAL F 247 33.94 32.44 25.95
N SER F 248 33.01 31.89 26.72
CA SER F 248 33.18 30.59 27.33
C SER F 248 33.24 29.52 26.25
N TRP F 249 33.79 28.37 26.62
CA TRP F 249 33.78 27.25 25.69
C TRP F 249 32.37 26.92 25.22
N ALA F 250 31.40 26.94 26.14
CA ALA F 250 30.03 26.63 25.74
C ALA F 250 29.42 27.73 24.86
N GLY F 251 29.86 28.97 25.04
CA GLY F 251 29.33 30.07 24.27
C GLY F 251 30.10 30.42 23.03
N ILE F 252 31.02 29.55 22.58
CA ILE F 252 31.89 29.92 21.48
C ILE F 252 31.08 30.33 20.26
N ASP F 253 30.03 29.58 19.92
CA ASP F 253 29.37 29.77 18.64
C ASP F 253 28.35 30.92 18.65
N MET F 254 28.31 31.72 19.73
CA MET F 254 27.36 32.81 19.81
C MET F 254 27.80 34.03 19.02
N LEU F 255 29.10 34.19 18.79
CA LEU F 255 29.64 35.33 18.07
C LEU F 255 30.75 34.85 17.14
N ASP F 256 30.84 35.47 15.98
CA ASP F 256 31.90 35.15 15.03
C ASP F 256 33.26 35.24 15.72
N SER F 257 34.01 34.13 15.70
CA SER F 257 35.33 34.12 16.32
C SER F 257 36.24 35.20 15.74
N SER F 258 35.90 35.74 14.57
CA SER F 258 36.71 36.76 13.92
C SER F 258 36.11 38.16 14.07
N HIS F 259 35.04 38.30 14.83
CA HIS F 259 34.52 39.64 15.11
C HIS F 259 35.66 40.51 15.65
N PRO F 260 35.69 41.80 15.30
CA PRO F 260 36.86 42.62 15.69
C PRO F 260 37.05 42.76 17.18
N LEU F 261 36.03 42.43 17.99
CA LEU F 261 36.10 42.62 19.43
C LEU F 261 36.05 41.32 20.22
N VAL F 262 36.08 40.16 19.55
CA VAL F 262 36.07 38.86 20.21
C VAL F 262 37.51 38.35 20.22
N PHE F 263 38.04 38.10 21.42
CA PHE F 263 39.44 37.74 21.58
C PHE F 263 39.62 36.38 22.24
N GLY F 264 38.68 35.47 22.02
CA GLY F 264 38.94 34.08 22.34
C GLY F 264 38.38 33.59 23.64
N ARG F 265 39.06 32.60 24.22
CA ARG F 265 38.55 31.81 25.34
C ARG F 265 39.65 31.71 26.38
N ALA F 266 39.38 32.21 27.58
CA ALA F 266 40.34 32.18 28.68
C ALA F 266 40.00 31.04 29.63
N GLY F 267 41.03 30.55 30.31
CA GLY F 267 40.81 29.58 31.38
C GLY F 267 42.05 28.75 31.66
N VAL F 268 41.81 27.60 32.28
CA VAL F 268 42.89 26.68 32.65
C VAL F 268 43.45 25.98 31.41
N TYR F 269 42.61 25.80 30.39
CA TYR F 269 43.04 25.47 29.04
C TYR F 269 42.72 26.63 28.12
N GLY F 270 42.99 27.84 28.59
CA GLY F 270 42.71 29.01 27.80
C GLY F 270 43.74 29.24 26.75
N GLN F 271 43.44 30.18 25.87
CA GLN F 271 44.42 30.68 24.92
C GLN F 271 45.30 31.71 25.61
N ARG F 272 46.61 31.66 25.33
CA ARG F 272 47.55 32.53 26.03
C ARG F 272 47.13 33.98 25.93
N ALA F 273 46.71 34.42 24.73
CA ALA F 273 46.32 35.81 24.55
C ALA F 273 45.06 36.14 25.34
N ALA F 274 44.09 35.22 25.36
CA ALA F 274 42.84 35.48 26.07
C ALA F 274 43.11 35.69 27.55
N ASN F 275 43.99 34.88 28.14
CA ASN F 275 44.28 35.02 29.56
C ASN F 275 44.99 36.33 29.86
N PHE F 276 45.86 36.79 28.96
CA PHE F 276 46.52 38.08 29.16
C PHE F 276 45.50 39.23 29.09
N ILE F 277 44.52 39.11 28.19
CA ILE F 277 43.47 40.12 28.09
C ILE F 277 42.62 40.12 29.35
N LEU F 278 42.33 38.94 29.88
CA LEU F 278 41.55 38.86 31.11
C LEU F 278 42.36 39.37 32.30
N GLN F 279 43.60 38.91 32.42
CA GLN F 279 44.38 39.21 33.61
C GLN F 279 44.88 40.65 33.66
N ASN F 280 44.67 41.44 32.61
CA ASN F 280 45.10 42.84 32.60
C ASN F 280 43.93 43.82 32.45
N SER F 281 42.70 43.35 32.47
CA SER F 281 41.56 44.24 32.42
C SER F 281 41.48 45.07 33.70
N ASP F 282 40.74 46.16 33.63
CA ASP F 282 40.35 46.91 34.82
C ASP F 282 38.87 46.72 35.15
N TYR F 283 38.12 46.00 34.31
CA TYR F 283 36.72 45.74 34.58
C TYR F 283 36.27 44.52 33.79
N VAL F 284 35.61 43.58 34.47
CA VAL F 284 35.07 42.38 33.84
C VAL F 284 33.57 42.35 34.09
N LEU F 285 32.80 42.20 33.01
CA LEU F 285 31.36 42.00 33.09
C LEU F 285 31.09 40.61 32.54
N ALA F 286 30.69 39.69 33.41
CA ALA F 286 30.36 38.32 33.04
C ALA F 286 28.85 38.21 32.89
N ILE F 287 28.40 37.73 31.74
CA ILE F 287 26.97 37.61 31.43
C ILE F 287 26.69 36.18 31.01
N GLY F 288 25.83 35.49 31.77
CA GLY F 288 25.41 34.15 31.37
C GLY F 288 26.52 33.14 31.31
N THR F 289 27.61 33.35 32.05
CA THR F 289 28.67 32.37 32.16
C THR F 289 28.87 32.00 33.62
N ARG F 290 29.22 30.74 33.85
CA ARG F 290 29.23 30.17 35.19
C ARG F 290 30.48 30.52 35.98
N LEU F 291 31.53 31.02 35.32
CA LEU F 291 32.83 31.25 35.97
C LEU F 291 33.26 29.99 36.72
N ALA F 292 33.20 28.88 36.00
CA ALA F 292 33.54 27.59 36.57
C ALA F 292 35.04 27.54 36.84
N ILE F 293 35.43 26.49 37.59
CA ILE F 293 36.84 26.36 37.96
C ILE F 293 37.74 26.33 36.73
N PRO F 294 37.42 25.62 35.66
CA PRO F 294 38.29 25.64 34.47
C PRO F 294 38.31 26.97 33.75
N GLN F 295 37.42 27.91 34.09
CA GLN F 295 37.46 29.24 33.52
C GLN F 295 38.31 30.22 34.33
N ILE F 296 38.20 30.20 35.66
CA ILE F 296 38.85 31.21 36.50
C ILE F 296 40.02 30.68 37.29
N GLY F 297 40.24 29.36 37.31
CA GLY F 297 41.36 28.82 38.04
C GLY F 297 41.06 28.53 39.50
N TYR F 298 42.11 28.55 40.32
CA TYR F 298 42.04 28.02 41.68
C TYR F 298 42.21 29.06 42.76
N ASP F 299 42.21 30.34 42.43
CA ASP F 299 42.31 31.38 43.45
C ASP F 299 41.67 32.66 42.94
N LEU F 300 40.54 33.04 43.53
CA LEU F 300 39.89 34.29 43.14
C LEU F 300 40.79 35.49 43.38
N ASN F 301 41.66 35.41 44.39
CA ASN F 301 42.57 36.52 44.66
C ASN F 301 43.56 36.74 43.53
N GLU F 302 43.80 35.74 42.70
CA GLU F 302 44.69 35.87 41.56
C GLU F 302 43.97 36.24 40.27
N LEU F 303 42.64 36.33 40.31
CA LEU F 303 41.84 36.54 39.10
C LEU F 303 41.71 38.03 38.79
N ALA F 304 42.16 38.41 37.60
CA ALA F 304 42.06 39.77 37.07
C ALA F 304 42.31 40.79 38.18
N ARG F 305 43.54 40.74 38.69
CA ARG F 305 43.89 41.38 39.95
C ARG F 305 43.80 42.89 39.91
N LEU F 306 43.61 43.50 38.75
CA LEU F 306 43.44 44.94 38.64
C LEU F 306 42.00 45.34 38.35
N ALA F 307 41.06 44.39 38.35
CA ALA F 307 39.73 44.64 37.84
C ALA F 307 38.65 44.45 38.90
N ARG F 308 37.64 45.32 38.85
CA ARG F 308 36.33 45.00 39.39
C ARG F 308 35.64 43.99 38.49
N ILE F 309 34.95 43.03 39.09
CA ILE F 309 34.25 41.98 38.35
C ILE F 309 32.78 41.99 38.78
N ASP F 310 31.87 42.17 37.82
CA ASP F 310 30.44 42.05 38.01
C ASP F 310 29.95 40.81 37.27
N VAL F 311 28.87 40.20 37.78
CA VAL F 311 28.41 38.92 37.27
C VAL F 311 26.90 38.94 37.11
N VAL F 312 26.43 38.36 36.01
CA VAL F 312 25.00 38.27 35.69
C VAL F 312 24.66 36.80 35.47
N ASP F 313 23.72 36.27 36.25
CA ASP F 313 23.35 34.86 36.18
C ASP F 313 21.91 34.75 36.67
N ILE F 314 21.12 33.88 36.04
CA ILE F 314 19.74 33.70 36.47
C ILE F 314 19.61 32.85 37.72
N ASP F 315 20.67 32.13 38.11
CA ASP F 315 20.66 31.25 39.27
C ASP F 315 21.34 32.00 40.42
N GLY F 316 20.56 32.32 41.45
CA GLY F 316 21.07 33.16 42.52
C GLY F 316 22.30 32.57 43.19
N ASP F 317 22.34 31.25 43.34
CA ASP F 317 23.50 30.63 43.96
C ASP F 317 24.74 30.72 43.08
N GLU F 318 24.56 30.64 41.77
CA GLU F 318 25.70 30.81 40.88
C GLU F 318 26.18 32.25 40.87
N ALA F 319 25.25 33.20 40.96
CA ALA F 319 25.61 34.61 40.86
C ALA F 319 26.47 35.07 42.05
N ILE F 320 26.29 34.46 43.23
CA ILE F 320 26.97 34.93 44.43
C ILE F 320 28.10 34.00 44.88
N LYS F 321 28.37 32.91 44.15
CA LYS F 321 29.36 31.97 44.65
C LYS F 321 30.76 32.58 44.73
N HIS F 322 31.03 33.64 43.96
CA HIS F 322 32.32 34.32 44.01
C HIS F 322 32.24 35.68 44.71
N ALA F 323 31.28 35.84 45.64
CA ALA F 323 30.97 37.17 46.15
C ALA F 323 32.10 37.78 46.97
N LYS F 324 33.06 36.99 47.45
CA LYS F 324 34.24 37.56 48.07
C LYS F 324 35.07 38.39 47.10
N ARG F 325 34.93 38.13 45.80
CA ARG F 325 35.72 38.76 44.75
C ARG F 325 34.92 39.68 43.85
N THR F 326 33.66 39.39 43.59
CA THR F 326 32.86 40.16 42.65
C THR F 326 32.08 41.25 43.37
N GLN F 327 31.75 42.31 42.63
CA GLN F 327 31.08 43.45 43.22
C GLN F 327 29.57 43.38 43.02
N GLU F 328 29.09 43.65 41.81
CA GLU F 328 27.66 43.55 41.52
C GLU F 328 27.31 42.12 41.12
N ASN F 329 26.46 41.48 41.94
CA ASN F 329 25.98 40.12 41.70
C ASN F 329 24.53 40.26 41.25
N ILE F 330 24.31 40.12 39.95
CA ILE F 330 23.05 40.46 39.32
C ILE F 330 22.33 39.17 38.99
N VAL F 331 21.20 38.93 39.66
CA VAL F 331 20.36 37.76 39.43
C VAL F 331 19.29 38.17 38.44
N CYS F 332 19.50 37.85 37.17
CA CYS F 332 18.64 38.35 36.10
C CYS F 332 18.80 37.48 34.88
N ASP F 333 17.71 37.26 34.15
CA ASP F 333 17.80 36.64 32.83
C ASP F 333 18.73 37.45 31.95
N ALA F 334 19.57 36.75 31.17
CA ALA F 334 20.62 37.43 30.42
C ALA F 334 20.07 38.34 29.32
N ARG F 335 19.00 37.91 28.64
CA ARG F 335 18.42 38.77 27.62
C ARG F 335 17.80 40.01 28.24
N VAL F 336 17.05 39.84 29.33
CA VAL F 336 16.48 40.99 30.02
C VAL F 336 17.57 41.96 30.41
N PHE F 337 18.68 41.46 30.94
CA PHE F 337 19.76 42.35 31.36
C PHE F 337 20.38 43.08 30.18
N ILE F 338 20.68 42.35 29.10
CA ILE F 338 21.29 42.98 27.94
C ILE F 338 20.36 44.03 27.36
N GLU F 339 19.07 43.72 27.26
CA GLU F 339 18.12 44.71 26.74
C GLU F 339 18.09 45.94 27.63
N ALA F 340 18.14 45.76 28.95
CA ALA F 340 18.15 46.90 29.85
C ALA F 340 19.41 47.74 29.65
N LEU F 341 20.55 47.08 29.43
CA LEU F 341 21.79 47.82 29.18
C LEU F 341 21.70 48.60 27.87
N LEU F 342 21.19 47.96 26.81
CA LEU F 342 21.06 48.66 25.52
C LEU F 342 20.03 49.78 25.61
N ALA F 343 19.04 49.66 26.49
CA ALA F 343 18.06 50.73 26.66
C ALA F 343 18.72 51.98 27.23
N ARG F 344 19.68 51.82 28.15
CA ARG F 344 20.38 52.97 28.70
C ARG F 344 21.36 53.55 27.67
N LEU F 345 21.96 52.69 26.85
CA LEU F 345 22.95 53.15 25.88
C LEU F 345 22.31 53.86 24.69
N ASN F 346 21.04 53.58 24.41
CA ASN F 346 20.33 54.21 23.30
C ASN F 346 19.48 55.40 23.73
N ALA F 347 19.39 55.68 25.02
CA ALA F 347 18.57 56.78 25.49
C ALA F 347 19.31 58.10 25.28
N ALA F 348 18.53 59.19 25.22
CA ALA F 348 19.12 60.51 25.03
C ALA F 348 20.00 60.91 26.21
N ASP F 349 19.66 60.46 27.41
CA ASP F 349 20.45 60.75 28.60
C ASP F 349 21.59 59.75 28.81
N ALA F 350 22.06 59.10 27.74
CA ALA F 350 23.13 58.14 27.89
C ALA F 350 24.40 58.84 28.37
N PRO F 351 25.22 58.18 29.19
CA PRO F 351 26.47 58.79 29.64
C PRO F 351 27.57 58.65 28.59
N ALA F 352 28.57 59.52 28.72
CA ALA F 352 29.69 59.54 27.78
C ALA F 352 30.57 58.31 28.00
N ILE F 353 30.74 57.51 26.94
CA ILE F 353 31.57 56.31 27.00
C ILE F 353 33.00 56.71 26.67
N ALA F 354 33.92 56.44 27.60
CA ALA F 354 35.33 56.67 27.33
C ALA F 354 35.83 55.68 26.27
N SER F 355 36.79 56.14 25.47
CA SER F 355 37.32 55.31 24.40
C SER F 355 38.19 54.20 24.96
N LYS F 356 38.07 53.00 24.36
CA LYS F 356 38.88 51.85 24.73
C LYS F 356 39.91 51.51 23.66
N ALA F 357 40.18 52.44 22.74
CA ALA F 357 41.00 52.11 21.58
C ALA F 357 42.37 51.58 21.98
N ASP F 358 43.01 52.20 22.98
CA ASP F 358 44.32 51.73 23.43
C ASP F 358 44.23 50.29 23.91
N TRP F 359 43.20 49.95 24.69
CA TRP F 359 43.02 48.58 25.16
C TRP F 359 42.78 47.64 24.00
N VAL F 360 41.83 47.99 23.11
CA VAL F 360 41.59 47.19 21.91
C VAL F 360 42.91 46.96 21.18
N ALA F 361 43.71 48.01 21.03
CA ALA F 361 45.00 47.87 20.35
C ALA F 361 45.93 46.93 21.11
N LYS F 362 45.94 47.03 22.45
CA LYS F 362 46.75 46.12 23.24
C LYS F 362 46.25 44.69 23.15
N CYS F 363 44.94 44.49 23.03
CA CYS F 363 44.42 43.13 22.89
C CYS F 363 44.92 42.48 21.60
N ARG F 364 44.81 43.20 20.48
CA ARG F 364 45.33 42.69 19.23
C ARG F 364 46.82 42.38 19.33
N ALA F 365 47.59 43.24 19.99
CA ALA F 365 49.02 42.99 20.15
C ALA F 365 49.25 41.67 20.88
N TYR F 366 48.40 41.35 21.86
CA TYR F 366 48.53 40.08 22.57
C TYR F 366 48.34 38.92 21.61
N GLU F 367 47.37 39.03 20.69
CA GLU F 367 47.13 37.97 19.73
C GLU F 367 48.32 37.80 18.80
N GLU F 368 48.79 38.89 18.19
CA GLU F 368 49.95 38.82 17.32
C GLU F 368 51.12 38.15 18.03
N GLN F 369 51.31 38.47 19.30
CA GLN F 369 52.44 37.90 20.04
C GLN F 369 52.21 36.44 20.39
N PHE F 370 50.96 36.05 20.63
CA PHE F 370 50.62 34.68 21.05
C PHE F 370 49.51 34.15 20.16
N PRO F 371 49.85 33.61 19.00
CA PRO F 371 48.83 32.96 18.17
C PRO F 371 48.27 31.71 18.83
N TRP F 372 47.01 31.40 18.50
CA TRP F 372 46.35 30.25 19.09
C TRP F 372 47.14 28.97 18.83
N VAL F 373 47.67 28.82 17.61
CA VAL F 373 48.51 27.69 17.25
C VAL F 373 49.94 28.21 17.13
N GLY F 374 50.84 27.68 17.97
CA GLY F 374 52.20 28.19 18.00
C GLY F 374 53.28 27.14 18.11
N ALA F 375 54.49 27.58 18.46
CA ALA F 375 55.64 26.69 18.44
C ALA F 375 55.41 25.45 19.31
N GLU F 376 54.63 25.58 20.37
CA GLU F 376 54.34 24.44 21.22
C GLU F 376 53.51 23.38 20.51
N HIS F 377 52.97 23.69 19.34
CA HIS F 377 52.08 22.79 18.62
C HIS F 377 52.74 22.19 17.38
N ALA F 378 54.08 22.16 17.34
CA ALA F 378 54.77 21.60 16.19
C ALA F 378 54.48 20.11 16.07
N ASP F 379 54.51 19.62 14.84
CA ASP F 379 54.29 18.20 14.57
C ASP F 379 55.35 17.37 15.29
N PRO F 380 54.96 16.42 16.13
CA PRO F 380 55.95 15.48 16.67
C PRO F 380 56.49 14.55 15.61
N GLU F 381 57.65 13.96 15.94
CA GLU F 381 58.37 13.01 15.11
C GLU F 381 57.48 12.04 14.33
N GLY F 382 57.20 12.36 13.08
CA GLY F 382 56.45 11.44 12.23
C GLY F 382 54.96 11.42 12.48
N PHE F 383 54.42 12.47 13.09
CA PHE F 383 53.00 12.56 13.36
C PHE F 383 52.52 13.97 13.04
N ILE F 384 51.22 14.09 12.81
CA ILE F 384 50.54 15.37 12.76
C ILE F 384 50.21 15.81 14.17
N ASN F 385 50.38 17.09 14.46
CA ASN F 385 49.94 17.63 15.75
C ASN F 385 48.45 17.90 15.72
N SER F 386 47.74 17.49 16.77
CA SER F 386 46.28 17.58 16.75
C SER F 386 45.81 19.03 16.66
N TYR F 387 46.55 19.98 17.23
CA TYR F 387 46.12 21.38 17.14
C TYR F 387 46.25 21.89 15.71
N ARG F 388 47.34 21.55 15.03
CA ARG F 388 47.47 21.95 13.63
C ARG F 388 46.44 21.23 12.75
N PHE F 389 46.13 19.98 13.06
CA PHE F 389 45.07 19.30 12.31
C PHE F 389 43.74 20.05 12.45
N MET F 390 43.42 20.50 13.67
CA MET F 390 42.19 21.28 13.85
C MET F 390 42.21 22.52 12.99
N GLU F 391 43.33 23.25 12.98
CA GLU F 391 43.40 24.43 12.13
C GLU F 391 43.13 24.09 10.68
N ARG F 392 43.69 22.97 10.20
CA ARG F 392 43.44 22.54 8.82
C ARG F 392 41.99 22.16 8.62
N LEU F 393 41.43 21.38 9.54
CA LEU F 393 40.04 20.95 9.41
C LEU F 393 39.09 22.15 9.39
N ASN F 394 39.43 23.20 10.13
CA ASN F 394 38.58 24.39 10.23
C ASN F 394 38.21 24.93 8.87
N GLY F 395 39.14 24.90 7.91
CA GLY F 395 38.87 25.45 6.60
C GLY F 395 37.91 24.63 5.75
N PHE F 396 37.56 23.41 6.18
CA PHE F 396 36.63 22.58 5.44
C PHE F 396 35.22 22.61 6.01
N PHE F 397 34.97 23.42 7.04
CA PHE F 397 33.62 23.55 7.58
C PHE F 397 32.67 24.08 6.50
N LYS F 398 31.46 23.55 6.48
CA LYS F 398 30.42 24.11 5.62
C LYS F 398 29.78 25.32 6.29
N ASP F 399 29.09 26.12 5.48
CA ASP F 399 28.56 27.40 5.96
C ASP F 399 27.63 27.22 7.15
N ASP F 400 26.91 26.11 7.22
CA ASP F 400 26.00 25.82 8.32
C ASP F 400 26.52 24.68 9.18
N GLN F 401 27.83 24.54 9.25
CA GLN F 401 28.45 23.41 9.94
C GLN F 401 27.99 23.33 11.39
N VAL F 402 27.60 22.14 11.82
CA VAL F 402 27.45 21.83 13.23
C VAL F 402 28.55 20.83 13.60
N VAL F 403 29.23 21.10 14.72
CA VAL F 403 30.33 20.31 15.22
C VAL F 403 29.99 19.90 16.65
N VAL F 404 30.15 18.62 16.97
CA VAL F 404 30.06 18.13 18.34
C VAL F 404 31.35 17.39 18.67
N THR F 405 31.71 17.38 19.97
CA THR F 405 32.93 16.73 20.40
C THR F 405 32.68 15.82 21.59
N ASP F 406 33.46 14.74 21.66
CA ASP F 406 33.61 13.96 22.88
C ASP F 406 34.61 14.71 23.77
N MET F 407 35.30 14.00 24.65
CA MET F 407 36.27 14.63 25.53
C MET F 407 37.66 14.55 24.93
N GLY F 408 38.69 14.59 25.76
CA GLY F 408 40.05 14.35 25.28
C GLY F 408 40.50 15.34 24.22
N THR F 409 41.28 14.82 23.27
CA THR F 409 41.88 15.65 22.22
C THR F 409 40.82 16.47 21.49
N ALA F 410 39.69 15.85 21.15
CA ALA F 410 38.64 16.56 20.42
C ALA F 410 38.17 17.78 21.19
N LEU F 411 37.95 17.61 22.49
CA LEU F 411 37.53 18.73 23.34
C LEU F 411 38.60 19.81 23.40
N LEU F 412 39.82 19.43 23.79
CA LEU F 412 40.84 20.43 24.09
C LEU F 412 41.33 21.11 22.83
N SER F 413 41.86 20.34 21.86
CA SER F 413 42.31 20.94 20.61
C SER F 413 41.17 21.68 19.92
N GLY F 414 39.96 21.13 19.97
CA GLY F 414 38.82 21.79 19.39
C GLY F 414 38.53 23.17 19.95
N HIS F 415 38.35 23.27 21.26
CA HIS F 415 37.98 24.55 21.87
C HIS F 415 39.15 25.52 21.96
N GLN F 416 40.38 25.03 21.89
CA GLN F 416 41.52 25.93 21.91
C GLN F 416 41.92 26.46 20.54
N VAL F 417 41.29 25.98 19.46
CA VAL F 417 41.73 26.34 18.12
C VAL F 417 40.60 26.74 17.18
N LEU F 418 39.49 26.02 17.20
CA LEU F 418 38.51 26.15 16.14
C LEU F 418 37.84 27.52 16.17
N ARG F 419 37.63 28.08 14.98
CA ARG F 419 36.96 29.37 14.81
C ARG F 419 35.61 29.13 14.15
N PHE F 420 34.59 29.81 14.65
CA PHE F 420 33.23 29.67 14.16
C PHE F 420 32.69 31.01 13.69
N LYS F 421 31.88 30.96 12.65
CA LYS F 421 31.15 32.12 12.16
C LYS F 421 29.66 31.87 12.35
N GLU F 422 28.90 32.97 12.35
CA GLU F 422 27.47 32.90 12.54
C GLU F 422 26.86 31.87 11.60
N GLY F 423 25.93 31.06 12.14
CA GLY F 423 25.32 29.97 11.41
C GLY F 423 25.93 28.62 11.71
N GLN F 424 27.16 28.58 12.21
CA GLN F 424 27.83 27.35 12.61
C GLN F 424 27.67 27.15 14.11
N ARG F 425 27.70 25.89 14.53
CA ARG F 425 27.46 25.55 15.92
C ARG F 425 28.52 24.59 16.45
N PHE F 426 28.76 24.69 17.75
CA PHE F 426 29.81 23.96 18.44
C PHE F 426 29.23 23.51 19.77
N MET F 427 29.18 22.19 19.99
CA MET F 427 28.51 21.68 21.17
C MET F 427 29.24 20.49 21.78
N THR F 428 29.32 20.49 23.10
CA THR F 428 29.80 19.32 23.84
C THR F 428 29.19 19.36 25.23
N SER F 429 29.59 18.41 26.07
CA SER F 429 29.18 18.36 27.47
C SER F 429 30.40 18.73 28.31
N THR F 430 30.43 19.97 28.80
CA THR F 430 31.54 20.45 29.62
C THR F 430 31.23 20.43 31.11
N GLY F 431 29.95 20.45 31.50
CA GLY F 431 29.64 20.47 32.92
C GLY F 431 29.98 19.17 33.61
N LEU F 432 29.55 18.05 33.02
CA LEU F 432 29.91 16.73 33.52
C LEU F 432 31.15 16.17 32.85
N GLY F 433 31.39 16.53 31.59
CA GLY F 433 32.57 16.10 30.87
C GLY F 433 32.68 14.60 30.71
N GLU F 434 31.59 13.96 30.30
CA GLU F 434 31.56 12.51 30.23
C GLU F 434 32.09 12.02 28.88
N MET F 435 32.96 11.02 28.93
CA MET F 435 33.33 10.30 27.72
C MET F 435 32.09 9.64 27.12
N GLY F 436 32.05 9.60 25.81
CA GLY F 436 30.97 8.96 25.09
C GLY F 436 29.82 9.88 24.75
N TYR F 437 29.97 11.18 24.96
CA TYR F 437 28.92 12.12 24.61
C TYR F 437 28.82 12.35 23.11
N GLY F 438 29.94 12.20 22.38
CA GLY F 438 30.02 12.71 21.02
C GLY F 438 29.04 12.05 20.06
N LEU F 439 29.01 10.73 20.05
CA LEU F 439 28.11 10.04 19.12
C LEU F 439 26.65 10.33 19.42
N PRO F 440 26.15 10.13 20.63
CA PRO F 440 24.74 10.50 20.90
C PRO F 440 24.48 11.97 20.66
N ALA F 441 25.46 12.84 20.94
CA ALA F 441 25.29 14.25 20.62
C ALA F 441 25.02 14.45 19.14
N ALA F 442 25.76 13.75 18.27
CA ALA F 442 25.54 13.86 16.83
C ALA F 442 24.15 13.36 16.45
N LEU F 443 23.67 12.31 17.12
CA LEU F 443 22.33 11.80 16.84
C LEU F 443 21.28 12.88 17.09
N GLY F 444 21.39 13.58 18.22
CA GLY F 444 20.42 14.61 18.55
C GLY F 444 20.42 15.75 17.56
N VAL F 445 21.61 16.18 17.14
CA VAL F 445 21.68 17.27 16.17
C VAL F 445 21.07 16.84 14.84
N SER F 446 21.46 15.67 14.35
CA SER F 446 20.97 15.20 13.06
C SER F 446 19.45 15.12 13.05
N PHE F 447 18.86 14.53 14.09
CA PHE F 447 17.41 14.40 14.08
C PHE F 447 16.72 15.76 14.23
N ALA F 448 17.33 16.68 14.97
CA ALA F 448 16.73 17.99 15.13
C ALA F 448 16.71 18.77 13.82
N ASN F 449 17.65 18.48 12.92
CA ASN F 449 17.73 19.13 11.61
C ASN F 449 17.26 18.22 10.48
N ASP F 450 16.27 17.37 10.73
CA ASP F 450 15.66 16.53 9.69
C ASP F 450 16.72 15.65 9.03
N ARG F 451 17.46 14.92 9.86
CA ARG F 451 18.54 14.03 9.40
C ARG F 451 19.63 14.85 8.71
N GLY F 452 19.99 15.95 9.36
CA GLY F 452 21.00 16.84 8.83
C GLY F 452 22.41 16.40 9.15
N GLU F 453 23.35 17.02 8.44
CA GLU F 453 24.75 16.68 8.58
C GLU F 453 25.31 17.19 9.91
N VAL F 454 26.24 16.42 10.46
CA VAL F 454 26.90 16.77 11.72
C VAL F 454 28.34 16.27 11.65
N MET F 455 29.28 17.13 12.03
CA MET F 455 30.65 16.71 12.25
C MET F 455 30.82 16.34 13.72
N CYS F 456 31.33 15.13 13.98
CA CYS F 456 31.54 14.63 15.33
C CYS F 456 33.03 14.40 15.53
N LEU F 457 33.63 15.18 16.44
CA LEU F 457 35.06 15.03 16.76
C LEU F 457 35.17 14.12 17.98
N ASN F 458 35.72 12.93 17.78
CA ASN F 458 35.71 11.88 18.78
C ASN F 458 37.12 11.33 18.96
N CYS F 459 37.21 10.28 19.78
CA CYS F 459 38.48 9.82 20.32
C CYS F 459 38.43 8.31 20.49
N ASP F 460 39.60 7.66 20.42
CA ASP F 460 39.61 6.21 20.48
C ASP F 460 39.01 5.72 21.81
N GLY F 461 39.28 6.41 22.91
CA GLY F 461 38.71 5.98 24.18
C GLY F 461 37.23 6.27 24.30
N GLY F 462 36.83 7.51 24.03
CA GLY F 462 35.43 7.90 24.19
C GLY F 462 34.51 7.23 23.21
N MET F 463 35.03 6.83 22.03
CA MET F 463 34.22 6.09 21.08
C MET F 463 33.64 4.82 21.68
N MET F 464 34.31 4.27 22.68
CA MET F 464 33.92 2.96 23.20
C MET F 464 32.69 3.04 24.09
N MET F 465 32.50 4.14 24.84
CA MET F 465 31.43 4.18 25.83
C MET F 465 30.06 3.99 25.17
N ASN F 466 29.84 4.59 24.00
CA ASN F 466 28.57 4.45 23.29
C ASN F 466 28.80 3.93 21.88
N LEU F 467 29.72 2.98 21.76
CA LEU F 467 30.04 2.38 20.47
C LEU F 467 28.79 1.89 19.75
N GLN F 468 27.82 1.36 20.49
CA GLN F 468 26.68 0.70 19.87
C GLN F 468 25.83 1.67 19.04
N GLU F 469 25.98 2.98 19.22
CA GLU F 469 25.17 3.89 18.44
C GLU F 469 25.66 4.03 17.01
N LEU F 470 26.78 3.40 16.65
CA LEU F 470 27.11 3.28 15.23
C LEU F 470 25.99 2.60 14.46
N GLN F 471 25.28 1.68 15.11
CA GLN F 471 24.18 0.98 14.45
C GLN F 471 22.98 1.90 14.24
N THR F 472 22.67 2.74 15.24
CA THR F 472 21.61 3.73 15.10
C THR F 472 21.90 4.68 13.93
N MET F 473 23.16 5.07 13.76
CA MET F 473 23.51 5.99 12.68
C MET F 473 23.36 5.33 11.31
N VAL F 474 23.84 4.08 11.19
CA VAL F 474 23.71 3.36 9.93
C VAL F 474 22.24 3.06 9.64
N HIS F 475 21.49 2.63 10.66
CA HIS F 475 20.09 2.28 10.44
C HIS F 475 19.33 3.42 9.78
N HIS F 476 19.52 4.64 10.29
CA HIS F 476 18.86 5.80 9.74
C HIS F 476 19.69 6.53 8.70
N ASN F 477 20.85 5.99 8.33
CA ASN F 477 21.68 6.59 7.27
C ASN F 477 21.97 8.06 7.57
N LEU F 478 22.35 8.35 8.80
CA LEU F 478 22.56 9.74 9.18
C LEU F 478 23.88 10.26 8.62
N PRO F 479 23.90 11.48 8.09
CA PRO F 479 25.16 12.01 7.52
C PRO F 479 26.06 12.59 8.58
N ILE F 480 26.55 11.70 9.45
CA ILE F 480 27.46 12.06 10.52
C ILE F 480 28.87 11.79 10.02
N LYS F 481 29.71 12.83 10.06
CA LYS F 481 31.11 12.72 9.72
C LYS F 481 31.87 12.59 11.03
N LEU F 482 32.36 11.37 11.29
CA LEU F 482 32.90 10.98 12.59
C LEU F 482 34.42 10.90 12.49
N PHE F 483 35.10 11.87 13.09
CA PHE F 483 36.55 11.86 13.19
C PHE F 483 36.96 11.25 14.52
N ILE F 484 37.96 10.38 14.47
CA ILE F 484 38.41 9.66 15.65
C ILE F 484 39.91 9.88 15.80
N PHE F 485 40.32 10.48 16.92
CA PHE F 485 41.71 10.72 17.21
C PHE F 485 42.29 9.49 17.91
N ASN F 486 43.21 8.81 17.23
CA ASN F 486 43.86 7.62 17.75
C ASN F 486 45.19 8.01 18.36
N ASN F 487 45.34 7.78 19.66
CA ASN F 487 46.59 8.11 20.33
C ASN F 487 46.98 7.02 21.34
N ASP F 488 46.67 5.77 21.03
CA ASP F 488 46.99 4.64 21.92
C ASP F 488 46.44 4.91 23.33
N GLY F 489 45.16 5.22 23.40
CA GLY F 489 44.47 5.22 24.67
C GLY F 489 44.05 6.57 25.22
N TYR F 490 44.26 6.74 26.53
CA TYR F 490 43.70 7.86 27.27
C TYR F 490 44.77 8.94 27.47
N LEU F 491 44.95 9.77 26.44
CA LEU F 491 46.06 10.72 26.44
C LEU F 491 45.91 11.75 27.56
N MET F 492 44.69 12.23 27.79
CA MET F 492 44.50 13.20 28.86
C MET F 492 44.98 12.64 30.19
N ILE F 493 44.74 11.36 30.44
CA ILE F 493 45.12 10.79 31.72
C ILE F 493 46.60 10.44 31.74
N LYS F 494 47.19 10.14 30.58
CA LYS F 494 48.63 9.96 30.50
C LYS F 494 49.36 11.18 31.06
N HIS F 495 48.91 12.38 30.68
CA HIS F 495 49.54 13.60 31.17
C HIS F 495 49.29 13.78 32.66
N THR F 496 48.09 13.47 33.14
CA THR F 496 47.81 13.62 34.56
C THR F 496 48.74 12.75 35.40
N GLN F 497 48.88 11.48 35.03
CA GLN F 497 49.68 10.58 35.86
C GLN F 497 51.18 10.81 35.62
N LYS F 498 51.57 11.29 34.45
CA LYS F 498 52.97 11.68 34.25
C LYS F 498 53.33 12.85 35.15
N SER F 499 52.44 13.86 35.24
CA SER F 499 52.72 15.02 36.08
C SER F 499 52.85 14.61 37.54
N LEU F 500 52.01 13.68 37.98
CA LEU F 500 51.98 13.34 39.39
C LEU F 500 53.08 12.36 39.79
N PHE F 501 53.40 11.41 38.92
CA PHE F 501 54.27 10.29 39.30
C PHE F 501 55.49 10.10 38.43
N LYS F 502 55.56 10.74 37.26
CA LYS F 502 56.74 10.67 36.40
C LYS F 502 57.20 9.24 36.19
N SER F 503 56.25 8.33 36.00
CA SER F 503 56.59 6.92 35.80
C SER F 503 55.84 6.32 34.62
N ASP F 504 55.89 5.00 34.48
CA ASP F 504 55.17 4.33 33.41
C ASP F 504 53.68 4.59 33.53
N TYR F 505 52.99 4.42 32.41
CA TYR F 505 51.55 4.61 32.38
C TYR F 505 50.83 3.44 33.03
N VAL F 506 49.67 3.72 33.61
CA VAL F 506 48.85 2.73 34.29
C VAL F 506 47.41 2.90 33.82
N GLY F 507 46.85 1.84 33.24
CA GLY F 507 45.45 1.88 32.84
C GLY F 507 45.13 2.94 31.82
N THR F 508 46.08 3.30 30.96
CA THR F 508 45.85 4.36 30.00
C THR F 508 46.38 4.08 28.60
N ASP F 509 47.01 2.94 28.35
CA ASP F 509 47.46 2.58 27.01
C ASP F 509 47.53 1.06 26.88
N ARG F 510 47.78 0.61 25.65
CA ARG F 510 47.71 -0.82 25.35
C ARG F 510 48.60 -1.64 26.28
N LYS F 511 49.80 -1.14 26.55
CA LYS F 511 50.72 -1.84 27.45
C LYS F 511 50.24 -1.81 28.89
N SER F 512 49.45 -0.82 29.28
CA SER F 512 49.02 -0.70 30.67
C SER F 512 47.54 -1.03 30.86
N GLY F 513 46.94 -1.77 29.91
CA GLY F 513 45.66 -2.43 30.13
C GLY F 513 44.50 -1.90 29.33
N VAL F 514 44.69 -0.88 28.50
CA VAL F 514 43.62 -0.24 27.74
C VAL F 514 44.00 -0.27 26.27
N SER F 515 43.16 -0.90 25.45
CA SER F 515 43.36 -0.87 24.01
C SER F 515 42.02 -0.62 23.33
N CYS F 516 42.10 -0.13 22.09
CA CYS F 516 40.94 0.22 21.30
C CYS F 516 41.02 -0.48 19.94
N PRO F 517 39.88 -0.83 19.37
CA PRO F 517 39.90 -1.58 18.10
C PRO F 517 40.32 -0.68 16.94
N ASP F 518 40.54 -1.34 15.81
CA ASP F 518 40.78 -0.65 14.55
C ASP F 518 39.45 -0.14 14.02
N PHE F 519 39.25 1.19 14.09
CA PHE F 519 37.93 1.73 13.77
C PHE F 519 37.61 1.71 12.28
N SER F 520 38.62 1.65 11.42
CA SER F 520 38.35 1.49 10.00
C SER F 520 37.85 0.08 9.70
N ARG F 521 38.35 -0.93 10.40
CA ARG F 521 37.80 -2.27 10.24
C ARG F 521 36.40 -2.34 10.82
N LEU F 522 36.20 -1.78 12.01
CA LEU F 522 34.87 -1.69 12.58
C LEU F 522 33.92 -0.98 11.61
N ALA F 523 34.39 0.11 10.99
CA ALA F 523 33.55 0.83 10.04
C ALA F 523 33.06 -0.07 8.93
N ALA F 524 33.96 -0.88 8.36
CA ALA F 524 33.57 -1.77 7.28
C ALA F 524 32.52 -2.77 7.73
N ALA F 525 32.63 -3.25 8.97
CA ALA F 525 31.67 -4.22 9.47
C ALA F 525 30.27 -3.62 9.63
N PHE F 526 30.19 -2.31 9.83
CA PHE F 526 28.91 -1.60 9.88
C PHE F 526 28.47 -1.05 8.52
N ASP F 527 29.24 -1.32 7.46
CA ASP F 527 28.96 -0.78 6.12
C ASP F 527 29.10 0.75 6.10
N ILE F 528 30.07 1.28 6.84
CA ILE F 528 30.36 2.71 6.87
C ILE F 528 31.66 2.96 6.11
N PRO F 529 31.70 3.88 5.15
CA PRO F 529 32.98 4.21 4.52
C PRO F 529 33.94 4.80 5.54
N ALA F 530 35.22 4.46 5.39
CA ALA F 530 36.25 4.85 6.34
C ALA F 530 37.46 5.39 5.61
N TYR F 531 38.11 6.38 6.25
CA TYR F 531 39.35 6.95 5.78
C TYR F 531 40.34 7.05 6.93
N GLN F 532 41.61 7.25 6.60
CA GLN F 532 42.65 7.45 7.59
C GLN F 532 43.52 8.63 7.17
N ILE F 533 43.89 9.45 8.13
CA ILE F 533 44.85 10.54 7.91
C ILE F 533 46.01 10.32 8.87
N ARG F 534 47.20 10.07 8.31
CA ARG F 534 48.41 9.93 9.09
C ARG F 534 49.45 11.00 8.78
N GLY F 535 49.42 11.59 7.59
CA GLY F 535 50.34 12.66 7.25
C GLY F 535 49.60 13.77 6.52
N TRP F 536 50.34 14.85 6.25
CA TRP F 536 49.75 16.00 5.57
C TRP F 536 49.47 15.73 4.10
N ASP F 537 50.18 14.75 3.51
CA ASP F 537 50.09 14.53 2.07
C ASP F 537 48.64 14.26 1.65
N GLU F 538 47.99 13.32 2.32
CA GLU F 538 46.64 12.90 1.95
C GLU F 538 45.56 13.77 2.59
N CYS F 539 45.93 14.72 3.44
CA CYS F 539 44.98 15.31 4.37
C CYS F 539 43.86 16.06 3.64
N ASP F 540 44.22 17.08 2.86
CA ASP F 540 43.20 17.93 2.24
C ASP F 540 42.27 17.12 1.35
N ALA F 541 42.80 16.18 0.57
CA ALA F 541 41.96 15.39 -0.31
C ALA F 541 41.03 14.47 0.49
N THR F 542 41.53 13.91 1.59
CA THR F 542 40.69 13.07 2.43
C THR F 542 39.57 13.88 3.07
N LEU F 543 39.89 15.08 3.56
CA LEU F 543 38.87 15.92 4.18
C LEU F 543 37.80 16.33 3.17
N ALA F 544 38.21 16.59 1.93
CA ALA F 544 37.22 16.94 0.91
C ALA F 544 36.27 15.79 0.65
N LYS F 545 36.80 14.57 0.58
CA LYS F 545 35.95 13.41 0.37
C LYS F 545 34.99 13.19 1.54
N VAL F 546 35.49 13.32 2.76
CA VAL F 546 34.63 13.14 3.93
C VAL F 546 33.47 14.13 3.89
N GLN F 547 33.76 15.40 3.62
CA GLN F 547 32.68 16.38 3.58
C GLN F 547 31.71 16.10 2.45
N ALA F 548 32.20 15.51 1.35
CA ALA F 548 31.34 15.31 0.19
C ALA F 548 30.36 14.16 0.38
N HIS F 549 30.67 13.19 1.25
CA HIS F 549 29.77 12.07 1.46
C HIS F 549 28.39 12.54 1.94
N THR F 550 27.36 11.85 1.48
CA THR F 550 25.99 12.16 1.87
C THR F 550 25.45 11.21 2.95
N GLY F 551 26.23 10.21 3.32
CA GLY F 551 25.87 9.33 4.41
C GLY F 551 26.92 9.37 5.50
N PRO F 552 26.89 8.41 6.41
CA PRO F 552 27.87 8.39 7.50
C PRO F 552 29.27 8.08 7.00
N VAL F 553 30.27 8.63 7.71
CA VAL F 553 31.66 8.45 7.34
C VAL F 553 32.51 8.42 8.61
N ILE F 554 33.49 7.54 8.65
CA ILE F 554 34.48 7.48 9.72
C ILE F 554 35.83 7.89 9.15
N CYS F 555 36.58 8.69 9.90
CA CYS F 555 37.92 9.08 9.49
C CYS F 555 38.82 9.03 10.70
N GLU F 556 39.70 8.03 10.73
CA GLU F 556 40.70 7.95 11.78
C GLU F 556 41.78 8.98 11.55
N VAL F 557 42.16 9.68 12.62
CA VAL F 557 43.25 10.64 12.60
C VAL F 557 44.28 10.17 13.62
N PHE F 558 45.49 9.88 13.15
CA PHE F 558 46.54 9.38 14.03
C PHE F 558 47.41 10.52 14.53
N MET F 559 47.76 10.46 15.81
CA MET F 559 48.57 11.48 16.44
C MET F 559 49.60 10.79 17.34
N HIS F 560 50.59 11.55 17.78
CA HIS F 560 51.61 10.98 18.64
C HIS F 560 50.97 10.53 19.95
N PRO F 561 51.25 9.30 20.42
CA PRO F 561 50.56 8.80 21.62
C PRO F 561 50.93 9.51 22.91
N GLN F 562 51.92 10.41 22.89
CA GLN F 562 52.29 11.18 24.06
C GLN F 562 52.24 12.68 23.78
N GLN F 563 51.55 13.08 22.72
CA GLN F 563 51.50 14.49 22.35
C GLN F 563 50.99 15.33 23.51
N LEU F 564 51.54 16.54 23.63
CA LEU F 564 51.17 17.45 24.70
C LEU F 564 49.88 18.19 24.38
N PHE F 565 49.08 18.43 25.42
CA PHE F 565 47.99 19.38 25.37
C PHE F 565 48.49 20.68 26.00
N SER F 566 48.44 21.76 25.24
CA SER F 566 48.92 23.06 25.71
C SER F 566 48.36 24.13 24.80
N PRO F 567 48.31 25.39 25.26
CA PRO F 567 48.74 25.87 26.59
C PRO F 567 47.79 25.40 27.68
N LYS F 568 48.29 25.26 28.92
CA LYS F 568 47.47 24.81 30.02
C LYS F 568 48.11 25.30 31.32
N LEU F 569 47.27 25.68 32.28
CA LEU F 569 47.76 26.03 33.61
C LEU F 569 48.18 24.76 34.31
N GLY F 570 49.48 24.64 34.59
CA GLY F 570 50.04 23.43 35.17
C GLY F 570 50.39 23.57 36.63
N VAL F 571 51.08 22.56 37.13
CA VAL F 571 51.62 22.60 38.49
C VAL F 571 53.09 23.03 38.44
N SER F 581 51.57 25.65 40.54
CA SER F 581 50.22 26.23 40.58
C SER F 581 50.31 27.75 40.39
N PRO F 582 50.87 28.18 39.27
CA PRO F 582 51.07 29.62 39.04
C PRO F 582 49.75 30.31 38.74
N PRO F 583 49.76 31.64 38.64
CA PRO F 583 48.52 32.36 38.33
C PRO F 583 48.07 32.12 36.90
N LEU F 584 46.86 32.60 36.61
CA LEU F 584 46.14 32.23 35.40
C LEU F 584 46.88 32.66 34.14
N GLU F 585 47.59 33.78 34.19
CA GLU F 585 48.27 34.27 33.00
C GLU F 585 49.49 33.43 32.64
N ASP F 586 50.00 32.61 33.57
CA ASP F 586 51.31 31.98 33.41
C ASP F 586 51.13 30.52 32.97
N LEU F 587 50.62 30.36 31.75
CA LEU F 587 50.29 29.05 31.21
C LEU F 587 51.55 28.29 30.79
N SER F 588 51.49 26.99 30.93
CA SER F 588 52.61 26.15 30.53
C SER F 588 52.46 25.71 29.07
N PRO F 589 53.58 25.47 28.35
CA PRO F 589 54.98 25.68 28.76
C PRO F 589 55.23 27.16 29.02
N LEU F 590 56.01 27.48 30.06
CA LEU F 590 56.12 28.85 30.52
C LEU F 590 56.90 29.70 29.53
N ILE F 591 56.42 30.92 29.30
CA ILE F 591 57.11 31.89 28.46
C ILE F 591 58.29 32.44 29.27
N PRO F 592 59.30 33.02 28.63
CA PRO F 592 60.42 33.58 29.40
C PRO F 592 59.96 34.64 30.39
N ARG F 593 60.59 34.63 31.56
CA ARG F 593 60.16 35.50 32.66
C ARG F 593 60.14 36.97 32.24
N ASP F 594 61.18 37.42 31.53
CA ASP F 594 61.24 38.83 31.16
C ASP F 594 60.15 39.20 30.15
N VAL F 595 59.69 38.23 29.35
CA VAL F 595 58.58 38.49 28.44
C VAL F 595 57.26 38.53 29.21
N LEU F 596 57.07 37.60 30.15
CA LEU F 596 55.90 37.68 31.02
C LEU F 596 55.86 39.03 31.73
N GLU F 597 57.00 39.50 32.22
CA GLU F 597 57.04 40.80 32.90
C GLU F 597 56.45 41.90 32.03
N GLN F 598 56.90 41.99 30.78
CA GLN F 598 56.42 43.07 29.91
C GLN F 598 54.94 42.87 29.56
N ALA F 599 54.45 41.63 29.58
CA ALA F 599 53.06 41.38 29.22
C ALA F 599 52.11 41.85 30.30
N MET F 600 52.56 41.88 31.56
CA MET F 600 51.72 42.19 32.71
C MET F 600 51.89 43.65 33.10
N ILE F 601 50.77 44.36 33.26
CA ILE F 601 50.80 45.79 33.57
C ILE F 601 51.53 46.02 34.89
N GLY F 602 51.05 45.41 35.96
CA GLY F 602 51.67 45.61 37.26
C GLY F 602 52.90 44.77 37.51
N GLY F 603 53.48 44.23 36.44
CA GLY F 603 54.53 43.24 36.60
C GLY F 603 53.94 41.87 36.90
N MET F 604 54.81 40.89 37.01
CA MET F 604 54.36 39.52 37.19
C MET F 604 54.12 39.21 38.66
N HIS F 605 53.19 38.29 38.90
CA HIS F 605 52.86 37.86 40.25
C HIS F 605 54.08 37.29 40.95
N GLU F 606 54.09 37.40 42.28
CA GLU F 606 55.21 36.86 43.06
C GLU F 606 55.48 35.40 42.71
N LYS F 607 54.42 34.60 42.54
CA LYS F 607 54.60 33.20 42.21
C LYS F 607 55.31 33.02 40.87
N SER F 608 55.16 33.99 39.96
CA SER F 608 55.76 33.89 38.63
C SER F 608 57.26 34.17 38.62
N LYS F 609 57.82 34.71 39.71
CA LYS F 609 59.24 35.05 39.73
C LYS F 609 60.11 33.87 40.13
N THR F 610 59.63 33.00 41.00
CA THR F 610 60.41 31.86 41.47
C THR F 610 60.28 30.70 40.49
#